data_5L1X
#
_entry.id   5L1X
#
_cell.length_a   128.720
_cell.length_b   128.720
_cell.length_c   572.790
_cell.angle_alpha   90.000
_cell.angle_beta   90.000
_cell.angle_gamma   90.000
#
_symmetry.space_group_name_H-M   'P 41 21 2'
#
loop_
_entity.id
_entity.type
_entity.pdbx_description
1 polymer 'hMPV F2 subunit'
2 polymer 'hMPV F1 subunit'
3 branched 2-acetamido-2-deoxy-beta-D-glucopyranose-(1-4)-[alpha-L-fucopyranose-(1-6)]2-acetamido-2-deoxy-beta-D-glucopyranose
4 branched alpha-L-fucopyranose-(1-6)-2-acetamido-2-deoxy-beta-D-glucopyranose
5 branched 2-acetamido-2-deoxy-beta-D-glucopyranose-(1-4)-2-acetamido-2-deoxy-beta-D-glucopyranose
6 non-polymer 2-acetamido-2-deoxy-beta-D-glucopyranose
7 non-polymer 'SULFATE ION'
#
loop_
_entity_poly.entity_id
_entity_poly.type
_entity_poly.pdbx_seq_one_letter_code
_entity_poly.pdbx_strand_id
1 'polypeptide(L)'
;LKESYLEESCSTITEGYLSVLRTGWYTNVFTLEVGDVENLTCADGPSLIKTELDLTKSALRELRTVSADQLAREEQIENP
RQSKKRKRR
;
A,C,E,G,I,K
2 'polypeptide(L)'
;VATAAAVTAGVAIAKTIRLESEVTAIKNALKKTNEAVSTLGNGVRVLATAVRELKDFVSKNLTRAINKNKCDIADLKMAV
SFSQFNRRFLNVVRQFSDNAGITPAISLDLMTDAELARAVSNMPTSAGQIKLMLENRAMVRRKGFGILIGVYGSSVIYMV
QLPIFGVIDTPCWIVKAAPSCSEKKGNYACLLREDQGWYCQNAGSTVYYPNEKDCETRGDHVFCDTAAGINVAEQSKECN
INISTTNYPCKVSTGRHPISMVALSPLGALVACYKGVSCSIGSNRVGIIKQLNKGCSYITNQDADTVTIDNTVYQLSKVE
GEQHVIKGRPVSSSFDPVKFPEDQFNVALDQVFESIENSQALVDQSNRILSSAEKGNTSGRENLYFQ
;
B,D,F,H,J,L
#
# COMPACT_ATOMS: atom_id res chain seq x y z
N LEU A 1 -16.57 50.63 77.29
CA LEU A 1 -15.62 51.36 78.14
C LEU A 1 -15.89 52.87 78.16
N LYS A 2 -15.29 53.56 79.13
CA LYS A 2 -15.52 54.99 79.36
C LYS A 2 -14.21 55.78 79.52
N GLU A 3 -14.09 56.84 78.73
CA GLU A 3 -12.87 57.64 78.64
C GLU A 3 -13.04 59.03 79.20
N SER A 4 -12.24 59.34 80.22
CA SER A 4 -12.38 60.56 81.02
C SER A 4 -11.34 61.61 80.65
N TYR A 5 -11.80 62.84 80.47
CA TYR A 5 -10.92 63.94 80.11
C TYR A 5 -10.45 64.71 81.34
N LEU A 6 -9.14 64.82 81.51
CA LEU A 6 -8.59 65.53 82.66
C LEU A 6 -8.12 66.90 82.23
N GLU A 7 -8.97 67.91 82.47
CA GLU A 7 -8.72 69.22 81.91
C GLU A 7 -7.56 69.94 82.58
N GLU A 8 -7.16 69.49 83.76
CA GLU A 8 -6.12 70.17 84.51
C GLU A 8 -4.73 69.81 84.00
N SER A 9 -4.59 68.60 83.45
CA SER A 9 -3.30 68.09 83.02
C SER A 9 -3.23 67.85 81.52
N CYS A 10 -4.25 68.33 80.81
CA CYS A 10 -4.35 68.16 79.36
C CYS A 10 -4.14 66.71 78.96
N SER A 11 -4.73 65.81 79.73
CA SER A 11 -4.53 64.38 79.49
C SER A 11 -5.86 63.62 79.49
N THR A 12 -5.79 62.39 79.03
CA THR A 12 -6.96 61.55 78.94
C THR A 12 -6.69 60.19 79.55
N ILE A 13 -7.62 59.72 80.38
CA ILE A 13 -7.60 58.35 80.83
C ILE A 13 -8.80 57.62 80.21
N THR A 14 -8.56 56.41 79.74
CA THR A 14 -9.60 55.57 79.16
C THR A 14 -9.69 54.31 80.00
N GLU A 15 -10.76 54.12 80.74
CA GLU A 15 -10.80 52.97 81.64
C GLU A 15 -11.81 51.96 81.14
N GLY A 16 -11.79 50.77 81.72
CA GLY A 16 -12.74 49.73 81.37
C GLY A 16 -12.15 48.56 80.61
N TYR A 17 -10.85 48.61 80.36
CA TYR A 17 -10.14 47.52 79.71
C TYR A 17 -9.89 46.38 80.70
N LEU A 18 -9.65 45.18 80.19
CA LEU A 18 -9.33 44.06 81.07
C LEU A 18 -7.99 43.44 80.67
N SER A 19 -7.22 43.00 81.66
CA SER A 19 -5.84 42.59 81.40
C SER A 19 -5.76 41.15 80.95
N VAL A 20 -4.76 40.87 80.11
CA VAL A 20 -4.36 39.50 79.81
C VAL A 20 -2.85 39.52 79.87
N LEU A 21 -2.28 38.97 80.94
CA LEU A 21 -0.84 39.12 81.18
C LEU A 21 -0.09 37.79 81.14
N ARG A 22 1.01 37.74 80.41
CA ARG A 22 1.76 36.49 80.27
C ARG A 22 2.59 36.17 81.48
N THR A 23 2.42 34.97 82.03
CA THR A 23 3.15 34.58 83.23
C THR A 23 4.15 33.44 82.99
N GLY A 24 4.06 32.81 81.82
CA GLY A 24 5.01 31.77 81.47
C GLY A 24 4.92 31.29 80.03
N TRP A 25 5.72 30.28 79.72
CA TRP A 25 5.70 29.64 78.42
C TRP A 25 5.41 28.16 78.53
N TYR A 26 4.53 27.68 77.66
CA TYR A 26 4.17 26.28 77.59
C TYR A 26 4.56 25.76 76.21
N THR A 27 5.27 24.63 76.18
CA THR A 27 5.82 24.12 74.91
C THR A 27 5.41 22.69 74.56
N ASN A 28 5.04 22.49 73.29
CA ASN A 28 4.87 21.15 72.75
C ASN A 28 5.93 20.88 71.69
N VAL A 29 6.35 19.63 71.59
CA VAL A 29 7.33 19.24 70.58
C VAL A 29 6.66 18.35 69.53
N PHE A 30 6.92 18.65 68.27
CA PHE A 30 6.33 17.88 67.19
C PHE A 30 7.39 17.15 66.37
N THR A 31 7.03 15.97 65.87
CA THR A 31 7.86 15.24 64.91
C THR A 31 7.05 14.89 63.67
N LEU A 32 7.38 15.51 62.54
CA LEU A 32 6.66 15.25 61.30
C LEU A 32 7.45 14.31 60.38
N GLU A 33 6.78 13.27 59.90
CA GLU A 33 7.39 12.29 59.00
C GLU A 33 6.74 12.31 57.61
N VAL A 34 7.53 12.00 56.59
CA VAL A 34 6.98 11.89 55.24
C VAL A 34 6.28 10.56 55.02
N GLY A 35 5.13 10.61 54.34
CA GLY A 35 4.39 9.40 54.05
C GLY A 35 5.14 8.51 53.08
N ASP A 36 4.85 7.22 53.15
CA ASP A 36 5.51 6.27 52.28
C ASP A 36 5.06 6.43 50.83
N VAL A 37 5.96 6.26 49.87
CA VAL A 37 5.56 6.21 48.48
C VAL A 37 6.18 4.99 47.79
N GLU A 38 5.32 4.25 47.07
CA GLU A 38 5.70 3.02 46.39
C GLU A 38 6.70 3.38 45.31
N ASN A 39 7.60 2.45 44.99
CA ASN A 39 8.56 2.68 43.93
C ASN A 39 7.83 2.55 42.58
N LEU A 40 7.94 3.55 41.70
CA LEU A 40 7.27 3.45 40.40
C LEU A 40 8.18 2.77 39.38
N THR A 41 8.04 1.45 39.29
CA THR A 41 8.93 0.63 38.47
C THR A 41 8.38 0.32 37.08
N CYS A 42 7.31 1.00 36.70
CA CYS A 42 6.71 0.79 35.38
C CYS A 42 7.35 1.73 34.36
N ALA A 43 8.06 2.72 34.89
CA ALA A 43 8.72 3.72 34.08
C ALA A 43 10.23 3.58 34.24
N ASP A 44 10.97 4.25 33.37
CA ASP A 44 12.42 4.22 33.41
C ASP A 44 13.00 5.61 33.67
N GLY A 45 13.69 5.79 34.79
CA GLY A 45 14.41 7.02 35.03
C GLY A 45 13.60 8.21 35.57
N PRO A 46 13.52 9.28 34.77
CA PRO A 46 12.89 10.56 35.11
C PRO A 46 11.40 10.47 35.33
N SER A 47 10.95 10.17 36.53
CA SER A 47 9.52 10.20 36.82
C SER A 47 9.20 11.54 37.45
N LEU A 48 7.94 11.95 37.37
CA LEU A 48 7.53 13.22 37.95
C LEU A 48 7.58 13.13 39.45
N ILE A 49 7.35 11.94 40.01
CA ILE A 49 7.41 11.81 41.45
C ILE A 49 8.82 11.61 42.01
N LYS A 50 9.70 10.95 41.26
CA LYS A 50 11.07 10.80 41.75
C LYS A 50 11.75 12.16 41.80
N THR A 51 11.48 13.01 40.80
CA THR A 51 12.08 14.33 40.82
C THR A 51 11.36 15.15 41.90
N GLU A 52 10.14 14.77 42.24
CA GLU A 52 9.41 15.43 43.30
C GLU A 52 9.94 15.01 44.67
N LEU A 53 10.36 13.76 44.78
CA LEU A 53 10.95 13.29 46.03
C LEU A 53 12.36 13.85 46.21
N ASP A 54 13.14 13.77 45.15
CA ASP A 54 14.52 14.24 45.16
C ASP A 54 14.56 15.76 45.34
N LEU A 55 13.42 16.40 45.09
CA LEU A 55 13.29 17.83 45.33
C LEU A 55 13.06 18.14 46.80
N THR A 56 12.15 17.43 47.46
CA THR A 56 11.87 17.69 48.87
C THR A 56 12.93 17.08 49.81
N LYS A 57 13.62 16.04 49.34
CA LYS A 57 14.76 15.49 50.09
C LYS A 57 15.85 16.55 50.08
N SER A 58 15.91 17.29 48.98
CA SER A 58 16.87 18.36 48.82
C SER A 58 16.43 19.58 49.65
N ALA A 59 15.11 19.77 49.75
CA ALA A 59 14.54 20.85 50.55
C ALA A 59 14.88 20.68 52.03
N LEU A 60 14.89 19.41 52.45
CA LEU A 60 15.22 19.00 53.82
C LEU A 60 16.73 19.03 54.10
N ARG A 61 17.52 18.75 53.06
CA ARG A 61 18.96 18.76 53.22
C ARG A 61 19.37 20.18 53.57
N GLU A 62 18.68 21.15 52.97
CA GLU A 62 18.92 22.58 53.21
C GLU A 62 18.30 23.08 54.52
N LEU A 63 17.09 22.60 54.82
CA LEU A 63 16.42 23.00 56.06
C LEU A 63 17.21 22.57 57.28
N ARG A 64 17.92 21.47 57.15
CA ARG A 64 18.75 20.94 58.22
C ARG A 64 19.77 21.98 58.68
N THR A 65 20.31 22.74 57.73
CA THR A 65 21.43 23.62 58.03
C THR A 65 21.11 24.73 59.05
N VAL A 66 19.83 24.94 59.35
CA VAL A 66 19.42 26.00 60.27
C VAL A 66 18.76 25.45 61.54
N SER A 67 18.91 24.15 61.78
CA SER A 67 18.33 23.55 62.99
C SER A 67 18.92 24.11 64.26
N ALA A 68 18.15 24.04 65.33
CA ALA A 68 18.51 24.68 66.59
C ALA A 68 19.70 24.02 67.27
N ASP A 69 19.73 22.70 67.32
CA ASP A 69 20.88 22.03 67.93
C ASP A 69 21.92 21.70 66.85
N GLN A 70 23.18 21.89 67.21
CA GLN A 70 24.27 21.70 66.27
C GLN A 70 24.44 20.23 65.91
N LEU A 71 24.13 19.36 66.87
CA LEU A 71 24.38 17.94 66.70
C LEU A 71 23.40 17.32 65.70
N ALA A 72 22.62 18.16 65.03
CA ALA A 72 21.75 17.72 63.94
C ALA A 72 22.33 18.05 62.56
N ARG A 73 23.52 18.68 62.52
CA ARG A 73 24.08 19.14 61.24
C ARG A 73 25.33 18.38 60.81
N THR B 3 -33.36 -49.82 -44.38
CA THR B 3 -32.71 -48.89 -43.45
C THR B 3 -33.36 -48.94 -42.06
N ALA B 4 -34.04 -50.04 -41.74
CA ALA B 4 -34.69 -50.19 -40.44
C ALA B 4 -33.74 -50.06 -39.24
N ALA B 5 -32.58 -50.71 -39.33
CA ALA B 5 -31.55 -50.69 -38.29
C ALA B 5 -30.95 -49.30 -38.15
N ALA B 6 -30.69 -48.70 -39.31
CA ALA B 6 -30.02 -47.41 -39.43
C ALA B 6 -30.77 -46.28 -38.72
N VAL B 7 -32.09 -46.35 -38.73
CA VAL B 7 -32.89 -45.34 -38.04
C VAL B 7 -32.51 -45.34 -36.56
N THR B 8 -32.46 -46.54 -35.97
CA THR B 8 -32.07 -46.71 -34.57
C THR B 8 -30.57 -46.47 -34.34
N ALA B 9 -29.75 -46.97 -35.26
CA ALA B 9 -28.30 -46.83 -35.19
C ALA B 9 -27.87 -45.39 -35.36
N GLY B 10 -28.66 -44.67 -36.17
CA GLY B 10 -28.42 -43.25 -36.43
C GLY B 10 -28.65 -42.37 -35.20
N VAL B 11 -29.68 -42.69 -34.43
CA VAL B 11 -29.99 -41.94 -33.22
C VAL B 11 -28.94 -42.13 -32.12
N ALA B 12 -28.39 -43.34 -32.01
CA ALA B 12 -27.39 -43.64 -30.99
C ALA B 12 -26.14 -42.80 -31.17
N ILE B 13 -25.60 -42.74 -32.39
CA ILE B 13 -24.42 -41.91 -32.62
C ILE B 13 -24.83 -40.46 -32.43
N ALA B 14 -26.07 -40.14 -32.78
CA ALA B 14 -26.60 -38.79 -32.67
C ALA B 14 -26.61 -38.32 -31.20
N LYS B 15 -27.10 -39.17 -30.32
CA LYS B 15 -27.12 -38.86 -28.89
C LYS B 15 -25.71 -38.85 -28.36
N THR B 16 -24.86 -39.74 -28.86
CA THR B 16 -23.48 -39.80 -28.38
C THR B 16 -22.76 -38.49 -28.70
N ILE B 17 -23.05 -37.92 -29.86
CA ILE B 17 -22.48 -36.64 -30.28
C ILE B 17 -22.97 -35.48 -29.38
N ARG B 18 -24.24 -35.55 -29.00
CA ARG B 18 -24.92 -34.61 -28.11
C ARG B 18 -24.39 -34.69 -26.66
N LEU B 19 -23.92 -35.88 -26.29
CA LEU B 19 -23.38 -36.18 -24.97
C LEU B 19 -21.91 -35.86 -24.88
N GLU B 20 -21.21 -36.11 -25.97
CA GLU B 20 -19.77 -35.89 -26.04
C GLU B 20 -19.42 -34.41 -25.83
N SER B 21 -20.31 -33.54 -26.33
CA SER B 21 -20.12 -32.10 -26.26
C SER B 21 -20.59 -31.57 -24.93
N GLU B 22 -21.47 -32.34 -24.28
CA GLU B 22 -22.00 -32.00 -22.96
C GLU B 22 -20.98 -32.19 -21.82
N VAL B 23 -20.21 -33.30 -21.84
CA VAL B 23 -19.23 -33.52 -20.79
C VAL B 23 -18.06 -32.59 -20.97
N THR B 24 -17.79 -32.14 -22.20
CA THR B 24 -16.68 -31.22 -22.43
C THR B 24 -17.07 -29.83 -21.97
N ALA B 25 -18.38 -29.57 -21.95
CA ALA B 25 -18.89 -28.32 -21.41
C ALA B 25 -18.73 -28.32 -19.91
N ILE B 26 -19.08 -29.44 -19.29
CA ILE B 26 -18.93 -29.60 -17.85
C ILE B 26 -17.45 -29.53 -17.45
N LYS B 27 -16.56 -30.13 -18.23
CA LYS B 27 -15.14 -30.02 -17.95
C LYS B 27 -14.72 -28.56 -17.97
N ASN B 28 -15.18 -27.79 -18.95
CA ASN B 28 -14.86 -26.36 -19.00
C ASN B 28 -15.54 -25.57 -17.88
N ALA B 29 -16.75 -25.97 -17.49
CA ALA B 29 -17.47 -25.31 -16.42
C ALA B 29 -16.74 -25.50 -15.11
N LEU B 30 -16.36 -26.75 -14.85
CA LEU B 30 -15.62 -27.09 -13.66
C LEU B 30 -14.27 -26.40 -13.66
N LYS B 31 -13.69 -26.25 -14.84
CA LYS B 31 -12.40 -25.57 -15.00
C LYS B 31 -12.46 -24.10 -14.53
N LYS B 32 -13.60 -23.46 -14.78
CA LYS B 32 -13.82 -22.11 -14.29
C LYS B 32 -14.14 -22.13 -12.80
N THR B 33 -14.87 -23.13 -12.37
CA THR B 33 -15.29 -23.21 -10.98
C THR B 33 -14.13 -23.33 -10.03
N ASN B 34 -13.23 -24.30 -10.22
CA ASN B 34 -12.12 -24.37 -9.28
C ASN B 34 -11.18 -23.15 -9.42
N GLU B 35 -11.33 -22.39 -10.50
CA GLU B 35 -10.61 -21.15 -10.63
C GLU B 35 -11.24 -20.11 -9.71
N ALA B 36 -12.56 -20.16 -9.54
CA ALA B 36 -13.26 -19.26 -8.62
C ALA B 36 -12.96 -19.61 -7.17
N VAL B 37 -12.92 -20.90 -6.89
CA VAL B 37 -12.61 -21.43 -5.56
C VAL B 37 -11.20 -21.02 -5.17
N SER B 38 -10.29 -21.15 -6.12
CA SER B 38 -8.91 -20.76 -5.90
C SER B 38 -8.78 -19.26 -5.66
N THR B 39 -9.59 -18.48 -6.37
CA THR B 39 -9.55 -17.03 -6.26
C THR B 39 -10.07 -16.54 -4.91
N LEU B 40 -11.22 -17.06 -4.51
CA LEU B 40 -11.81 -16.77 -3.22
C LEU B 40 -10.82 -17.10 -2.12
N GLY B 41 -10.02 -18.14 -2.34
CA GLY B 41 -9.02 -18.51 -1.37
C GLY B 41 -8.01 -17.39 -1.19
N ASN B 42 -7.55 -16.83 -2.29
CA ASN B 42 -6.61 -15.72 -2.25
C ASN B 42 -7.20 -14.44 -1.72
N GLY B 43 -8.53 -14.37 -1.70
CA GLY B 43 -9.17 -13.23 -1.07
C GLY B 43 -9.08 -13.43 0.42
N VAL B 44 -9.44 -14.63 0.89
CA VAL B 44 -9.41 -14.96 2.30
C VAL B 44 -7.98 -14.84 2.82
N ARG B 45 -7.00 -15.25 2.02
CA ARG B 45 -5.60 -15.09 2.42
C ARG B 45 -5.21 -13.64 2.66
N VAL B 46 -5.52 -12.78 1.70
CA VAL B 46 -5.24 -11.37 1.84
C VAL B 46 -6.05 -10.77 3.00
N LEU B 47 -7.27 -11.23 3.17
CA LEU B 47 -8.11 -10.77 4.28
C LEU B 47 -7.53 -11.21 5.60
N ALA B 48 -7.01 -12.43 5.63
CA ALA B 48 -6.40 -12.96 6.83
C ALA B 48 -5.14 -12.18 7.16
N THR B 49 -4.32 -11.92 6.14
CA THR B 49 -3.11 -11.13 6.35
C THR B 49 -3.44 -9.75 6.85
N ALA B 50 -4.55 -9.19 6.38
CA ALA B 50 -5.00 -7.89 6.87
C ALA B 50 -5.38 -7.99 8.34
N VAL B 51 -6.13 -9.03 8.68
CA VAL B 51 -6.54 -9.27 10.05
C VAL B 51 -5.33 -9.48 10.94
N ARG B 52 -4.29 -10.12 10.41
CA ARG B 52 -3.06 -10.28 11.17
C ARG B 52 -2.40 -8.94 11.41
N GLU B 53 -2.35 -8.10 10.37
CA GLU B 53 -1.71 -6.79 10.49
C GLU B 53 -2.55 -5.88 11.40
N LEU B 54 -3.85 -6.10 11.45
CA LEU B 54 -4.71 -5.33 12.34
C LEU B 54 -4.45 -5.71 13.78
N LYS B 55 -4.28 -7.00 14.05
CA LYS B 55 -4.00 -7.43 15.41
C LYS B 55 -2.64 -6.92 15.93
N ASP B 56 -1.62 -7.03 15.10
CA ASP B 56 -0.27 -6.60 15.45
C ASP B 56 -0.21 -5.15 15.86
N PHE B 57 -1.06 -4.33 15.25
CA PHE B 57 -1.13 -2.91 15.59
C PHE B 57 -1.85 -2.75 16.91
N VAL B 58 -2.93 -3.49 17.08
CA VAL B 58 -3.71 -3.41 18.30
C VAL B 58 -2.92 -4.01 19.48
N SER B 59 -2.39 -5.22 19.27
CA SER B 59 -1.65 -5.94 20.30
C SER B 59 -0.36 -5.24 20.73
N LYS B 60 0.44 -4.82 19.75
CA LYS B 60 1.77 -4.27 19.99
C LYS B 60 1.74 -2.73 20.03
N ASN B 61 1.55 -2.10 18.88
CA ASN B 61 1.71 -0.63 18.75
C ASN B 61 0.71 0.21 19.54
N LEU B 62 -0.47 -0.35 19.79
CA LEU B 62 -1.53 0.42 20.44
C LEU B 62 -1.55 0.24 21.97
N THR B 63 -1.52 -1.01 22.45
CA THR B 63 -1.46 -1.28 23.89
C THR B 63 -0.17 -0.74 24.48
N ARG B 64 0.84 -0.57 23.63
CA ARG B 64 2.09 0.05 24.03
C ARG B 64 1.79 1.48 24.47
N ALA B 65 1.01 2.17 23.64
CA ALA B 65 0.64 3.56 23.89
C ALA B 65 -0.27 3.71 25.09
N ILE B 66 -1.14 2.72 25.28
CA ILE B 66 -2.07 2.74 26.39
C ILE B 66 -1.35 2.50 27.73
N ASN B 67 -0.54 1.44 27.80
CA ASN B 67 0.25 1.15 28.99
C ASN B 67 1.23 2.26 29.30
N LYS B 68 1.71 2.95 28.29
CA LYS B 68 2.56 4.12 28.51
C LYS B 68 1.77 5.23 29.18
N ASN B 69 0.62 5.56 28.60
CA ASN B 69 -0.25 6.59 29.17
C ASN B 69 -0.78 6.14 30.52
N LYS B 70 -0.87 4.84 30.68
CA LYS B 70 -1.34 4.25 31.92
C LYS B 70 -0.31 4.50 33.00
N CYS B 71 0.95 4.50 32.61
CA CYS B 71 2.08 4.71 33.51
C CYS B 71 2.24 6.18 33.85
N ASP B 72 2.17 7.04 32.84
CA ASP B 72 2.24 8.47 33.07
C ASP B 72 1.08 8.91 33.96
N ILE B 73 -0.11 8.37 33.74
CA ILE B 73 -1.24 8.64 34.62
C ILE B 73 -0.90 8.29 36.07
N ALA B 74 -0.35 7.11 36.30
CA ALA B 74 0.00 6.65 37.64
C ALA B 74 1.12 7.50 38.19
N ASP B 75 1.98 7.96 37.30
CA ASP B 75 3.09 8.86 37.62
C ASP B 75 2.59 10.17 38.23
N LEU B 76 1.67 10.83 37.54
CA LEU B 76 1.14 12.10 37.98
C LEU B 76 0.23 12.00 39.21
N LYS B 77 -0.57 10.93 39.27
CA LYS B 77 -1.41 10.69 40.43
C LYS B 77 -0.52 10.57 41.67
N MET B 78 0.63 9.93 41.53
CA MET B 78 1.56 9.79 42.66
C MET B 78 2.16 11.13 43.07
N ALA B 79 2.58 11.93 42.09
CA ALA B 79 3.12 13.26 42.38
C ALA B 79 2.07 14.14 43.06
N VAL B 80 0.90 14.23 42.45
CA VAL B 80 -0.15 15.07 43.02
C VAL B 80 -0.61 14.53 44.36
N SER B 81 -0.80 13.21 44.49
CA SER B 81 -1.16 12.63 45.79
C SER B 81 -0.13 12.89 46.86
N PHE B 82 1.14 12.87 46.48
CA PHE B 82 2.22 13.12 47.44
C PHE B 82 2.11 14.51 48.05
N SER B 83 1.90 15.50 47.19
CA SER B 83 1.74 16.86 47.65
C SER B 83 0.47 17.00 48.49
N GLN B 84 -0.52 16.15 48.24
CA GLN B 84 -1.75 16.23 49.03
C GLN B 84 -1.60 15.56 50.38
N PHE B 85 -1.24 14.28 50.37
CA PHE B 85 -1.19 13.49 51.61
C PHE B 85 -0.11 13.97 52.58
N ASN B 86 0.75 14.86 52.10
CA ASN B 86 1.85 15.35 52.90
C ASN B 86 1.87 16.88 53.00
N ARG B 87 0.69 17.50 52.99
CA ARG B 87 0.57 18.97 53.08
C ARG B 87 1.23 19.58 54.27
N ARG B 88 0.88 19.06 55.45
CA ARG B 88 1.35 19.66 56.68
C ARG B 88 2.87 19.65 56.67
N PHE B 89 3.44 18.49 56.36
CA PHE B 89 4.88 18.34 56.34
C PHE B 89 5.46 19.39 55.39
N LEU B 90 4.90 19.47 54.19
CA LEU B 90 5.44 20.37 53.19
C LEU B 90 5.17 21.82 53.52
N ASN B 91 4.03 22.11 54.15
CA ASN B 91 3.76 23.48 54.54
C ASN B 91 4.73 23.90 55.64
N VAL B 92 4.96 23.01 56.61
CA VAL B 92 5.85 23.33 57.74
C VAL B 92 7.30 23.56 57.29
N VAL B 93 7.77 22.71 56.38
CA VAL B 93 9.12 22.86 55.85
C VAL B 93 9.24 24.19 55.12
N ARG B 94 8.17 24.57 54.44
CA ARG B 94 8.16 25.84 53.73
C ARG B 94 8.32 26.99 54.71
N GLN B 95 7.55 26.96 55.80
CA GLN B 95 7.55 28.05 56.76
C GLN B 95 8.89 28.19 57.53
N PHE B 96 9.46 27.09 58.00
CA PHE B 96 10.75 27.16 58.66
C PHE B 96 11.86 27.56 57.71
N SER B 97 11.65 27.42 56.42
CA SER B 97 12.65 27.84 55.47
C SER B 97 12.55 29.33 55.17
N ASP B 98 11.32 29.83 55.13
CA ASP B 98 11.06 31.19 54.71
C ASP B 98 11.55 32.17 55.75
N ASN B 99 11.55 31.73 57.00
CA ASN B 99 11.98 32.58 58.11
C ASN B 99 13.27 32.04 58.74
N ALA B 100 13.85 31.02 58.10
CA ALA B 100 15.11 30.41 58.50
C ALA B 100 15.15 29.91 59.94
N GLY B 101 14.28 28.96 60.29
CA GLY B 101 14.39 28.26 61.56
C GLY B 101 13.43 28.67 62.67
N ILE B 102 12.76 29.80 62.52
CA ILE B 102 11.87 30.28 63.56
C ILE B 102 10.56 30.75 62.93
N THR B 103 9.45 30.74 63.67
CA THR B 103 8.18 31.17 63.09
C THR B 103 7.61 32.27 63.93
N PRO B 104 7.26 33.40 63.30
CA PRO B 104 6.61 34.58 63.90
C PRO B 104 5.34 34.26 64.69
N ALA B 105 4.64 33.21 64.29
CA ALA B 105 3.39 32.81 64.94
C ALA B 105 3.27 31.29 65.01
N ILE B 106 2.32 30.80 65.78
CA ILE B 106 2.04 29.37 65.76
C ILE B 106 1.00 29.17 64.67
N SER B 107 1.50 28.94 63.45
CA SER B 107 0.64 28.82 62.28
C SER B 107 -0.33 27.64 62.40
N LEU B 108 -1.33 27.64 61.53
CA LEU B 108 -2.33 26.58 61.51
C LEU B 108 -1.67 25.25 61.16
N ASP B 109 -0.60 25.33 60.39
CA ASP B 109 0.15 24.15 59.95
C ASP B 109 1.05 23.66 61.06
N LEU B 110 1.56 24.60 61.85
CA LEU B 110 2.48 24.28 62.93
C LEU B 110 1.77 23.54 64.05
N MET B 111 0.51 23.89 64.30
CA MET B 111 -0.28 23.26 65.35
C MET B 111 -1.76 23.42 65.03
N THR B 112 -2.47 22.31 64.87
CA THR B 112 -3.88 22.34 64.47
C THR B 112 -4.73 22.83 65.63
N ASP B 113 -5.98 23.19 65.34
CA ASP B 113 -6.85 23.76 66.38
C ASP B 113 -7.12 22.73 67.46
N ALA B 114 -7.30 21.49 67.04
CA ALA B 114 -7.51 20.41 67.97
C ALA B 114 -6.34 20.30 68.95
N GLU B 115 -5.13 20.34 68.40
CA GLU B 115 -3.90 20.23 69.15
C GLU B 115 -3.68 21.46 70.05
N LEU B 116 -4.05 22.62 69.51
CA LEU B 116 -3.91 23.90 70.20
C LEU B 116 -4.79 23.92 71.43
N ALA B 117 -6.03 23.48 71.27
CA ALA B 117 -6.98 23.46 72.37
C ALA B 117 -6.55 22.48 73.46
N ARG B 118 -5.96 21.37 73.02
CA ARG B 118 -5.53 20.30 73.92
C ARG B 118 -4.31 20.72 74.71
N ALA B 119 -3.47 21.55 74.12
CA ALA B 119 -2.31 22.10 74.82
C ALA B 119 -2.74 23.12 75.87
N VAL B 120 -3.65 24.02 75.48
CA VAL B 120 -4.10 25.08 76.38
C VAL B 120 -4.82 24.54 77.60
N SER B 121 -5.60 23.47 77.43
CA SER B 121 -6.31 22.87 78.56
C SER B 121 -5.37 22.20 79.55
N ASN B 122 -4.18 21.83 79.08
CA ASN B 122 -3.20 21.20 79.94
C ASN B 122 -2.15 22.19 80.43
N MET B 123 -2.45 23.47 80.33
CA MET B 123 -1.53 24.48 80.84
C MET B 123 -1.67 24.51 82.34
N PRO B 124 -0.57 24.86 83.03
CA PRO B 124 -0.59 24.93 84.50
C PRO B 124 -1.27 26.20 85.04
N THR B 125 -2.58 26.33 84.87
CA THR B 125 -3.31 27.48 85.41
C THR B 125 -4.75 27.21 85.84
N SER B 126 -5.40 28.28 86.26
CA SER B 126 -6.75 28.23 86.82
C SER B 126 -7.74 28.02 85.69
N ALA B 127 -8.91 27.50 86.04
CA ALA B 127 -9.93 27.12 85.05
C ALA B 127 -10.43 28.29 84.20
N GLY B 128 -10.59 29.45 84.81
CA GLY B 128 -11.13 30.62 84.13
C GLY B 128 -10.18 31.22 83.11
N GLN B 129 -8.88 31.07 83.37
CA GLN B 129 -7.85 31.58 82.49
C GLN B 129 -7.71 30.70 81.26
N ILE B 130 -7.91 29.40 81.45
CA ILE B 130 -7.94 28.48 80.33
C ILE B 130 -9.09 28.88 79.40
N LYS B 131 -10.23 29.24 79.97
CA LYS B 131 -11.39 29.63 79.18
C LYS B 131 -11.10 30.84 78.27
N LEU B 132 -10.45 31.86 78.81
CA LEU B 132 -10.13 33.06 78.04
C LEU B 132 -9.18 32.83 76.88
N MET B 133 -8.18 31.99 77.11
CA MET B 133 -7.21 31.68 76.08
C MET B 133 -7.92 30.95 74.95
N LEU B 134 -8.80 30.03 75.31
CA LEU B 134 -9.59 29.27 74.34
C LEU B 134 -10.44 30.17 73.45
N GLU B 135 -10.96 31.25 74.02
CA GLU B 135 -11.76 32.19 73.25
C GLU B 135 -10.90 33.13 72.41
N ASN B 136 -9.68 33.41 72.85
CA ASN B 136 -8.81 34.31 72.09
C ASN B 136 -7.62 33.61 71.46
N ARG B 137 -7.84 32.36 71.07
CA ARG B 137 -6.76 31.48 70.61
C ARG B 137 -5.98 32.07 69.45
N ALA B 138 -6.59 33.03 68.77
CA ALA B 138 -5.88 33.78 67.75
C ALA B 138 -4.67 34.46 68.38
N MET B 139 -4.93 35.18 69.48
CA MET B 139 -3.89 35.91 70.22
C MET B 139 -2.85 34.96 70.78
N VAL B 140 -3.29 33.82 71.31
CA VAL B 140 -2.36 32.82 71.82
C VAL B 140 -1.37 32.43 70.74
N ARG B 141 -1.88 32.26 69.52
CA ARG B 141 -1.04 31.89 68.38
C ARG B 141 -0.07 32.96 68.00
N ARG B 142 -0.54 34.20 68.00
CA ARG B 142 0.30 35.27 67.52
C ARG B 142 1.30 35.72 68.59
N LYS B 143 0.87 35.67 69.84
CA LYS B 143 1.73 36.07 70.93
C LYS B 143 2.72 34.96 71.23
N GLY B 144 2.49 33.78 70.66
CA GLY B 144 3.42 32.66 70.78
C GLY B 144 4.29 32.56 69.54
N PHE B 145 5.04 31.45 69.41
CA PHE B 145 5.85 31.22 68.22
C PHE B 145 6.37 29.76 68.12
N GLY B 146 7.02 29.43 67.01
CA GLY B 146 7.53 28.10 66.76
C GLY B 146 9.02 28.07 66.39
N ILE B 147 9.73 27.05 66.87
CA ILE B 147 11.18 26.92 66.62
C ILE B 147 11.58 25.59 66.02
N LEU B 148 12.29 25.64 64.89
CA LEU B 148 12.83 24.44 64.25
C LEU B 148 13.98 23.86 65.06
N ILE B 149 13.77 22.68 65.61
CA ILE B 149 14.77 22.00 66.40
C ILE B 149 15.76 21.29 65.51
N GLY B 150 15.24 20.54 64.55
CA GLY B 150 16.13 19.83 63.66
C GLY B 150 15.51 19.01 62.56
N VAL B 151 16.31 18.77 61.53
CA VAL B 151 15.95 17.82 60.50
C VAL B 151 16.76 16.57 60.79
N TYR B 152 16.08 15.52 61.23
CA TYR B 152 16.77 14.28 61.53
C TYR B 152 16.38 13.22 60.51
N GLY B 153 17.35 12.86 59.66
CA GLY B 153 17.08 11.95 58.57
C GLY B 153 16.07 12.53 57.61
N SER B 154 14.86 11.98 57.67
CA SER B 154 13.76 12.45 56.84
C SER B 154 12.64 13.08 57.66
N SER B 155 12.87 13.26 58.96
CA SER B 155 11.88 13.82 59.87
C SER B 155 12.20 15.25 60.31
N VAL B 156 11.16 16.07 60.42
CA VAL B 156 11.30 17.42 60.94
C VAL B 156 10.73 17.51 62.36
N ILE B 157 11.58 17.93 63.29
CA ILE B 157 11.21 18.14 64.68
C ILE B 157 11.25 19.62 65.02
N TYR B 158 10.14 20.12 65.56
CA TYR B 158 10.04 21.53 65.93
C TYR B 158 9.29 21.68 67.23
N MET B 159 9.39 22.87 67.80
CA MET B 159 8.73 23.16 69.05
C MET B 159 7.81 24.37 68.88
N VAL B 160 6.58 24.25 69.39
CA VAL B 160 5.74 25.43 69.47
C VAL B 160 5.80 25.94 70.91
N GLN B 161 5.84 27.26 71.04
CA GLN B 161 5.94 27.91 72.33
C GLN B 161 4.72 28.81 72.56
N LEU B 162 3.92 28.46 73.55
CA LEU B 162 2.66 29.14 73.80
C LEU B 162 2.75 30.02 75.02
N PRO B 163 2.13 31.20 74.97
CA PRO B 163 2.03 32.06 76.16
C PRO B 163 1.16 31.42 77.24
N ILE B 164 1.52 31.58 78.51
CA ILE B 164 0.64 31.16 79.59
C ILE B 164 0.02 32.40 80.20
N PHE B 165 -1.27 32.59 79.98
CA PHE B 165 -1.94 33.79 80.50
C PHE B 165 -2.44 33.58 81.94
N GLY B 166 -1.56 33.83 82.90
CA GLY B 166 -1.88 33.59 84.30
C GLY B 166 -2.62 34.72 85.00
N VAL B 167 -2.42 35.94 84.54
CA VAL B 167 -3.15 37.08 85.07
C VAL B 167 -4.20 37.54 84.09
N ILE B 168 -5.47 37.50 84.48
CA ILE B 168 -6.51 37.96 83.59
C ILE B 168 -7.59 38.78 84.30
N ASP B 169 -8.27 39.62 83.54
CA ASP B 169 -9.47 40.33 83.96
C ASP B 169 -9.24 41.23 85.17
N THR B 170 -8.08 41.87 85.21
CA THR B 170 -7.80 42.88 86.23
C THR B 170 -7.90 44.27 85.60
N PRO B 171 -8.28 45.29 86.40
CA PRO B 171 -8.52 46.63 85.85
C PRO B 171 -7.36 47.14 85.02
N CYS B 172 -7.66 47.76 83.89
CA CYS B 172 -6.61 48.20 82.98
C CYS B 172 -7.02 49.52 82.34
N TRP B 173 -6.07 50.42 82.10
CA TRP B 173 -6.41 51.71 81.50
C TRP B 173 -5.23 52.33 80.76
N ILE B 174 -5.53 53.31 79.91
CA ILE B 174 -4.49 53.95 79.11
C ILE B 174 -4.54 55.48 79.19
N VAL B 175 -3.37 56.09 79.29
CA VAL B 175 -3.24 57.54 79.43
C VAL B 175 -2.70 58.17 78.13
N LYS B 176 -3.36 59.23 77.69
CA LYS B 176 -2.87 60.03 76.57
C LYS B 176 -2.78 61.47 77.04
N ALA B 177 -1.82 62.22 76.52
CA ALA B 177 -1.65 63.61 76.93
C ALA B 177 -1.09 64.50 75.84
N ALA B 178 -1.37 65.79 75.95
CA ALA B 178 -0.81 66.80 75.07
C ALA B 178 -0.14 67.89 75.91
N PRO B 179 0.72 68.71 75.29
CA PRO B 179 1.35 69.79 76.05
C PRO B 179 0.32 70.79 76.53
N SER B 180 0.25 71.03 77.84
CA SER B 180 -0.69 72.01 78.35
C SER B 180 0.07 73.29 78.59
N CYS B 181 0.09 74.14 77.57
CA CYS B 181 0.89 75.35 77.61
C CYS B 181 0.05 76.51 78.11
N SER B 182 0.60 77.25 79.07
CA SER B 182 -0.06 78.44 79.59
C SER B 182 0.82 79.65 79.32
N GLU B 183 0.18 80.79 79.04
CA GLU B 183 0.93 82.01 78.71
C GLU B 183 0.47 83.24 79.53
N LYS B 184 1.44 83.97 80.09
CA LYS B 184 1.20 85.30 80.68
C LYS B 184 2.30 86.29 80.29
N LYS B 185 1.92 87.33 79.55
CA LYS B 185 2.86 88.38 79.09
C LYS B 185 3.94 87.85 78.15
N GLY B 186 3.54 87.10 77.13
CA GLY B 186 4.48 86.64 76.12
C GLY B 186 5.45 85.56 76.57
N ASN B 187 5.17 84.99 77.73
CA ASN B 187 5.97 83.92 78.31
C ASN B 187 5.15 82.66 78.36
N TYR B 188 5.75 81.53 78.04
CA TYR B 188 4.99 80.29 77.99
C TYR B 188 5.44 79.33 79.09
N ALA B 189 4.47 78.77 79.81
CA ALA B 189 4.71 77.72 80.77
C ALA B 189 4.01 76.46 80.30
N CYS B 190 4.79 75.45 79.94
CA CYS B 190 4.25 74.27 79.30
C CYS B 190 4.45 73.00 80.11
N LEU B 191 3.34 72.43 80.59
CA LEU B 191 3.38 71.15 81.28
C LEU B 191 3.06 70.01 80.33
N LEU B 192 3.70 68.87 80.55
CA LEU B 192 3.39 67.70 79.77
C LEU B 192 3.51 66.44 80.63
N ARG B 193 2.42 65.69 80.80
CA ARG B 193 2.50 64.43 81.53
C ARG B 193 3.48 63.48 80.82
N GLU B 194 4.26 62.76 81.61
CA GLU B 194 5.16 61.74 81.09
C GLU B 194 4.73 60.37 81.60
N ASP B 195 3.49 60.33 82.13
CA ASP B 195 2.86 59.13 82.63
C ASP B 195 2.37 58.30 81.47
N GLN B 196 2.40 58.93 80.30
CA GLN B 196 1.62 58.50 79.15
C GLN B 196 1.89 57.06 78.73
N GLY B 197 0.83 56.28 78.48
CA GLY B 197 0.95 54.87 78.11
C GLY B 197 -0.15 53.96 78.67
N TRP B 198 0.12 52.66 78.71
CA TRP B 198 -0.82 51.65 79.22
C TRP B 198 -0.57 51.30 80.68
N TYR B 199 -1.63 51.19 81.48
CA TYR B 199 -1.51 50.71 82.86
C TYR B 199 -2.43 49.52 83.14
N CYS B 200 -1.87 48.46 83.69
CA CYS B 200 -2.65 47.30 84.10
C CYS B 200 -2.40 47.00 85.57
N GLN B 201 -3.48 46.87 86.33
CA GLN B 201 -3.37 46.68 87.77
C GLN B 201 -3.01 45.23 88.08
N ASN B 202 -2.04 45.05 88.96
CA ASN B 202 -1.56 43.73 89.29
C ASN B 202 -1.47 43.60 90.81
N ALA B 203 -1.21 42.40 91.30
CA ALA B 203 -1.05 42.18 92.74
C ALA B 203 0.25 42.83 93.24
N GLY B 204 0.12 43.77 94.18
CA GLY B 204 1.25 44.38 94.85
C GLY B 204 1.96 45.48 94.07
N SER B 205 1.48 45.69 92.85
CA SER B 205 2.04 46.68 91.94
C SER B 205 1.11 46.98 90.77
N THR B 206 1.48 48.01 90.02
CA THR B 206 0.78 48.36 88.80
C THR B 206 1.80 48.26 87.68
N VAL B 207 1.44 47.62 86.58
CA VAL B 207 2.36 47.48 85.47
C VAL B 207 2.15 48.59 84.46
N TYR B 208 3.25 49.19 84.04
CA TYR B 208 3.19 50.33 83.15
C TYR B 208 3.88 50.01 81.82
N TYR B 209 3.14 50.19 80.73
CA TYR B 209 3.67 50.00 79.40
C TYR B 209 3.69 51.33 78.67
N PRO B 210 4.89 51.88 78.44
CA PRO B 210 5.06 53.25 77.96
C PRO B 210 4.54 53.54 76.54
N ASN B 211 4.62 52.58 75.61
CA ASN B 211 4.11 52.75 74.24
C ASN B 211 2.81 52.00 74.00
N GLU B 212 1.96 52.58 73.15
CA GLU B 212 0.64 52.02 72.94
C GLU B 212 0.68 50.66 72.23
N LYS B 213 1.69 50.46 71.39
CA LYS B 213 1.82 49.20 70.67
C LYS B 213 2.19 48.05 71.59
N ASP B 214 2.61 48.38 72.81
CA ASP B 214 3.09 47.37 73.75
C ASP B 214 1.94 46.52 74.28
N CYS B 215 0.74 46.98 74.00
CA CYS B 215 -0.44 46.22 74.39
C CYS B 215 -1.39 46.11 73.20
N GLU B 216 -1.97 44.93 73.03
CA GLU B 216 -2.81 44.69 71.88
C GLU B 216 -4.25 44.61 72.33
N THR B 217 -5.10 45.33 71.61
CA THR B 217 -6.49 45.40 72.00
C THR B 217 -7.39 44.53 71.16
N ARG B 218 -8.10 43.63 71.84
CA ARG B 218 -9.13 42.85 71.19
C ARG B 218 -10.37 42.90 72.07
N GLY B 219 -11.29 43.78 71.71
CA GLY B 219 -12.45 44.03 72.52
C GLY B 219 -12.04 44.76 73.78
N ASP B 220 -12.64 44.38 74.90
CA ASP B 220 -12.30 45.04 76.15
C ASP B 220 -11.01 44.50 76.77
N HIS B 221 -10.50 43.38 76.24
CA HIS B 221 -9.29 42.75 76.78
C HIS B 221 -8.01 43.34 76.17
N VAL B 222 -6.97 43.47 77.00
CA VAL B 222 -5.70 44.04 76.56
C VAL B 222 -4.55 43.06 76.76
N PHE B 223 -3.93 42.64 75.66
CA PHE B 223 -2.85 41.66 75.73
C PHE B 223 -1.50 42.37 75.76
N CYS B 224 -0.93 42.46 76.95
CA CYS B 224 0.23 43.30 77.17
C CYS B 224 1.52 42.51 77.24
N ASP B 225 2.52 43.02 76.52
CA ASP B 225 3.84 42.40 76.42
C ASP B 225 4.62 42.50 77.71
N THR B 226 5.02 41.35 78.23
CA THR B 226 5.69 41.27 79.52
C THR B 226 7.00 42.03 79.54
N ALA B 227 7.76 41.93 78.47
CA ALA B 227 9.06 42.59 78.44
C ALA B 227 8.95 44.12 78.58
N ALA B 228 7.94 44.70 77.96
CA ALA B 228 7.74 46.15 77.95
C ALA B 228 7.40 46.75 79.31
N GLY B 229 6.81 45.96 80.17
CA GLY B 229 6.32 46.41 81.45
C GLY B 229 7.38 46.99 82.38
N ILE B 230 7.00 48.08 83.05
CA ILE B 230 7.81 48.67 84.11
C ILE B 230 6.91 48.67 85.32
N ASN B 231 7.36 48.11 86.43
CA ASN B 231 6.52 48.14 87.63
C ASN B 231 6.55 49.47 88.35
N VAL B 232 5.38 50.04 88.57
CA VAL B 232 5.28 51.31 89.25
C VAL B 232 4.38 51.13 90.46
N ALA B 233 4.58 51.98 91.46
CA ALA B 233 3.76 51.95 92.66
C ALA B 233 2.32 52.26 92.28
N GLU B 234 1.38 51.68 93.01
CA GLU B 234 -0.04 51.86 92.71
C GLU B 234 -0.45 53.33 92.81
N GLN B 235 0.20 54.05 93.72
CA GLN B 235 -0.10 55.46 93.99
C GLN B 235 0.11 56.35 92.77
N SER B 236 0.72 55.80 91.73
CA SER B 236 0.99 56.54 90.51
C SER B 236 -0.32 56.92 89.83
N LYS B 237 -1.36 56.13 90.12
CA LYS B 237 -2.70 56.35 89.55
C LYS B 237 -3.30 57.64 90.07
N GLU B 238 -2.75 58.15 91.16
CA GLU B 238 -3.27 59.35 91.79
C GLU B 238 -3.10 60.56 90.88
N CYS B 239 -2.23 60.39 89.89
CA CYS B 239 -1.89 61.47 88.98
C CYS B 239 -3.11 61.84 88.13
N ASN B 240 -4.10 60.96 88.12
CA ASN B 240 -5.27 61.23 87.30
C ASN B 240 -6.38 61.88 88.10
N ILE B 241 -6.08 62.27 89.32
CA ILE B 241 -7.04 63.06 90.06
C ILE B 241 -6.40 64.42 90.22
N ASN B 242 -5.24 64.43 90.87
CA ASN B 242 -4.46 65.64 91.08
C ASN B 242 -2.99 65.45 90.67
N ILE B 243 -2.54 66.20 89.66
CA ILE B 243 -1.14 66.12 89.19
C ILE B 243 -0.17 66.60 90.27
N SER B 244 -0.59 67.61 91.02
CA SER B 244 0.28 68.20 92.04
C SER B 244 0.15 67.48 93.37
N THR B 245 -0.10 66.18 93.32
CA THR B 245 -0.16 65.36 94.52
C THR B 245 1.23 65.12 95.10
N THR B 246 1.36 65.22 96.42
CA THR B 246 2.66 65.02 97.04
C THR B 246 2.88 63.55 97.36
N ASN B 247 1.83 62.75 97.22
CA ASN B 247 1.96 61.32 97.49
C ASN B 247 2.79 60.59 96.42
N TYR B 248 2.72 61.03 95.17
CA TYR B 248 3.53 60.43 94.15
C TYR B 248 4.22 61.51 93.35
N PRO B 249 5.48 61.25 92.97
CA PRO B 249 6.25 62.13 92.11
C PRO B 249 5.74 62.07 90.70
N CYS B 250 4.62 62.71 90.42
CA CYS B 250 4.01 62.62 89.10
C CYS B 250 5.00 63.09 88.05
N LYS B 251 5.31 62.21 87.09
CA LYS B 251 6.33 62.51 86.10
C LYS B 251 5.81 63.49 85.07
N VAL B 252 6.26 64.75 85.19
CA VAL B 252 5.81 65.84 84.32
C VAL B 252 6.96 66.78 83.99
N SER B 253 7.07 67.12 82.70
CA SER B 253 8.14 67.95 82.14
C SER B 253 7.71 69.37 81.85
N THR B 254 8.67 70.29 81.94
CA THR B 254 8.38 71.69 81.69
C THR B 254 9.04 72.15 80.42
N GLY B 255 8.40 73.11 79.74
CA GLY B 255 8.92 73.70 78.52
C GLY B 255 8.70 75.20 78.51
N ARG B 256 9.45 75.89 77.66
CA ARG B 256 9.35 77.35 77.60
C ARG B 256 8.73 77.79 76.27
N HIS B 257 8.47 76.81 75.40
CA HIS B 257 8.00 77.10 74.04
C HIS B 257 6.71 76.36 73.72
N PRO B 258 5.84 76.98 72.92
CA PRO B 258 4.54 76.39 72.58
C PRO B 258 4.66 75.26 71.58
N ILE B 259 3.88 74.19 71.79
CA ILE B 259 3.88 73.03 70.90
C ILE B 259 2.46 72.63 70.49
N SER B 260 2.15 72.77 69.20
CA SER B 260 0.82 72.43 68.71
C SER B 260 0.73 71.01 68.12
N MET B 261 -0.21 70.21 68.60
CA MET B 261 -0.28 68.81 68.17
C MET B 261 -1.64 68.18 68.42
N VAL B 262 -1.84 67.00 67.83
CA VAL B 262 -3.03 66.20 68.07
C VAL B 262 -2.68 64.80 68.56
N ALA B 263 -3.23 64.41 69.69
CA ALA B 263 -2.98 63.08 70.24
C ALA B 263 -4.27 62.28 70.27
N LEU B 264 -4.28 61.14 69.59
CA LEU B 264 -5.52 60.38 69.49
C LEU B 264 -5.72 59.44 70.67
N SER B 265 -6.93 59.46 71.21
CA SER B 265 -7.34 58.57 72.29
C SER B 265 -8.18 57.45 71.73
N PRO B 266 -8.40 56.39 72.51
CA PRO B 266 -9.33 55.34 72.04
C PRO B 266 -10.65 55.93 71.57
N LEU B 267 -11.27 56.77 72.39
CA LEU B 267 -12.58 57.32 72.05
C LEU B 267 -12.51 58.76 71.56
N GLY B 268 -11.32 59.33 71.47
CA GLY B 268 -11.22 60.71 71.03
C GLY B 268 -9.83 61.23 70.71
N ALA B 269 -9.61 62.50 71.01
CA ALA B 269 -8.35 63.14 70.68
C ALA B 269 -8.12 64.40 71.52
N LEU B 270 -6.87 64.63 71.87
CA LEU B 270 -6.45 65.84 72.54
C LEU B 270 -5.81 66.77 71.50
N VAL B 271 -6.27 68.01 71.44
CA VAL B 271 -5.72 68.99 70.50
C VAL B 271 -5.07 70.16 71.25
N ALA B 272 -3.90 70.58 70.78
CA ALA B 272 -3.21 71.74 71.35
C ALA B 272 -2.98 72.84 70.31
N CYS B 273 -3.73 73.95 70.43
CA CYS B 273 -3.60 75.10 69.53
C CYS B 273 -2.97 76.30 70.23
N TYR B 274 -1.79 76.71 69.75
CA TYR B 274 -1.06 77.83 70.30
C TYR B 274 -0.46 78.67 69.17
N LYS B 275 -0.28 79.97 69.40
CA LYS B 275 0.45 80.81 68.44
C LYS B 275 -0.17 80.79 67.03
N GLY B 276 0.68 80.72 66.02
CA GLY B 276 0.28 80.78 64.62
C GLY B 276 -0.10 79.44 64.03
N VAL B 277 -1.25 78.92 64.47
CA VAL B 277 -1.81 77.73 63.86
C VAL B 277 -3.32 77.90 63.72
N SER B 278 -3.87 77.32 62.66
CA SER B 278 -5.30 77.37 62.42
C SER B 278 -5.90 76.00 62.68
N CYS B 279 -6.26 75.75 63.92
CA CYS B 279 -6.83 74.47 64.31
C CYS B 279 -8.36 74.47 64.16
N SER B 280 -8.87 73.49 63.43
CA SER B 280 -10.30 73.38 63.18
C SER B 280 -10.80 71.94 63.24
N ILE B 281 -12.11 71.80 63.41
CA ILE B 281 -12.78 70.51 63.47
C ILE B 281 -13.61 70.28 62.21
N GLY B 282 -13.58 69.05 61.69
CA GLY B 282 -14.35 68.75 60.48
C GLY B 282 -15.32 67.60 60.62
N SER B 283 -16.14 67.42 59.59
CA SER B 283 -17.18 66.41 59.58
C SER B 283 -17.03 65.50 58.36
N ASN B 284 -17.92 64.51 58.21
CA ASN B 284 -17.87 63.61 57.07
C ASN B 284 -18.26 64.26 55.75
N ARG B 285 -19.42 64.91 55.78
CA ARG B 285 -20.01 65.53 54.60
C ARG B 285 -19.58 66.99 54.42
N VAL B 286 -19.82 67.80 55.46
CA VAL B 286 -19.54 69.23 55.40
C VAL B 286 -18.06 69.41 55.77
N GLY B 287 -17.57 70.64 55.84
CA GLY B 287 -16.15 70.87 55.96
C GLY B 287 -15.69 71.32 57.32
N ILE B 288 -16.35 72.34 57.85
CA ILE B 288 -15.98 72.86 59.14
C ILE B 288 -17.21 72.93 60.02
N ILE B 289 -17.07 72.54 61.29
CA ILE B 289 -18.21 72.57 62.20
C ILE B 289 -17.92 73.52 63.36
N LYS B 290 -16.64 73.73 63.63
CA LYS B 290 -16.18 74.62 64.68
C LYS B 290 -14.68 74.82 64.56
N GLN B 291 -14.20 76.06 64.61
CA GLN B 291 -12.75 76.26 64.76
C GLN B 291 -12.42 76.27 66.24
N LEU B 292 -11.32 75.61 66.59
CA LEU B 292 -10.96 75.45 67.99
C LEU B 292 -10.29 76.68 68.57
N ASN B 293 -10.68 77.00 69.80
CA ASN B 293 -10.08 78.09 70.53
C ASN B 293 -8.65 77.72 70.86
N LYS B 294 -7.82 78.74 71.05
CA LYS B 294 -6.44 78.52 71.44
C LYS B 294 -6.42 77.81 72.80
N GLY B 295 -5.55 76.81 72.93
CA GLY B 295 -5.48 76.04 74.17
C GLY B 295 -5.62 74.54 73.98
N CYS B 296 -5.89 73.85 75.10
CA CYS B 296 -6.03 72.40 75.09
C CYS B 296 -7.52 72.02 74.99
N SER B 297 -7.86 71.32 73.91
CA SER B 297 -9.24 70.92 73.66
C SER B 297 -9.36 69.38 73.59
N TYR B 298 -10.47 68.83 74.09
CA TYR B 298 -10.74 67.39 73.92
C TYR B 298 -12.03 67.14 73.15
N ILE B 299 -11.96 66.33 72.10
CA ILE B 299 -13.13 66.02 71.31
C ILE B 299 -13.33 64.50 71.13
N THR B 300 -14.58 64.08 70.93
CA THR B 300 -14.93 62.65 70.83
C THR B 300 -14.99 62.18 69.37
N ASN B 301 -14.82 60.88 69.15
CA ASN B 301 -15.01 60.26 67.84
C ASN B 301 -16.41 60.46 67.34
N GLN B 302 -17.32 60.73 68.27
CA GLN B 302 -18.72 60.96 67.92
C GLN B 302 -19.03 62.44 67.85
N ASP B 303 -18.03 63.26 68.13
CA ASP B 303 -18.16 64.71 67.97
C ASP B 303 -17.75 65.12 66.56
N ALA B 304 -16.73 64.46 66.03
CA ALA B 304 -16.23 64.77 64.71
C ALA B 304 -15.41 63.65 64.12
N ASP B 305 -14.92 63.85 62.90
CA ASP B 305 -14.09 62.84 62.26
C ASP B 305 -12.74 63.42 61.86
N THR B 306 -12.55 64.71 62.10
CA THR B 306 -11.40 65.42 61.57
C THR B 306 -10.90 66.53 62.47
N VAL B 307 -9.58 66.57 62.65
CA VAL B 307 -8.92 67.72 63.23
C VAL B 307 -7.96 68.26 62.17
N THR B 308 -8.04 69.55 61.89
CA THR B 308 -7.16 70.13 60.90
C THR B 308 -6.22 71.15 61.57
N ILE B 309 -4.92 71.00 61.33
CA ILE B 309 -3.96 71.95 61.82
C ILE B 309 -3.23 72.58 60.64
N ASP B 310 -3.50 73.86 60.40
CA ASP B 310 -3.07 74.55 59.19
C ASP B 310 -3.65 73.80 57.99
N ASN B 311 -2.79 73.16 57.21
CA ASN B 311 -3.25 72.39 56.07
C ASN B 311 -3.16 70.88 56.26
N THR B 312 -2.83 70.43 57.47
CA THR B 312 -2.72 68.99 57.76
C THR B 312 -4.00 68.41 58.37
N VAL B 313 -4.59 67.42 57.72
CA VAL B 313 -5.83 66.86 58.23
C VAL B 313 -5.55 65.52 58.91
N TYR B 314 -5.93 65.44 60.18
CA TYR B 314 -5.72 64.25 60.96
C TYR B 314 -7.03 63.49 61.05
N GLN B 315 -7.00 62.19 60.80
CA GLN B 315 -8.22 61.38 60.86
C GLN B 315 -8.38 60.81 62.26
N LEU B 316 -9.58 60.93 62.83
CA LEU B 316 -9.85 60.49 64.21
C LEU B 316 -10.21 59.02 64.29
N SER B 317 -10.83 58.53 63.22
CA SER B 317 -11.26 57.14 63.10
C SER B 317 -10.81 56.59 61.77
N LYS B 318 -10.99 55.29 61.56
CA LYS B 318 -10.64 54.71 60.27
C LYS B 318 -11.60 55.16 59.17
N VAL B 319 -11.04 55.43 57.99
CA VAL B 319 -11.83 55.83 56.83
C VAL B 319 -12.21 54.61 56.01
N GLU B 320 -13.51 54.35 55.95
CA GLU B 320 -14.04 53.18 55.27
C GLU B 320 -14.04 53.36 53.76
N GLY B 321 -13.39 52.45 53.04
CA GLY B 321 -13.23 52.59 51.61
C GLY B 321 -14.08 51.65 50.79
N GLU B 322 -13.58 51.28 49.61
CA GLU B 322 -14.31 50.39 48.70
C GLU B 322 -14.59 49.05 49.36
N GLN B 323 -15.32 48.20 48.66
CA GLN B 323 -15.69 46.92 49.23
C GLN B 323 -15.81 45.90 48.09
N HIS B 324 -14.86 44.97 48.02
CA HIS B 324 -14.73 44.05 46.88
C HIS B 324 -15.27 42.65 47.10
N VAL B 325 -15.61 41.98 46.01
CA VAL B 325 -15.97 40.56 46.07
C VAL B 325 -15.41 39.85 44.83
N ILE B 326 -14.66 38.78 45.06
CA ILE B 326 -13.95 38.07 43.99
C ILE B 326 -14.25 36.57 44.02
N LYS B 327 -14.57 36.00 42.86
CA LYS B 327 -14.85 34.57 42.77
C LYS B 327 -14.06 33.92 41.65
N GLY B 328 -13.52 32.75 41.93
CA GLY B 328 -12.71 32.05 40.97
C GLY B 328 -13.51 31.54 39.79
N ARG B 329 -12.78 31.26 38.72
CA ARG B 329 -13.29 30.63 37.51
C ARG B 329 -13.78 29.23 37.81
N PRO B 330 -14.91 28.83 37.19
CA PRO B 330 -15.46 27.50 37.48
C PRO B 330 -14.64 26.36 36.89
N VAL B 331 -14.53 25.27 37.65
CA VAL B 331 -13.86 24.08 37.19
C VAL B 331 -14.90 23.08 36.77
N SER B 332 -14.74 22.58 35.56
CA SER B 332 -15.69 21.66 34.94
C SER B 332 -15.03 20.35 34.52
N SER B 333 -15.83 19.30 34.32
CA SER B 333 -15.29 18.00 33.89
C SER B 333 -15.31 17.79 32.37
N SER B 334 -14.27 17.16 31.84
CA SER B 334 -14.13 16.97 30.39
C SER B 334 -14.22 15.51 29.88
N PHE B 335 -14.92 14.65 30.63
CA PHE B 335 -14.98 13.22 30.33
C PHE B 335 -15.96 12.86 29.20
N ASP B 336 -15.43 12.34 28.10
CA ASP B 336 -16.28 11.94 26.98
C ASP B 336 -15.84 10.57 26.47
N PRO B 337 -16.41 9.50 27.04
CA PRO B 337 -15.96 8.13 26.83
C PRO B 337 -16.17 7.67 25.39
N VAL B 338 -15.42 6.65 24.99
CA VAL B 338 -15.61 6.07 23.68
C VAL B 338 -16.24 4.67 23.78
N LYS B 339 -17.28 4.41 22.97
CA LYS B 339 -17.93 3.10 22.95
C LYS B 339 -18.00 2.54 21.54
N PHE B 340 -17.88 1.22 21.42
CA PHE B 340 -17.97 0.56 20.12
C PHE B 340 -19.37 0.02 19.89
N PRO B 341 -19.99 0.38 18.74
CA PRO B 341 -21.34 -0.02 18.31
C PRO B 341 -21.37 -1.50 17.90
N GLU B 342 -21.53 -2.33 18.92
CA GLU B 342 -21.30 -3.76 18.83
C GLU B 342 -22.40 -4.53 18.12
N ASP B 343 -23.62 -4.01 18.20
CA ASP B 343 -24.78 -4.71 17.65
C ASP B 343 -24.75 -4.97 16.15
N GLN B 344 -24.49 -3.92 15.37
CA GLN B 344 -24.47 -4.02 13.90
C GLN B 344 -23.38 -5.02 13.46
N PHE B 345 -22.27 -5.04 14.20
CA PHE B 345 -21.14 -5.95 13.98
C PHE B 345 -21.45 -7.40 14.32
N ASN B 346 -21.99 -7.61 15.52
CA ASN B 346 -22.25 -8.94 16.05
C ASN B 346 -23.23 -9.74 15.22
N VAL B 347 -24.16 -9.03 14.60
CA VAL B 347 -25.12 -9.62 13.67
C VAL B 347 -24.43 -10.00 12.36
N ALA B 348 -23.50 -9.16 11.94
CA ALA B 348 -22.77 -9.40 10.72
C ALA B 348 -21.89 -10.64 10.84
N LEU B 349 -21.37 -10.93 12.02
CA LEU B 349 -20.57 -12.15 12.18
C LEU B 349 -21.47 -13.38 12.18
N ASP B 350 -22.66 -13.28 12.79
CA ASP B 350 -23.65 -14.37 12.75
C ASP B 350 -23.98 -14.72 11.30
N GLN B 351 -24.06 -13.67 10.48
CA GLN B 351 -24.28 -13.73 9.05
C GLN B 351 -23.21 -14.61 8.39
N VAL B 352 -21.97 -14.35 8.79
CA VAL B 352 -20.80 -15.04 8.28
C VAL B 352 -20.83 -16.51 8.64
N PHE B 353 -21.06 -16.81 9.90
CA PHE B 353 -21.08 -18.20 10.32
C PHE B 353 -22.22 -18.94 9.67
N GLU B 354 -23.28 -18.22 9.31
CA GLU B 354 -24.41 -18.84 8.65
C GLU B 354 -24.14 -19.05 7.16
N SER B 355 -23.49 -18.09 6.52
CA SER B 355 -23.10 -18.25 5.13
C SER B 355 -22.12 -19.40 5.02
N ILE B 356 -21.34 -19.61 6.07
CA ILE B 356 -20.44 -20.75 6.19
C ILE B 356 -21.22 -22.05 6.23
N GLU B 357 -22.29 -22.01 7.01
CA GLU B 357 -23.12 -23.17 7.30
C GLU B 357 -23.94 -23.62 6.08
N ASN B 358 -24.38 -22.66 5.27
CA ASN B 358 -25.09 -22.92 4.03
C ASN B 358 -24.20 -23.55 2.97
N SER B 359 -23.01 -22.98 2.82
CA SER B 359 -22.03 -23.48 1.86
C SER B 359 -21.61 -24.90 2.19
N GLN B 360 -21.35 -25.14 3.47
CA GLN B 360 -20.91 -26.44 3.94
C GLN B 360 -21.93 -27.51 3.60
N ALA B 361 -23.21 -27.16 3.75
CA ALA B 361 -24.32 -28.08 3.44
C ALA B 361 -24.51 -28.29 1.94
N LEU B 362 -24.20 -27.28 1.15
CA LEU B 362 -24.37 -27.38 -0.29
C LEU B 362 -23.35 -28.31 -0.89
N VAL B 363 -22.14 -28.32 -0.36
CA VAL B 363 -21.14 -29.24 -0.88
C VAL B 363 -21.47 -30.65 -0.41
N ASP B 364 -22.36 -30.77 0.57
CA ASP B 364 -22.85 -32.08 1.01
C ASP B 364 -23.95 -32.60 0.07
N GLN B 365 -24.83 -31.70 -0.38
CA GLN B 365 -25.85 -32.06 -1.37
C GLN B 365 -25.21 -32.50 -2.67
N SER B 366 -24.17 -31.77 -3.06
CA SER B 366 -23.41 -32.06 -4.27
C SER B 366 -22.82 -33.46 -4.16
N ASN B 367 -22.29 -33.82 -2.99
CA ASN B 367 -21.69 -35.13 -2.82
C ASN B 367 -22.75 -36.23 -2.86
N ARG B 368 -23.91 -35.94 -2.28
CA ARG B 368 -25.06 -36.84 -2.32
C ARG B 368 -25.47 -37.14 -3.75
N ILE B 369 -25.66 -36.07 -4.51
CA ILE B 369 -26.08 -36.17 -5.89
C ILE B 369 -25.09 -37.02 -6.65
N LEU B 370 -23.81 -36.92 -6.30
CA LEU B 370 -22.80 -37.74 -6.95
C LEU B 370 -22.95 -39.22 -6.61
N SER B 371 -23.57 -39.55 -5.49
CA SER B 371 -23.87 -40.95 -5.18
C SER B 371 -25.25 -41.36 -5.72
N LEU C 1 28.05 28.52 83.31
CA LEU C 1 27.68 29.94 83.36
C LEU C 1 27.71 30.35 84.82
N LYS C 2 27.81 31.65 85.10
CA LYS C 2 27.89 32.10 86.50
C LYS C 2 26.96 33.28 86.78
N GLU C 3 25.98 33.08 87.65
CA GLU C 3 25.04 34.15 87.98
C GLU C 3 25.11 34.52 89.47
N SER C 4 25.53 35.74 89.73
CA SER C 4 25.80 36.19 91.09
C SER C 4 24.74 37.15 91.61
N TYR C 5 24.33 36.92 92.84
CA TYR C 5 23.32 37.74 93.48
C TYR C 5 23.97 38.87 94.26
N LEU C 6 23.58 40.09 93.93
CA LEU C 6 24.15 41.26 94.58
C LEU C 6 23.12 41.79 95.56
N GLU C 7 23.20 41.40 96.83
CA GLU C 7 22.07 41.67 97.72
C GLU C 7 21.91 43.13 98.16
N GLU C 8 22.93 43.96 97.96
CA GLU C 8 22.85 45.34 98.43
C GLU C 8 21.97 46.16 97.49
N SER C 9 21.90 45.75 96.23
CA SER C 9 21.15 46.46 95.20
C SER C 9 19.97 45.66 94.67
N CYS C 10 19.65 44.56 95.36
CA CYS C 10 18.56 43.68 94.97
C CYS C 10 18.66 43.32 93.49
N SER C 11 19.87 43.03 93.05
CA SER C 11 20.11 42.78 91.63
C SER C 11 20.91 41.51 91.37
N THR C 12 20.94 41.14 90.09
CA THR C 12 21.60 39.93 89.64
C THR C 12 22.51 40.25 88.47
N ILE C 13 23.74 39.77 88.54
CA ILE C 13 24.60 39.81 87.37
C ILE C 13 24.90 38.39 86.87
N THR C 14 24.76 38.19 85.57
CA THR C 14 25.04 36.89 84.96
C THR C 14 26.13 36.99 83.89
N GLU C 15 27.31 36.41 84.18
CA GLU C 15 28.44 36.55 83.26
C GLU C 15 28.81 35.22 82.63
N GLY C 16 29.70 35.30 81.66
CA GLY C 16 30.17 34.10 80.98
C GLY C 16 29.67 34.05 79.56
N TYR C 17 28.93 35.09 79.17
CA TYR C 17 28.44 35.21 77.80
C TYR C 17 29.56 35.70 76.88
N LEU C 18 29.45 35.41 75.58
CA LEU C 18 30.44 35.87 74.59
C LEU C 18 29.75 36.67 73.50
N SER C 19 30.43 37.71 73.02
CA SER C 19 29.85 38.69 72.10
C SER C 19 29.87 38.27 70.64
N VAL C 20 28.85 38.66 69.89
CA VAL C 20 28.87 38.57 68.43
C VAL C 20 28.29 39.87 67.89
N LEU C 21 29.15 40.75 67.40
CA LEU C 21 28.68 42.10 67.09
C LEU C 21 28.79 42.41 65.59
N ARG C 22 27.75 43.01 65.03
CA ARG C 22 27.74 43.37 63.61
C ARG C 22 28.62 44.58 63.37
N THR C 23 29.53 44.50 62.41
CA THR C 23 30.42 45.63 62.13
C THR C 23 30.14 46.18 60.74
N GLY C 24 29.39 45.44 59.95
CA GLY C 24 29.03 45.88 58.61
C GLY C 24 28.00 45.02 57.89
N TRP C 25 27.76 45.36 56.64
CA TRP C 25 26.87 44.57 55.81
C TRP C 25 27.60 44.08 54.56
N TYR C 26 27.41 42.81 54.25
CA TYR C 26 27.99 42.19 53.06
C TYR C 26 26.84 41.75 52.16
N THR C 27 26.88 42.15 50.89
CA THR C 27 25.74 41.93 50.00
C THR C 27 26.03 41.18 48.69
N ASN C 28 25.16 40.23 48.37
CA ASN C 28 25.17 39.55 47.08
C ASN C 28 23.94 39.90 46.22
N VAL C 29 24.11 39.93 44.91
CA VAL C 29 23.01 40.23 44.00
C VAL C 29 22.58 38.98 43.24
N PHE C 30 21.27 38.72 43.19
CA PHE C 30 20.76 37.56 42.45
C PHE C 30 19.89 37.92 41.26
N THR C 31 20.01 37.11 40.21
CA THR C 31 19.12 37.20 39.06
C THR C 31 18.53 35.82 38.79
N LEU C 32 17.25 35.64 39.06
CA LEU C 32 16.62 34.35 38.83
C LEU C 32 15.77 34.47 37.58
N GLU C 33 15.95 33.53 36.66
CA GLU C 33 15.18 33.51 35.42
C GLU C 33 14.33 32.25 35.31
N VAL C 34 13.15 32.37 34.71
CA VAL C 34 12.33 31.17 34.49
C VAL C 34 12.86 30.44 33.25
N GLY C 35 12.93 29.12 33.35
CA GLY C 35 13.41 28.28 32.26
C GLY C 35 12.47 28.34 31.08
N ASP C 36 12.99 28.02 29.90
CA ASP C 36 12.18 28.04 28.68
C ASP C 36 11.13 26.95 28.71
N VAL C 37 9.97 27.24 28.15
CA VAL C 37 8.89 26.29 28.07
C VAL C 37 8.37 26.19 26.63
N GLU C 38 8.29 24.96 26.13
CA GLU C 38 7.87 24.71 24.77
C GLU C 38 6.43 25.05 24.55
N ASN C 39 6.10 25.42 23.32
CA ASN C 39 4.71 25.64 22.93
C ASN C 39 4.00 24.31 22.65
N LEU C 40 2.94 24.02 23.39
CA LEU C 40 2.18 22.78 23.19
C LEU C 40 1.01 23.01 22.23
N THR C 41 1.26 22.78 20.96
CA THR C 41 0.30 23.10 19.90
C THR C 41 -0.52 21.88 19.48
N CYS C 42 -0.50 20.83 20.29
CA CYS C 42 -1.25 19.63 19.96
C CYS C 42 -2.65 19.75 20.51
N ALA C 43 -2.83 20.76 21.34
CA ALA C 43 -4.09 20.96 22.04
C ALA C 43 -4.81 22.17 21.47
N ASP C 44 -6.07 22.30 21.84
CA ASP C 44 -6.88 23.39 21.34
C ASP C 44 -7.31 24.30 22.48
N GLY C 45 -6.87 25.55 22.43
CA GLY C 45 -7.33 26.56 23.37
C GLY C 45 -6.66 26.48 24.73
N PRO C 46 -7.48 26.22 25.75
CA PRO C 46 -7.08 26.17 27.16
C PRO C 46 -6.12 25.03 27.45
N SER C 47 -4.82 25.30 27.44
CA SER C 47 -3.87 24.28 27.88
C SER C 47 -3.67 24.47 29.37
N LEU C 48 -3.30 23.40 30.05
CA LEU C 48 -3.08 23.50 31.48
C LEU C 48 -1.78 24.26 31.69
N ILE C 49 -0.84 24.06 30.78
CA ILE C 49 0.47 24.69 30.86
C ILE C 49 0.40 26.12 30.32
N LYS C 50 -0.49 26.39 29.38
CA LYS C 50 -0.65 27.76 28.89
C LYS C 50 -1.18 28.68 29.97
N THR C 51 -2.12 28.20 30.79
CA THR C 51 -2.69 29.00 31.86
C THR C 51 -1.77 29.09 33.07
N GLU C 52 -0.85 28.14 33.19
CA GLU C 52 0.11 28.19 34.28
C GLU C 52 1.14 29.26 33.99
N LEU C 53 1.44 29.46 32.71
CA LEU C 53 2.39 30.50 32.32
C LEU C 53 1.73 31.88 32.48
N ASP C 54 0.48 32.02 32.01
CA ASP C 54 -0.21 33.30 32.13
C ASP C 54 -0.44 33.68 33.57
N LEU C 55 -0.34 32.70 34.46
CA LEU C 55 -0.40 32.98 35.88
C LEU C 55 0.93 33.52 36.34
N THR C 56 2.01 32.87 35.89
CA THR C 56 3.34 33.26 36.29
C THR C 56 3.73 34.57 35.62
N LYS C 57 3.15 34.83 34.45
CA LYS C 57 3.38 36.10 33.77
C LYS C 57 2.75 37.27 34.52
N SER C 58 1.55 37.09 35.06
CA SER C 58 0.88 38.16 35.82
C SER C 58 1.47 38.31 37.21
N ALA C 59 1.92 37.20 37.77
CA ALA C 59 2.56 37.27 39.07
C ALA C 59 3.78 38.17 38.95
N LEU C 60 4.44 38.12 37.80
CA LEU C 60 5.63 38.94 37.59
C LEU C 60 5.24 40.38 37.29
N ARG C 61 4.17 40.54 36.55
CA ARG C 61 3.66 41.87 36.22
C ARG C 61 3.25 42.61 37.49
N GLU C 62 2.67 41.88 38.44
CA GLU C 62 2.27 42.46 39.73
C GLU C 62 3.48 42.66 40.66
N LEU C 63 4.38 41.67 40.67
CA LEU C 63 5.59 41.76 41.47
C LEU C 63 6.45 42.94 41.03
N ARG C 64 6.39 43.28 39.74
CA ARG C 64 7.13 44.42 39.21
C ARG C 64 6.79 45.69 39.98
N THR C 65 5.53 45.83 40.36
CA THR C 65 5.07 47.08 40.95
C THR C 65 5.69 47.36 42.32
N VAL C 66 6.33 46.36 42.91
CA VAL C 66 6.85 46.49 44.26
C VAL C 66 8.38 46.46 44.26
N SER C 67 8.96 46.54 43.08
CA SER C 67 10.40 46.55 42.92
C SER C 67 11.02 47.81 43.49
N ALA C 68 12.27 47.69 43.93
CA ALA C 68 12.96 48.75 44.63
C ALA C 68 13.28 49.97 43.79
N ASP C 69 13.78 49.76 42.57
CA ASP C 69 14.09 50.89 41.70
C ASP C 69 12.90 51.24 40.79
N GLN C 70 12.66 52.52 40.63
CA GLN C 70 11.51 53.00 39.87
C GLN C 70 11.64 52.66 38.39
N LEU C 71 12.86 52.65 37.87
CA LEU C 71 13.08 52.48 36.44
C LEU C 71 12.78 51.06 36.01
N ALA C 72 12.26 50.24 36.94
CA ALA C 72 11.82 48.88 36.66
C ALA C 72 10.31 48.77 36.49
N ARG C 73 9.62 49.89 36.59
CA ARG C 73 8.16 49.89 36.57
C ARG C 73 7.58 50.55 35.30
N ALA D 4 -28.17 -58.77 -36.47
CA ALA D 4 -26.84 -58.49 -35.92
C ALA D 4 -26.53 -57.00 -35.97
N ALA D 5 -26.91 -56.35 -37.06
CA ALA D 5 -26.68 -54.91 -37.21
C ALA D 5 -27.45 -54.10 -36.17
N ALA D 6 -28.73 -54.41 -36.03
CA ALA D 6 -29.65 -53.76 -35.07
C ALA D 6 -29.29 -54.05 -33.62
N VAL D 7 -28.74 -55.24 -33.37
CA VAL D 7 -28.34 -55.67 -32.03
C VAL D 7 -27.33 -54.70 -31.41
N THR D 8 -26.36 -54.29 -32.23
CA THR D 8 -25.32 -53.36 -31.81
C THR D 8 -25.94 -51.99 -31.52
N ALA D 9 -26.93 -51.62 -32.33
CA ALA D 9 -27.63 -50.34 -32.17
C ALA D 9 -28.43 -50.27 -30.86
N GLY D 10 -28.99 -51.41 -30.44
CA GLY D 10 -29.74 -51.49 -29.20
C GLY D 10 -28.88 -51.32 -27.96
N VAL D 11 -27.70 -51.93 -28.00
CA VAL D 11 -26.73 -51.85 -26.90
C VAL D 11 -26.19 -50.43 -26.79
N ALA D 12 -26.03 -49.76 -27.93
CA ALA D 12 -25.52 -48.41 -28.00
C ALA D 12 -26.42 -47.43 -27.23
N ILE D 13 -27.72 -47.50 -27.49
CA ILE D 13 -28.68 -46.65 -26.79
C ILE D 13 -28.68 -46.99 -25.30
N ALA D 14 -28.48 -48.27 -25.01
CA ALA D 14 -28.49 -48.76 -23.64
C ALA D 14 -27.39 -48.16 -22.78
N LYS D 15 -26.15 -48.17 -23.28
CA LYS D 15 -25.04 -47.60 -22.53
C LYS D 15 -25.12 -46.09 -22.48
N THR D 16 -25.57 -45.48 -23.57
CA THR D 16 -25.66 -44.03 -23.62
C THR D 16 -26.70 -43.50 -22.66
N ILE D 17 -27.82 -44.21 -22.52
CA ILE D 17 -28.86 -43.83 -21.56
C ILE D 17 -28.36 -43.99 -20.11
N ARG D 18 -27.56 -45.03 -19.86
CA ARG D 18 -27.00 -45.27 -18.53
C ARG D 18 -26.00 -44.16 -18.23
N LEU D 19 -25.44 -43.57 -19.28
CA LEU D 19 -24.53 -42.45 -19.15
C LEU D 19 -25.29 -41.12 -19.15
N GLU D 20 -26.37 -41.08 -19.92
CA GLU D 20 -27.22 -39.89 -20.08
C GLU D 20 -27.79 -39.40 -18.75
N SER D 21 -28.03 -40.33 -17.83
CA SER D 21 -28.59 -40.02 -16.52
C SER D 21 -27.51 -39.60 -15.53
N GLU D 22 -26.29 -40.07 -15.78
CA GLU D 22 -25.17 -39.76 -14.91
C GLU D 22 -24.61 -38.35 -15.07
N VAL D 23 -24.45 -37.89 -16.30
CA VAL D 23 -23.90 -36.55 -16.47
C VAL D 23 -24.93 -35.51 -16.05
N THR D 24 -26.21 -35.84 -16.14
CA THR D 24 -27.23 -34.90 -15.68
C THR D 24 -27.19 -34.86 -14.17
N ALA D 25 -26.73 -35.96 -13.57
CA ALA D 25 -26.53 -35.98 -12.13
C ALA D 25 -25.31 -35.12 -11.81
N ILE D 26 -24.24 -35.28 -12.58
CA ILE D 26 -23.06 -34.46 -12.37
C ILE D 26 -23.34 -32.98 -12.64
N LYS D 27 -24.12 -32.69 -13.67
CA LYS D 27 -24.48 -31.31 -13.95
C LYS D 27 -25.19 -30.66 -12.75
N ASN D 28 -26.14 -31.38 -12.17
CA ASN D 28 -26.85 -30.88 -10.99
C ASN D 28 -25.91 -30.75 -9.81
N ALA D 29 -24.95 -31.66 -9.73
CA ALA D 29 -23.99 -31.64 -8.64
C ALA D 29 -23.13 -30.38 -8.71
N LEU D 30 -22.64 -30.07 -9.90
CA LEU D 30 -21.81 -28.89 -10.10
C LEU D 30 -22.59 -27.61 -9.86
N LYS D 31 -23.86 -27.59 -10.25
CA LYS D 31 -24.70 -26.41 -10.01
C LYS D 31 -24.87 -26.12 -8.51
N LYS D 32 -24.91 -27.18 -7.70
CA LYS D 32 -25.04 -27.02 -6.26
C LYS D 32 -23.74 -26.45 -5.75
N THR D 33 -22.64 -26.96 -6.27
CA THR D 33 -21.34 -26.54 -5.84
C THR D 33 -21.16 -25.06 -6.16
N ASN D 34 -21.53 -24.65 -7.36
CA ASN D 34 -21.37 -23.24 -7.72
C ASN D 34 -22.24 -22.30 -6.89
N GLU D 35 -23.29 -22.84 -6.30
CA GLU D 35 -24.10 -22.06 -5.38
C GLU D 35 -23.42 -21.97 -4.03
N ALA D 36 -22.69 -23.01 -3.63
CA ALA D 36 -21.91 -23.05 -2.38
C ALA D 36 -20.72 -22.13 -2.43
N VAL D 37 -20.04 -22.10 -3.57
CA VAL D 37 -18.93 -21.18 -3.75
C VAL D 37 -19.46 -19.75 -3.71
N SER D 38 -20.57 -19.52 -4.41
CA SER D 38 -21.24 -18.23 -4.42
C SER D 38 -21.75 -17.85 -3.02
N THR D 39 -22.20 -18.85 -2.27
CA THR D 39 -22.70 -18.66 -0.92
C THR D 39 -21.58 -18.34 0.09
N LEU D 40 -20.51 -19.13 0.06
CA LEU D 40 -19.34 -18.88 0.89
C LEU D 40 -18.72 -17.51 0.63
N GLY D 41 -18.75 -17.11 -0.64
CA GLY D 41 -18.24 -15.81 -1.05
C GLY D 41 -19.01 -14.64 -0.48
N ASN D 42 -20.34 -14.75 -0.50
CA ASN D 42 -21.21 -13.73 0.06
C ASN D 42 -21.02 -13.68 1.57
N GLY D 43 -20.46 -14.76 2.11
CA GLY D 43 -20.05 -14.80 3.50
C GLY D 43 -18.72 -14.12 3.77
N VAL D 44 -17.71 -14.46 2.99
CA VAL D 44 -16.38 -13.89 3.19
C VAL D 44 -16.49 -12.37 3.07
N ARG D 45 -17.30 -11.92 2.11
CA ARG D 45 -17.54 -10.49 1.92
C ARG D 45 -18.11 -9.84 3.17
N VAL D 46 -19.11 -10.47 3.76
CA VAL D 46 -19.69 -9.95 5.00
C VAL D 46 -18.67 -9.94 6.15
N LEU D 47 -17.77 -10.92 6.18
CA LEU D 47 -16.72 -10.99 7.18
C LEU D 47 -15.74 -9.84 6.97
N ALA D 48 -15.44 -9.54 5.71
CA ALA D 48 -14.52 -8.44 5.39
C ALA D 48 -15.09 -7.07 5.73
N THR D 49 -16.36 -6.81 5.39
CA THR D 49 -16.95 -5.52 5.71
C THR D 49 -16.92 -5.33 7.23
N ALA D 50 -17.12 -6.40 8.00
CA ALA D 50 -17.01 -6.31 9.46
C ALA D 50 -15.57 -6.02 9.89
N VAL D 51 -14.60 -6.70 9.29
CA VAL D 51 -13.20 -6.41 9.60
C VAL D 51 -12.89 -4.98 9.19
N ARG D 52 -13.49 -4.52 8.11
CA ARG D 52 -13.27 -3.12 7.73
C ARG D 52 -13.83 -2.17 8.79
N GLU D 53 -15.02 -2.45 9.31
CA GLU D 53 -15.59 -1.56 10.30
C GLU D 53 -14.79 -1.61 11.60
N LEU D 54 -14.16 -2.76 11.87
CA LEU D 54 -13.35 -2.89 13.09
C LEU D 54 -12.14 -1.98 12.98
N LYS D 55 -11.53 -1.95 11.79
CA LYS D 55 -10.43 -1.04 11.53
C LYS D 55 -10.91 0.39 11.61
N ASP D 56 -12.07 0.66 11.02
CA ASP D 56 -12.65 1.99 10.98
C ASP D 56 -12.84 2.52 12.38
N PHE D 57 -13.14 1.62 13.31
CA PHE D 57 -13.23 1.99 14.72
C PHE D 57 -11.87 2.14 15.39
N VAL D 58 -10.97 1.21 15.13
CA VAL D 58 -9.65 1.28 15.71
C VAL D 58 -8.84 2.40 15.08
N SER D 59 -8.83 2.44 13.76
CA SER D 59 -8.04 3.43 13.03
C SER D 59 -8.49 4.86 13.35
N LYS D 60 -9.79 5.11 13.36
CA LYS D 60 -10.26 6.47 13.55
C LYS D 60 -10.62 6.76 14.99
N ASN D 61 -11.73 6.21 15.47
CA ASN D 61 -12.29 6.58 16.77
C ASN D 61 -11.45 6.20 17.99
N LEU D 62 -10.65 5.14 17.91
CA LEU D 62 -9.91 4.65 19.09
C LEU D 62 -8.52 5.29 19.24
N THR D 63 -7.72 5.31 18.19
CA THR D 63 -6.42 5.96 18.28
C THR D 63 -6.57 7.46 18.53
N ARG D 64 -7.69 8.02 18.10
CA ARG D 64 -7.95 9.43 18.33
C ARG D 64 -8.07 9.68 19.82
N ALA D 65 -8.82 8.82 20.51
CA ALA D 65 -9.04 8.95 21.94
C ALA D 65 -7.74 8.73 22.68
N ILE D 66 -6.88 7.88 22.12
CA ILE D 66 -5.58 7.60 22.70
C ILE D 66 -4.64 8.80 22.53
N ASN D 67 -4.57 9.34 21.32
CA ASN D 67 -3.81 10.58 21.08
C ASN D 67 -4.36 11.79 21.84
N LYS D 68 -5.67 11.80 22.07
CA LYS D 68 -6.31 12.83 22.88
C LYS D 68 -5.84 12.73 24.30
N ASN D 69 -5.88 11.51 24.84
CA ASN D 69 -5.37 11.27 26.17
C ASN D 69 -3.88 11.47 26.25
N LYS D 70 -3.22 11.21 25.14
CA LYS D 70 -1.77 11.33 25.04
C LYS D 70 -1.38 12.78 25.16
N CYS D 71 -2.24 13.66 24.67
CA CYS D 71 -2.02 15.11 24.69
C CYS D 71 -2.24 15.73 26.07
N ASP D 72 -3.34 15.36 26.73
CA ASP D 72 -3.58 15.82 28.08
C ASP D 72 -2.45 15.35 28.97
N ILE D 73 -2.05 14.10 28.81
CA ILE D 73 -0.94 13.55 29.56
C ILE D 73 0.30 14.44 29.41
N ALA D 74 0.61 14.81 28.17
CA ALA D 74 1.78 15.64 27.90
C ALA D 74 1.59 17.04 28.43
N ASP D 75 0.34 17.50 28.40
CA ASP D 75 -0.05 18.80 28.95
C ASP D 75 0.24 18.88 30.45
N LEU D 76 -0.28 17.91 31.20
CA LEU D 76 -0.11 17.89 32.66
C LEU D 76 1.33 17.67 33.10
N LYS D 77 2.05 16.82 32.36
CA LYS D 77 3.47 16.60 32.63
C LYS D 77 4.22 17.92 32.50
N MET D 78 3.83 18.74 31.53
CA MET D 78 4.47 20.04 31.36
C MET D 78 4.16 20.98 32.51
N ALA D 79 2.89 21.01 32.90
CA ALA D 79 2.47 21.86 33.99
C ALA D 79 3.22 21.50 35.25
N VAL D 80 3.21 20.22 35.61
CA VAL D 80 3.89 19.78 36.81
C VAL D 80 5.41 19.98 36.72
N SER D 81 6.01 19.64 35.59
CA SER D 81 7.46 19.88 35.47
C SER D 81 7.83 21.35 35.63
N PHE D 82 6.98 22.23 35.10
CA PHE D 82 7.27 23.65 35.16
C PHE D 82 7.42 24.15 36.59
N SER D 83 6.47 23.76 37.42
CA SER D 83 6.50 24.13 38.82
C SER D 83 7.69 23.48 39.53
N GLN D 84 8.13 22.32 39.03
CA GLN D 84 9.26 21.63 39.62
C GLN D 84 10.57 22.23 39.19
N PHE D 85 10.76 22.36 37.88
CA PHE D 85 12.04 22.87 37.38
C PHE D 85 12.28 24.32 37.76
N ASN D 86 11.22 24.97 38.25
CA ASN D 86 11.27 26.36 38.61
C ASN D 86 10.81 26.66 40.03
N ARG D 87 11.02 25.73 40.96
CA ARG D 87 10.60 25.91 42.37
C ARG D 87 11.20 27.17 42.96
N ARG D 88 12.53 27.28 42.86
CA ARG D 88 13.24 28.39 43.49
C ARG D 88 12.70 29.68 42.96
N PHE D 89 12.63 29.77 41.64
CA PHE D 89 12.11 30.97 41.01
C PHE D 89 10.73 31.29 41.56
N LEU D 90 9.86 30.29 41.58
CA LEU D 90 8.50 30.50 42.01
C LEU D 90 8.40 30.73 43.51
N ASN D 91 9.24 30.07 44.30
CA ASN D 91 9.24 30.32 45.74
C ASN D 91 9.73 31.71 46.07
N VAL D 92 10.78 32.16 45.37
CA VAL D 92 11.33 33.47 45.63
C VAL D 92 10.33 34.56 45.27
N VAL D 93 9.64 34.40 44.15
CA VAL D 93 8.62 35.35 43.74
C VAL D 93 7.48 35.33 44.72
N ARG D 94 7.19 34.16 45.28
CA ARG D 94 6.13 34.07 46.28
C ARG D 94 6.43 34.93 47.48
N GLN D 95 7.64 34.79 48.01
CA GLN D 95 8.04 35.47 49.24
C GLN D 95 8.06 37.00 49.12
N PHE D 96 8.63 37.51 48.03
CA PHE D 96 8.62 38.94 47.78
C PHE D 96 7.22 39.52 47.54
N SER D 97 6.26 38.66 47.22
CA SER D 97 4.90 39.12 47.05
C SER D 97 4.18 39.17 48.38
N ASP D 98 4.48 38.18 49.22
CA ASP D 98 3.80 38.01 50.48
C ASP D 98 4.25 39.09 51.44
N ASN D 99 5.47 39.58 51.25
CA ASN D 99 6.00 40.62 52.11
C ASN D 99 6.21 41.95 51.39
N ALA D 100 5.77 42.01 50.14
CA ALA D 100 5.78 43.24 49.33
C ALA D 100 7.16 43.90 49.21
N GLY D 101 8.14 43.20 48.65
CA GLY D 101 9.40 43.81 48.27
C GLY D 101 10.58 43.60 49.20
N ILE D 102 10.31 43.10 50.39
CA ILE D 102 11.34 42.94 51.42
C ILE D 102 11.21 41.56 52.07
N THR D 103 12.28 41.06 52.66
CA THR D 103 12.18 39.78 53.37
C THR D 103 12.77 39.87 54.77
N PRO D 104 11.98 39.50 55.80
CA PRO D 104 12.43 39.46 57.20
C PRO D 104 13.71 38.67 57.44
N ALA D 105 13.96 37.67 56.59
CA ALA D 105 15.12 36.81 56.73
C ALA D 105 15.74 36.47 55.38
N ILE D 106 16.92 35.88 55.42
CA ILE D 106 17.51 35.33 54.22
C ILE D 106 17.04 33.90 54.13
N SER D 107 15.91 33.69 53.45
CA SER D 107 15.29 32.37 53.34
C SER D 107 16.18 31.37 52.61
N LEU D 108 15.82 30.10 52.73
CA LEU D 108 16.56 29.03 52.08
C LEU D 108 16.48 29.13 50.54
N ASP D 109 15.39 29.70 50.04
CA ASP D 109 15.21 29.86 48.60
C ASP D 109 15.97 31.07 48.06
N LEU D 110 16.06 32.11 48.87
CA LEU D 110 16.71 33.36 48.44
C LEU D 110 18.21 33.19 48.25
N MET D 111 18.80 32.35 49.10
CA MET D 111 20.22 32.05 49.05
C MET D 111 20.45 30.68 49.69
N THR D 112 20.95 29.75 48.88
CA THR D 112 21.15 28.35 49.29
C THR D 112 22.30 28.22 50.26
N ASP D 113 22.40 27.08 50.94
CA ASP D 113 23.43 26.93 51.96
C ASP D 113 24.83 27.05 51.37
N ALA D 114 25.00 26.50 50.18
CA ALA D 114 26.26 26.61 49.45
C ALA D 114 26.64 28.07 49.17
N GLU D 115 25.67 28.83 48.66
CA GLU D 115 25.86 30.23 48.31
C GLU D 115 26.16 31.08 49.53
N LEU D 116 25.46 30.77 50.62
CA LEU D 116 25.60 31.48 51.88
C LEU D 116 27.00 31.31 52.45
N ALA D 117 27.47 30.06 52.44
CA ALA D 117 28.78 29.72 52.98
C ALA D 117 29.91 30.33 52.16
N ARG D 118 29.73 30.42 50.85
CA ARG D 118 30.76 30.97 49.99
C ARG D 118 30.86 32.48 50.26
N ALA D 119 29.70 33.07 50.54
CA ALA D 119 29.62 34.50 50.81
C ALA D 119 30.32 34.85 52.10
N VAL D 120 30.04 34.09 53.15
CA VAL D 120 30.65 34.33 54.45
C VAL D 120 32.17 34.16 54.39
N SER D 121 32.63 33.20 53.61
CA SER D 121 34.07 32.95 53.48
C SER D 121 34.78 34.06 52.75
N ASN D 122 34.02 34.83 51.97
CA ASN D 122 34.60 35.96 51.24
C ASN D 122 34.32 37.29 51.90
N MET D 123 33.89 37.24 53.15
CA MET D 123 33.67 38.45 53.92
C MET D 123 35.01 38.99 54.38
N PRO D 124 35.12 40.31 54.50
CA PRO D 124 36.35 40.95 54.95
C PRO D 124 36.57 40.86 56.46
N THR D 125 36.85 39.66 56.97
CA THR D 125 37.17 39.48 58.39
C THR D 125 38.15 38.35 58.64
N SER D 126 38.44 38.14 59.92
CA SER D 126 39.43 37.15 60.37
C SER D 126 38.89 35.73 60.29
N ALA D 127 39.81 34.77 60.28
CA ALA D 127 39.45 33.37 60.07
C ALA D 127 38.47 32.89 61.14
N GLY D 128 38.67 33.34 62.37
CA GLY D 128 37.86 32.91 63.47
C GLY D 128 36.45 33.47 63.44
N GLN D 129 36.31 34.65 62.85
CA GLN D 129 35.02 35.31 62.76
C GLN D 129 34.20 34.67 61.65
N ILE D 130 34.90 34.30 60.58
CA ILE D 130 34.31 33.55 59.47
C ILE D 130 33.80 32.21 59.98
N LYS D 131 34.61 31.56 60.81
CA LYS D 131 34.24 30.28 61.39
C LYS D 131 32.96 30.38 62.20
N LEU D 132 32.86 31.40 63.06
CA LEU D 132 31.71 31.55 63.93
C LEU D 132 30.43 31.79 63.16
N MET D 133 30.50 32.58 62.10
CA MET D 133 29.32 32.82 61.26
C MET D 133 28.91 31.52 60.59
N LEU D 134 29.88 30.76 60.10
CA LEU D 134 29.60 29.46 59.51
C LEU D 134 28.95 28.50 60.51
N GLU D 135 29.29 28.67 61.79
CA GLU D 135 28.76 27.80 62.83
C GLU D 135 27.35 28.17 63.24
N ASN D 136 27.04 29.47 63.19
CA ASN D 136 25.71 29.96 63.54
C ASN D 136 24.97 30.59 62.38
N ARG D 137 25.12 30.01 61.19
CA ARG D 137 24.57 30.60 59.98
C ARG D 137 23.06 30.83 60.02
N ALA D 138 22.37 30.13 60.91
CA ALA D 138 20.94 30.36 61.13
C ALA D 138 20.70 31.82 61.51
N MET D 139 21.49 32.29 62.46
CA MET D 139 21.44 33.67 62.94
C MET D 139 21.79 34.67 61.86
N VAL D 140 22.80 34.32 61.07
CA VAL D 140 23.24 35.15 59.95
C VAL D 140 22.05 35.43 59.05
N ARG D 141 21.27 34.40 58.81
CA ARG D 141 20.11 34.51 57.95
C ARG D 141 19.04 35.43 58.51
N ARG D 142 18.78 35.33 59.81
CA ARG D 142 17.68 36.07 60.41
C ARG D 142 18.06 37.53 60.66
N LYS D 143 19.32 37.75 61.03
CA LYS D 143 19.81 39.12 61.26
C LYS D 143 20.01 39.81 59.90
N GLY D 144 19.96 39.02 58.83
CA GLY D 144 20.03 39.57 57.50
C GLY D 144 18.64 39.74 56.93
N PHE D 145 18.56 40.10 55.65
CA PHE D 145 17.28 40.26 54.98
C PHE D 145 17.43 40.37 53.46
N GLY D 146 16.31 40.37 52.75
CA GLY D 146 16.35 40.41 51.30
C GLY D 146 15.54 41.52 50.63
N ILE D 147 16.08 42.07 49.55
CA ILE D 147 15.41 43.17 48.84
C ILE D 147 15.20 42.89 47.36
N LEU D 148 13.94 42.98 46.92
CA LEU D 148 13.63 42.85 45.51
C LEU D 148 14.06 44.14 44.83
N ILE D 149 15.05 44.05 43.95
CA ILE D 149 15.54 45.23 43.26
C ILE D 149 14.64 45.55 42.08
N GLY D 150 14.30 44.55 41.28
CA GLY D 150 13.42 44.78 40.14
C GLY D 150 13.04 43.52 39.38
N VAL D 151 11.91 43.58 38.69
CA VAL D 151 11.54 42.54 37.72
C VAL D 151 11.73 43.04 36.30
N TYR D 152 12.70 42.49 35.58
CA TYR D 152 12.91 42.96 34.21
C TYR D 152 12.51 41.88 33.22
N GLY D 153 11.43 42.18 32.47
CA GLY D 153 10.88 41.22 31.55
C GLY D 153 10.37 40.01 32.31
N SER D 154 11.09 38.90 32.19
CA SER D 154 10.70 37.69 32.88
C SER D 154 11.72 37.29 33.95
N SER D 155 12.68 38.17 34.20
CA SER D 155 13.73 37.89 35.17
C SER D 155 13.52 38.67 36.46
N VAL D 156 13.79 38.03 37.60
CA VAL D 156 13.72 38.71 38.90
C VAL D 156 15.12 38.99 39.44
N ILE D 157 15.43 40.27 39.72
CA ILE D 157 16.72 40.66 40.31
C ILE D 157 16.54 41.15 41.72
N TYR D 158 17.26 40.55 42.66
CA TYR D 158 17.15 40.96 44.03
C TYR D 158 18.52 40.94 44.71
N MET D 159 18.60 41.57 45.87
CA MET D 159 19.84 41.62 46.61
C MET D 159 19.64 41.04 48.01
N VAL D 160 20.55 40.18 48.43
CA VAL D 160 20.56 39.76 49.82
C VAL D 160 21.64 40.51 50.58
N GLN D 161 21.30 40.86 51.81
CA GLN D 161 22.14 41.66 52.69
C GLN D 161 22.52 40.85 53.92
N LEU D 162 23.80 40.57 54.08
CA LEU D 162 24.29 39.75 55.19
C LEU D 162 25.02 40.55 56.25
N PRO D 163 24.79 40.21 57.52
CA PRO D 163 25.55 40.82 58.61
C PRO D 163 27.02 40.39 58.61
N ILE D 164 27.94 41.31 58.90
CA ILE D 164 29.32 40.93 59.08
C ILE D 164 29.64 40.98 60.57
N PHE D 165 29.84 39.82 61.18
CA PHE D 165 30.16 39.78 62.59
C PHE D 165 31.67 39.92 62.82
N GLY D 166 32.15 41.16 62.90
CA GLY D 166 33.57 41.42 63.04
C GLY D 166 34.08 41.33 64.46
N VAL D 167 33.21 41.59 65.43
CA VAL D 167 33.57 41.45 66.84
C VAL D 167 32.99 40.19 67.44
N ILE D 168 33.86 39.29 67.88
CA ILE D 168 33.41 38.05 68.47
C ILE D 168 34.19 37.69 69.71
N ASP D 169 33.56 36.92 70.59
CA ASP D 169 34.19 36.36 71.78
C ASP D 169 34.77 37.36 72.78
N THR D 170 34.10 38.50 72.96
CA THR D 170 34.49 39.42 74.02
C THR D 170 33.47 39.28 75.13
N PRO D 171 33.88 39.53 76.38
CA PRO D 171 33.03 39.32 77.56
C PRO D 171 31.67 40.03 77.49
N CYS D 172 30.65 39.32 77.98
CA CYS D 172 29.26 39.79 77.97
C CYS D 172 28.54 39.39 79.25
N TRP D 173 27.62 40.22 79.71
CA TRP D 173 26.87 39.93 80.91
C TRP D 173 25.52 40.64 80.86
N ILE D 174 24.60 40.21 81.73
CA ILE D 174 23.28 40.85 81.79
C ILE D 174 22.85 41.19 83.23
N VAL D 175 22.24 42.37 83.39
CA VAL D 175 21.80 42.87 84.69
C VAL D 175 20.27 42.92 84.83
N LYS D 176 19.78 42.33 85.91
CA LYS D 176 18.37 42.43 86.31
C LYS D 176 18.29 42.87 87.76
N ALA D 177 17.23 43.59 88.12
CA ALA D 177 17.08 44.05 89.49
C ALA D 177 15.60 44.23 89.82
N ALA D 178 15.30 44.21 91.12
CA ALA D 178 13.97 44.53 91.58
C ALA D 178 14.10 45.65 92.61
N PRO D 179 12.99 46.34 92.93
CA PRO D 179 13.11 47.39 93.94
C PRO D 179 13.57 46.89 95.30
N SER D 180 14.64 47.49 95.81
CA SER D 180 15.17 47.14 97.12
C SER D 180 14.63 48.16 98.13
N CYS D 181 13.51 47.82 98.74
CA CYS D 181 12.81 48.73 99.64
C CYS D 181 13.21 48.50 101.09
N SER D 182 13.52 49.58 101.80
CA SER D 182 13.90 49.48 103.20
C SER D 182 12.87 50.18 104.07
N GLU D 183 12.65 49.65 105.27
CA GLU D 183 11.65 50.23 106.17
C GLU D 183 12.19 50.49 107.59
N LYS D 184 11.98 51.71 108.11
CA LYS D 184 12.20 52.03 109.52
C LYS D 184 11.07 52.92 110.06
N LYS D 185 10.31 52.40 111.02
CA LYS D 185 9.17 53.08 111.64
C LYS D 185 8.05 53.38 110.64
N GLY D 186 7.67 52.35 109.88
CA GLY D 186 6.54 52.41 108.97
C GLY D 186 6.70 53.26 107.71
N ASN D 187 7.93 53.69 107.44
CA ASN D 187 8.20 54.47 106.23
C ASN D 187 9.16 53.76 105.28
N TYR D 188 8.93 53.92 103.98
CA TYR D 188 9.68 53.16 103.02
C TYR D 188 10.67 53.97 102.20
N ALA D 189 11.87 53.44 102.11
CA ALA D 189 12.89 53.97 101.21
C ALA D 189 13.23 52.90 100.20
N CYS D 190 12.88 53.13 98.94
CA CYS D 190 13.06 52.12 97.90
C CYS D 190 13.98 52.59 96.79
N LEU D 191 15.17 51.99 96.70
CA LEU D 191 16.06 52.26 95.58
C LEU D 191 15.92 51.14 94.53
N LEU D 192 16.07 51.50 93.26
CA LEU D 192 15.97 50.53 92.19
C LEU D 192 16.99 50.84 91.10
N ARG D 193 17.86 49.88 90.83
CA ARG D 193 18.84 50.05 89.77
C ARG D 193 18.13 50.30 88.47
N GLU D 194 18.65 51.21 87.66
CA GLU D 194 18.11 51.45 86.32
C GLU D 194 19.10 51.15 85.20
N ASP D 195 20.22 50.53 85.54
CA ASP D 195 21.25 50.11 84.59
C ASP D 195 20.90 48.80 83.89
N GLN D 196 19.73 48.23 84.17
CA GLN D 196 19.39 46.86 83.74
C GLN D 196 19.52 46.60 82.23
N GLY D 197 20.05 45.44 81.85
CA GLY D 197 20.18 45.12 80.45
C GLY D 197 21.40 44.30 80.05
N TRP D 198 21.74 44.34 78.76
CA TRP D 198 22.87 43.57 78.24
C TRP D 198 24.11 44.45 78.16
N TYR D 199 25.24 43.91 78.60
CA TYR D 199 26.52 44.58 78.46
C TYR D 199 27.50 43.68 77.70
N CYS D 200 28.09 44.27 76.68
CA CYS D 200 29.11 43.63 75.88
C CYS D 200 30.35 44.49 75.88
N GLN D 201 31.49 43.90 76.23
CA GLN D 201 32.70 44.67 76.26
C GLN D 201 33.30 44.73 74.86
N ASN D 202 33.74 45.91 74.46
CA ASN D 202 34.28 46.12 73.12
C ASN D 202 35.61 46.84 73.26
N ALA D 203 36.31 47.03 72.15
CA ALA D 203 37.58 47.74 72.18
C ALA D 203 37.38 49.21 72.54
N GLY D 204 37.97 49.62 73.64
CA GLY D 204 37.95 51.02 74.03
C GLY D 204 36.66 51.48 74.69
N SER D 205 35.71 50.56 74.80
CA SER D 205 34.42 50.90 75.40
C SER D 205 33.59 49.68 75.80
N THR D 206 32.49 49.94 76.50
CA THR D 206 31.54 48.90 76.82
C THR D 206 30.18 49.29 76.23
N VAL D 207 29.54 48.34 75.55
CA VAL D 207 28.24 48.60 74.93
C VAL D 207 27.09 48.10 75.80
N TYR D 208 26.05 48.94 75.90
CA TYR D 208 24.90 48.62 76.73
C TYR D 208 23.65 48.50 75.91
N TYR D 209 22.99 47.38 76.05
CA TYR D 209 21.74 47.14 75.34
C TYR D 209 20.65 47.09 76.38
N PRO D 210 19.81 48.13 76.42
CA PRO D 210 18.87 48.44 77.50
C PRO D 210 17.73 47.43 77.68
N ASN D 211 17.24 46.85 76.58
CA ASN D 211 16.15 45.87 76.67
C ASN D 211 16.69 44.47 76.44
N GLU D 212 16.11 43.48 77.09
CA GLU D 212 16.64 42.12 76.99
C GLU D 212 16.44 41.53 75.58
N LYS D 213 15.38 41.97 74.90
CA LYS D 213 15.08 41.49 73.56
C LYS D 213 16.11 41.97 72.54
N ASP D 214 16.96 42.93 72.90
CA ASP D 214 17.91 43.49 71.94
C ASP D 214 19.07 42.56 71.59
N CYS D 215 19.23 41.51 72.37
CA CYS D 215 20.29 40.55 72.13
C CYS D 215 19.73 39.14 72.15
N GLU D 216 20.17 38.31 71.21
CA GLU D 216 19.60 36.99 71.10
C GLU D 216 20.61 35.95 71.57
N THR D 217 20.11 35.00 72.34
CA THR D 217 20.95 34.00 72.98
C THR D 217 20.97 32.69 72.22
N ARG D 218 22.17 32.26 71.82
CA ARG D 218 22.32 30.93 71.26
C ARG D 218 23.53 30.25 71.90
N GLY D 219 23.27 29.44 72.91
CA GLY D 219 24.35 28.87 73.67
C GLY D 219 24.97 30.00 74.46
N ASP D 220 26.30 30.02 74.54
CA ASP D 220 27.01 31.05 75.29
C ASP D 220 27.14 32.36 74.52
N HIS D 221 26.86 32.31 73.22
CA HIS D 221 27.03 33.48 72.39
C HIS D 221 25.81 34.40 72.38
N VAL D 222 26.08 35.70 72.36
CA VAL D 222 25.03 36.70 72.39
C VAL D 222 25.08 37.60 71.16
N PHE D 223 24.05 37.49 70.34
CA PHE D 223 23.97 38.22 69.10
C PHE D 223 23.18 39.52 69.29
N CYS D 224 23.90 40.63 69.33
CA CYS D 224 23.31 41.89 69.74
C CYS D 224 23.05 42.85 68.58
N ASP D 225 21.86 43.44 68.59
CA ASP D 225 21.45 44.38 67.56
C ASP D 225 22.22 45.69 67.73
N THR D 226 22.99 46.07 66.71
CA THR D 226 23.89 47.23 66.80
C THR D 226 23.17 48.56 67.04
N ALA D 227 22.01 48.75 66.43
CA ALA D 227 21.26 50.00 66.55
C ALA D 227 20.83 50.30 67.99
N ALA D 228 20.44 49.24 68.70
CA ALA D 228 19.98 49.35 70.07
C ALA D 228 21.08 49.76 71.04
N GLY D 229 22.33 49.48 70.66
CA GLY D 229 23.49 49.70 71.51
C GLY D 229 23.79 51.14 71.94
N ILE D 230 24.14 51.29 73.22
CA ILE D 230 24.57 52.56 73.79
C ILE D 230 25.94 52.40 74.44
N ASN D 231 26.89 53.27 74.07
CA ASN D 231 28.24 53.20 74.62
C ASN D 231 28.41 53.82 76.00
N VAL D 232 28.91 53.04 76.93
CA VAL D 232 29.11 53.51 78.31
C VAL D 232 30.55 53.32 78.75
N ALA D 233 30.95 54.11 79.74
CA ALA D 233 32.31 54.01 80.25
C ALA D 233 32.51 52.63 80.86
N GLU D 234 33.73 52.14 80.75
CA GLU D 234 34.09 50.82 81.23
C GLU D 234 33.89 50.71 82.75
N GLN D 235 34.06 51.82 83.46
CA GLN D 235 33.86 51.85 84.91
C GLN D 235 32.42 51.55 85.33
N SER D 236 31.49 51.52 84.39
CA SER D 236 30.10 51.32 84.74
C SER D 236 29.91 49.95 85.39
N LYS D 237 30.78 49.03 85.05
CA LYS D 237 30.72 47.67 85.59
C LYS D 237 30.97 47.68 87.11
N GLU D 238 31.52 48.78 87.60
CA GLU D 238 31.84 48.93 89.01
C GLU D 238 30.58 48.97 89.89
N CYS D 239 29.43 49.22 89.25
CA CYS D 239 28.16 49.29 89.96
C CYS D 239 27.73 47.94 90.52
N ASN D 240 28.38 46.88 90.06
CA ASN D 240 28.01 45.55 90.51
C ASN D 240 28.85 45.12 91.70
N ILE D 241 29.62 46.05 92.25
CA ILE D 241 30.34 45.78 93.49
C ILE D 241 29.80 46.67 94.60
N ASN D 242 29.91 47.97 94.43
CA ASN D 242 29.37 48.93 95.40
C ASN D 242 28.48 49.91 94.64
N ILE D 243 27.19 49.94 94.97
CA ILE D 243 26.26 50.83 94.28
C ILE D 243 26.60 52.30 94.51
N SER D 244 27.08 52.59 95.72
CA SER D 244 27.40 53.95 96.12
C SER D 244 28.82 54.32 95.74
N THR D 245 29.31 53.76 94.64
CA THR D 245 30.65 54.11 94.18
C THR D 245 30.65 55.51 93.60
N THR D 246 31.67 56.28 93.93
CA THR D 246 31.80 57.66 93.45
C THR D 246 32.54 57.70 92.12
N ASN D 247 33.09 56.57 91.73
CA ASN D 247 33.85 56.49 90.49
C ASN D 247 32.94 56.60 89.26
N TYR D 248 31.72 56.07 89.36
CA TYR D 248 30.72 56.17 88.28
C TYR D 248 29.37 56.65 88.81
N PRO D 249 28.67 57.50 88.04
CA PRO D 249 27.34 57.95 88.43
C PRO D 249 26.32 56.82 88.32
N CYS D 250 26.29 55.90 89.27
CA CYS D 250 25.40 54.73 89.14
C CYS D 250 23.94 55.13 88.96
N LYS D 251 23.34 54.67 87.87
CA LYS D 251 21.97 55.04 87.54
C LYS D 251 21.03 54.26 88.45
N VAL D 252 20.48 54.97 89.42
CA VAL D 252 19.60 54.35 90.41
C VAL D 252 18.46 55.31 90.76
N SER D 253 17.25 54.77 90.79
CA SER D 253 16.06 55.56 91.09
C SER D 253 15.58 55.30 92.52
N THR D 254 15.00 56.32 93.13
CA THR D 254 14.53 56.16 94.50
C THR D 254 13.02 56.28 94.55
N GLY D 255 12.43 55.58 95.51
CA GLY D 255 11.00 55.62 95.68
C GLY D 255 10.59 55.71 97.13
N ARG D 256 9.34 56.13 97.33
CA ARG D 256 8.79 56.31 98.66
C ARG D 256 7.72 55.24 98.93
N HIS D 257 7.42 54.44 97.91
CA HIS D 257 6.37 53.43 97.99
C HIS D 257 6.91 52.05 97.63
N PRO D 258 6.37 51.01 98.27
CA PRO D 258 6.81 49.63 98.04
C PRO D 258 6.26 49.06 96.73
N ILE D 259 7.10 48.29 96.05
CA ILE D 259 6.71 47.66 94.80
C ILE D 259 7.05 46.19 94.87
N SER D 260 6.02 45.35 94.94
CA SER D 260 6.21 43.91 95.02
C SER D 260 6.12 43.27 93.64
N MET D 261 7.15 42.51 93.27
CA MET D 261 7.25 41.99 91.92
C MET D 261 8.20 40.81 91.78
N VAL D 262 8.17 40.20 90.61
CA VAL D 262 9.10 39.12 90.26
C VAL D 262 9.88 39.48 89.00
N ALA D 263 11.20 39.43 89.09
CA ALA D 263 12.07 39.69 87.95
C ALA D 263 12.87 38.45 87.63
N LEU D 264 12.76 37.95 86.40
CA LEU D 264 13.42 36.70 86.04
C LEU D 264 14.86 36.88 85.56
N SER D 265 15.74 36.02 86.09
CA SER D 265 17.14 35.96 85.65
C SER D 265 17.35 34.75 84.76
N PRO D 266 18.46 34.74 84.00
CA PRO D 266 18.80 33.55 83.24
C PRO D 266 18.82 32.27 84.10
N LEU D 267 19.54 32.28 85.22
CA LEU D 267 19.63 31.07 86.01
C LEU D 267 18.73 31.09 87.25
N GLY D 268 17.95 32.16 87.41
CA GLY D 268 17.07 32.25 88.56
C GLY D 268 16.06 33.38 88.48
N ALA D 269 15.75 33.97 89.64
CA ALA D 269 14.77 35.04 89.71
C ALA D 269 14.90 35.83 91.00
N LEU D 270 14.64 37.13 90.90
CA LEU D 270 14.57 38.03 92.03
C LEU D 270 13.14 38.24 92.45
N VAL D 271 12.89 38.10 93.75
CA VAL D 271 11.55 38.29 94.28
C VAL D 271 11.54 39.48 95.24
N ALA D 272 10.54 40.34 95.12
CA ALA D 272 10.40 41.45 96.05
C ALA D 272 9.06 41.38 96.80
N CYS D 273 9.11 41.00 98.07
CA CYS D 273 7.92 40.90 98.92
C CYS D 273 7.90 42.03 99.92
N TYR D 274 6.91 42.90 99.79
CA TYR D 274 6.74 44.03 100.68
C TYR D 274 5.27 44.22 101.00
N LYS D 275 4.96 44.73 102.19
CA LYS D 275 3.59 45.12 102.55
C LYS D 275 2.60 43.95 102.40
N GLY D 276 1.42 44.23 101.86
CA GLY D 276 0.36 43.24 101.77
C GLY D 276 0.41 42.32 100.56
N VAL D 277 1.41 41.45 100.53
CA VAL D 277 1.46 40.42 99.51
C VAL D 277 1.93 39.11 100.12
N SER D 278 1.41 38.00 99.60
CA SER D 278 1.81 36.68 100.06
C SER D 278 2.68 36.06 98.98
N CYS D 279 3.98 36.29 99.07
CA CYS D 279 4.89 35.75 98.06
C CYS D 279 5.33 34.36 98.50
N SER D 280 5.16 33.38 97.62
CA SER D 280 5.54 32.02 97.96
C SER D 280 6.27 31.34 96.83
N ILE D 281 6.98 30.29 97.19
CA ILE D 281 7.73 29.50 96.25
C ILE D 281 7.07 28.15 96.03
N GLY D 282 6.90 27.77 94.78
CA GLY D 282 6.26 26.51 94.48
C GLY D 282 7.01 25.66 93.49
N SER D 283 6.47 24.45 93.31
CA SER D 283 6.99 23.52 92.33
C SER D 283 5.83 23.11 91.44
N ASN D 284 6.16 22.48 90.32
CA ASN D 284 5.14 21.95 89.42
C ASN D 284 4.53 20.67 89.97
N ARG D 285 5.36 19.84 90.63
CA ARG D 285 4.88 18.57 91.19
C ARG D 285 4.23 18.80 92.56
N VAL D 286 4.99 19.35 93.49
CA VAL D 286 4.46 19.68 94.81
C VAL D 286 3.95 21.14 94.80
N GLY D 287 2.92 21.46 95.60
CA GLY D 287 2.24 22.73 95.47
C GLY D 287 2.91 24.00 95.98
N ILE D 288 3.27 24.00 97.26
CA ILE D 288 3.98 25.14 97.84
C ILE D 288 5.15 24.55 98.62
N ILE D 289 6.31 25.17 98.52
CA ILE D 289 7.48 24.59 99.16
C ILE D 289 8.10 25.51 100.22
N LYS D 290 7.84 26.82 100.10
CA LYS D 290 8.34 27.77 101.09
C LYS D 290 7.68 29.13 100.89
N GLN D 291 7.24 29.74 101.98
CA GLN D 291 6.79 31.13 101.93
C GLN D 291 8.01 32.01 102.09
N LEU D 292 8.13 33.05 101.27
CA LEU D 292 9.30 33.92 101.32
C LEU D 292 9.14 35.04 102.36
N ASN D 293 10.23 35.33 103.07
CA ASN D 293 10.25 36.45 104.02
C ASN D 293 10.19 37.79 103.30
N LYS D 294 9.66 38.79 103.98
CA LYS D 294 9.59 40.12 103.41
C LYS D 294 10.98 40.65 103.10
N GLY D 295 11.13 41.22 101.91
CA GLY D 295 12.39 41.74 101.44
C GLY D 295 12.73 41.13 100.10
N CYS D 296 13.96 41.30 99.67
CA CYS D 296 14.37 40.81 98.36
C CYS D 296 15.02 39.43 98.42
N SER D 297 14.43 38.48 97.71
CA SER D 297 14.96 37.12 97.68
C SER D 297 15.38 36.76 96.25
N TYR D 298 16.48 36.00 96.18
CA TYR D 298 16.96 35.45 94.93
C TYR D 298 16.93 33.95 95.02
N ILE D 299 16.25 33.31 94.08
CA ILE D 299 16.18 31.87 94.07
C ILE D 299 16.61 31.37 92.69
N THR D 300 17.09 30.13 92.64
CA THR D 300 17.61 29.54 91.42
C THR D 300 16.50 28.78 90.68
N ASN D 301 16.64 28.66 89.37
CA ASN D 301 15.72 27.85 88.58
C ASN D 301 15.74 26.39 89.02
N GLN D 302 16.80 26.01 89.71
CA GLN D 302 16.92 24.65 90.22
C GLN D 302 16.57 24.58 91.71
N ASP D 303 16.21 25.73 92.28
CA ASP D 303 15.71 25.81 93.66
C ASP D 303 14.21 25.60 93.71
N ALA D 304 13.54 26.07 92.68
CA ALA D 304 12.09 25.96 92.55
C ALA D 304 11.68 26.09 91.10
N ASP D 305 10.38 26.04 90.85
CA ASP D 305 9.86 26.15 89.50
C ASP D 305 8.86 27.29 89.40
N THR D 306 8.53 27.87 90.54
CA THR D 306 7.44 28.83 90.61
C THR D 306 7.60 29.85 91.73
N VAL D 307 7.31 31.11 91.39
CA VAL D 307 7.14 32.15 92.40
C VAL D 307 5.69 32.64 92.34
N THR D 308 5.04 32.67 93.50
CA THR D 308 3.64 33.11 93.56
C THR D 308 3.52 34.43 94.32
N ILE D 309 2.79 35.38 93.74
CA ILE D 309 2.48 36.66 94.38
C ILE D 309 0.97 36.75 94.58
N ASP D 310 0.53 36.60 95.83
CA ASP D 310 -0.89 36.44 96.13
C ASP D 310 -1.43 35.24 95.37
N ASN D 311 -2.31 35.49 94.41
CA ASN D 311 -2.87 34.41 93.60
C ASN D 311 -2.33 34.40 92.17
N THR D 312 -1.30 35.21 91.92
CA THR D 312 -0.64 35.25 90.62
C THR D 312 0.55 34.30 90.57
N VAL D 313 0.54 33.34 89.67
CA VAL D 313 1.63 32.37 89.63
C VAL D 313 2.60 32.66 88.49
N TYR D 314 3.87 32.89 88.83
CA TYR D 314 4.91 33.16 87.85
C TYR D 314 5.78 31.93 87.59
N GLN D 315 5.98 31.61 86.32
CA GLN D 315 6.81 30.48 85.95
C GLN D 315 8.25 30.91 85.76
N LEU D 316 9.15 30.14 86.35
CA LEU D 316 10.58 30.43 86.31
C LEU D 316 11.21 29.81 85.08
N SER D 317 10.62 28.69 84.66
CA SER D 317 11.12 27.95 83.52
C SER D 317 10.00 27.71 82.53
N LYS D 318 10.38 27.24 81.36
CA LYS D 318 9.42 26.84 80.36
C LYS D 318 8.75 25.54 80.81
N VAL D 319 7.44 25.46 80.65
CA VAL D 319 6.71 24.25 81.00
C VAL D 319 6.54 23.33 79.80
N GLU D 320 7.15 22.17 79.87
CA GLU D 320 7.14 21.23 78.77
C GLU D 320 5.81 20.46 78.73
N GLY D 321 5.12 20.50 77.58
CA GLY D 321 3.81 19.89 77.43
C GLY D 321 3.84 18.57 76.66
N GLU D 322 2.78 18.25 75.91
CA GLU D 322 2.74 17.01 75.14
C GLU D 322 3.87 16.90 74.12
N GLN D 323 3.91 15.76 73.44
CA GLN D 323 4.96 15.53 72.47
C GLN D 323 4.40 14.66 71.35
N HIS D 324 4.17 15.28 70.20
CA HIS D 324 3.46 14.60 69.11
C HIS D 324 4.34 14.07 68.00
N VAL D 325 3.81 13.06 67.31
CA VAL D 325 4.42 12.50 66.11
C VAL D 325 3.35 12.18 65.06
N ILE D 326 3.54 12.73 63.85
CA ILE D 326 2.55 12.66 62.78
C ILE D 326 3.17 12.17 61.47
N LYS D 327 2.52 11.22 60.81
CA LYS D 327 2.99 10.76 59.51
C LYS D 327 1.84 10.80 58.51
N GLY D 328 2.16 11.19 57.29
CA GLY D 328 1.18 11.29 56.22
C GLY D 328 0.66 9.97 55.67
N ARG D 329 -0.45 10.04 54.95
CA ARG D 329 -1.03 8.91 54.25
C ARG D 329 -0.07 8.40 53.17
N PRO D 330 0.05 7.08 53.00
CA PRO D 330 0.95 6.52 51.98
C PRO D 330 0.45 6.73 50.55
N VAL D 331 1.36 7.00 49.62
CA VAL D 331 1.01 7.16 48.22
C VAL D 331 1.38 5.91 47.44
N SER D 332 0.43 5.39 46.67
CA SER D 332 0.64 4.14 45.95
C SER D 332 0.51 4.32 44.44
N SER D 333 1.02 3.34 43.69
CA SER D 333 0.90 3.37 42.26
C SER D 333 -0.34 2.61 41.87
N SER D 334 -1.04 3.09 40.83
CA SER D 334 -2.28 2.45 40.39
C SER D 334 -2.08 1.81 39.02
N PHE D 335 -0.82 1.46 38.74
CA PHE D 335 -0.44 0.97 37.42
C PHE D 335 -0.88 -0.46 37.22
N ASP D 336 -1.79 -0.64 36.27
CA ASP D 336 -2.34 -1.95 35.96
C ASP D 336 -2.42 -2.14 34.45
N PRO D 337 -1.33 -2.61 33.83
CA PRO D 337 -1.22 -2.63 32.37
C PRO D 337 -2.21 -3.59 31.77
N VAL D 338 -2.54 -3.41 30.50
CA VAL D 338 -3.44 -4.33 29.82
C VAL D 338 -2.62 -5.18 28.85
N LYS D 339 -2.88 -6.48 28.87
CA LYS D 339 -2.16 -7.45 28.05
C LYS D 339 -3.12 -8.24 27.19
N PHE D 340 -2.68 -8.53 25.97
CA PHE D 340 -3.45 -9.30 25.02
C PHE D 340 -3.06 -10.77 24.95
N PRO D 341 -4.06 -11.66 25.00
CA PRO D 341 -3.83 -13.10 24.92
C PRO D 341 -3.42 -13.56 23.50
N GLU D 342 -2.14 -13.41 23.17
CA GLU D 342 -1.68 -13.60 21.78
C GLU D 342 -1.47 -15.05 21.31
N ASP D 343 -1.09 -15.95 22.21
CA ASP D 343 -0.76 -17.31 21.83
C ASP D 343 -1.91 -18.15 21.21
N GLN D 344 -3.04 -18.21 21.90
CA GLN D 344 -4.22 -18.98 21.45
C GLN D 344 -4.79 -18.48 20.10
N PHE D 345 -4.69 -17.17 19.92
CA PHE D 345 -5.13 -16.48 18.71
C PHE D 345 -4.31 -16.82 17.48
N ASN D 346 -2.99 -16.68 17.60
CA ASN D 346 -2.12 -16.88 16.45
C ASN D 346 -2.15 -18.30 15.90
N VAL D 347 -2.49 -19.26 16.76
CA VAL D 347 -2.65 -20.64 16.31
C VAL D 347 -3.83 -20.73 15.35
N ALA D 348 -4.85 -19.92 15.61
CA ALA D 348 -6.03 -19.83 14.77
C ALA D 348 -5.70 -19.21 13.40
N LEU D 349 -4.77 -18.27 13.35
CA LEU D 349 -4.40 -17.68 12.07
C LEU D 349 -3.59 -18.68 11.22
N ASP D 350 -2.67 -19.38 11.88
CA ASP D 350 -1.93 -20.46 11.26
C ASP D 350 -2.90 -21.50 10.74
N GLN D 351 -3.93 -21.73 11.56
CA GLN D 351 -5.03 -22.62 11.24
C GLN D 351 -5.65 -22.16 9.92
N VAL D 352 -5.87 -20.84 9.81
CA VAL D 352 -6.48 -20.26 8.62
C VAL D 352 -5.59 -20.41 7.39
N PHE D 353 -4.32 -20.07 7.52
CA PHE D 353 -3.40 -20.15 6.39
C PHE D 353 -3.21 -21.56 5.86
N GLU D 354 -3.38 -22.58 6.69
CA GLU D 354 -3.25 -23.94 6.17
C GLU D 354 -4.48 -24.41 5.43
N SER D 355 -5.66 -24.07 5.94
CA SER D 355 -6.90 -24.45 5.27
C SER D 355 -7.00 -23.78 3.90
N ILE D 356 -6.43 -22.60 3.74
CA ILE D 356 -6.37 -22.00 2.41
C ILE D 356 -5.44 -22.78 1.50
N GLU D 357 -4.23 -23.11 1.96
CA GLU D 357 -3.29 -23.87 1.14
C GLU D 357 -3.70 -25.34 0.98
N ASN D 358 -4.35 -25.93 1.98
CA ASN D 358 -4.87 -27.28 1.82
C ASN D 358 -5.95 -27.27 0.75
N SER D 359 -6.83 -26.26 0.81
CA SER D 359 -7.89 -26.07 -0.18
C SER D 359 -7.31 -25.78 -1.56
N GLN D 360 -6.29 -24.92 -1.60
CA GLN D 360 -5.59 -24.57 -2.81
C GLN D 360 -4.92 -25.79 -3.44
N ALA D 361 -4.43 -26.69 -2.60
CA ALA D 361 -3.77 -27.90 -3.07
C ALA D 361 -4.81 -28.82 -3.68
N LEU D 362 -6.04 -28.73 -3.19
CA LEU D 362 -7.13 -29.55 -3.67
C LEU D 362 -7.63 -29.11 -5.05
N VAL D 363 -7.64 -27.81 -5.30
CA VAL D 363 -8.11 -27.30 -6.59
C VAL D 363 -7.06 -27.52 -7.67
N ASP D 364 -5.85 -27.80 -7.24
CA ASP D 364 -4.77 -28.11 -8.17
C ASP D 364 -4.92 -29.56 -8.62
N GLN D 365 -5.31 -30.41 -7.68
CA GLN D 365 -5.64 -31.82 -7.94
C GLN D 365 -6.86 -31.97 -8.87
N SER D 366 -7.87 -31.15 -8.62
CA SER D 366 -9.09 -31.20 -9.39
C SER D 366 -8.74 -30.94 -10.83
N ASN D 367 -7.88 -29.94 -11.05
CA ASN D 367 -7.42 -29.59 -12.37
C ASN D 367 -6.46 -30.61 -12.96
N ARG D 368 -5.65 -31.23 -12.11
CA ARG D 368 -4.74 -32.30 -12.55
C ARG D 368 -5.52 -33.44 -13.20
N ILE D 369 -6.55 -33.91 -12.50
CA ILE D 369 -7.40 -34.98 -13.02
C ILE D 369 -8.07 -34.58 -14.34
N LEU D 370 -8.43 -33.31 -14.44
CA LEU D 370 -9.06 -32.74 -15.64
C LEU D 370 -8.13 -32.66 -16.84
N SER D 371 -6.83 -32.62 -16.59
CA SER D 371 -5.83 -32.59 -17.67
C SER D 371 -5.50 -34.03 -18.13
N SER D 372 -6.45 -34.93 -17.89
CA SER D 372 -6.40 -36.29 -18.38
C SER D 372 -7.81 -36.90 -18.39
N LEU E 1 22.13 65.48 49.09
CA LEU E 1 21.98 65.77 50.51
C LEU E 1 23.18 66.53 51.01
N LYS E 2 23.05 67.18 52.16
CA LYS E 2 24.17 67.90 52.75
C LYS E 2 24.28 67.55 54.21
N GLU E 3 25.47 67.07 54.57
CA GLU E 3 25.75 66.64 55.93
C GLU E 3 26.80 67.54 56.53
N SER E 4 26.44 68.22 57.61
CA SER E 4 27.31 69.23 58.22
C SER E 4 27.93 68.71 59.51
N TYR E 5 29.24 68.92 59.67
CA TYR E 5 29.92 68.45 60.85
C TYR E 5 29.94 69.55 61.91
N LEU E 6 29.41 69.19 63.08
CA LEU E 6 29.28 70.14 64.15
C LEU E 6 30.38 69.89 65.18
N GLU E 7 31.46 70.67 65.09
CA GLU E 7 32.66 70.40 65.87
C GLU E 7 32.46 70.73 67.33
N GLU E 8 31.44 71.51 67.65
CA GLU E 8 31.29 71.95 69.01
C GLU E 8 30.76 70.85 69.88
N SER E 9 29.90 70.01 69.32
CA SER E 9 29.24 68.96 70.07
C SER E 9 29.57 67.56 69.59
N CYS E 10 30.59 67.45 68.76
CA CYS E 10 30.99 66.16 68.19
C CYS E 10 29.80 65.43 67.57
N SER E 11 28.99 66.17 66.83
CA SER E 11 27.81 65.61 66.23
C SER E 11 27.73 65.99 64.76
N THR E 12 26.83 65.33 64.05
CA THR E 12 26.63 65.58 62.64
C THR E 12 25.14 65.74 62.39
N ILE E 13 24.80 66.77 61.63
CA ILE E 13 23.44 66.86 61.16
C ILE E 13 23.41 66.59 59.65
N THR E 14 22.48 65.74 59.22
CA THR E 14 22.33 65.45 57.81
C THR E 14 20.93 65.82 57.37
N GLU E 15 20.80 66.88 56.57
CA GLU E 15 19.50 67.40 56.15
C GLU E 15 19.31 67.30 54.64
N GLY E 16 18.07 67.55 54.21
CA GLY E 16 17.70 67.48 52.80
C GLY E 16 16.69 66.37 52.53
N TYR E 17 16.29 65.68 53.58
CA TYR E 17 15.27 64.66 53.49
C TYR E 17 13.88 65.30 53.37
N LEU E 18 12.92 64.56 52.82
CA LEU E 18 11.55 65.07 52.69
C LEU E 18 10.56 64.15 53.38
N SER E 19 9.56 64.73 54.03
CA SER E 19 8.71 63.95 54.93
C SER E 19 7.62 63.16 54.23
N VAL E 20 7.30 62.01 54.83
CA VAL E 20 6.11 61.26 54.51
C VAL E 20 5.51 60.84 55.86
N LEU E 21 4.44 61.50 56.28
CA LEU E 21 3.88 61.29 57.61
C LEU E 21 2.46 60.71 57.52
N ARG E 22 2.19 59.66 58.29
CA ARG E 22 0.86 59.05 58.27
C ARG E 22 -0.15 59.86 59.09
N THR E 23 -1.28 60.22 58.47
CA THR E 23 -2.29 61.03 59.12
C THR E 23 -3.56 60.25 59.37
N GLY E 24 -3.65 59.07 58.76
CA GLY E 24 -4.80 58.19 58.95
C GLY E 24 -4.71 56.77 58.39
N TRP E 25 -5.82 56.06 58.50
CA TRP E 25 -5.95 54.73 57.95
C TRP E 25 -7.17 54.67 57.02
N TYR E 26 -7.00 54.05 55.84
CA TYR E 26 -8.04 53.88 54.85
C TYR E 26 -8.25 52.39 54.69
N THR E 27 -9.49 51.90 54.75
CA THR E 27 -9.70 50.45 54.75
C THR E 27 -10.59 49.94 53.64
N ASN E 28 -10.14 48.87 52.97
CA ASN E 28 -10.99 48.13 52.05
C ASN E 28 -11.28 46.71 52.58
N VAL E 29 -12.49 46.22 52.32
CA VAL E 29 -12.89 44.88 52.73
C VAL E 29 -13.04 43.97 51.51
N PHE E 30 -12.47 42.77 51.59
CA PHE E 30 -12.54 41.81 50.50
C PHE E 30 -13.32 40.55 50.88
N THR E 31 -14.03 39.99 49.89
CA THR E 31 -14.73 38.73 50.07
C THR E 31 -14.28 37.75 48.99
N LEU E 32 -13.57 36.71 49.39
CA LEU E 32 -13.12 35.74 48.42
C LEU E 32 -13.95 34.47 48.52
N GLU E 33 -14.47 34.03 47.39
CA GLU E 33 -15.21 32.79 47.34
C GLU E 33 -14.48 31.81 46.45
N VAL E 34 -14.64 30.52 46.75
CA VAL E 34 -14.10 29.50 45.89
C VAL E 34 -15.03 29.39 44.70
N GLY E 35 -14.46 29.19 43.52
CA GLY E 35 -15.24 28.99 42.30
C GLY E 35 -16.00 27.68 42.32
N ASP E 36 -17.04 27.58 41.49
CA ASP E 36 -17.83 26.35 41.42
C ASP E 36 -16.98 25.22 40.81
N VAL E 37 -17.12 23.99 41.30
CA VAL E 37 -16.44 22.85 40.64
C VAL E 37 -17.44 21.73 40.37
N GLU E 38 -17.38 21.22 39.14
CA GLU E 38 -18.29 20.18 38.66
C GLU E 38 -18.06 18.85 39.39
N ASN E 39 -19.12 18.08 39.53
CA ASN E 39 -19.06 16.76 40.15
C ASN E 39 -18.47 15.71 39.18
N LEU E 40 -17.41 15.02 39.60
CA LEU E 40 -16.78 14.01 38.76
C LEU E 40 -17.43 12.65 38.96
N THR E 41 -18.43 12.34 38.15
CA THR E 41 -19.22 11.13 38.37
C THR E 41 -18.72 9.98 37.50
N CYS E 42 -17.54 10.13 36.91
CA CYS E 42 -16.98 9.07 36.08
C CYS E 42 -16.14 8.13 36.95
N ALA E 43 -15.85 8.60 38.16
CA ALA E 43 -15.03 7.86 39.11
C ALA E 43 -15.86 7.42 40.31
N ASP E 44 -15.32 6.47 41.06
CA ASP E 44 -16.00 5.95 42.23
C ASP E 44 -15.14 6.18 43.47
N GLY E 45 -15.66 6.98 44.39
CA GLY E 45 -15.02 7.15 45.68
C GLY E 45 -13.86 8.12 45.63
N PRO E 46 -12.66 7.64 46.02
CA PRO E 46 -11.45 8.46 46.17
C PRO E 46 -10.92 9.05 44.87
N SER E 47 -11.38 10.26 44.53
CA SER E 47 -10.86 11.00 43.40
C SER E 47 -9.81 11.94 43.92
N LEU E 48 -8.95 12.39 43.01
CA LEU E 48 -7.90 13.33 43.33
C LEU E 48 -8.45 14.72 43.63
N ILE E 49 -9.58 15.06 43.04
CA ILE E 49 -10.15 16.37 43.34
C ILE E 49 -11.04 16.34 44.59
N LYS E 50 -11.69 15.21 44.90
CA LYS E 50 -12.45 15.15 46.15
C LYS E 50 -11.49 15.26 47.31
N THR E 51 -10.33 14.61 47.17
CA THR E 51 -9.33 14.67 48.22
C THR E 51 -8.69 16.06 48.18
N GLU E 52 -8.76 16.72 47.03
CA GLU E 52 -8.29 18.10 46.96
C GLU E 52 -9.30 19.06 47.56
N LEU E 53 -10.59 18.78 47.42
CA LEU E 53 -11.62 19.65 47.99
C LEU E 53 -11.71 19.50 49.50
N ASP E 54 -11.72 18.28 49.99
CA ASP E 54 -11.82 18.03 51.42
C ASP E 54 -10.61 18.52 52.20
N LEU E 55 -9.53 18.75 51.47
CA LEU E 55 -8.32 19.32 52.04
C LEU E 55 -8.50 20.83 52.19
N THR E 56 -9.03 21.46 51.15
CA THR E 56 -9.27 22.91 51.17
C THR E 56 -10.53 23.25 51.99
N LYS E 57 -11.44 22.30 52.11
CA LYS E 57 -12.60 22.49 52.99
C LYS E 57 -12.10 22.56 54.41
N SER E 58 -11.11 21.72 54.70
CA SER E 58 -10.57 21.57 56.03
C SER E 58 -9.68 22.74 56.38
N ALA E 59 -8.97 23.25 55.37
CA ALA E 59 -8.11 24.39 55.55
C ALA E 59 -8.93 25.58 55.98
N LEU E 60 -10.16 25.68 55.46
CA LEU E 60 -11.04 26.76 55.82
C LEU E 60 -11.62 26.56 57.20
N ARG E 61 -11.89 25.31 57.57
CA ARG E 61 -12.46 25.05 58.89
C ARG E 61 -11.49 25.48 59.99
N GLU E 62 -10.20 25.27 59.75
CA GLU E 62 -9.14 25.66 60.69
C GLU E 62 -8.84 27.13 60.64
N LEU E 63 -8.87 27.70 59.44
CA LEU E 63 -8.65 29.13 59.26
C LEU E 63 -9.71 29.90 60.03
N ARG E 64 -10.89 29.31 60.09
CA ARG E 64 -12.05 29.84 60.80
C ARG E 64 -11.74 30.13 62.27
N THR E 65 -10.98 29.24 62.89
CA THR E 65 -10.78 29.29 64.34
C THR E 65 -10.02 30.54 64.76
N VAL E 66 -9.45 31.22 63.76
CA VAL E 66 -8.60 32.36 63.98
C VAL E 66 -9.25 33.64 63.45
N SER E 67 -10.55 33.59 63.22
CA SER E 67 -11.29 34.77 62.75
C SER E 67 -11.30 35.91 63.79
N ALA E 68 -11.48 37.13 63.27
CA ALA E 68 -11.45 38.34 64.09
C ALA E 68 -12.65 38.43 65.03
N ASP E 69 -13.85 38.17 64.51
CA ASP E 69 -15.04 38.23 65.36
C ASP E 69 -15.36 36.85 65.92
N GLN E 70 -15.82 36.83 67.17
CA GLN E 70 -16.07 35.58 67.87
C GLN E 70 -17.24 34.84 67.24
N LEU E 71 -18.19 35.61 66.70
CA LEU E 71 -19.43 35.08 66.14
C LEU E 71 -19.27 34.37 64.78
N ALA E 72 -18.01 34.17 64.37
CA ALA E 72 -17.72 33.42 63.16
C ALA E 72 -17.30 32.00 63.48
N ARG E 73 -17.30 31.63 64.75
CA ARG E 73 -16.82 30.31 65.17
C ARG E 73 -17.94 29.40 65.67
N THR F 3 -23.49 -53.73 -42.23
CA THR F 3 -23.95 -52.58 -43.02
C THR F 3 -23.55 -51.25 -42.37
N ALA F 4 -23.83 -50.16 -43.07
CA ALA F 4 -23.49 -48.78 -42.61
C ALA F 4 -24.01 -48.47 -41.21
N ALA F 5 -25.18 -49.02 -40.89
CA ALA F 5 -25.77 -48.85 -39.57
C ALA F 5 -24.85 -49.44 -38.53
N ALA F 6 -24.38 -50.66 -38.79
CA ALA F 6 -23.52 -51.35 -37.85
C ALA F 6 -22.23 -50.59 -37.65
N VAL F 7 -21.72 -49.97 -38.72
CA VAL F 7 -20.50 -49.16 -38.61
C VAL F 7 -20.72 -47.96 -37.70
N THR F 8 -21.80 -47.20 -37.94
CA THR F 8 -22.06 -45.99 -37.18
C THR F 8 -22.38 -46.29 -35.73
N ALA F 9 -23.18 -47.33 -35.52
CA ALA F 9 -23.51 -47.76 -34.18
C ALA F 9 -22.25 -48.34 -33.54
N GLY F 10 -21.41 -48.95 -34.38
CA GLY F 10 -20.17 -49.52 -33.92
C GLY F 10 -19.23 -48.44 -33.44
N VAL F 11 -19.21 -47.31 -34.13
CA VAL F 11 -18.42 -46.16 -33.70
C VAL F 11 -19.01 -45.55 -32.44
N ALA F 12 -20.34 -45.52 -32.37
CA ALA F 12 -21.06 -44.94 -31.22
C ALA F 12 -20.78 -45.67 -29.92
N ILE F 13 -20.85 -46.99 -29.98
CA ILE F 13 -20.58 -47.82 -28.80
C ILE F 13 -19.12 -47.64 -28.38
N ALA F 14 -18.24 -47.49 -29.36
CA ALA F 14 -16.81 -47.31 -29.11
C ALA F 14 -16.55 -46.00 -28.40
N LYS F 15 -17.22 -44.96 -28.90
CA LYS F 15 -17.09 -43.60 -28.40
C LYS F 15 -17.65 -43.45 -26.99
N THR F 16 -18.66 -44.25 -26.65
CA THR F 16 -19.20 -44.22 -25.30
C THR F 16 -18.14 -44.69 -24.29
N ILE F 17 -17.27 -45.60 -24.71
CA ILE F 17 -16.16 -46.07 -23.88
C ILE F 17 -15.17 -44.93 -23.57
N ARG F 18 -14.95 -44.08 -24.57
CA ARG F 18 -14.08 -42.91 -24.49
C ARG F 18 -14.70 -41.85 -23.59
N LEU F 19 -16.02 -41.86 -23.49
CA LEU F 19 -16.78 -40.89 -22.72
C LEU F 19 -16.89 -41.30 -21.26
N GLU F 20 -17.05 -42.60 -21.02
CA GLU F 20 -17.16 -43.14 -19.68
C GLU F 20 -15.90 -42.83 -18.88
N SER F 21 -14.78 -42.72 -19.59
CA SER F 21 -13.51 -42.44 -18.91
C SER F 21 -13.31 -40.95 -18.66
N GLU F 22 -13.94 -40.10 -19.45
CA GLU F 22 -13.88 -38.66 -19.21
C GLU F 22 -14.76 -38.30 -18.02
N VAL F 23 -15.94 -38.92 -17.95
CA VAL F 23 -16.88 -38.64 -16.87
C VAL F 23 -16.42 -39.24 -15.55
N THR F 24 -15.63 -40.30 -15.60
CA THR F 24 -15.15 -40.92 -14.37
C THR F 24 -14.03 -40.08 -13.75
N ALA F 25 -13.30 -39.35 -14.59
CA ALA F 25 -12.30 -38.36 -14.14
C ALA F 25 -12.98 -37.08 -13.66
N ILE F 26 -14.00 -36.64 -14.39
CA ILE F 26 -14.77 -35.48 -13.99
C ILE F 26 -15.47 -35.76 -12.66
N LYS F 27 -15.99 -36.97 -12.49
CA LYS F 27 -16.63 -37.34 -11.24
C LYS F 27 -15.64 -37.18 -10.09
N ASN F 28 -14.42 -37.68 -10.28
CA ASN F 28 -13.39 -37.59 -9.26
C ASN F 28 -12.92 -36.17 -9.06
N ALA F 29 -12.86 -35.41 -10.15
CA ALA F 29 -12.40 -34.02 -10.09
C ALA F 29 -13.33 -33.13 -9.27
N LEU F 30 -14.63 -33.25 -9.51
CA LEU F 30 -15.62 -32.47 -8.77
C LEU F 30 -15.60 -32.87 -7.30
N LYS F 31 -15.38 -34.16 -7.05
CA LYS F 31 -15.32 -34.74 -5.71
C LYS F 31 -14.21 -34.08 -4.87
N LYS F 32 -13.11 -33.73 -5.55
CA LYS F 32 -11.99 -32.98 -4.99
C LYS F 32 -12.31 -31.49 -4.79
N THR F 33 -13.02 -30.94 -5.75
CA THR F 33 -13.35 -29.52 -5.72
C THR F 33 -14.24 -29.27 -4.51
N ASN F 34 -15.25 -30.12 -4.32
CA ASN F 34 -16.17 -29.96 -3.20
C ASN F 34 -15.46 -30.08 -1.87
N GLU F 35 -14.31 -30.74 -1.87
CA GLU F 35 -13.50 -30.83 -0.68
C GLU F 35 -12.75 -29.53 -0.44
N ALA F 36 -12.33 -28.88 -1.53
CA ALA F 36 -11.66 -27.59 -1.42
C ALA F 36 -12.61 -26.51 -0.93
N VAL F 37 -13.84 -26.55 -1.42
CA VAL F 37 -14.84 -25.57 -0.99
C VAL F 37 -15.13 -25.75 0.50
N SER F 38 -15.32 -27.00 0.92
CA SER F 38 -15.58 -27.31 2.31
C SER F 38 -14.37 -26.94 3.17
N THR F 39 -13.18 -27.14 2.64
CA THR F 39 -11.95 -26.89 3.37
C THR F 39 -11.66 -25.41 3.56
N LEU F 40 -11.77 -24.65 2.48
CA LEU F 40 -11.59 -23.19 2.53
C LEU F 40 -12.56 -22.56 3.50
N GLY F 41 -13.75 -23.15 3.62
CA GLY F 41 -14.76 -22.71 4.55
C GLY F 41 -14.30 -22.82 5.99
N ASN F 42 -13.69 -23.94 6.35
CA ASN F 42 -13.17 -24.09 7.71
C ASN F 42 -12.02 -23.13 7.99
N GLY F 43 -11.42 -22.59 6.94
CA GLY F 43 -10.45 -21.54 7.09
C GLY F 43 -11.17 -20.24 7.40
N VAL F 44 -12.22 -19.95 6.64
CA VAL F 44 -12.98 -18.72 6.82
C VAL F 44 -13.63 -18.67 8.20
N ARG F 45 -14.21 -19.79 8.64
CA ARG F 45 -14.84 -19.85 9.95
C ARG F 45 -13.87 -19.57 11.11
N VAL F 46 -12.73 -20.25 11.08
CA VAL F 46 -11.68 -20.07 12.07
C VAL F 46 -11.22 -18.63 12.02
N LEU F 47 -11.22 -18.04 10.84
CA LEU F 47 -10.90 -16.62 10.74
C LEU F 47 -11.97 -15.77 11.40
N ALA F 48 -13.23 -16.15 11.25
CA ALA F 48 -14.33 -15.39 11.84
C ALA F 48 -14.29 -15.46 13.37
N THR F 49 -14.06 -16.65 13.90
CA THR F 49 -13.91 -16.79 15.34
C THR F 49 -12.70 -16.02 15.86
N ALA F 50 -11.64 -16.01 15.07
CA ALA F 50 -10.46 -15.25 15.40
C ALA F 50 -10.76 -13.76 15.35
N VAL F 51 -11.44 -13.32 14.31
CA VAL F 51 -11.83 -11.92 14.18
C VAL F 51 -12.79 -11.49 15.29
N ARG F 52 -13.63 -12.41 15.75
CA ARG F 52 -14.54 -12.13 16.85
C ARG F 52 -13.79 -11.83 18.18
N GLU F 53 -12.76 -12.61 18.52
CA GLU F 53 -11.99 -12.38 19.76
C GLU F 53 -11.18 -11.10 19.69
N LEU F 54 -10.82 -10.70 18.46
CA LEU F 54 -10.12 -9.44 18.28
C LEU F 54 -11.05 -8.30 18.65
N LYS F 55 -12.31 -8.40 18.24
CA LYS F 55 -13.29 -7.40 18.62
C LYS F 55 -13.57 -7.44 20.12
N ASP F 56 -13.67 -8.64 20.68
CA ASP F 56 -13.93 -8.79 22.10
C ASP F 56 -12.86 -8.07 22.93
N PHE F 57 -11.62 -8.06 22.45
CA PHE F 57 -10.52 -7.39 23.14
C PHE F 57 -10.62 -5.88 22.97
N VAL F 58 -10.92 -5.45 21.75
CA VAL F 58 -11.06 -4.03 21.44
C VAL F 58 -12.34 -3.47 22.06
N SER F 59 -13.45 -4.18 21.85
CA SER F 59 -14.75 -3.74 22.33
C SER F 59 -14.74 -3.67 23.86
N LYS F 60 -14.24 -4.73 24.51
CA LYS F 60 -14.24 -4.80 25.97
C LYS F 60 -12.92 -4.39 26.67
N ASN F 61 -11.90 -5.26 26.62
CA ASN F 61 -10.70 -5.08 27.45
C ASN F 61 -9.88 -3.84 27.13
N LEU F 62 -9.97 -3.34 25.91
CA LEU F 62 -9.15 -2.21 25.49
C LEU F 62 -9.83 -0.86 25.75
N THR F 63 -11.08 -0.72 25.32
CA THR F 63 -11.85 0.51 25.59
C THR F 63 -12.09 0.71 27.09
N ARG F 64 -12.09 -0.38 27.86
CA ARG F 64 -12.21 -0.30 29.31
C ARG F 64 -11.01 0.44 29.90
N ALA F 65 -9.83 0.05 29.44
CA ALA F 65 -8.58 0.63 29.90
C ALA F 65 -8.46 2.09 29.49
N ILE F 66 -9.00 2.41 28.33
CA ILE F 66 -8.91 3.77 27.80
C ILE F 66 -9.81 4.76 28.54
N ASN F 67 -11.08 4.40 28.71
CA ASN F 67 -12.01 5.23 29.46
C ASN F 67 -11.59 5.40 30.92
N LYS F 68 -10.89 4.40 31.44
CA LYS F 68 -10.33 4.50 32.79
C LYS F 68 -9.29 5.57 32.74
N ASN F 69 -8.37 5.47 31.79
CA ASN F 69 -7.34 6.49 31.65
C ASN F 69 -7.91 7.84 31.27
N LYS F 70 -9.03 7.84 30.56
CA LYS F 70 -9.69 9.07 30.15
C LYS F 70 -10.29 9.73 31.37
N CYS F 71 -10.72 8.89 32.32
CA CYS F 71 -11.34 9.36 33.55
C CYS F 71 -10.31 9.94 34.54
N ASP F 72 -9.20 9.23 34.72
CA ASP F 72 -8.14 9.71 35.60
C ASP F 72 -7.62 11.03 35.06
N ILE F 73 -7.46 11.12 33.74
CA ILE F 73 -7.03 12.33 33.07
C ILE F 73 -7.91 13.52 33.45
N ALA F 74 -9.22 13.31 33.38
CA ALA F 74 -10.17 14.37 33.68
C ALA F 74 -10.11 14.75 35.15
N ASP F 75 -9.84 13.76 35.99
CA ASP F 75 -9.65 13.95 37.43
C ASP F 75 -8.45 14.86 37.70
N LEU F 76 -7.32 14.54 37.11
CA LEU F 76 -6.11 15.31 37.36
C LEU F 76 -6.24 16.72 36.85
N LYS F 77 -6.88 16.87 35.69
CA LYS F 77 -7.12 18.19 35.12
C LYS F 77 -7.94 19.06 36.07
N MET F 78 -8.92 18.45 36.73
CA MET F 78 -9.78 19.16 37.65
C MET F 78 -8.99 19.59 38.87
N ALA F 79 -8.16 18.69 39.38
CA ALA F 79 -7.30 18.99 40.53
C ALA F 79 -6.39 20.17 40.20
N VAL F 80 -5.67 20.08 39.09
CA VAL F 80 -4.76 21.15 38.70
C VAL F 80 -5.51 22.43 38.31
N SER F 81 -6.63 22.34 37.60
CA SER F 81 -7.41 23.55 37.31
C SER F 81 -7.89 24.25 38.57
N PHE F 82 -8.26 23.47 39.58
CA PHE F 82 -8.78 24.05 40.80
C PHE F 82 -7.76 24.96 41.41
N SER F 83 -6.52 24.47 41.47
CA SER F 83 -5.39 25.21 41.99
C SER F 83 -5.07 26.45 41.17
N GLN F 84 -5.34 26.40 39.88
CA GLN F 84 -5.07 27.53 38.99
C GLN F 84 -6.17 28.57 39.05
N PHE F 85 -7.41 28.14 38.85
CA PHE F 85 -8.53 29.08 38.81
C PHE F 85 -8.82 29.74 40.14
N ASN F 86 -8.25 29.20 41.22
CA ASN F 86 -8.48 29.71 42.57
C ASN F 86 -7.21 30.07 43.30
N ARG F 87 -6.18 30.51 42.58
CA ARG F 87 -4.90 30.83 43.21
C ARG F 87 -5.05 31.86 44.30
N ARG F 88 -5.67 32.98 43.93
CA ARG F 88 -5.76 34.09 44.84
C ARG F 88 -6.45 33.63 46.10
N PHE F 89 -7.56 32.91 45.96
CA PHE F 89 -8.25 32.41 47.12
C PHE F 89 -7.32 31.59 47.98
N LEU F 90 -6.64 30.64 47.35
CA LEU F 90 -5.83 29.70 48.10
C LEU F 90 -4.62 30.38 48.67
N ASN F 91 -4.08 31.35 47.96
CA ASN F 91 -2.93 32.08 48.47
C ASN F 91 -3.31 32.92 49.69
N VAL F 92 -4.46 33.57 49.62
CA VAL F 92 -4.91 34.40 50.72
C VAL F 92 -5.13 33.55 51.96
N VAL F 93 -5.72 32.38 51.80
CA VAL F 93 -5.91 31.48 52.92
C VAL F 93 -4.56 31.05 53.46
N ARG F 94 -3.60 30.87 52.56
CA ARG F 94 -2.27 30.42 52.97
C ARG F 94 -1.65 31.45 53.93
N GLN F 95 -1.72 32.72 53.57
CA GLN F 95 -1.10 33.79 54.35
C GLN F 95 -1.72 34.00 55.72
N PHE F 96 -3.05 34.02 55.79
CA PHE F 96 -3.74 34.15 57.07
C PHE F 96 -3.52 32.94 57.96
N SER F 97 -3.13 31.81 57.39
CA SER F 97 -2.83 30.63 58.19
C SER F 97 -1.41 30.65 58.73
N ASP F 98 -0.48 31.20 57.95
CA ASP F 98 0.92 31.23 58.36
C ASP F 98 1.11 32.25 59.47
N ASN F 99 0.28 33.29 59.47
CA ASN F 99 0.40 34.36 60.46
C ASN F 99 -0.80 34.44 61.41
N ALA F 100 -1.68 33.45 61.35
CA ALA F 100 -2.82 33.31 62.27
C ALA F 100 -3.70 34.56 62.36
N GLY F 101 -4.27 34.97 61.23
CA GLY F 101 -5.30 36.00 61.23
C GLY F 101 -4.89 37.42 60.83
N ILE F 102 -3.59 37.66 60.79
CA ILE F 102 -3.09 39.00 60.52
C ILE F 102 -1.94 38.92 59.51
N THR F 103 -1.69 39.97 58.73
CA THR F 103 -0.60 39.95 57.76
C THR F 103 0.30 41.12 58.01
N PRO F 104 1.61 40.87 58.13
CA PRO F 104 2.63 41.90 58.32
C PRO F 104 2.59 43.03 57.26
N ALA F 105 2.14 42.72 56.05
CA ALA F 105 2.10 43.68 54.94
C ALA F 105 0.86 43.51 54.09
N ILE F 106 0.59 44.44 53.17
CA ILE F 106 -0.47 44.22 52.20
C ILE F 106 0.08 43.52 50.97
N SER F 107 0.05 42.18 50.99
CA SER F 107 0.66 41.36 49.95
C SER F 107 0.03 41.56 48.59
N LEU F 108 0.71 41.05 47.57
CA LEU F 108 0.19 41.14 46.21
C LEU F 108 -1.11 40.32 46.06
N ASP F 109 -1.25 39.25 46.83
CA ASP F 109 -2.46 38.41 46.75
C ASP F 109 -3.61 39.05 47.50
N LEU F 110 -3.28 39.77 48.57
CA LEU F 110 -4.31 40.37 49.41
C LEU F 110 -5.02 41.51 48.67
N MET F 111 -4.25 42.24 47.88
CA MET F 111 -4.78 43.37 47.12
C MET F 111 -3.91 43.67 45.92
N THR F 112 -4.49 43.54 44.73
CA THR F 112 -3.75 43.65 43.48
C THR F 112 -3.32 45.08 43.22
N ASP F 113 -2.41 45.29 42.26
CA ASP F 113 -1.94 46.64 42.04
C ASP F 113 -3.07 47.52 41.58
N ALA F 114 -3.94 46.95 40.77
CA ALA F 114 -5.12 47.66 40.28
C ALA F 114 -5.98 48.14 41.44
N GLU F 115 -6.27 47.22 42.37
CA GLU F 115 -7.12 47.52 43.52
C GLU F 115 -6.50 48.55 44.47
N LEU F 116 -5.18 48.45 44.65
CA LEU F 116 -4.41 49.33 45.52
C LEU F 116 -4.40 50.76 45.01
N ALA F 117 -4.13 50.91 43.73
CA ALA F 117 -4.07 52.22 43.10
C ALA F 117 -5.44 52.87 43.11
N ARG F 118 -6.50 52.05 43.00
CA ARG F 118 -7.85 52.58 42.98
C ARG F 118 -8.20 53.10 44.36
N ALA F 119 -7.71 52.41 45.38
CA ALA F 119 -7.97 52.80 46.76
C ALA F 119 -7.27 54.11 47.09
N VAL F 120 -5.99 54.17 46.74
CA VAL F 120 -5.19 55.34 47.05
C VAL F 120 -5.77 56.56 46.33
N SER F 121 -6.26 56.34 45.13
CA SER F 121 -6.85 57.40 44.34
C SER F 121 -8.16 57.86 44.96
N ASN F 122 -8.76 57.02 45.78
CA ASN F 122 -10.00 57.40 46.46
C ASN F 122 -9.80 57.78 47.92
N MET F 123 -8.56 58.01 48.31
CA MET F 123 -8.27 58.45 49.67
C MET F 123 -8.57 59.94 49.81
N PRO F 124 -8.95 60.36 51.03
CA PRO F 124 -9.29 61.74 51.37
C PRO F 124 -8.07 62.64 51.59
N THR F 125 -7.34 62.94 50.52
CA THR F 125 -6.21 63.87 50.62
C THR F 125 -5.96 64.62 49.33
N SER F 126 -4.92 65.46 49.35
CA SER F 126 -4.61 66.32 48.21
C SER F 126 -3.97 65.55 47.06
N ALA F 127 -4.03 66.14 45.87
CA ALA F 127 -3.59 65.49 44.64
C ALA F 127 -2.13 65.07 44.65
N GLY F 128 -1.29 65.92 45.22
CA GLY F 128 0.15 65.66 45.23
C GLY F 128 0.50 64.54 46.17
N GLN F 129 -0.32 64.36 47.20
CA GLN F 129 -0.08 63.33 48.20
C GLN F 129 -0.49 61.98 47.65
N ILE F 130 -1.58 61.95 46.89
CA ILE F 130 -2.04 60.77 46.18
C ILE F 130 -0.98 60.32 45.19
N LYS F 131 -0.42 61.28 44.47
CA LYS F 131 0.65 61.00 43.53
C LYS F 131 1.85 60.36 44.23
N LEU F 132 2.26 60.92 45.36
CA LEU F 132 3.43 60.41 46.05
C LEU F 132 3.18 59.00 46.57
N MET F 133 1.97 58.73 47.06
CA MET F 133 1.66 57.40 47.56
C MET F 133 1.70 56.40 46.41
N LEU F 134 1.14 56.80 45.28
CA LEU F 134 1.11 55.98 44.07
C LEU F 134 2.53 55.60 43.60
N GLU F 135 3.46 56.51 43.81
CA GLU F 135 4.83 56.30 43.42
C GLU F 135 5.58 55.42 44.40
N ASN F 136 5.18 55.48 45.66
CA ASN F 136 5.85 54.66 46.67
C ASN F 136 4.91 53.59 47.19
N ARG F 137 4.10 53.05 46.29
CA ARG F 137 3.07 52.09 46.64
C ARG F 137 3.65 50.85 47.32
N ALA F 138 4.93 50.61 47.12
CA ALA F 138 5.63 49.57 47.85
C ALA F 138 5.56 49.83 49.36
N MET F 139 5.92 51.06 49.74
CA MET F 139 5.93 51.48 51.13
C MET F 139 4.53 51.43 51.69
N VAL F 140 3.57 51.84 50.88
CA VAL F 140 2.15 51.81 51.27
C VAL F 140 1.71 50.44 51.70
N ARG F 141 2.12 49.43 50.94
CA ARG F 141 1.79 48.04 51.26
C ARG F 141 2.44 47.59 52.54
N ARG F 142 3.70 47.97 52.73
CA ARG F 142 4.47 47.48 53.86
C ARG F 142 4.06 48.16 55.15
N LYS F 143 3.74 49.45 55.06
CA LYS F 143 3.33 50.23 56.23
C LYS F 143 1.89 49.94 56.63
N GLY F 144 1.16 49.25 55.76
CA GLY F 144 -0.19 48.80 56.04
C GLY F 144 -0.21 47.35 56.49
N PHE F 145 -1.39 46.74 56.58
CA PHE F 145 -1.52 45.31 56.91
C PHE F 145 -2.91 44.74 56.64
N GLY F 146 -3.06 43.43 56.82
CA GLY F 146 -4.33 42.77 56.53
C GLY F 146 -4.88 41.96 57.69
N ILE F 147 -6.19 41.99 57.85
CA ILE F 147 -6.86 41.31 58.96
C ILE F 147 -7.95 40.38 58.50
N LEU F 148 -7.86 39.13 58.91
CA LEU F 148 -8.91 38.15 58.63
C LEU F 148 -10.11 38.46 59.49
N ILE F 149 -11.22 38.82 58.83
CA ILE F 149 -12.44 39.15 59.54
C ILE F 149 -13.19 37.89 59.94
N GLY F 150 -13.36 37.00 58.97
CA GLY F 150 -14.06 35.76 59.21
C GLY F 150 -14.11 34.82 58.02
N VAL F 151 -14.30 33.54 58.32
CA VAL F 151 -14.60 32.55 57.32
C VAL F 151 -16.08 32.28 57.42
N TYR F 152 -16.83 32.68 56.41
CA TYR F 152 -18.26 32.45 56.46
C TYR F 152 -18.65 31.46 55.38
N GLY F 153 -19.02 30.26 55.80
CA GLY F 153 -19.32 29.21 54.87
C GLY F 153 -18.09 28.87 54.06
N SER F 154 -18.10 29.22 52.78
CA SER F 154 -16.98 28.95 51.89
C SER F 154 -16.32 30.24 51.46
N SER F 155 -16.70 31.33 52.12
CA SER F 155 -16.15 32.63 51.80
C SER F 155 -15.14 33.04 52.86
N VAL F 156 -14.04 33.64 52.41
CA VAL F 156 -13.07 34.24 53.31
C VAL F 156 -13.23 35.74 53.22
N ILE F 157 -13.53 36.38 54.35
CA ILE F 157 -13.69 37.83 54.36
C ILE F 157 -12.61 38.50 55.18
N TYR F 158 -11.88 39.43 54.58
CA TYR F 158 -10.77 40.07 55.25
C TYR F 158 -10.70 41.56 54.94
N MET F 159 -9.93 42.29 55.72
CA MET F 159 -9.80 43.73 55.54
C MET F 159 -8.36 44.16 55.36
N VAL F 160 -8.09 45.00 54.35
CA VAL F 160 -6.77 45.60 54.25
C VAL F 160 -6.82 47.04 54.77
N GLN F 161 -5.77 47.42 55.49
CA GLN F 161 -5.68 48.71 56.12
C GLN F 161 -4.51 49.48 55.55
N LEU F 162 -4.81 50.59 54.86
CA LEU F 162 -3.76 51.34 54.20
C LEU F 162 -3.41 52.64 54.90
N PRO F 163 -2.12 52.97 54.97
CA PRO F 163 -1.73 54.26 55.51
C PRO F 163 -2.19 55.43 54.64
N ILE F 164 -2.62 56.53 55.27
CA ILE F 164 -2.91 57.78 54.55
C ILE F 164 -1.79 58.78 54.79
N PHE F 165 -0.99 59.03 53.77
CA PHE F 165 0.12 59.97 53.89
C PHE F 165 -0.33 61.40 53.57
N GLY F 166 -0.89 62.08 54.57
CA GLY F 166 -1.45 63.40 54.38
C GLY F 166 -0.46 64.55 54.46
N VAL F 167 0.62 64.33 55.19
CA VAL F 167 1.72 65.29 55.28
C VAL F 167 2.92 64.82 54.50
N ILE F 168 3.30 65.58 53.48
CA ILE F 168 4.45 65.19 52.67
C ILE F 168 5.37 66.37 52.31
N ASP F 169 6.62 66.02 52.01
CA ASP F 169 7.61 66.93 51.43
C ASP F 169 7.90 68.15 52.30
N THR F 170 7.93 67.96 53.60
CA THR F 170 8.40 69.01 54.49
C THR F 170 9.79 68.61 54.98
N PRO F 171 10.64 69.60 55.31
CA PRO F 171 12.03 69.38 55.71
C PRO F 171 12.23 68.38 56.85
N CYS F 172 13.26 67.55 56.71
CA CYS F 172 13.59 66.47 57.65
C CYS F 172 15.11 66.36 57.76
N TRP F 173 15.60 65.92 58.91
CA TRP F 173 17.05 65.77 59.11
C TRP F 173 17.34 64.72 60.18
N ILE F 174 18.58 64.25 60.23
CA ILE F 174 18.95 63.24 61.23
C ILE F 174 20.23 63.67 61.95
N VAL F 175 20.24 63.43 63.26
CA VAL F 175 21.36 63.84 64.11
C VAL F 175 22.12 62.62 64.63
N LYS F 176 23.44 62.63 64.47
CA LYS F 176 24.28 61.60 65.07
C LYS F 176 25.32 62.29 65.92
N ALA F 177 25.79 61.63 66.97
CA ALA F 177 26.79 62.24 67.83
C ALA F 177 27.66 61.21 68.54
N ALA F 178 28.87 61.63 68.89
CA ALA F 178 29.77 60.82 69.69
C ALA F 178 30.20 61.64 70.92
N PRO F 179 30.78 60.98 71.94
CA PRO F 179 31.27 61.71 73.10
C PRO F 179 32.37 62.72 72.77
N SER F 180 32.17 63.98 73.14
CA SER F 180 33.18 65.01 72.94
C SER F 180 33.95 65.24 74.24
N CYS F 181 35.09 64.58 74.35
CA CYS F 181 35.90 64.67 75.57
C CYS F 181 37.02 65.69 75.45
N SER F 182 37.18 66.52 76.46
CA SER F 182 38.28 67.48 76.55
C SER F 182 39.08 67.12 77.77
N GLU F 183 40.38 67.36 77.73
CA GLU F 183 41.24 66.97 78.85
C GLU F 183 42.09 68.14 79.34
N LYS F 184 42.14 68.32 80.67
CA LYS F 184 43.06 69.29 81.30
C LYS F 184 43.79 68.70 82.50
N LYS F 185 45.08 68.47 82.30
CA LYS F 185 46.01 67.91 83.29
C LYS F 185 45.61 66.50 83.78
N GLY F 186 45.42 65.60 82.82
CA GLY F 186 45.14 64.17 83.06
C GLY F 186 43.75 63.75 83.54
N ASN F 187 42.81 64.70 83.50
CA ASN F 187 41.44 64.44 83.85
C ASN F 187 40.55 64.71 82.64
N TYR F 188 39.50 63.93 82.48
CA TYR F 188 38.66 64.04 81.30
C TYR F 188 37.30 64.62 81.67
N ALA F 189 36.84 65.60 80.90
CA ALA F 189 35.48 66.12 81.02
C ALA F 189 34.75 65.86 79.71
N CYS F 190 33.75 64.99 79.73
CA CYS F 190 33.11 64.54 78.50
C CYS F 190 31.61 64.83 78.39
N LEU F 191 31.23 65.71 77.46
CA LEU F 191 29.81 65.93 77.16
C LEU F 191 29.39 65.17 75.88
N LEU F 192 28.14 64.72 75.86
CA LEU F 192 27.56 63.96 74.75
C LEU F 192 26.10 64.33 74.46
N ARG F 193 25.82 64.75 73.24
CA ARG F 193 24.44 65.09 72.85
C ARG F 193 23.48 63.90 72.99
N GLU F 194 22.26 64.20 73.42
CA GLU F 194 21.19 63.21 73.50
C GLU F 194 20.05 63.57 72.54
N ASP F 195 20.38 64.43 71.58
CA ASP F 195 19.45 64.86 70.54
C ASP F 195 19.27 63.82 69.47
N GLN F 196 20.11 62.78 69.51
CA GLN F 196 20.30 61.93 68.33
C GLN F 196 19.00 61.33 67.82
N GLY F 197 18.81 61.35 66.50
CA GLY F 197 17.61 60.79 65.90
C GLY F 197 17.06 61.52 64.67
N TRP F 198 15.80 61.24 64.36
CA TRP F 198 15.13 61.84 63.22
C TRP F 198 14.29 63.02 63.66
N TYR F 199 14.39 64.12 62.92
CA TYR F 199 13.53 65.27 63.16
C TYR F 199 12.77 65.59 61.88
N CYS F 200 11.45 65.71 62.00
CA CYS F 200 10.61 66.05 60.85
C CYS F 200 9.75 67.27 61.15
N GLN F 201 9.82 68.30 60.31
CA GLN F 201 9.05 69.51 60.55
C GLN F 201 7.60 69.36 60.15
N ASN F 202 6.71 69.80 61.03
CA ASN F 202 5.28 69.67 60.79
C ASN F 202 4.64 71.03 61.04
N ALA F 203 3.35 71.16 60.76
CA ALA F 203 2.67 72.42 61.03
C ALA F 203 2.57 72.65 62.53
N GLY F 204 3.18 73.73 63.02
CA GLY F 204 3.06 74.12 64.41
C GLY F 204 3.96 73.42 65.42
N SER F 205 4.75 72.46 64.95
CA SER F 205 5.67 71.73 65.82
C SER F 205 6.68 70.96 64.99
N THR F 206 7.66 70.37 65.67
CA THR F 206 8.62 69.51 65.02
C THR F 206 8.55 68.12 65.65
N VAL F 207 8.54 67.09 64.81
CA VAL F 207 8.44 65.71 65.30
C VAL F 207 9.81 65.06 65.41
N TYR F 208 10.04 64.39 66.54
CA TYR F 208 11.34 63.80 66.83
C TYR F 208 11.20 62.30 66.94
N TYR F 209 11.96 61.60 66.11
CA TYR F 209 12.00 60.13 66.14
C TYR F 209 13.39 59.71 66.58
N PRO F 210 13.47 59.16 67.80
CA PRO F 210 14.72 58.94 68.54
C PRO F 210 15.65 57.90 67.93
N ASN F 211 15.11 56.86 67.30
CA ASN F 211 15.94 55.82 66.69
C ASN F 211 15.96 55.88 65.16
N GLU F 212 17.08 55.50 64.56
CA GLU F 212 17.21 55.62 63.12
C GLU F 212 16.24 54.66 62.45
N LYS F 213 15.94 53.54 63.13
CA LYS F 213 15.01 52.55 62.60
C LYS F 213 13.54 53.02 62.62
N ASP F 214 13.24 54.10 63.34
CA ASP F 214 11.87 54.60 63.48
C ASP F 214 11.39 55.27 62.21
N CYS F 215 12.32 55.52 61.29
CA CYS F 215 12.00 56.09 60.00
C CYS F 215 12.68 55.33 58.90
N GLU F 216 11.95 55.13 57.81
CA GLU F 216 12.47 54.39 56.68
C GLU F 216 12.79 55.31 55.51
N THR F 217 13.95 55.05 54.92
CA THR F 217 14.47 55.87 53.84
C THR F 217 14.25 55.22 52.51
N ARG F 218 13.54 55.91 51.65
CA ARG F 218 13.42 55.50 50.25
C ARG F 218 13.68 56.76 49.44
N GLY F 219 14.92 56.89 49.00
CA GLY F 219 15.36 58.10 48.35
C GLY F 219 15.39 59.20 49.38
N ASP F 220 15.01 60.41 48.98
CA ASP F 220 15.04 61.53 49.91
C ASP F 220 13.87 61.49 50.86
N HIS F 221 12.91 60.62 50.59
CA HIS F 221 11.72 60.59 51.42
C HIS F 221 11.93 59.72 52.65
N VAL F 222 11.36 60.19 53.76
CA VAL F 222 11.51 59.54 55.04
C VAL F 222 10.16 59.13 55.55
N PHE F 223 9.94 57.83 55.62
CA PHE F 223 8.67 57.30 56.06
C PHE F 223 8.73 56.99 57.55
N CYS F 224 8.13 57.87 58.34
CA CYS F 224 8.30 57.86 59.79
C CYS F 224 7.12 57.28 60.56
N ASP F 225 7.42 56.41 61.52
CA ASP F 225 6.39 55.78 62.36
C ASP F 225 5.75 56.81 63.29
N THR F 226 4.46 56.97 63.14
CA THR F 226 3.73 57.98 63.88
C THR F 226 3.86 57.73 65.38
N ALA F 227 3.76 56.46 65.78
CA ALA F 227 3.81 56.08 67.20
C ALA F 227 5.14 56.43 67.90
N ALA F 228 6.24 56.28 67.17
CA ALA F 228 7.55 56.58 67.74
C ALA F 228 7.73 58.07 68.01
N GLY F 229 6.98 58.88 67.26
CA GLY F 229 7.13 60.33 67.29
C GLY F 229 6.92 61.08 68.59
N ILE F 230 7.83 62.02 68.84
CA ILE F 230 7.75 62.94 69.98
C ILE F 230 7.69 64.37 69.48
N ASN F 231 6.67 65.11 69.90
CA ASN F 231 6.56 66.49 69.46
C ASN F 231 7.51 67.38 70.24
N VAL F 232 8.35 68.10 69.52
CA VAL F 232 9.29 68.99 70.18
C VAL F 232 9.11 70.39 69.65
N ALA F 233 9.52 71.37 70.44
CA ALA F 233 9.42 72.76 70.04
C ALA F 233 10.28 73.03 68.81
N GLU F 234 9.85 73.95 67.96
CA GLU F 234 10.61 74.30 66.76
C GLU F 234 12.00 74.84 67.12
N GLN F 235 12.06 75.52 68.26
CA GLN F 235 13.31 76.14 68.73
C GLN F 235 14.39 75.13 69.02
N SER F 236 14.04 73.85 69.05
CA SER F 236 15.01 72.80 69.37
C SER F 236 16.09 72.66 68.29
N LYS F 237 15.80 73.08 67.07
CA LYS F 237 16.74 72.96 65.95
C LYS F 237 17.96 73.85 66.19
N GLU F 238 17.82 74.77 67.13
CA GLU F 238 18.88 75.71 67.49
C GLU F 238 20.07 74.99 68.15
N CYS F 239 19.82 73.76 68.63
CA CYS F 239 20.85 72.95 69.29
C CYS F 239 21.95 72.50 68.33
N ASN F 240 21.73 72.67 67.04
CA ASN F 240 22.75 72.27 66.08
C ASN F 240 23.64 73.44 65.71
N ILE F 241 23.48 74.54 66.44
CA ILE F 241 24.38 75.68 66.29
C ILE F 241 25.19 75.85 67.56
N ASN F 242 24.50 76.10 68.67
CA ASN F 242 25.12 76.27 69.96
C ASN F 242 24.48 75.32 70.94
N ILE F 243 25.26 74.40 71.48
CA ILE F 243 24.74 73.47 72.47
C ILE F 243 24.34 74.21 73.74
N SER F 244 25.12 75.24 74.06
CA SER F 244 24.92 75.99 75.28
C SER F 244 23.97 77.18 75.12
N THR F 245 23.02 77.08 74.19
CA THR F 245 22.03 78.14 73.98
C THR F 245 21.01 78.18 75.10
N THR F 246 20.66 79.39 75.51
CA THR F 246 19.71 79.60 76.59
C THR F 246 18.30 79.58 76.05
N ASN F 247 18.17 79.59 74.73
CA ASN F 247 16.85 79.56 74.12
C ASN F 247 16.16 78.21 74.23
N TYR F 248 16.91 77.11 74.19
CA TYR F 248 16.33 75.78 74.37
C TYR F 248 17.11 74.94 75.37
N PRO F 249 16.40 74.17 76.19
CA PRO F 249 17.05 73.25 77.13
C PRO F 249 17.69 72.07 76.43
N CYS F 250 18.82 72.30 75.76
CA CYS F 250 19.48 71.29 74.91
C CYS F 250 19.83 70.00 75.65
N LYS F 251 19.30 68.88 75.16
CA LYS F 251 19.49 67.61 75.84
C LYS F 251 20.90 67.05 75.61
N VAL F 252 21.77 67.21 76.60
CA VAL F 252 23.16 66.76 76.49
C VAL F 252 23.68 66.29 77.85
N SER F 253 24.33 65.11 77.89
CA SER F 253 24.82 64.53 79.13
C SER F 253 26.34 64.66 79.31
N THR F 254 26.77 64.77 80.56
CA THR F 254 28.18 64.92 80.87
C THR F 254 28.71 63.70 81.64
N GLY F 255 29.99 63.39 81.46
CA GLY F 255 30.64 62.27 82.12
C GLY F 255 32.03 62.59 82.60
N ARG F 256 32.58 61.74 83.45
CA ARG F 256 33.91 61.96 84.02
C ARG F 256 34.93 61.01 83.40
N HIS F 257 34.45 60.12 82.53
CA HIS F 257 35.30 59.09 81.92
C HIS F 257 35.24 59.18 80.40
N PRO F 258 36.36 58.88 79.72
CA PRO F 258 36.46 58.94 78.26
C PRO F 258 35.80 57.75 77.59
N ILE F 259 35.14 57.97 76.45
CA ILE F 259 34.50 56.88 75.70
C ILE F 259 34.90 56.90 74.23
N SER F 260 35.66 55.88 73.81
CA SER F 260 36.13 55.82 72.42
C SER F 260 35.22 54.97 71.55
N MET F 261 34.76 55.54 70.45
CA MET F 261 33.74 54.85 69.66
C MET F 261 33.62 55.36 68.23
N VAL F 262 32.85 54.63 67.43
CA VAL F 262 32.54 55.06 66.07
C VAL F 262 31.04 55.19 65.89
N ALA F 263 30.61 56.36 65.45
CA ALA F 263 29.20 56.63 65.20
C ALA F 263 28.94 56.87 63.71
N LEU F 264 28.12 56.05 63.08
CA LEU F 264 27.96 56.15 61.63
C LEU F 264 26.92 57.18 61.17
N SER F 265 27.32 57.96 60.16
CA SER F 265 26.48 58.97 59.56
C SER F 265 25.94 58.47 58.24
N PRO F 266 24.89 59.11 57.71
CA PRO F 266 24.46 58.81 56.35
C PRO F 266 25.62 58.94 55.37
N LEU F 267 26.30 60.08 55.42
CA LEU F 267 27.36 60.36 54.47
C LEU F 267 28.78 60.18 55.03
N GLY F 268 28.89 59.75 56.28
CA GLY F 268 30.20 59.58 56.87
C GLY F 268 30.19 58.86 58.19
N ALA F 269 31.07 59.27 59.08
CA ALA F 269 31.17 58.65 60.40
C ALA F 269 31.88 59.58 61.40
N LEU F 270 31.43 59.53 62.64
CA LEU F 270 32.11 60.24 63.71
C LEU F 270 32.99 59.28 64.48
N VAL F 271 34.23 59.68 64.68
CA VAL F 271 35.13 58.85 65.46
C VAL F 271 35.58 59.57 66.70
N ALA F 272 35.59 58.86 67.82
CA ALA F 272 36.07 59.38 69.08
C ALA F 272 37.24 58.55 69.61
N CYS F 273 38.46 59.09 69.52
CA CYS F 273 39.68 58.43 70.01
C CYS F 273 40.20 59.11 71.27
N TYR F 274 40.26 58.34 72.35
CA TYR F 274 40.77 58.89 73.61
C TYR F 274 41.66 57.87 74.34
N LYS F 275 42.63 58.40 75.08
CA LYS F 275 43.42 57.59 76.01
C LYS F 275 44.06 56.42 75.27
N GLY F 276 44.00 55.22 75.86
CA GLY F 276 44.64 54.06 75.27
C GLY F 276 43.85 53.30 74.22
N VAL F 277 43.66 53.94 73.06
CA VAL F 277 43.13 53.28 71.87
C VAL F 277 43.83 53.77 70.62
N SER F 278 43.99 52.88 69.65
CA SER F 278 44.61 53.22 68.37
C SER F 278 43.56 53.24 67.26
N CYS F 279 42.94 54.40 67.07
CA CYS F 279 41.89 54.58 66.08
C CYS F 279 42.48 55.04 64.75
N SER F 280 42.13 54.36 63.67
CA SER F 280 42.63 54.68 62.34
C SER F 280 41.55 54.54 61.27
N ILE F 281 41.75 55.16 60.11
CA ILE F 281 40.82 54.96 59.00
C ILE F 281 41.52 54.09 57.96
N GLY F 282 40.77 53.17 57.37
CA GLY F 282 41.33 52.24 56.42
C GLY F 282 40.61 52.24 55.09
N SER F 283 41.08 51.36 54.20
CA SER F 283 40.49 51.15 52.89
C SER F 283 40.11 49.67 52.85
N ASN F 284 39.44 49.24 51.79
CA ASN F 284 39.10 47.82 51.70
C ASN F 284 40.32 46.96 51.45
N ARG F 285 41.26 47.45 50.65
CA ARG F 285 42.44 46.66 50.35
C ARG F 285 43.52 46.83 51.45
N VAL F 286 43.95 48.06 51.66
CA VAL F 286 45.01 48.35 52.63
C VAL F 286 44.44 48.65 54.03
N GLY F 287 45.08 48.09 55.06
CA GLY F 287 44.57 48.14 56.42
C GLY F 287 44.42 49.54 56.99
N ILE F 288 45.50 50.32 56.92
CA ILE F 288 45.46 51.68 57.41
C ILE F 288 46.05 52.65 56.38
N ILE F 289 45.37 53.78 56.19
CA ILE F 289 45.79 54.79 55.22
C ILE F 289 46.05 56.09 55.99
N LYS F 290 45.53 56.14 57.21
CA LYS F 290 45.72 57.28 58.10
C LYS F 290 45.39 56.89 59.53
N GLN F 291 46.26 57.26 60.45
CA GLN F 291 45.93 57.13 61.86
C GLN F 291 45.18 58.39 62.26
N LEU F 292 44.10 58.21 63.01
CA LEU F 292 43.28 59.33 63.45
C LEU F 292 43.86 59.94 64.72
N ASN F 293 43.83 61.27 64.81
CA ASN F 293 44.27 61.95 66.01
C ASN F 293 43.30 61.74 67.18
N LYS F 294 43.84 61.89 68.38
CA LYS F 294 43.05 61.81 69.59
C LYS F 294 42.00 62.91 69.59
N GLY F 295 40.76 62.56 69.92
CA GLY F 295 39.70 63.53 69.92
C GLY F 295 38.59 63.09 69.00
N CYS F 296 37.73 64.04 68.65
CA CYS F 296 36.61 63.78 67.77
C CYS F 296 36.99 64.10 66.35
N SER F 297 36.90 63.09 65.48
CA SER F 297 37.20 63.24 64.06
C SER F 297 35.95 62.95 63.27
N TYR F 298 35.77 63.67 62.16
CA TYR F 298 34.70 63.34 61.22
C TYR F 298 35.23 63.01 59.82
N ILE F 299 34.86 61.83 59.31
CA ILE F 299 35.29 61.38 57.99
C ILE F 299 34.14 60.95 57.08
N THR F 300 34.38 61.03 55.76
CA THR F 300 33.37 60.77 54.71
C THR F 300 33.38 59.33 54.19
N ASN F 301 32.24 58.87 53.65
CA ASN F 301 32.20 57.59 52.96
C ASN F 301 33.14 57.60 51.77
N GLN F 302 33.48 58.80 51.31
CA GLN F 302 34.38 59.00 50.19
C GLN F 302 35.80 59.32 50.66
N ASP F 303 35.96 59.43 51.97
CA ASP F 303 37.27 59.67 52.57
C ASP F 303 37.96 58.35 52.87
N ALA F 304 37.17 57.36 53.25
CA ALA F 304 37.67 56.04 53.59
C ALA F 304 36.54 55.03 53.40
N ASP F 305 36.86 53.77 53.67
CA ASP F 305 35.89 52.69 53.54
C ASP F 305 35.79 51.96 54.87
N THR F 306 36.68 52.36 55.78
CA THR F 306 36.89 51.65 57.02
C THR F 306 37.39 52.55 58.14
N VAL F 307 36.84 52.34 59.33
CA VAL F 307 37.41 52.87 60.57
C VAL F 307 37.81 51.73 61.52
N THR F 308 39.02 51.76 62.04
CA THR F 308 39.48 50.72 62.96
C THR F 308 39.68 51.29 64.37
N ILE F 309 39.13 50.62 65.37
CA ILE F 309 39.36 50.96 66.78
C ILE F 309 40.07 49.80 67.45
N ASP F 310 41.36 49.99 67.73
CA ASP F 310 42.21 48.87 68.14
C ASP F 310 42.15 47.75 67.08
N ASN F 311 41.58 46.62 67.44
CA ASN F 311 41.48 45.50 66.50
C ASN F 311 40.07 45.22 65.95
N THR F 312 39.14 46.12 66.24
CA THR F 312 37.77 46.01 65.71
C THR F 312 37.58 46.85 64.44
N VAL F 313 37.18 46.21 63.35
CA VAL F 313 37.08 46.95 62.10
C VAL F 313 35.65 47.32 61.74
N TYR F 314 35.39 48.62 61.62
CA TYR F 314 34.05 49.10 61.31
C TYR F 314 33.94 49.46 59.85
N GLN F 315 32.89 48.98 59.20
CA GLN F 315 32.67 49.26 57.79
C GLN F 315 31.81 50.50 57.62
N LEU F 316 32.23 51.40 56.73
CA LEU F 316 31.51 52.65 56.53
C LEU F 316 30.39 52.47 55.51
N SER F 317 30.58 51.53 54.58
CA SER F 317 29.57 51.27 53.56
C SER F 317 29.27 49.78 53.47
N LYS F 318 28.24 49.41 52.70
CA LYS F 318 27.93 48.01 52.47
C LYS F 318 29.00 47.39 51.60
N VAL F 319 29.44 46.18 51.95
CA VAL F 319 30.47 45.52 51.18
C VAL F 319 29.87 44.64 50.10
N GLU F 320 30.17 44.99 48.85
CA GLU F 320 29.62 44.35 47.67
C GLU F 320 30.29 43.01 47.42
N GLY F 321 29.49 41.95 47.36
CA GLY F 321 30.01 40.59 47.18
C GLY F 321 29.75 40.02 45.79
N GLU F 322 29.60 38.70 45.70
CA GLU F 322 29.35 38.05 44.42
C GLU F 322 28.07 38.53 43.73
N GLN F 323 27.82 37.94 42.58
CA GLN F 323 26.67 38.23 41.73
C GLN F 323 26.25 36.96 41.04
N HIS F 324 25.10 36.42 41.43
CA HIS F 324 24.66 35.16 40.88
C HIS F 324 23.60 35.36 39.80
N VAL F 325 23.54 34.40 38.86
CA VAL F 325 22.49 34.38 37.86
C VAL F 325 22.07 32.93 37.61
N ILE F 326 20.77 32.65 37.73
CA ILE F 326 20.22 31.29 37.70
C ILE F 326 19.03 31.16 36.77
N LYS F 327 19.00 30.10 35.96
CA LYS F 327 17.85 29.82 35.09
C LYS F 327 17.38 28.37 35.25
N GLY F 328 16.08 28.17 35.29
CA GLY F 328 15.50 26.85 35.51
C GLY F 328 15.69 25.88 34.36
N ARG F 329 15.56 24.58 34.66
CA ARG F 329 15.66 23.58 33.61
C ARG F 329 14.57 23.78 32.57
N PRO F 330 14.91 23.57 31.29
CA PRO F 330 13.96 23.78 30.21
C PRO F 330 12.88 22.72 30.27
N VAL F 331 11.64 23.12 30.01
CA VAL F 331 10.53 22.18 30.02
C VAL F 331 10.22 21.81 28.60
N SER F 332 10.17 20.51 28.35
CA SER F 332 10.00 20.02 27.00
C SER F 332 8.72 19.23 26.92
N SER F 333 8.21 19.05 25.71
CA SER F 333 6.98 18.28 25.53
C SER F 333 7.24 16.79 25.28
N SER F 334 6.36 15.95 25.82
CA SER F 334 6.54 14.50 25.67
C SER F 334 5.48 13.91 24.75
N PHE F 335 4.92 14.76 23.90
CA PHE F 335 3.82 14.38 23.03
C PHE F 335 4.31 13.62 21.83
N ASP F 336 3.91 12.36 21.74
CA ASP F 336 4.29 11.47 20.64
C ASP F 336 3.10 10.63 20.15
N PRO F 337 2.32 11.17 19.20
CA PRO F 337 1.07 10.54 18.77
C PRO F 337 1.32 9.23 18.06
N VAL F 338 0.31 8.37 18.02
CA VAL F 338 0.40 7.12 17.29
C VAL F 338 -0.48 7.24 16.04
N LYS F 339 0.04 6.78 14.90
CA LYS F 339 -0.75 6.84 13.67
C LYS F 339 -0.88 5.45 13.06
N PHE F 340 -2.05 5.17 12.52
CA PHE F 340 -2.36 3.88 11.91
C PHE F 340 -2.22 3.94 10.39
N PRO F 341 -1.51 2.96 9.80
CA PRO F 341 -1.28 3.01 8.36
C PRO F 341 -2.53 2.70 7.55
N GLU F 342 -3.44 3.66 7.39
CA GLU F 342 -4.74 3.30 6.83
C GLU F 342 -4.66 3.11 5.32
N ASP F 343 -3.75 3.84 4.66
CA ASP F 343 -3.63 3.72 3.21
C ASP F 343 -3.19 2.30 2.86
N GLN F 344 -2.11 1.84 3.49
CA GLN F 344 -1.56 0.49 3.23
C GLN F 344 -2.56 -0.60 3.54
N PHE F 345 -3.32 -0.39 4.60
CA PHE F 345 -4.30 -1.33 5.06
C PHE F 345 -5.48 -1.39 4.07
N ASN F 346 -5.99 -0.24 3.65
CA ASN F 346 -7.12 -0.17 2.74
C ASN F 346 -6.82 -0.78 1.37
N VAL F 347 -5.55 -0.77 0.98
CA VAL F 347 -5.14 -1.41 -0.27
C VAL F 347 -5.37 -2.91 -0.18
N ALA F 348 -5.12 -3.49 1.00
CA ALA F 348 -5.35 -4.91 1.23
C ALA F 348 -6.84 -5.27 1.27
N LEU F 349 -7.67 -4.39 1.83
CA LEU F 349 -9.10 -4.65 1.87
C LEU F 349 -9.72 -4.47 0.48
N ASP F 350 -9.29 -3.45 -0.25
CA ASP F 350 -9.72 -3.26 -1.64
C ASP F 350 -9.40 -4.52 -2.44
N GLN F 351 -8.25 -5.11 -2.15
CA GLN F 351 -7.82 -6.38 -2.73
C GLN F 351 -8.81 -7.53 -2.47
N VAL F 352 -9.26 -7.64 -1.24
CA VAL F 352 -10.17 -8.70 -0.83
C VAL F 352 -11.48 -8.57 -1.55
N PHE F 353 -12.01 -7.36 -1.55
CA PHE F 353 -13.30 -7.09 -2.17
C PHE F 353 -13.30 -7.32 -3.67
N GLU F 354 -12.15 -7.20 -4.32
CA GLU F 354 -12.09 -7.50 -5.75
C GLU F 354 -12.06 -8.99 -6.02
N SER F 355 -11.31 -9.70 -5.20
CA SER F 355 -11.18 -11.14 -5.28
C SER F 355 -12.51 -11.83 -5.03
N ILE F 356 -13.35 -11.21 -4.21
CA ILE F 356 -14.69 -11.71 -3.98
C ILE F 356 -15.46 -11.61 -5.28
N GLU F 357 -15.36 -10.45 -5.91
CA GLU F 357 -16.09 -10.16 -7.13
C GLU F 357 -15.52 -10.98 -8.28
N ASN F 358 -14.22 -11.22 -8.23
CA ASN F 358 -13.59 -12.09 -9.22
C ASN F 358 -14.02 -13.55 -9.07
N SER F 359 -14.05 -14.06 -7.83
CA SER F 359 -14.51 -15.42 -7.56
C SER F 359 -15.99 -15.58 -7.94
N GLN F 360 -16.77 -14.58 -7.54
CA GLN F 360 -18.20 -14.54 -7.85
C GLN F 360 -18.45 -14.49 -9.35
N ALA F 361 -17.63 -13.75 -10.08
CA ALA F 361 -17.81 -13.63 -11.52
C ALA F 361 -17.42 -14.92 -12.27
N LEU F 362 -16.50 -15.71 -11.73
CA LEU F 362 -16.10 -16.93 -12.39
C LEU F 362 -17.13 -18.04 -12.31
N VAL F 363 -17.86 -18.10 -11.20
CA VAL F 363 -18.87 -19.15 -11.06
C VAL F 363 -20.06 -18.79 -11.94
N ASP F 364 -20.13 -17.53 -12.35
CA ASP F 364 -21.17 -17.09 -13.25
C ASP F 364 -20.79 -17.51 -14.65
N GLN F 365 -19.51 -17.45 -14.98
CA GLN F 365 -19.09 -18.00 -16.25
C GLN F 365 -19.41 -19.47 -16.24
N SER F 366 -19.18 -20.10 -15.08
CA SER F 366 -19.41 -21.54 -14.93
C SER F 366 -20.87 -21.88 -15.19
N ASN F 367 -21.78 -21.06 -14.67
CA ASN F 367 -23.20 -21.30 -14.91
C ASN F 367 -23.62 -20.97 -16.35
N ARG F 368 -23.03 -19.95 -16.96
CA ARG F 368 -23.28 -19.70 -18.37
C ARG F 368 -22.93 -20.95 -19.13
N ILE F 369 -21.75 -21.48 -18.86
CA ILE F 369 -21.27 -22.67 -19.54
C ILE F 369 -22.23 -23.87 -19.42
N LEU F 370 -22.86 -24.04 -18.26
CA LEU F 370 -23.82 -25.13 -18.11
C LEU F 370 -25.16 -24.91 -18.84
N SER F 371 -25.64 -23.66 -18.91
CA SER F 371 -26.86 -23.38 -19.68
C SER F 371 -26.56 -22.90 -21.12
N LEU G 1 -15.29 -26.84 -88.83
CA LEU G 1 -15.36 -28.30 -88.90
C LEU G 1 -16.47 -28.70 -89.87
N LYS G 2 -16.43 -29.93 -90.38
CA LYS G 2 -17.48 -30.41 -91.31
C LYS G 2 -17.93 -31.84 -91.02
N GLU G 3 -19.22 -32.01 -90.74
CA GLU G 3 -19.76 -33.31 -90.37
C GLU G 3 -20.79 -33.78 -91.36
N SER G 4 -20.51 -34.89 -92.01
CA SER G 4 -21.33 -35.38 -93.12
C SER G 4 -22.19 -36.57 -92.70
N TYR G 5 -23.47 -36.52 -93.09
CA TYR G 5 -24.43 -37.57 -92.76
C TYR G 5 -24.52 -38.59 -93.87
N LEU G 6 -24.30 -39.84 -93.51
CA LEU G 6 -24.29 -40.93 -94.46
C LEU G 6 -25.62 -41.69 -94.40
N GLU G 7 -26.53 -41.37 -95.31
CA GLU G 7 -27.90 -41.85 -95.18
C GLU G 7 -28.00 -43.35 -95.38
N GLU G 8 -26.98 -43.92 -96.02
CA GLU G 8 -27.03 -45.31 -96.40
C GLU G 8 -26.74 -46.22 -95.20
N SER G 9 -25.93 -45.74 -94.26
CA SER G 9 -25.50 -46.55 -93.12
C SER G 9 -25.95 -46.04 -91.74
N CYS G 10 -26.85 -45.05 -91.74
CA CYS G 10 -27.34 -44.43 -90.52
C CYS G 10 -26.17 -44.03 -89.63
N SER G 11 -25.15 -43.46 -90.26
CA SER G 11 -23.94 -43.10 -89.55
C SER G 11 -23.53 -41.68 -89.88
N THR G 12 -22.57 -41.18 -89.10
CA THR G 12 -22.04 -39.85 -89.28
C THR G 12 -20.52 -39.90 -89.28
N ILE G 13 -19.90 -39.21 -90.24
CA ILE G 13 -18.46 -38.98 -90.15
C ILE G 13 -18.21 -37.48 -89.92
N THR G 14 -17.35 -37.16 -88.97
CA THR G 14 -17.01 -35.76 -88.70
C THR G 14 -15.52 -35.55 -88.89
N GLU G 15 -15.15 -34.85 -89.94
CA GLU G 15 -13.74 -34.70 -90.26
C GLU G 15 -13.29 -33.25 -90.15
N GLY G 16 -11.96 -33.04 -90.20
CA GLY G 16 -11.38 -31.71 -90.10
C GLY G 16 -10.57 -31.55 -88.82
N TYR G 17 -10.51 -32.62 -88.03
CA TYR G 17 -9.72 -32.66 -86.80
C TYR G 17 -8.25 -32.82 -87.16
N LEU G 18 -7.38 -32.49 -86.22
CA LEU G 18 -5.97 -32.63 -86.49
C LEU G 18 -5.31 -33.51 -85.46
N SER G 19 -4.39 -34.37 -85.90
CA SER G 19 -3.86 -35.39 -85.01
C SER G 19 -2.75 -34.84 -84.15
N VAL G 20 -2.69 -35.34 -82.92
CA VAL G 20 -1.55 -35.14 -82.03
C VAL G 20 -1.26 -36.48 -81.38
N LEU G 21 -0.22 -37.17 -81.84
CA LEU G 21 0.01 -38.56 -81.44
C LEU G 21 1.29 -38.77 -80.64
N ARG G 22 1.20 -39.49 -79.53
CA ARG G 22 2.39 -39.68 -78.69
C ARG G 22 3.33 -40.74 -79.25
N THR G 23 4.60 -40.39 -79.36
CA THR G 23 5.62 -41.28 -79.89
C THR G 23 6.67 -41.70 -78.87
N GLY G 24 6.69 -41.04 -77.73
CA GLY G 24 7.64 -41.42 -76.69
C GLY G 24 7.46 -40.75 -75.34
N TRP G 25 8.40 -41.02 -74.44
CA TRP G 25 8.43 -40.37 -73.14
C TRP G 25 9.74 -39.64 -72.95
N TYR G 26 9.64 -38.42 -72.42
CA TYR G 26 10.80 -37.62 -72.07
C TYR G 26 10.75 -37.34 -70.56
N THR G 27 11.85 -37.63 -69.88
CA THR G 27 11.86 -37.56 -68.42
C THR G 27 12.93 -36.64 -67.81
N ASN G 28 12.47 -35.85 -66.84
CA ASN G 28 13.37 -35.07 -66.00
C ASN G 28 13.35 -35.60 -64.57
N VAL G 29 14.49 -35.48 -63.91
CA VAL G 29 14.63 -35.85 -62.50
C VAL G 29 14.83 -34.60 -61.63
N PHE G 30 14.09 -34.50 -60.54
CA PHE G 30 14.19 -33.36 -59.62
C PHE G 30 14.69 -33.78 -58.22
N THR G 31 15.47 -32.90 -57.59
CA THR G 31 15.84 -33.08 -56.19
C THR G 31 15.46 -31.84 -55.40
N LEU G 32 14.51 -31.99 -54.49
CA LEU G 32 14.08 -30.87 -53.68
C LEU G 32 14.65 -30.94 -52.27
N GLU G 33 15.22 -29.82 -51.83
CA GLU G 33 15.85 -29.70 -50.52
C GLU G 33 15.12 -28.69 -49.62
N VAL G 34 15.13 -28.96 -48.32
CA VAL G 34 14.55 -28.02 -47.39
C VAL G 34 15.56 -26.92 -47.15
N GLY G 35 15.08 -25.68 -47.12
CA GLY G 35 15.95 -24.54 -46.86
C GLY G 35 16.43 -24.63 -45.44
N ASP G 36 17.55 -23.99 -45.13
CA ASP G 36 18.08 -24.02 -43.77
C ASP G 36 17.21 -23.20 -42.83
N VAL G 37 17.08 -23.66 -41.59
CA VAL G 37 16.40 -22.87 -40.58
C VAL G 37 17.31 -22.73 -39.36
N GLU G 38 17.47 -21.50 -38.92
CA GLU G 38 18.35 -21.16 -37.82
C GLU G 38 17.77 -21.76 -36.53
N ASN G 39 18.64 -22.13 -35.59
CA ASN G 39 18.16 -22.69 -34.34
C ASN G 39 17.60 -21.53 -33.50
N LEU G 40 16.35 -21.64 -33.06
CA LEU G 40 15.74 -20.59 -32.23
C LEU G 40 16.03 -20.80 -30.76
N THR G 41 17.11 -20.16 -30.33
CA THR G 41 17.70 -20.37 -29.02
C THR G 41 17.25 -19.36 -27.95
N CYS G 42 16.19 -18.61 -28.24
CA CYS G 42 15.70 -17.62 -27.29
C CYS G 42 14.66 -18.19 -26.30
N ALA G 43 14.16 -19.38 -26.61
CA ALA G 43 13.16 -20.03 -25.76
C ALA G 43 13.40 -21.53 -25.69
N ASP G 44 12.75 -22.17 -24.72
CA ASP G 44 12.93 -23.59 -24.45
C ASP G 44 11.67 -24.46 -24.59
N GLY G 45 11.85 -25.60 -25.27
CA GLY G 45 10.83 -26.63 -25.36
C GLY G 45 9.82 -26.45 -26.47
N PRO G 46 8.54 -26.30 -26.11
CA PRO G 46 7.50 -26.26 -27.15
C PRO G 46 7.67 -25.04 -28.04
N SER G 47 8.48 -25.17 -29.08
CA SER G 47 8.64 -24.08 -30.01
C SER G 47 7.63 -24.28 -31.13
N LEU G 48 7.16 -23.19 -31.72
CA LEU G 48 6.18 -23.32 -32.80
C LEU G 48 6.84 -23.82 -34.08
N ILE G 49 8.10 -23.46 -34.30
CA ILE G 49 8.77 -23.97 -35.49
C ILE G 49 9.39 -25.34 -35.23
N LYS G 50 9.78 -25.65 -33.99
CA LYS G 50 10.26 -27.00 -33.71
C LYS G 50 9.13 -27.98 -33.93
N THR G 51 7.91 -27.58 -33.59
CA THR G 51 6.75 -28.42 -33.82
C THR G 51 6.46 -28.45 -35.31
N GLU G 52 6.89 -27.42 -36.01
CA GLU G 52 6.71 -27.38 -37.46
C GLU G 52 7.74 -28.24 -38.19
N LEU G 53 8.95 -28.33 -37.67
CA LEU G 53 9.97 -29.19 -38.28
C LEU G 53 9.74 -30.66 -37.97
N ASP G 54 9.45 -30.96 -36.72
CA ASP G 54 9.23 -32.33 -36.31
C ASP G 54 8.00 -32.88 -37.00
N LEU G 55 7.18 -31.97 -37.53
CA LEU G 55 6.02 -32.33 -38.32
C LEU G 55 6.39 -32.66 -39.77
N THR G 56 7.19 -31.81 -40.42
CA THR G 56 7.56 -32.08 -41.82
C THR G 56 8.67 -33.15 -41.92
N LYS G 57 9.44 -33.31 -40.86
CA LYS G 57 10.42 -34.40 -40.82
C LYS G 57 9.66 -35.71 -40.73
N SER G 58 8.55 -35.68 -40.01
CA SER G 58 7.69 -36.84 -39.82
C SER G 58 6.89 -37.10 -41.09
N ALA G 59 6.56 -36.02 -41.79
CA ALA G 59 5.87 -36.13 -43.06
C ALA G 59 6.74 -36.89 -44.07
N LEU G 60 8.05 -36.66 -43.98
CA LEU G 60 9.04 -37.27 -44.87
C LEU G 60 9.33 -38.72 -44.50
N ARG G 61 9.28 -39.03 -43.22
CA ARG G 61 9.49 -40.39 -42.76
C ARG G 61 8.40 -41.26 -43.36
N GLU G 62 7.20 -40.66 -43.44
CA GLU G 62 6.03 -41.35 -43.95
C GLU G 62 6.05 -41.43 -45.48
N LEU G 63 6.44 -40.35 -46.14
CA LEU G 63 6.53 -40.29 -47.59
C LEU G 63 7.58 -41.28 -48.06
N ARG G 64 8.59 -41.49 -47.24
CA ARG G 64 9.66 -42.43 -47.53
C ARG G 64 9.16 -43.83 -47.87
N THR G 65 8.12 -44.26 -47.16
CA THR G 65 7.68 -45.65 -47.22
C THR G 65 7.13 -46.04 -48.60
N VAL G 66 6.89 -45.03 -49.44
CA VAL G 66 6.29 -45.21 -50.75
C VAL G 66 7.26 -44.88 -51.90
N SER G 67 8.56 -44.79 -51.59
CA SER G 67 9.54 -44.49 -52.63
C SER G 67 9.58 -45.60 -53.67
N ALA G 68 9.93 -45.22 -54.89
CA ALA G 68 9.88 -46.13 -56.01
C ALA G 68 10.96 -47.19 -55.89
N ASP G 69 12.19 -46.80 -55.56
CA ASP G 69 13.21 -47.83 -55.42
C ASP G 69 13.29 -48.29 -53.96
N GLN G 70 13.45 -49.60 -53.79
CA GLN G 70 13.46 -50.21 -52.47
C GLN G 70 14.66 -49.79 -51.64
N LEU G 71 15.78 -49.56 -52.31
CA LEU G 71 17.02 -49.30 -51.60
C LEU G 71 17.01 -47.92 -50.95
N ALA G 72 15.88 -47.23 -51.00
CA ALA G 72 15.71 -45.97 -50.27
C ALA G 72 14.85 -46.13 -49.03
N ARG G 73 14.32 -47.34 -48.81
CA ARG G 73 13.35 -47.55 -47.74
C ARG G 73 13.89 -48.41 -46.58
N GLU G 74 14.33 -47.77 -45.51
CA GLU G 74 14.84 -48.47 -44.32
C GLU G 74 15.58 -49.80 -44.59
N THR H 3 18.29 60.66 37.21
CA THR H 3 19.65 60.14 37.25
C THR H 3 20.13 59.81 35.84
N ALA H 4 21.05 60.60 35.29
CA ALA H 4 21.57 60.36 33.94
C ALA H 4 22.09 58.92 33.76
N ALA H 5 22.76 58.39 34.78
CA ALA H 5 23.27 57.01 34.76
C ALA H 5 22.14 55.97 34.73
N ALA H 6 21.18 56.14 35.63
CA ALA H 6 20.07 55.20 35.77
C ALA H 6 19.19 55.16 34.53
N VAL H 7 19.05 56.30 33.88
CA VAL H 7 18.31 56.35 32.62
C VAL H 7 19.00 55.46 31.63
N THR H 8 20.33 55.59 31.54
CA THR H 8 21.09 54.79 30.59
C THR H 8 21.13 53.31 30.96
N ALA H 9 21.28 53.02 32.25
CA ALA H 9 21.31 51.63 32.71
C ALA H 9 19.96 50.99 32.51
N GLY H 10 18.91 51.78 32.66
CA GLY H 10 17.55 51.30 32.48
C GLY H 10 17.31 50.93 31.02
N VAL H 11 17.84 51.73 30.11
CA VAL H 11 17.69 51.43 28.69
C VAL H 11 18.47 50.18 28.34
N ALA H 12 19.64 50.03 28.95
CA ALA H 12 20.52 48.89 28.68
C ALA H 12 19.88 47.57 29.08
N ILE H 13 19.35 47.50 30.30
CA ILE H 13 18.71 46.25 30.73
C ILE H 13 17.46 46.01 29.87
N ALA H 14 16.78 47.08 29.50
CA ALA H 14 15.55 46.98 28.72
C ALA H 14 15.83 46.37 27.38
N LYS H 15 16.88 46.87 26.72
CA LYS H 15 17.25 46.37 25.41
C LYS H 15 17.78 44.95 25.49
N THR H 16 18.49 44.62 26.56
CA THR H 16 19.02 43.27 26.73
C THR H 16 17.87 42.28 26.86
N ILE H 17 16.82 42.68 27.57
CA ILE H 17 15.63 41.85 27.70
C ILE H 17 14.92 41.75 26.36
N ARG H 18 14.92 42.85 25.62
CA ARG H 18 14.29 42.90 24.30
C ARG H 18 15.03 42.00 23.30
N LEU H 19 16.32 41.81 23.55
CA LEU H 19 17.20 40.97 22.75
C LEU H 19 17.23 39.52 23.17
N GLU H 20 17.23 39.29 24.48
CA GLU H 20 17.33 37.96 25.06
C GLU H 20 16.14 37.10 24.59
N SER H 21 15.03 37.79 24.36
CA SER H 21 13.78 37.17 23.92
C SER H 21 13.74 36.96 22.42
N GLU H 22 14.52 37.78 21.71
CA GLU H 22 14.61 37.66 20.26
C GLU H 22 15.46 36.43 19.87
N VAL H 23 16.56 36.18 20.57
CA VAL H 23 17.41 35.05 20.21
C VAL H 23 16.76 33.70 20.53
N THR H 24 15.88 33.64 21.53
CA THR H 24 15.20 32.38 21.85
C THR H 24 14.12 32.11 20.80
N ALA H 25 13.62 33.17 20.18
CA ALA H 25 12.64 33.05 19.11
C ALA H 25 13.32 32.47 17.89
N ILE H 26 14.50 33.00 17.59
CA ILE H 26 15.30 32.52 16.48
C ILE H 26 15.66 31.05 16.71
N LYS H 27 16.02 30.70 17.94
CA LYS H 27 16.30 29.30 18.30
C LYS H 27 15.08 28.45 18.00
N ASN H 28 13.91 28.93 18.40
CA ASN H 28 12.66 28.21 18.16
C ASN H 28 12.32 28.17 16.67
N ALA H 29 12.64 29.25 15.97
CA ALA H 29 12.36 29.33 14.56
C ALA H 29 13.19 28.30 13.82
N LEU H 30 14.48 28.30 14.12
CA LEU H 30 15.42 27.36 13.51
C LEU H 30 15.09 25.92 13.89
N LYS H 31 14.63 25.74 15.12
CA LYS H 31 14.25 24.44 15.67
C LYS H 31 13.14 23.80 14.80
N LYS H 32 12.27 24.66 14.29
CA LYS H 32 11.21 24.26 13.36
C LYS H 32 11.76 24.02 11.95
N THR H 33 12.71 24.85 11.55
CA THR H 33 13.25 24.75 10.22
C THR H 33 13.99 23.46 9.99
N ASN H 34 14.98 23.11 10.82
CA ASN H 34 15.67 21.85 10.50
C ASN H 34 14.73 20.66 10.70
N GLU H 35 13.58 20.90 11.33
CA GLU H 35 12.51 19.91 11.38
C GLU H 35 11.85 19.83 9.99
N ALA H 36 11.78 20.96 9.30
CA ALA H 36 11.27 21.01 7.93
C ALA H 36 12.24 20.33 6.98
N VAL H 37 13.53 20.52 7.23
CA VAL H 37 14.56 19.89 6.42
C VAL H 37 14.53 18.36 6.57
N SER H 38 14.43 17.89 7.81
CA SER H 38 14.34 16.47 8.08
C SER H 38 13.07 15.86 7.50
N THR H 39 11.99 16.63 7.51
CA THR H 39 10.71 16.11 7.03
C THR H 39 10.76 15.91 5.52
N LEU H 40 11.21 16.94 4.82
CA LEU H 40 11.37 16.93 3.38
C LEU H 40 12.27 15.79 2.88
N GLY H 41 13.29 15.45 3.67
CA GLY H 41 14.18 14.35 3.33
C GLY H 41 13.43 13.03 3.24
N ASN H 42 12.53 12.83 4.19
CA ASN H 42 11.70 11.63 4.23
C ASN H 42 10.76 11.56 3.04
N GLY H 43 10.54 12.71 2.42
CA GLY H 43 9.78 12.78 1.19
C GLY H 43 10.68 12.33 0.06
N VAL H 44 11.87 12.90 0.01
CA VAL H 44 12.81 12.54 -1.02
C VAL H 44 13.15 11.09 -0.82
N ARG H 45 13.32 10.67 0.43
CA ARG H 45 13.65 9.27 0.69
C ARG H 45 12.56 8.34 0.14
N VAL H 46 11.32 8.62 0.48
CA VAL H 46 10.20 7.83 -0.02
C VAL H 46 10.07 7.98 -1.54
N LEU H 47 10.40 9.17 -2.05
CA LEU H 47 10.29 9.40 -3.49
C LEU H 47 11.33 8.58 -4.24
N ALA H 48 12.53 8.48 -3.70
CA ALA H 48 13.58 7.70 -4.35
C ALA H 48 13.22 6.22 -4.35
N THR H 49 12.72 5.71 -3.23
CA THR H 49 12.29 4.31 -3.15
C THR H 49 11.17 4.07 -4.14
N ALA H 50 10.32 5.07 -4.39
CA ALA H 50 9.28 4.92 -5.40
C ALA H 50 9.93 4.83 -6.79
N VAL H 51 10.91 5.71 -7.05
CA VAL H 51 11.66 5.71 -8.30
C VAL H 51 12.47 4.41 -8.47
N ARG H 52 12.96 3.86 -7.37
CA ARG H 52 13.64 2.57 -7.38
C ARG H 52 12.69 1.42 -7.75
N GLU H 53 11.48 1.43 -7.18
CA GLU H 53 10.49 0.39 -7.44
C GLU H 53 9.96 0.50 -8.87
N LEU H 54 9.94 1.71 -9.42
CA LEU H 54 9.50 1.91 -10.79
C LEU H 54 10.51 1.36 -11.77
N LYS H 55 11.79 1.56 -11.50
CA LYS H 55 12.81 0.97 -12.36
C LYS H 55 12.82 -0.57 -12.28
N ASP H 56 12.70 -1.12 -11.08
CA ASP H 56 12.68 -2.58 -10.89
C ASP H 56 11.58 -3.23 -11.68
N PHE H 57 10.47 -2.53 -11.84
CA PHE H 57 9.36 -3.05 -12.64
C PHE H 57 9.64 -2.91 -14.11
N VAL H 58 10.16 -1.75 -14.49
CA VAL H 58 10.51 -1.48 -15.88
C VAL H 58 11.72 -2.32 -16.31
N SER H 59 12.80 -2.27 -15.52
CA SER H 59 14.03 -2.98 -15.84
C SER H 59 13.83 -4.48 -15.90
N LYS H 60 13.12 -5.02 -14.92
CA LYS H 60 12.97 -6.46 -14.76
C LYS H 60 11.66 -6.98 -15.37
N ASN H 61 10.52 -6.70 -14.73
CA ASN H 61 9.26 -7.35 -15.10
C ASN H 61 8.71 -7.05 -16.50
N LEU H 62 8.99 -5.86 -16.99
CA LEU H 62 8.39 -5.36 -18.22
C LEU H 62 9.27 -5.71 -19.40
N THR H 63 10.57 -5.44 -19.29
CA THR H 63 11.49 -5.82 -20.36
C THR H 63 11.53 -7.36 -20.52
N ARG H 64 11.28 -8.10 -19.44
CA ARG H 64 11.13 -9.54 -19.55
C ARG H 64 9.89 -9.89 -20.36
N ALA H 65 8.79 -9.21 -20.05
CA ALA H 65 7.52 -9.45 -20.73
C ALA H 65 7.65 -9.07 -22.19
N ILE H 66 8.46 -8.04 -22.48
CA ILE H 66 8.67 -7.63 -23.87
C ILE H 66 9.53 -8.61 -24.65
N ASN H 67 10.67 -8.98 -24.09
CA ASN H 67 11.57 -9.94 -24.71
C ASN H 67 10.89 -11.28 -24.89
N LYS H 68 9.95 -11.58 -24.00
CA LYS H 68 9.15 -12.80 -24.12
C LYS H 68 8.27 -12.71 -25.35
N ASN H 69 7.54 -11.62 -25.48
CA ASN H 69 6.70 -11.39 -26.65
C ASN H 69 7.54 -11.27 -27.92
N LYS H 70 8.76 -10.77 -27.75
CA LYS H 70 9.72 -10.60 -28.82
C LYS H 70 10.19 -11.97 -29.30
N CYS H 71 10.25 -12.92 -28.37
CA CYS H 71 10.68 -14.27 -28.67
C CYS H 71 9.59 -15.02 -29.42
N ASP H 72 8.37 -14.87 -28.96
CA ASP H 72 7.23 -15.46 -29.63
C ASP H 72 7.13 -14.89 -31.05
N ILE H 73 7.28 -13.57 -31.18
CA ILE H 73 7.27 -12.93 -32.49
C ILE H 73 8.29 -13.55 -33.44
N ALA H 74 9.52 -13.70 -32.99
CA ALA H 74 10.55 -14.27 -33.83
C ALA H 74 10.25 -15.73 -34.13
N ASP H 75 9.61 -16.40 -33.16
CA ASP H 75 9.15 -17.77 -33.31
C ASP H 75 8.10 -17.93 -34.42
N LEU H 76 7.04 -17.13 -34.37
CA LEU H 76 5.97 -17.25 -35.35
C LEU H 76 6.42 -16.86 -36.76
N LYS H 77 7.25 -15.82 -36.84
CA LYS H 77 7.84 -15.42 -38.12
C LYS H 77 8.64 -16.57 -38.73
N MET H 78 9.36 -17.34 -37.92
CA MET H 78 10.09 -18.47 -38.45
C MET H 78 9.14 -19.55 -38.95
N ALA H 79 8.11 -19.84 -38.18
CA ALA H 79 7.14 -20.85 -38.59
C ALA H 79 6.49 -20.46 -39.91
N VAL H 80 5.99 -19.23 -39.99
CA VAL H 80 5.37 -18.76 -41.21
C VAL H 80 6.37 -18.64 -42.37
N SER H 81 7.56 -18.10 -42.11
CA SER H 81 8.60 -18.01 -43.15
C SER H 81 8.97 -19.37 -43.71
N PHE H 82 8.96 -20.38 -42.85
CA PHE H 82 9.34 -21.71 -43.28
C PHE H 82 8.41 -22.24 -44.35
N SER H 83 7.12 -22.11 -44.10
CA SER H 83 6.09 -22.55 -45.03
C SER H 83 6.08 -21.78 -46.33
N GLN H 84 6.53 -20.52 -46.28
CA GLN H 84 6.57 -19.70 -47.47
C GLN H 84 7.79 -20.05 -48.30
N PHE H 85 8.96 -20.00 -47.67
CA PHE H 85 10.20 -20.19 -48.40
C PHE H 85 10.36 -21.59 -48.94
N ASN H 86 9.52 -22.50 -48.45
CA ASN H 86 9.55 -23.91 -48.81
C ASN H 86 8.22 -24.46 -49.33
N ARG H 87 7.44 -23.64 -50.02
CA ARG H 87 6.15 -24.07 -50.58
C ARG H 87 6.26 -25.29 -51.48
N ARG H 88 7.13 -25.20 -52.48
CA ARG H 88 7.22 -26.23 -53.49
C ARG H 88 7.53 -27.59 -52.86
N PHE H 89 8.57 -27.62 -52.03
CA PHE H 89 8.98 -28.84 -51.34
C PHE H 89 7.80 -29.43 -50.59
N LEU H 90 7.10 -28.56 -49.86
CA LEU H 90 5.98 -28.97 -49.03
C LEU H 90 4.78 -29.34 -49.89
N ASN H 91 4.59 -28.61 -50.99
CA ASN H 91 3.51 -28.96 -51.89
C ASN H 91 3.81 -30.28 -52.55
N VAL H 92 5.05 -30.49 -53.00
CA VAL H 92 5.40 -31.73 -53.70
C VAL H 92 5.26 -32.94 -52.76
N VAL H 93 5.67 -32.76 -51.51
CA VAL H 93 5.53 -33.82 -50.53
C VAL H 93 4.06 -34.10 -50.28
N ARG H 94 3.26 -33.04 -50.29
CA ARG H 94 1.83 -33.17 -50.08
C ARG H 94 1.20 -33.99 -51.18
N GLN H 95 1.54 -33.68 -52.41
CA GLN H 95 0.92 -34.34 -53.56
C GLN H 95 1.30 -35.81 -53.65
N PHE H 96 2.59 -36.14 -53.51
CA PHE H 96 3.01 -37.54 -53.53
C PHE H 96 2.44 -38.34 -52.37
N SER H 97 2.02 -37.66 -51.31
CA SER H 97 1.44 -38.35 -50.16
C SER H 97 -0.02 -38.66 -50.38
N ASP H 98 -0.70 -37.72 -51.04
CA ASP H 98 -2.12 -37.83 -51.25
C ASP H 98 -2.45 -38.90 -52.27
N ASN H 99 -1.51 -39.15 -53.19
CA ASN H 99 -1.69 -40.16 -54.22
C ASN H 99 -0.73 -41.35 -54.09
N ALA H 100 0.03 -41.36 -53.00
CA ALA H 100 0.96 -42.44 -52.63
C ALA H 100 2.01 -42.78 -53.69
N GLY H 101 2.84 -41.81 -54.05
CA GLY H 101 4.02 -42.06 -54.86
C GLY H 101 3.95 -41.70 -56.35
N ILE H 102 2.74 -41.42 -56.83
CA ILE H 102 2.53 -41.17 -58.25
C ILE H 102 1.63 -39.94 -58.40
N THR H 103 1.74 -39.24 -59.51
CA THR H 103 0.88 -38.09 -59.72
C THR H 103 0.19 -38.25 -61.06
N PRO H 104 -1.14 -38.14 -61.08
CA PRO H 104 -1.98 -38.18 -62.28
C PRO H 104 -1.54 -37.20 -63.38
N ALA H 105 -0.94 -36.09 -62.97
CA ALA H 105 -0.51 -35.03 -63.89
C ALA H 105 0.82 -34.46 -63.47
N ILE H 106 1.45 -33.70 -64.36
CA ILE H 106 2.64 -32.94 -63.99
C ILE H 106 2.16 -31.61 -63.45
N SER H 107 1.91 -31.57 -62.15
CA SER H 107 1.35 -30.39 -61.48
C SER H 107 2.25 -29.18 -61.60
N LEU H 108 1.72 -28.00 -61.29
CA LEU H 108 2.52 -26.79 -61.41
C LEU H 108 3.68 -26.80 -60.42
N ASP H 109 3.50 -27.49 -59.30
CA ASP H 109 4.51 -27.56 -58.24
C ASP H 109 5.61 -28.55 -58.63
N LEU H 110 5.21 -29.59 -59.33
CA LEU H 110 6.12 -30.65 -59.76
C LEU H 110 7.11 -30.15 -60.79
N MET H 111 6.65 -29.25 -61.66
CA MET H 111 7.52 -28.72 -62.70
C MET H 111 6.95 -27.38 -63.14
N THR H 112 7.77 -26.35 -62.96
CA THR H 112 7.38 -24.96 -63.21
C THR H 112 7.24 -24.70 -64.70
N ASP H 113 6.60 -23.60 -65.07
CA ASP H 113 6.39 -23.37 -66.50
C ASP H 113 7.70 -23.19 -67.21
N ALA H 114 8.60 -22.51 -66.52
CA ALA H 114 9.94 -22.28 -67.04
C ALA H 114 10.62 -23.61 -67.33
N GLU H 115 10.57 -24.50 -66.35
CA GLU H 115 11.20 -25.81 -66.45
C GLU H 115 10.57 -26.70 -67.52
N LEU H 116 9.25 -26.64 -67.60
CA LEU H 116 8.43 -27.40 -68.55
C LEU H 116 8.71 -26.97 -69.97
N ALA H 117 8.74 -25.66 -70.19
CA ALA H 117 9.01 -25.09 -71.51
C ALA H 117 10.44 -25.45 -71.95
N ARG H 118 11.34 -25.52 -70.98
CA ARG H 118 12.73 -25.87 -71.25
C ARG H 118 12.87 -27.36 -71.58
N ALA H 119 12.04 -28.17 -70.94
CA ALA H 119 12.09 -29.60 -71.17
C ALA H 119 11.63 -29.91 -72.58
N VAL H 120 10.52 -29.31 -72.99
CA VAL H 120 9.96 -29.53 -74.32
C VAL H 120 10.89 -29.08 -75.44
N SER H 121 11.60 -27.98 -75.23
CA SER H 121 12.55 -27.47 -76.24
C SER H 121 13.78 -28.37 -76.43
N ASN H 122 14.10 -29.18 -75.43
CA ASN H 122 15.22 -30.11 -75.52
C ASN H 122 14.77 -31.54 -75.81
N MET H 123 13.52 -31.70 -76.27
CA MET H 123 12.99 -32.99 -76.67
C MET H 123 13.51 -33.39 -78.06
N PRO H 124 13.62 -34.71 -78.31
CA PRO H 124 14.09 -35.21 -79.60
C PRO H 124 13.04 -35.21 -80.72
N THR H 125 12.60 -34.04 -81.17
CA THR H 125 11.68 -33.95 -82.31
C THR H 125 11.81 -32.68 -83.15
N SER H 126 10.97 -32.59 -84.17
CA SER H 126 11.03 -31.50 -85.15
C SER H 126 10.49 -30.21 -84.57
N ALA H 127 10.87 -29.09 -85.19
CA ALA H 127 10.56 -27.76 -84.69
C ALA H 127 9.06 -27.51 -84.58
N GLY H 128 8.32 -28.02 -85.56
CA GLY H 128 6.88 -27.81 -85.61
C GLY H 128 6.13 -28.58 -84.54
N GLN H 129 6.69 -29.73 -84.15
CA GLN H 129 6.11 -30.59 -83.12
C GLN H 129 6.40 -30.01 -81.73
N ILE H 130 7.57 -29.40 -81.59
CA ILE H 130 7.91 -28.67 -80.37
C ILE H 130 6.94 -27.51 -80.15
N LYS H 131 6.65 -26.78 -81.22
CA LYS H 131 5.73 -25.63 -81.13
C LYS H 131 4.35 -26.02 -80.59
N LEU H 132 3.78 -27.09 -81.14
CA LEU H 132 2.43 -27.50 -80.78
C LEU H 132 2.35 -27.89 -79.31
N MET H 133 3.40 -28.54 -78.83
CA MET H 133 3.41 -28.92 -77.44
C MET H 133 3.45 -27.69 -76.54
N LEU H 134 4.27 -26.72 -76.91
CA LEU H 134 4.39 -25.47 -76.18
C LEU H 134 3.07 -24.71 -76.09
N GLU H 135 2.27 -24.79 -77.15
CA GLU H 135 0.98 -24.11 -77.19
C GLU H 135 -0.05 -24.88 -76.41
N ASN H 136 0.10 -26.20 -76.34
CA ASN H 136 -0.87 -27.02 -75.63
C ASN H 136 -0.33 -27.63 -74.34
N ARG H 137 0.56 -26.90 -73.67
CA ARG H 137 1.28 -27.43 -72.52
C ARG H 137 0.39 -27.94 -71.38
N ALA H 138 -0.85 -27.46 -71.34
CA ALA H 138 -1.82 -27.99 -70.39
C ALA H 138 -1.97 -29.48 -70.66
N MET H 139 -2.19 -29.82 -71.94
CA MET H 139 -2.34 -31.20 -72.39
C MET H 139 -1.08 -32.01 -72.14
N VAL H 140 0.07 -31.41 -72.43
CA VAL H 140 1.36 -32.06 -72.17
C VAL H 140 1.50 -32.48 -70.72
N ARG H 141 1.09 -31.59 -69.81
CA ARG H 141 1.13 -31.85 -68.38
C ARG H 141 0.18 -32.97 -67.97
N ARG H 142 -1.02 -32.97 -68.55
CA ARG H 142 -2.03 -33.94 -68.16
C ARG H 142 -1.75 -35.31 -68.81
N LYS H 143 -1.25 -35.30 -70.03
CA LYS H 143 -0.96 -36.55 -70.69
C LYS H 143 0.31 -37.15 -70.09
N GLY H 144 1.02 -36.37 -69.30
CA GLY H 144 2.18 -36.85 -68.60
C GLY H 144 1.82 -37.22 -67.17
N PHE H 145 2.85 -37.47 -66.34
CA PHE H 145 2.66 -37.74 -64.92
C PHE H 145 3.98 -37.68 -64.14
N GLY H 146 3.91 -37.82 -62.82
CA GLY H 146 5.09 -37.75 -61.97
C GLY H 146 5.29 -38.94 -61.05
N ILE H 147 6.55 -39.32 -60.85
CA ILE H 147 6.85 -40.49 -60.02
C ILE H 147 7.79 -40.17 -58.89
N LEU H 148 7.35 -40.48 -57.67
CA LEU H 148 8.23 -40.32 -56.50
C LEU H 148 9.28 -41.41 -56.51
N ILE H 149 10.53 -41.02 -56.71
CA ILE H 149 11.64 -41.96 -56.74
C ILE H 149 12.07 -42.31 -55.33
N GLY H 150 12.28 -41.29 -54.52
CA GLY H 150 12.71 -41.54 -53.16
C GLY H 150 12.86 -40.31 -52.29
N VAL H 151 12.77 -40.55 -50.99
CA VAL H 151 13.11 -39.57 -49.99
C VAL H 151 14.47 -39.96 -49.46
N TYR H 152 15.48 -39.16 -49.76
CA TYR H 152 16.82 -39.48 -49.28
C TYR H 152 17.26 -38.48 -48.23
N GLY H 153 17.35 -38.95 -47.00
CA GLY H 153 17.65 -38.08 -45.88
C GLY H 153 16.57 -37.04 -45.72
N SER H 154 16.90 -35.81 -46.07
CA SER H 154 15.96 -34.70 -45.99
C SER H 154 15.59 -34.18 -47.38
N SER H 155 16.05 -34.89 -48.42
CA SER H 155 15.81 -34.48 -49.81
C SER H 155 14.76 -35.37 -50.47
N VAL H 156 13.89 -34.77 -51.27
CA VAL H 156 12.91 -35.51 -52.05
C VAL H 156 13.34 -35.53 -53.51
N ILE H 157 13.47 -36.74 -54.04
CA ILE H 157 13.82 -36.98 -55.44
C ILE H 157 12.67 -37.63 -56.20
N TYR H 158 12.25 -37.01 -57.30
CA TYR H 158 11.13 -37.52 -58.08
C TYR H 158 11.36 -37.35 -59.58
N MET H 159 10.54 -38.03 -60.37
CA MET H 159 10.66 -37.93 -61.82
C MET H 159 9.36 -37.46 -62.47
N VAL H 160 9.48 -36.50 -63.39
CA VAL H 160 8.35 -36.20 -64.24
C VAL H 160 8.57 -36.86 -65.58
N GLN H 161 7.48 -37.37 -66.13
CA GLN H 161 7.51 -38.10 -67.37
C GLN H 161 6.64 -37.34 -68.37
N LEU H 162 7.25 -36.83 -69.44
CA LEU H 162 6.53 -36.01 -70.40
C LEU H 162 6.23 -36.79 -71.66
N PRO H 163 5.03 -36.56 -72.24
CA PRO H 163 4.67 -37.14 -73.53
C PRO H 163 5.52 -36.55 -74.67
N ILE H 164 5.93 -37.35 -75.64
CA ILE H 164 6.55 -36.77 -76.82
C ILE H 164 5.58 -36.83 -77.97
N PHE H 165 5.05 -35.68 -78.35
CA PHE H 165 4.09 -35.64 -79.43
C PHE H 165 4.83 -35.50 -80.76
N GLY H 166 5.21 -36.64 -81.32
CA GLY H 166 5.99 -36.69 -82.56
C GLY H 166 5.23 -36.66 -83.86
N VAL H 167 3.99 -37.14 -83.86
CA VAL H 167 3.14 -37.07 -85.05
C VAL H 167 2.08 -35.99 -84.82
N ILE H 168 2.09 -34.96 -85.67
CA ILE H 168 1.10 -33.89 -85.50
C ILE H 168 0.48 -33.41 -86.81
N ASP H 169 -0.72 -32.84 -86.68
CA ASP H 169 -1.44 -32.16 -87.77
C ASP H 169 -1.69 -33.03 -88.99
N THR H 170 -1.99 -34.31 -88.76
CA THR H 170 -2.39 -35.19 -89.85
C THR H 170 -3.90 -35.40 -89.75
N PRO H 171 -4.57 -35.62 -90.90
CA PRO H 171 -6.03 -35.72 -90.93
C PRO H 171 -6.60 -36.71 -89.92
N CYS H 172 -7.71 -36.33 -89.28
CA CYS H 172 -8.32 -37.14 -88.23
C CYS H 172 -9.84 -37.00 -88.29
N TRP H 173 -10.59 -38.05 -87.93
CA TRP H 173 -12.05 -37.98 -88.00
C TRP H 173 -12.73 -38.97 -87.05
N ILE H 174 -14.03 -38.76 -86.80
CA ILE H 174 -14.78 -39.65 -85.89
C ILE H 174 -16.09 -40.14 -86.53
N VAL H 175 -16.38 -41.42 -86.35
CA VAL H 175 -17.58 -42.03 -86.93
C VAL H 175 -18.59 -42.37 -85.82
N LYS H 176 -19.83 -41.97 -86.02
CA LYS H 176 -20.93 -42.31 -85.12
C LYS H 176 -22.01 -43.03 -85.90
N ALA H 177 -22.72 -43.95 -85.24
CA ALA H 177 -23.75 -44.73 -85.92
C ALA H 177 -24.89 -45.16 -85.01
N ALA H 178 -26.05 -45.36 -85.64
CA ALA H 178 -27.24 -45.90 -85.00
C ALA H 178 -27.78 -47.08 -85.81
N PRO H 179 -28.66 -47.90 -85.21
CA PRO H 179 -29.26 -49.01 -85.95
C PRO H 179 -30.10 -48.56 -87.14
N SER H 180 -29.79 -49.03 -88.34
CA SER H 180 -30.64 -48.70 -89.48
C SER H 180 -31.56 -49.88 -89.78
N CYS H 181 -32.75 -49.84 -89.20
CA CYS H 181 -33.68 -50.95 -89.32
C CYS H 181 -34.64 -50.76 -90.48
N SER H 182 -34.82 -51.84 -91.23
CA SER H 182 -35.75 -51.87 -92.35
C SER H 182 -36.86 -52.82 -92.01
N GLU H 183 -38.06 -52.52 -92.47
CA GLU H 183 -39.21 -53.35 -92.13
C GLU H 183 -39.98 -53.79 -93.38
N LYS H 184 -40.25 -55.09 -93.47
CA LYS H 184 -41.12 -55.65 -94.49
C LYS H 184 -42.06 -56.71 -93.92
N LYS H 185 -43.35 -56.39 -93.98
CA LYS H 185 -44.43 -57.25 -93.52
C LYS H 185 -44.27 -57.52 -92.02
N GLY H 186 -44.01 -56.47 -91.24
CA GLY H 186 -43.93 -56.57 -89.79
C GLY H 186 -42.70 -57.29 -89.24
N ASN H 187 -41.74 -57.58 -90.11
CA ASN H 187 -40.48 -58.22 -89.71
C ASN H 187 -39.27 -57.32 -90.01
N TYR H 188 -38.28 -57.34 -89.13
CA TYR H 188 -37.18 -56.37 -89.18
C TYR H 188 -35.83 -56.94 -89.59
N ALA H 189 -35.15 -56.25 -90.51
CA ALA H 189 -33.76 -56.52 -90.84
C ALA H 189 -32.91 -55.29 -90.52
N CYS H 190 -32.05 -55.39 -89.51
CA CYS H 190 -31.34 -54.23 -88.99
C CYS H 190 -29.83 -54.29 -89.11
N LEU H 191 -29.26 -53.34 -89.87
CA LEU H 191 -27.81 -53.19 -89.94
C LEU H 191 -27.30 -52.12 -88.97
N LEU H 192 -26.12 -52.34 -88.40
CA LEU H 192 -25.49 -51.39 -87.49
C LEU H 192 -23.96 -51.38 -87.70
N ARG H 193 -23.40 -50.22 -88.05
CA ARG H 193 -21.94 -50.11 -88.21
C ARG H 193 -21.21 -50.40 -86.90
N GLU H 194 -20.06 -51.07 -87.02
CA GLU H 194 -19.20 -51.33 -85.88
C GLU H 194 -17.84 -50.65 -86.10
N ASP H 195 -17.82 -49.74 -87.06
CA ASP H 195 -16.62 -48.96 -87.39
C ASP H 195 -16.42 -47.87 -86.36
N GLN H 196 -17.45 -47.69 -85.52
CA GLN H 196 -17.66 -46.48 -84.75
C GLN H 196 -16.49 -46.13 -83.83
N GLY H 197 -16.09 -44.86 -83.83
CA GLY H 197 -14.95 -44.41 -83.03
C GLY H 197 -14.12 -43.32 -83.70
N TRP H 198 -12.89 -43.18 -83.23
CA TRP H 198 -11.95 -42.19 -83.75
C TRP H 198 -11.00 -42.83 -84.77
N TYR H 199 -10.79 -42.13 -85.89
CA TYR H 199 -9.78 -42.56 -86.85
C TYR H 199 -8.77 -41.43 -87.16
N CYS H 200 -7.48 -41.73 -87.04
CA CYS H 200 -6.42 -40.78 -87.42
C CYS H 200 -5.44 -41.36 -88.42
N GLN H 201 -5.19 -40.60 -89.48
CA GLN H 201 -4.34 -41.03 -90.56
C GLN H 201 -2.87 -40.98 -90.19
N ASN H 202 -2.16 -42.08 -90.44
CA ASN H 202 -0.75 -42.16 -90.08
C ASN H 202 0.00 -42.68 -91.31
N ALA H 203 1.34 -42.63 -91.26
CA ALA H 203 2.15 -43.15 -92.35
C ALA H 203 2.05 -44.67 -92.37
N GLY H 204 1.57 -45.24 -93.47
CA GLY H 204 1.56 -46.68 -93.60
C GLY H 204 0.42 -47.37 -92.89
N SER H 205 -0.42 -46.59 -92.23
CA SER H 205 -1.57 -47.14 -91.51
C SER H 205 -2.55 -46.06 -91.12
N THR H 206 -3.71 -46.50 -90.64
CA THR H 206 -4.67 -45.60 -90.03
C THR H 206 -4.90 -46.14 -88.63
N VAL H 207 -4.83 -45.28 -87.63
CA VAL H 207 -5.03 -45.73 -86.28
C VAL H 207 -6.47 -45.48 -85.85
N TYR H 208 -7.04 -46.48 -85.20
CA TYR H 208 -8.44 -46.46 -84.82
C TYR H 208 -8.62 -46.52 -83.33
N TYR H 209 -9.33 -45.54 -82.79
CA TYR H 209 -9.61 -45.53 -81.37
C TYR H 209 -11.10 -45.73 -81.16
N PRO H 210 -11.49 -46.94 -80.69
CA PRO H 210 -12.88 -47.39 -80.65
C PRO H 210 -13.81 -46.60 -79.71
N ASN H 211 -13.31 -46.09 -78.59
CA ASN H 211 -14.14 -45.28 -77.70
C ASN H 211 -13.81 -43.80 -77.81
N GLU H 212 -14.83 -42.96 -77.64
CA GLU H 212 -14.70 -41.51 -77.81
C GLU H 212 -13.80 -40.86 -76.75
N LYS H 213 -13.79 -41.45 -75.55
CA LYS H 213 -12.98 -40.96 -74.43
C LYS H 213 -11.48 -41.16 -74.69
N ASP H 214 -11.17 -41.99 -75.67
CA ASP H 214 -9.79 -42.36 -75.98
C ASP H 214 -9.05 -41.21 -76.66
N CYS H 215 -9.81 -40.21 -77.09
CA CYS H 215 -9.19 -39.07 -77.71
C CYS H 215 -9.76 -37.78 -77.14
N GLU H 216 -8.89 -36.81 -76.90
CA GLU H 216 -9.32 -35.59 -76.24
C GLU H 216 -9.32 -34.39 -77.17
N THR H 217 -10.37 -33.60 -77.09
CA THR H 217 -10.56 -32.49 -78.01
C THR H 217 -10.13 -31.15 -77.43
N ARG H 218 -9.19 -30.51 -78.10
CA ARG H 218 -8.78 -29.15 -77.79
C ARG H 218 -8.73 -28.33 -79.06
N GLY H 219 -9.81 -27.63 -79.35
CA GLY H 219 -9.91 -26.93 -80.61
C GLY H 219 -10.05 -28.00 -81.67
N ASP H 220 -9.40 -27.80 -82.80
CA ASP H 220 -9.46 -28.77 -83.88
C ASP H 220 -8.52 -29.97 -83.67
N HIS H 221 -7.61 -29.88 -82.69
CA HIS H 221 -6.65 -30.97 -82.44
C HIS H 221 -7.18 -32.09 -81.54
N VAL H 222 -6.78 -33.32 -81.83
CA VAL H 222 -7.26 -34.47 -81.07
C VAL H 222 -6.11 -35.25 -80.42
N PHE H 223 -6.10 -35.27 -79.09
CA PHE H 223 -5.04 -35.92 -78.34
C PHE H 223 -5.45 -37.34 -78.00
N CYS H 224 -4.91 -38.29 -78.76
CA CYS H 224 -5.37 -39.67 -78.69
C CYS H 224 -4.40 -40.54 -77.90
N ASP H 225 -4.96 -41.36 -77.02
CA ASP H 225 -4.18 -42.26 -76.16
C ASP H 225 -3.55 -43.37 -76.99
N THR H 226 -2.23 -43.50 -76.94
CA THR H 226 -1.51 -44.46 -77.78
C THR H 226 -1.87 -45.92 -77.49
N ALA H 227 -1.99 -46.27 -76.22
CA ALA H 227 -2.28 -47.65 -75.84
C ALA H 227 -3.62 -48.11 -76.43
N ALA H 228 -4.55 -47.18 -76.51
CA ALA H 228 -5.90 -47.45 -76.98
C ALA H 228 -5.96 -47.83 -78.45
N GLY H 229 -4.98 -47.38 -79.21
CA GLY H 229 -4.97 -47.57 -80.66
C GLY H 229 -4.97 -48.96 -81.28
N ILE H 230 -5.78 -49.09 -82.33
CA ILE H 230 -5.82 -50.29 -83.17
C ILE H 230 -5.52 -49.86 -84.59
N ASN H 231 -4.53 -50.50 -85.21
CA ASN H 231 -4.17 -50.19 -86.59
C ASN H 231 -5.14 -50.83 -87.57
N VAL H 232 -5.72 -50.03 -88.44
CA VAL H 232 -6.63 -50.58 -89.43
C VAL H 232 -6.07 -50.20 -90.79
N ALA H 233 -6.41 -50.97 -91.81
CA ALA H 233 -5.96 -50.70 -93.15
C ALA H 233 -6.54 -49.37 -93.61
N GLU H 234 -5.80 -48.64 -94.43
CA GLU H 234 -6.27 -47.35 -94.90
C GLU H 234 -7.57 -47.49 -95.66
N GLN H 235 -7.73 -48.62 -96.33
CA GLN H 235 -8.87 -48.90 -97.18
C GLN H 235 -10.19 -48.90 -96.41
N SER H 236 -10.12 -48.94 -95.07
CA SER H 236 -11.32 -49.00 -94.25
C SER H 236 -12.15 -47.74 -94.37
N LYS H 237 -11.49 -46.63 -94.73
CA LYS H 237 -12.14 -45.35 -94.83
C LYS H 237 -13.16 -45.38 -95.97
N GLU H 238 -13.04 -46.40 -96.81
CA GLU H 238 -13.92 -46.60 -97.97
C GLU H 238 -15.33 -46.92 -97.50
N CYS H 239 -15.45 -47.32 -96.24
CA CYS H 239 -16.72 -47.67 -95.65
C CYS H 239 -17.62 -46.48 -95.50
N ASN H 240 -17.04 -45.30 -95.60
CA ASN H 240 -17.82 -44.08 -95.43
C ASN H 240 -18.28 -43.54 -96.77
N ILE H 241 -18.06 -44.34 -97.82
CA ILE H 241 -18.60 -44.03 -99.15
C ILE H 241 -19.62 -45.10 -99.52
N ASN H 242 -19.17 -46.34 -99.54
CA ASN H 242 -20.02 -47.50 -99.80
C ASN H 242 -19.84 -48.52 -98.69
N ILE H 243 -20.90 -48.81 -97.94
CA ILE H 243 -20.83 -49.78 -96.85
C ILE H 243 -20.55 -51.17 -97.42
N SER H 244 -21.13 -51.46 -98.57
CA SER H 244 -20.99 -52.75 -99.21
C SER H 244 -19.79 -52.80 -100.17
N THR H 245 -18.74 -52.04 -99.85
CA THR H 245 -17.54 -52.05 -100.67
C THR H 245 -16.81 -53.37 -100.46
N THR H 246 -16.34 -53.94 -101.57
CA THR H 246 -15.66 -55.23 -101.54
C THR H 246 -14.15 -55.13 -101.30
N ASN H 247 -13.60 -53.92 -101.36
CA ASN H 247 -12.18 -53.73 -101.13
C ASN H 247 -11.83 -53.89 -99.62
N TYR H 248 -12.78 -53.55 -98.74
CA TYR H 248 -12.60 -53.72 -97.30
C TYR H 248 -13.78 -54.47 -96.66
N PRO H 249 -13.48 -55.38 -95.72
CA PRO H 249 -14.49 -56.13 -94.96
C PRO H 249 -15.19 -55.27 -93.94
N CYS H 250 -16.14 -54.43 -94.36
CA CYS H 250 -16.77 -53.47 -93.47
C CYS H 250 -17.41 -54.14 -92.26
N LYS H 251 -17.01 -53.71 -91.07
CA LYS H 251 -17.47 -54.30 -89.82
C LYS H 251 -18.91 -53.82 -89.56
N VAL H 252 -19.90 -54.67 -89.82
CA VAL H 252 -21.30 -54.29 -89.64
C VAL H 252 -22.13 -55.46 -89.14
N SER H 253 -22.95 -55.22 -88.12
CA SER H 253 -23.72 -56.29 -87.51
C SER H 253 -25.18 -56.27 -87.94
N THR H 254 -25.79 -57.45 -87.98
CA THR H 254 -27.20 -57.57 -88.37
C THR H 254 -28.04 -57.99 -87.17
N GLY H 255 -29.29 -57.52 -87.15
CA GLY H 255 -30.21 -57.84 -86.09
C GLY H 255 -31.60 -58.11 -86.63
N ARG H 256 -32.42 -58.75 -85.82
CA ARG H 256 -33.78 -59.11 -86.26
C ARG H 256 -34.81 -58.28 -85.49
N HIS H 257 -34.33 -57.47 -84.55
CA HIS H 257 -35.21 -56.68 -83.69
C HIS H 257 -34.91 -55.19 -83.73
N PRO H 258 -35.95 -54.34 -83.59
CA PRO H 258 -35.78 -52.89 -83.69
C PRO H 258 -35.12 -52.31 -82.44
N ILE H 259 -34.22 -51.37 -82.65
CA ILE H 259 -33.53 -50.71 -81.55
C ILE H 259 -33.60 -49.20 -81.74
N SER H 260 -34.35 -48.51 -80.88
CA SER H 260 -34.51 -47.06 -80.94
C SER H 260 -33.55 -46.32 -80.00
N MET H 261 -32.82 -45.34 -80.53
CA MET H 261 -31.79 -44.69 -79.73
C MET H 261 -31.39 -43.33 -80.31
N VAL H 262 -30.63 -42.57 -79.52
CA VAL H 262 -30.03 -41.30 -79.98
C VAL H 262 -28.52 -41.32 -79.79
N ALA H 263 -27.78 -41.06 -80.86
CA ALA H 263 -26.33 -41.05 -80.78
C ALA H 263 -25.79 -39.66 -81.08
N LEU H 264 -25.09 -39.06 -80.13
CA LEU H 264 -24.67 -37.68 -80.31
C LEU H 264 -23.38 -37.57 -81.12
N SER H 265 -23.42 -36.66 -82.08
CA SER H 265 -22.28 -36.36 -82.94
C SER H 265 -21.65 -35.08 -82.48
N PRO H 266 -20.42 -34.81 -82.94
CA PRO H 266 -19.86 -33.49 -82.63
C PRO H 266 -20.80 -32.34 -83.00
N LEU H 267 -21.30 -32.33 -84.24
CA LEU H 267 -22.12 -31.20 -84.69
C LEU H 267 -23.62 -31.47 -84.69
N GLY H 268 -24.02 -32.66 -84.26
CA GLY H 268 -25.43 -33.02 -84.26
C GLY H 268 -25.76 -34.31 -83.52
N ALA H 269 -26.74 -35.05 -84.05
CA ALA H 269 -27.19 -36.29 -83.43
C ALA H 269 -27.96 -37.20 -84.40
N LEU H 270 -27.78 -38.51 -84.24
CA LEU H 270 -28.52 -39.53 -84.98
C LEU H 270 -29.66 -40.07 -84.15
N VAL H 271 -30.86 -40.08 -84.71
CA VAL H 271 -32.01 -40.60 -83.99
C VAL H 271 -32.59 -41.82 -84.70
N ALA H 272 -32.95 -42.85 -83.93
CA ALA H 272 -33.56 -44.03 -84.50
C ALA H 272 -34.96 -44.26 -83.90
N CYS H 273 -36.01 -43.99 -84.69
CA CYS H 273 -37.39 -44.21 -84.23
C CYS H 273 -38.04 -45.39 -84.92
N TYR H 274 -38.36 -46.42 -84.15
CA TYR H 274 -38.99 -47.62 -84.69
C TYR H 274 -40.05 -48.12 -83.73
N LYS H 275 -41.07 -48.81 -84.24
CA LYS H 275 -42.03 -49.50 -83.38
C LYS H 275 -42.70 -48.53 -82.40
N GLY H 276 -42.84 -48.98 -81.15
CA GLY H 276 -43.57 -48.21 -80.15
C GLY H 276 -42.79 -47.18 -79.38
N VAL H 277 -42.37 -46.12 -80.07
CA VAL H 277 -41.77 -44.98 -79.42
C VAL H 277 -42.24 -43.68 -80.08
N SER H 278 -42.36 -42.64 -79.27
CA SER H 278 -42.76 -41.33 -79.76
C SER H 278 -41.57 -40.37 -79.75
N CYS H 279 -40.82 -40.34 -80.85
CA CYS H 279 -39.64 -39.47 -80.96
C CYS H 279 -39.99 -38.10 -81.54
N SER H 280 -39.55 -37.05 -80.85
CA SER H 280 -39.82 -35.68 -81.26
C SER H 280 -38.60 -34.76 -81.06
N ILE H 281 -38.59 -33.64 -81.77
CA ILE H 281 -37.53 -32.65 -81.65
C ILE H 281 -38.00 -31.38 -80.97
N GLY H 282 -37.19 -30.83 -80.08
CA GLY H 282 -37.59 -29.63 -79.37
C GLY H 282 -36.60 -28.49 -79.48
N SER H 283 -37.00 -27.34 -78.97
CA SER H 283 -36.20 -26.13 -79.04
C SER H 283 -35.91 -25.55 -77.67
N ASN H 284 -35.03 -24.56 -77.63
CA ASN H 284 -34.72 -23.86 -76.41
C ASN H 284 -35.88 -22.98 -76.00
N ARG H 285 -36.46 -22.35 -77.02
CA ARG H 285 -37.53 -21.38 -76.85
C ARG H 285 -38.95 -21.93 -76.81
N VAL H 286 -39.36 -22.68 -77.84
CA VAL H 286 -40.75 -23.13 -77.94
C VAL H 286 -41.04 -24.46 -77.22
N GLY H 287 -40.12 -25.42 -77.28
CA GLY H 287 -40.41 -26.74 -76.72
C GLY H 287 -40.60 -27.90 -77.69
N ILE H 288 -41.46 -27.75 -78.68
CA ILE H 288 -41.66 -28.80 -79.67
C ILE H 288 -41.57 -28.11 -81.01
N ILE H 289 -40.84 -28.69 -81.97
CA ILE H 289 -40.77 -28.04 -83.26
C ILE H 289 -41.27 -28.95 -84.39
N LYS H 290 -41.12 -30.26 -84.19
CA LYS H 290 -41.48 -31.23 -85.20
C LYS H 290 -41.46 -32.62 -84.59
N GLN H 291 -42.46 -33.43 -84.92
CA GLN H 291 -42.44 -34.84 -84.55
C GLN H 291 -41.62 -35.61 -85.59
N LEU H 292 -40.77 -36.52 -85.13
CA LEU H 292 -39.89 -37.26 -86.05
C LEU H 292 -40.55 -38.45 -86.71
N ASN H 293 -40.26 -38.62 -88.00
CA ASN H 293 -40.75 -39.77 -88.75
C ASN H 293 -40.04 -41.02 -88.30
N LYS H 294 -40.72 -42.16 -88.47
CA LYS H 294 -40.11 -43.45 -88.17
C LYS H 294 -38.91 -43.67 -89.09
N GLY H 295 -37.81 -44.18 -88.54
CA GLY H 295 -36.60 -44.38 -89.31
C GLY H 295 -35.41 -43.67 -88.68
N CYS H 296 -34.34 -43.54 -89.45
CA CYS H 296 -33.13 -42.87 -88.98
C CYS H 296 -33.08 -41.42 -89.44
N SER H 297 -33.04 -40.50 -88.47
CA SER H 297 -33.00 -39.07 -88.74
C SER H 297 -31.69 -38.49 -88.21
N TYR H 298 -31.14 -37.51 -88.93
CA TYR H 298 -29.97 -36.78 -88.44
C TYR H 298 -30.32 -35.32 -88.29
N ILE H 299 -30.08 -34.75 -87.10
CA ILE H 299 -30.36 -33.34 -86.86
C ILE H 299 -29.13 -32.61 -86.30
N THR H 300 -29.06 -31.29 -86.54
CA THR H 300 -27.89 -30.48 -86.17
C THR H 300 -28.00 -29.79 -84.81
N ASN H 301 -26.85 -29.47 -84.20
CA ASN H 301 -26.81 -28.66 -82.98
C ASN H 301 -27.41 -27.29 -83.21
N GLN H 302 -27.45 -26.90 -84.48
CA GLN H 302 -27.98 -25.60 -84.86
C GLN H 302 -29.41 -25.70 -85.38
N ASP H 303 -29.90 -26.93 -85.51
CA ASP H 303 -31.29 -27.16 -85.86
C ASP H 303 -32.19 -27.25 -84.63
N ALA H 304 -31.65 -27.85 -83.59
CA ALA H 304 -32.37 -28.02 -82.33
C ALA H 304 -31.41 -28.22 -81.21
N ASP H 305 -31.94 -28.34 -80.00
CA ASP H 305 -31.10 -28.57 -78.86
C ASP H 305 -31.59 -29.78 -78.07
N THR H 306 -32.67 -30.39 -78.55
CA THR H 306 -33.35 -31.45 -77.83
C THR H 306 -33.93 -32.51 -78.75
N VAL H 307 -33.68 -33.77 -78.40
CA VAL H 307 -34.37 -34.92 -78.96
C VAL H 307 -35.12 -35.63 -77.85
N THR H 308 -36.41 -35.87 -78.03
CA THR H 308 -37.17 -36.55 -76.99
C THR H 308 -37.65 -37.92 -77.50
N ILE H 309 -37.37 -38.96 -76.72
CA ILE H 309 -37.86 -40.28 -77.02
C ILE H 309 -38.76 -40.75 -75.89
N ASP H 310 -40.06 -40.87 -76.17
CA ASP H 310 -41.07 -41.11 -75.15
C ASP H 310 -41.02 -39.99 -74.12
N ASN H 311 -40.59 -40.31 -72.90
CA ASN H 311 -40.44 -39.29 -71.87
C ASN H 311 -38.98 -38.96 -71.52
N THR H 312 -38.04 -39.51 -72.27
CA THR H 312 -36.62 -39.25 -72.02
C THR H 312 -36.12 -38.10 -72.87
N VAL H 313 -35.64 -37.04 -72.24
CA VAL H 313 -35.17 -35.89 -73.02
C VAL H 313 -33.65 -35.86 -73.07
N TYR H 314 -33.10 -35.86 -74.28
CA TYR H 314 -31.66 -35.86 -74.49
C TYR H 314 -31.20 -34.48 -74.89
N GLN H 315 -30.13 -33.99 -74.27
CA GLN H 315 -29.61 -32.67 -74.61
C GLN H 315 -28.51 -32.79 -75.68
N LEU H 316 -28.61 -31.95 -76.71
CA LEU H 316 -27.69 -31.99 -77.85
C LEU H 316 -26.42 -31.17 -77.62
N SER H 317 -26.54 -30.13 -76.80
CA SER H 317 -25.43 -29.23 -76.47
C SER H 317 -25.34 -29.10 -74.96
N LYS H 318 -24.29 -28.46 -74.46
CA LYS H 318 -24.18 -28.20 -73.04
C LYS H 318 -25.22 -27.15 -72.61
N VAL H 319 -25.89 -27.37 -71.47
CA VAL H 319 -26.88 -26.42 -70.99
C VAL H 319 -26.24 -25.39 -70.06
N GLU H 320 -26.24 -24.15 -70.51
CA GLU H 320 -25.58 -23.06 -69.80
C GLU H 320 -26.44 -22.59 -68.63
N GLY H 321 -25.88 -22.66 -67.43
CA GLY H 321 -26.62 -22.36 -66.21
C GLY H 321 -26.28 -21.05 -65.53
N GLU H 322 -26.42 -21.01 -64.21
CA GLU H 322 -26.14 -19.80 -63.46
C GLU H 322 -24.69 -19.35 -63.62
N GLN H 323 -24.36 -18.19 -63.08
CA GLN H 323 -23.05 -17.59 -63.26
C GLN H 323 -22.68 -16.79 -62.01
N HIS H 324 -21.73 -17.31 -61.24
CA HIS H 324 -21.39 -16.76 -59.94
C HIS H 324 -20.15 -15.86 -59.91
N VAL H 325 -20.10 -14.98 -58.92
CA VAL H 325 -18.92 -14.18 -58.67
C VAL H 325 -18.64 -14.08 -57.17
N ILE H 326 -17.42 -14.42 -56.77
CA ILE H 326 -17.06 -14.51 -55.35
C ILE H 326 -15.77 -13.75 -55.05
N LYS H 327 -15.77 -12.91 -54.01
CA LYS H 327 -14.58 -12.18 -53.57
C LYS H 327 -14.37 -12.27 -52.07
N GLY H 328 -13.12 -12.47 -51.65
CA GLY H 328 -12.82 -12.62 -50.24
C GLY H 328 -12.99 -11.36 -49.41
N ARG H 329 -13.11 -11.53 -48.09
CA ARG H 329 -13.14 -10.39 -47.19
C ARG H 329 -11.81 -9.67 -47.21
N PRO H 330 -11.85 -8.33 -47.05
CA PRO H 330 -10.64 -7.50 -47.07
C PRO H 330 -9.74 -7.72 -45.85
N VAL H 331 -8.44 -7.68 -46.10
CA VAL H 331 -7.46 -7.77 -45.05
C VAL H 331 -6.97 -6.37 -44.76
N SER H 332 -7.00 -6.00 -43.49
CA SER H 332 -6.60 -4.66 -43.07
C SER H 332 -5.47 -4.72 -42.07
N SER H 333 -4.76 -3.61 -41.91
CA SER H 333 -3.68 -3.51 -40.93
C SER H 333 -4.18 -2.88 -39.61
N SER H 334 -3.65 -3.35 -38.48
CA SER H 334 -4.06 -2.87 -37.15
C SER H 334 -2.98 -2.13 -36.36
N PHE H 335 -2.02 -1.48 -37.04
CA PHE H 335 -0.88 -0.87 -36.37
C PHE H 335 -1.25 0.44 -35.69
N ASP H 336 -1.13 0.49 -34.37
CA ASP H 336 -1.47 1.70 -33.63
C ASP H 336 -0.41 1.96 -32.54
N PRO H 337 0.65 2.71 -32.90
CA PRO H 337 1.87 2.91 -32.11
C PRO H 337 1.64 3.69 -30.82
N VAL H 338 2.54 3.51 -29.86
CA VAL H 338 2.48 4.26 -28.63
C VAL H 338 3.63 5.28 -28.52
N LYS H 339 3.30 6.52 -28.15
CA LYS H 339 4.31 7.56 -28.01
C LYS H 339 4.22 8.21 -26.65
N PHE H 340 5.36 8.59 -26.08
CA PHE H 340 5.35 9.30 -24.80
C PHE H 340 5.47 10.81 -25.04
N PRO H 341 4.57 11.59 -24.44
CA PRO H 341 4.49 13.06 -24.58
C PRO H 341 5.64 13.75 -23.87
N GLU H 342 6.78 13.80 -24.54
CA GLU H 342 8.04 14.15 -23.93
C GLU H 342 8.20 15.66 -23.65
N ASP H 343 7.55 16.49 -24.46
CA ASP H 343 7.69 17.94 -24.35
C ASP H 343 7.23 18.43 -23.00
N GLN H 344 6.02 18.02 -22.62
CA GLN H 344 5.40 18.45 -21.37
C GLN H 344 6.23 18.01 -20.14
N PHE H 345 6.82 16.82 -20.23
CA PHE H 345 7.72 16.23 -19.21
C PHE H 345 9.08 16.88 -19.10
N ASN H 346 9.75 17.04 -20.23
CA ASN H 346 11.12 17.55 -20.26
C ASN H 346 11.25 18.95 -19.66
N VAL H 347 10.17 19.72 -19.76
CA VAL H 347 10.08 21.06 -19.20
C VAL H 347 10.06 21.01 -17.67
N ALA H 348 9.37 20.00 -17.13
CA ALA H 348 9.27 19.82 -15.68
C ALA H 348 10.62 19.48 -15.06
N LEU H 349 11.44 18.74 -15.78
CA LEU H 349 12.76 18.41 -15.26
C LEU H 349 13.70 19.61 -15.28
N ASP H 350 13.66 20.39 -16.35
CA ASP H 350 14.44 21.63 -16.41
C ASP H 350 14.06 22.48 -15.22
N GLN H 351 12.76 22.47 -14.93
CA GLN H 351 12.17 23.13 -13.78
C GLN H 351 12.79 22.68 -12.44
N VAL H 352 12.94 21.35 -12.28
CA VAL H 352 13.51 20.76 -11.06
C VAL H 352 14.95 21.19 -10.89
N PHE H 353 15.73 21.08 -11.95
CA PHE H 353 17.14 21.46 -11.89
C PHE H 353 17.29 22.93 -11.58
N GLU H 354 16.29 23.74 -11.93
CA GLU H 354 16.35 25.17 -11.65
C GLU H 354 16.08 25.44 -10.19
N SER H 355 15.10 24.74 -9.64
CA SER H 355 14.79 24.88 -8.24
C SER H 355 15.95 24.41 -7.37
N ILE H 356 16.71 23.43 -7.86
CA ILE H 356 17.89 22.98 -7.16
C ILE H 356 18.94 24.07 -7.05
N GLU H 357 19.23 24.74 -8.15
CA GLU H 357 20.27 25.77 -8.17
C GLU H 357 19.82 27.03 -7.43
N ASN H 358 18.52 27.32 -7.47
CA ASN H 358 17.99 28.45 -6.71
C ASN H 358 18.10 28.21 -5.22
N SER H 359 17.72 27.01 -4.81
CA SER H 359 17.81 26.63 -3.40
C SER H 359 19.26 26.69 -2.99
N GLN H 360 20.12 26.13 -3.84
CA GLN H 360 21.55 26.11 -3.58
C GLN H 360 22.11 27.52 -3.44
N ALA H 361 21.60 28.46 -4.24
CA ALA H 361 22.10 29.83 -4.21
C ALA H 361 21.68 30.57 -2.94
N LEU H 362 20.52 30.22 -2.41
CA LEU H 362 20.01 30.90 -1.23
C LEU H 362 20.80 30.50 0.01
N VAL H 363 21.27 29.26 0.08
CA VAL H 363 22.07 28.85 1.23
C VAL H 363 23.47 29.46 1.12
N ASP H 364 23.82 29.98 -0.04
CA ASP H 364 25.06 30.73 -0.15
C ASP H 364 24.84 32.18 0.31
N GLN H 365 23.68 32.75 0.01
CA GLN H 365 23.32 34.07 0.56
C GLN H 365 23.23 33.98 2.08
N SER H 366 22.66 32.88 2.56
CA SER H 366 22.52 32.61 3.97
C SER H 366 23.88 32.59 4.64
N ASN H 367 24.84 31.90 4.01
CA ASN H 367 26.20 31.80 4.55
C ASN H 367 26.99 33.11 4.45
N ARG H 368 26.80 33.86 3.36
CA ARG H 368 27.39 35.18 3.20
C ARG H 368 27.00 36.10 4.33
N ILE H 369 25.70 36.15 4.59
CA ILE H 369 25.16 36.97 5.65
C ILE H 369 25.79 36.58 6.97
N LEU H 370 26.05 35.30 7.17
CA LEU H 370 26.69 34.88 8.40
C LEU H 370 28.17 35.30 8.51
N SER H 371 28.86 35.42 7.38
CA SER H 371 30.24 35.92 7.41
C SER H 371 30.30 37.44 7.18
N LEU I 1 14.86 -61.09 -67.01
CA LEU I 1 13.72 -61.54 -67.82
C LEU I 1 14.17 -62.10 -69.15
N LYS I 2 13.23 -62.77 -69.81
CA LYS I 2 13.46 -63.39 -71.10
C LYS I 2 12.36 -63.05 -72.09
N GLU I 3 12.74 -62.43 -73.21
CA GLU I 3 11.79 -62.07 -74.24
C GLU I 3 12.14 -62.83 -75.52
N SER I 4 11.21 -63.67 -75.96
CA SER I 4 11.45 -64.56 -77.08
C SER I 4 10.72 -64.06 -78.34
N TYR I 5 11.39 -64.06 -79.48
CA TYR I 5 10.77 -63.60 -80.73
C TYR I 5 10.19 -64.79 -81.53
N LEU I 6 8.90 -64.69 -81.83
CA LEU I 6 8.18 -65.74 -82.53
C LEU I 6 7.99 -65.36 -84.00
N GLU I 7 8.89 -65.83 -84.85
CA GLU I 7 8.96 -65.34 -86.22
C GLU I 7 7.80 -65.79 -87.09
N GLU I 8 7.08 -66.82 -86.66
CA GLU I 8 6.02 -67.36 -87.51
C GLU I 8 4.76 -66.50 -87.45
N SER I 9 4.55 -65.85 -86.31
CA SER I 9 3.36 -65.06 -86.07
C SER I 9 3.64 -63.57 -85.83
N CYS I 10 4.89 -63.16 -86.10
CA CYS I 10 5.33 -61.78 -85.89
C CYS I 10 5.00 -61.34 -84.46
N SER I 11 5.35 -62.19 -83.50
CA SER I 11 4.97 -61.97 -82.12
C SER I 11 6.13 -62.02 -81.14
N THR I 12 5.82 -61.56 -79.93
CA THR I 12 6.77 -61.54 -78.84
C THR I 12 6.10 -62.16 -77.64
N ILE I 13 6.77 -63.09 -76.99
CA ILE I 13 6.32 -63.52 -75.68
C ILE I 13 7.41 -63.06 -74.72
N THR I 14 7.01 -62.45 -73.61
CA THR I 14 7.99 -62.00 -72.65
C THR I 14 7.74 -62.67 -71.32
N GLU I 15 8.66 -63.53 -70.90
CA GLU I 15 8.46 -64.33 -69.69
C GLU I 15 9.42 -63.94 -68.59
N GLY I 16 9.16 -64.46 -67.39
CA GLY I 16 10.01 -64.21 -66.25
C GLY I 16 9.32 -63.34 -65.21
N TYR I 17 8.08 -62.97 -65.51
CA TYR I 17 7.28 -62.18 -64.58
C TYR I 17 6.71 -63.06 -63.45
N LEU I 18 6.36 -62.41 -62.34
CA LEU I 18 5.73 -63.09 -61.22
C LEU I 18 4.39 -62.43 -60.87
N SER I 19 3.42 -63.25 -60.48
CA SER I 19 2.04 -62.80 -60.31
C SER I 19 1.75 -62.15 -58.96
N VAL I 20 0.88 -61.15 -58.96
CA VAL I 20 0.28 -60.63 -57.75
C VAL I 20 -1.21 -60.34 -57.98
N LEU I 21 -2.07 -61.23 -57.51
CA LEU I 21 -3.50 -61.16 -57.81
C LEU I 21 -4.36 -60.91 -56.58
N ARG I 22 -5.30 -59.98 -56.70
CA ARG I 22 -6.19 -59.65 -55.60
C ARG I 22 -7.27 -60.70 -55.44
N THR I 23 -7.43 -61.20 -54.21
CA THR I 23 -8.42 -62.24 -53.95
C THR I 23 -9.52 -61.72 -53.04
N GLY I 24 -9.30 -60.53 -52.48
CA GLY I 24 -10.31 -59.91 -51.63
C GLY I 24 -10.03 -58.48 -51.21
N TRP I 25 -10.91 -57.97 -50.37
CA TRP I 25 -10.77 -56.63 -49.79
C TRP I 25 -10.73 -56.68 -48.26
N TYR I 26 -9.81 -55.94 -47.67
CA TYR I 26 -9.70 -55.85 -46.22
C TYR I 26 -9.92 -54.40 -45.80
N THR I 27 -10.84 -54.17 -44.86
CA THR I 27 -11.20 -52.78 -44.53
C THR I 27 -11.07 -52.37 -43.06
N ASN I 28 -10.50 -51.18 -42.85
CA ASN I 28 -10.46 -50.56 -41.53
C ASN I 28 -11.34 -49.31 -41.45
N VAL I 29 -11.92 -49.07 -40.27
CA VAL I 29 -12.75 -47.89 -40.06
C VAL I 29 -12.02 -46.91 -39.17
N PHE I 30 -12.00 -45.66 -39.59
CA PHE I 30 -11.35 -44.59 -38.86
C PHE I 30 -12.34 -43.56 -38.37
N THR I 31 -12.05 -43.03 -37.19
CA THR I 31 -12.76 -41.88 -36.64
C THR I 31 -11.73 -40.83 -36.23
N LEU I 32 -11.68 -39.70 -36.93
CA LEU I 32 -10.76 -38.62 -36.59
C LEU I 32 -11.50 -37.48 -35.91
N GLU I 33 -10.96 -37.01 -34.78
CA GLU I 33 -11.55 -35.94 -34.00
C GLU I 33 -10.68 -34.66 -33.92
N VAL I 34 -11.32 -33.51 -33.82
CA VAL I 34 -10.59 -32.27 -33.61
C VAL I 34 -10.20 -32.16 -32.15
N GLY I 35 -8.98 -31.71 -31.88
CA GLY I 35 -8.55 -31.52 -30.51
C GLY I 35 -9.33 -30.36 -29.93
N ASP I 36 -9.44 -30.32 -28.60
CA ASP I 36 -10.17 -29.23 -27.95
C ASP I 36 -9.42 -27.91 -28.07
N VAL I 37 -10.15 -26.82 -28.21
CA VAL I 37 -9.53 -25.51 -28.24
C VAL I 37 -10.18 -24.54 -27.24
N GLU I 38 -9.36 -23.91 -26.41
CA GLU I 38 -9.86 -22.99 -25.38
C GLU I 38 -10.49 -21.71 -25.92
N ASN I 39 -11.46 -21.18 -25.19
CA ASN I 39 -12.08 -19.91 -25.52
C ASN I 39 -11.08 -18.81 -25.19
N LEU I 40 -10.69 -18.02 -26.18
CA LEU I 40 -9.76 -16.90 -25.95
C LEU I 40 -10.52 -15.60 -25.68
N THR I 41 -10.76 -15.30 -24.41
CA THR I 41 -11.61 -14.17 -24.05
C THR I 41 -10.87 -12.87 -23.78
N CYS I 42 -9.57 -12.83 -24.06
CA CYS I 42 -8.81 -11.59 -23.86
C CYS I 42 -8.86 -10.80 -25.16
N ALA I 43 -9.25 -11.51 -26.22
CA ALA I 43 -9.36 -10.90 -27.53
C ALA I 43 -10.67 -10.13 -27.52
N ASP I 44 -10.82 -9.24 -28.48
CA ASP I 44 -12.05 -8.48 -28.56
C ASP I 44 -12.68 -8.74 -29.91
N GLY I 45 -13.83 -9.38 -29.93
CA GLY I 45 -14.56 -9.53 -31.18
C GLY I 45 -13.90 -10.62 -32.03
N PRO I 46 -13.41 -10.19 -33.20
CA PRO I 46 -12.75 -10.99 -34.24
C PRO I 46 -11.45 -11.61 -33.77
N SER I 47 -11.51 -12.85 -33.30
CA SER I 47 -10.31 -13.57 -32.90
C SER I 47 -9.77 -14.31 -34.12
N LEU I 48 -8.46 -14.51 -34.16
CA LEU I 48 -7.86 -15.25 -35.26
C LEU I 48 -8.09 -16.74 -35.13
N ILE I 49 -8.14 -17.24 -33.90
CA ILE I 49 -8.37 -18.67 -33.72
C ILE I 49 -9.87 -18.90 -33.87
N LYS I 50 -10.68 -17.92 -33.47
CA LYS I 50 -12.10 -18.10 -33.61
C LYS I 50 -12.50 -18.15 -35.06
N THR I 51 -11.89 -17.36 -35.94
CA THR I 51 -12.27 -17.44 -37.36
C THR I 51 -11.68 -18.68 -38.03
N GLU I 52 -10.62 -19.23 -37.45
CA GLU I 52 -10.03 -20.46 -37.96
C GLU I 52 -10.90 -21.66 -37.57
N LEU I 53 -11.50 -21.60 -36.39
CA LEU I 53 -12.39 -22.66 -35.94
C LEU I 53 -13.64 -22.58 -36.76
N ASP I 54 -14.13 -21.36 -36.93
CA ASP I 54 -15.35 -21.11 -37.66
C ASP I 54 -15.18 -21.46 -39.12
N LEU I 55 -13.94 -21.59 -39.56
CA LEU I 55 -13.69 -22.08 -40.91
C LEU I 55 -13.81 -23.59 -40.96
N THR I 56 -13.18 -24.25 -40.00
CA THR I 56 -13.18 -25.70 -40.00
C THR I 56 -14.54 -26.24 -39.57
N LYS I 57 -15.32 -25.44 -38.85
CA LYS I 57 -16.67 -25.86 -38.53
C LYS I 57 -17.53 -25.91 -39.79
N SER I 58 -17.35 -24.94 -40.69
CA SER I 58 -18.12 -24.92 -41.95
C SER I 58 -17.60 -25.91 -42.99
N ALA I 59 -16.30 -26.16 -42.97
CA ALA I 59 -15.70 -27.12 -43.87
C ALA I 59 -16.30 -28.47 -43.61
N LEU I 60 -16.59 -28.73 -42.33
CA LEU I 60 -17.17 -29.99 -41.90
C LEU I 60 -18.65 -30.00 -42.25
N ARG I 61 -19.29 -28.85 -42.14
CA ARG I 61 -20.69 -28.71 -42.51
C ARG I 61 -20.87 -28.98 -43.98
N GLU I 62 -19.92 -28.52 -44.78
CA GLU I 62 -19.95 -28.77 -46.21
C GLU I 62 -19.48 -30.21 -46.51
N LEU I 63 -18.43 -30.66 -45.83
CA LEU I 63 -17.92 -32.02 -46.02
C LEU I 63 -18.96 -33.08 -45.70
N ARG I 64 -19.83 -32.76 -44.77
CA ARG I 64 -20.90 -33.66 -44.37
C ARG I 64 -21.81 -34.02 -45.55
N THR I 65 -22.04 -33.07 -46.43
CA THR I 65 -23.03 -33.24 -47.50
C THR I 65 -22.68 -34.33 -48.53
N VAL I 66 -21.44 -34.80 -48.49
CA VAL I 66 -20.96 -35.79 -49.46
C VAL I 66 -20.62 -37.10 -48.80
N SER I 67 -21.06 -37.29 -47.56
CA SER I 67 -20.82 -38.55 -46.87
C SER I 67 -21.61 -39.69 -47.51
N ALA I 68 -21.05 -40.89 -47.36
CA ALA I 68 -21.59 -42.09 -47.96
C ALA I 68 -22.91 -42.43 -47.30
N ASP I 69 -23.01 -42.18 -46.00
CA ASP I 69 -24.23 -42.48 -45.26
C ASP I 69 -25.24 -41.33 -45.29
N GLN I 70 -26.50 -41.67 -45.57
CA GLN I 70 -27.55 -40.67 -45.68
C GLN I 70 -27.92 -40.08 -44.32
N LEU I 71 -27.93 -40.94 -43.30
CA LEU I 71 -28.38 -40.56 -41.96
C LEU I 71 -27.35 -39.69 -41.26
N ALA I 72 -26.33 -39.27 -42.01
CA ALA I 72 -25.31 -38.35 -41.52
C ALA I 72 -25.58 -36.92 -41.96
N ARG I 73 -26.68 -36.73 -42.70
CA ARG I 73 -27.01 -35.43 -43.29
C ARG I 73 -28.26 -34.80 -42.65
N ALA J 4 31.21 56.80 37.40
CA ALA J 4 31.53 55.38 37.56
C ALA J 4 30.33 54.51 37.20
N ALA J 5 29.14 54.95 37.62
CA ALA J 5 27.91 54.25 37.31
C ALA J 5 27.65 54.26 35.80
N ALA J 6 27.81 55.44 35.20
CA ALA J 6 27.59 55.67 33.78
C ALA J 6 28.54 54.88 32.89
N VAL J 7 29.76 54.67 33.37
CA VAL J 7 30.76 53.91 32.60
C VAL J 7 30.25 52.50 32.30
N THR J 8 29.68 51.84 33.31
CA THR J 8 29.15 50.49 33.15
C THR J 8 27.95 50.52 32.22
N ALA J 9 27.13 51.57 32.34
CA ALA J 9 25.97 51.75 31.49
C ALA J 9 26.36 52.01 30.04
N GLY J 10 27.46 52.72 29.85
CA GLY J 10 27.96 53.01 28.51
C GLY J 10 28.47 51.76 27.82
N VAL J 11 29.16 50.91 28.58
CA VAL J 11 29.68 49.65 28.07
C VAL J 11 28.54 48.67 27.76
N ALA J 12 27.51 48.71 28.60
CA ALA J 12 26.36 47.84 28.48
C ALA J 12 25.66 48.06 27.14
N ILE J 13 25.38 49.31 26.82
CA ILE J 13 24.76 49.66 25.55
C ILE J 13 25.71 49.34 24.41
N ALA J 14 27.01 49.53 24.66
CA ALA J 14 28.04 49.32 23.65
C ALA J 14 28.14 47.86 23.19
N LYS J 15 28.15 46.95 24.16
CA LYS J 15 28.24 45.51 23.91
C LYS J 15 26.97 44.96 23.28
N THR J 16 25.83 45.45 23.76
CA THR J 16 24.54 45.01 23.24
C THR J 16 24.34 45.47 21.82
N ILE J 17 24.85 46.66 21.51
CA ILE J 17 24.73 47.21 20.17
C ILE J 17 25.47 46.32 19.16
N ARG J 18 26.61 45.76 19.57
CA ARG J 18 27.38 44.86 18.70
C ARG J 18 26.68 43.50 18.50
N LEU J 19 25.87 43.11 19.49
CA LEU J 19 25.14 41.85 19.39
C LEU J 19 23.83 42.10 18.66
N GLU J 20 23.26 43.28 18.88
CA GLU J 20 21.98 43.70 18.29
C GLU J 20 22.11 43.67 16.77
N SER J 21 23.32 43.89 16.29
CA SER J 21 23.58 43.87 14.86
C SER J 21 23.80 42.44 14.32
N GLU J 22 24.25 41.53 15.18
CA GLU J 22 24.44 40.13 14.77
C GLU J 22 23.16 39.32 14.66
N VAL J 23 22.27 39.47 15.61
CA VAL J 23 21.04 38.68 15.58
C VAL J 23 20.16 39.17 14.45
N THR J 24 20.29 40.46 14.09
CA THR J 24 19.53 40.96 12.96
C THR J 24 20.18 40.40 11.68
N ALA J 25 21.48 40.10 11.77
CA ALA J 25 22.14 39.42 10.65
C ALA J 25 21.74 37.94 10.57
N ILE J 26 21.75 37.27 11.72
CA ILE J 26 21.39 35.86 11.79
C ILE J 26 19.93 35.63 11.42
N LYS J 27 19.07 36.55 11.83
CA LYS J 27 17.64 36.50 11.47
C LYS J 27 17.45 36.53 9.95
N ASN J 28 18.17 37.41 9.27
CA ASN J 28 18.06 37.52 7.82
C ASN J 28 18.60 36.27 7.14
N ALA J 29 19.65 35.72 7.71
CA ALA J 29 20.27 34.51 7.20
C ALA J 29 19.31 33.31 7.31
N LEU J 30 18.67 33.17 8.46
CA LEU J 30 17.72 32.09 8.67
C LEU J 30 16.52 32.26 7.75
N LYS J 31 16.13 33.51 7.56
CA LYS J 31 15.02 33.87 6.68
C LYS J 31 15.33 33.45 5.23
N LYS J 32 16.60 33.57 4.83
CA LYS J 32 17.04 33.10 3.52
C LYS J 32 17.10 31.57 3.46
N THR J 33 17.54 30.96 4.54
CA THR J 33 17.60 29.51 4.60
C THR J 33 16.17 28.98 4.46
N ASN J 34 15.22 29.59 5.16
CA ASN J 34 13.82 29.15 5.03
C ASN J 34 13.31 29.31 3.61
N GLU J 35 13.95 30.20 2.86
CA GLU J 35 13.63 30.36 1.45
C GLU J 35 14.22 29.24 0.64
N ALA J 36 15.40 28.78 1.05
CA ALA J 36 16.05 27.69 0.33
C ALA J 36 15.31 26.39 0.50
N VAL J 37 14.88 26.12 1.72
CA VAL J 37 14.09 24.92 1.96
C VAL J 37 12.75 24.98 1.25
N SER J 38 12.08 26.13 1.31
CA SER J 38 10.80 26.24 0.64
C SER J 38 10.96 26.06 -0.87
N THR J 39 12.07 26.56 -1.41
CA THR J 39 12.34 26.45 -2.83
C THR J 39 12.72 25.03 -3.28
N LEU J 40 13.68 24.41 -2.58
CA LEU J 40 14.05 23.03 -2.86
C LEU J 40 12.83 22.13 -2.71
N GLY J 41 11.97 22.48 -1.75
CA GLY J 41 10.76 21.73 -1.54
C GLY J 41 9.85 21.79 -2.74
N ASN J 42 9.71 23.00 -3.30
CA ASN J 42 8.86 23.24 -4.47
C ASN J 42 9.35 22.54 -5.72
N GLY J 43 10.63 22.18 -5.71
CA GLY J 43 11.25 21.39 -6.75
C GLY J 43 10.98 19.91 -6.66
N VAL J 44 11.12 19.35 -5.47
CA VAL J 44 10.92 17.91 -5.29
C VAL J 44 9.50 17.59 -5.67
N ARG J 45 8.58 18.49 -5.30
CA ARG J 45 7.18 18.36 -5.66
C ARG J 45 7.00 18.30 -7.16
N VAL J 46 7.65 19.19 -7.89
CA VAL J 46 7.55 19.11 -9.34
C VAL J 46 8.19 17.81 -9.85
N LEU J 47 9.27 17.35 -9.21
CA LEU J 47 9.92 16.09 -9.58
C LEU J 47 8.99 14.93 -9.26
N ALA J 48 8.27 15.02 -8.15
CA ALA J 48 7.32 13.97 -7.80
C ALA J 48 6.20 13.97 -8.82
N THR J 49 5.69 15.15 -9.19
CA THR J 49 4.63 15.19 -10.19
C THR J 49 5.07 14.63 -11.53
N ALA J 50 6.32 14.86 -11.90
CA ALA J 50 6.86 14.28 -13.14
C ALA J 50 6.99 12.75 -13.07
N VAL J 51 7.53 12.24 -11.96
CA VAL J 51 7.66 10.80 -11.74
C VAL J 51 6.26 10.22 -11.72
N ARG J 52 5.30 10.98 -11.22
CA ARG J 52 3.93 10.48 -11.23
C ARG J 52 3.47 10.30 -12.66
N GLU J 53 3.73 11.29 -13.50
CA GLU J 53 3.27 11.25 -14.88
C GLU J 53 4.02 10.18 -15.71
N LEU J 54 5.25 9.87 -15.31
CA LEU J 54 6.01 8.80 -15.96
C LEU J 54 5.40 7.43 -15.63
N LYS J 55 5.02 7.24 -14.37
CA LYS J 55 4.35 6.03 -13.96
C LYS J 55 2.98 5.87 -14.64
N ASP J 56 2.23 6.97 -14.70
CA ASP J 56 0.92 6.92 -15.34
C ASP J 56 1.07 6.43 -16.78
N PHE J 57 2.20 6.75 -17.42
CA PHE J 57 2.44 6.25 -18.76
C PHE J 57 2.89 4.78 -18.77
N VAL J 58 3.79 4.41 -17.87
CA VAL J 58 4.25 3.02 -17.80
C VAL J 58 3.14 2.10 -17.31
N SER J 59 2.51 2.48 -16.21
CA SER J 59 1.46 1.68 -15.60
C SER J 59 0.25 1.45 -16.51
N LYS J 60 -0.23 2.54 -17.10
CA LYS J 60 -1.47 2.50 -17.84
C LYS J 60 -1.22 2.33 -19.33
N ASN J 61 -0.72 3.34 -20.02
CA ASN J 61 -0.63 3.29 -21.49
C ASN J 61 0.37 2.28 -22.07
N LEU J 62 1.46 1.99 -21.36
CA LEU J 62 2.54 1.17 -21.91
C LEU J 62 2.32 -0.32 -21.66
N THR J 63 2.04 -0.70 -20.43
CA THR J 63 1.70 -2.09 -20.13
C THR J 63 0.41 -2.51 -20.85
N ARG J 64 -0.47 -1.55 -21.13
CA ARG J 64 -1.69 -1.86 -21.86
C ARG J 64 -1.33 -2.32 -23.24
N ALA J 65 -0.42 -1.58 -23.86
CA ALA J 65 0.04 -1.86 -25.21
C ALA J 65 0.81 -3.19 -25.26
N ILE J 66 1.53 -3.52 -24.19
CA ILE J 66 2.27 -4.77 -24.12
C ILE J 66 1.31 -5.92 -23.99
N ASN J 67 0.37 -5.83 -23.07
CA ASN J 67 -0.64 -6.87 -22.96
C ASN J 67 -1.49 -7.04 -24.21
N LYS J 68 -1.68 -5.96 -24.97
CA LYS J 68 -2.41 -6.04 -26.23
C LYS J 68 -1.58 -6.90 -27.18
N ASN J 69 -0.28 -6.59 -27.25
CA ASN J 69 0.63 -7.37 -28.05
C ASN J 69 0.77 -8.78 -27.51
N LYS J 70 0.60 -8.91 -26.21
CA LYS J 70 0.69 -10.21 -25.55
C LYS J 70 -0.48 -11.13 -25.94
N CYS J 71 -1.65 -10.52 -26.14
CA CYS J 71 -2.87 -11.25 -26.50
C CYS J 71 -2.87 -11.67 -27.97
N ASP J 72 -2.47 -10.76 -28.85
CA ASP J 72 -2.35 -11.06 -30.27
C ASP J 72 -1.35 -12.20 -30.45
N ILE J 73 -0.25 -12.15 -29.70
CA ILE J 73 0.73 -13.21 -29.73
C ILE J 73 0.06 -14.52 -29.40
N ALA J 74 -0.74 -14.52 -28.33
CA ALA J 74 -1.42 -15.73 -27.85
C ALA J 74 -2.50 -16.19 -28.79
N ASP J 75 -3.13 -15.24 -29.46
CA ASP J 75 -4.13 -15.54 -30.48
C ASP J 75 -3.53 -16.31 -31.66
N LEU J 76 -2.46 -15.75 -32.24
CA LEU J 76 -1.84 -16.36 -33.41
C LEU J 76 -1.19 -17.69 -33.11
N LYS J 77 -0.57 -17.80 -31.94
CA LYS J 77 0.02 -19.07 -31.52
C LYS J 77 -1.05 -20.15 -31.49
N MET J 78 -2.26 -19.78 -31.05
CA MET J 78 -3.35 -20.74 -30.96
C MET J 78 -3.74 -21.17 -32.36
N ALA J 79 -3.84 -20.20 -33.26
CA ALA J 79 -4.20 -20.45 -34.64
C ALA J 79 -3.20 -21.39 -35.28
N VAL J 80 -1.92 -21.07 -35.16
CA VAL J 80 -0.90 -21.92 -35.74
C VAL J 80 -0.85 -23.29 -35.08
N SER J 81 -0.94 -23.33 -33.76
CA SER J 81 -0.95 -24.63 -33.07
C SER J 81 -2.13 -25.52 -33.48
N PHE J 82 -3.30 -24.90 -33.65
CA PHE J 82 -4.51 -25.64 -34.02
C PHE J 82 -4.29 -26.37 -35.34
N SER J 83 -3.74 -25.61 -36.28
CA SER J 83 -3.42 -26.14 -37.59
C SER J 83 -2.37 -27.24 -37.52
N GLN J 84 -1.48 -27.16 -36.54
CA GLN J 84 -0.42 -28.14 -36.37
C GLN J 84 -0.90 -29.40 -35.68
N PHE J 85 -1.53 -29.23 -34.53
CA PHE J 85 -1.95 -30.37 -33.72
C PHE J 85 -3.07 -31.14 -34.39
N ASN J 86 -3.65 -30.54 -35.44
CA ASN J 86 -4.77 -31.15 -36.12
C ASN J 86 -4.53 -31.34 -37.62
N ARG J 87 -3.27 -31.55 -38.01
CA ARG J 87 -2.94 -31.71 -39.42
C ARG J 87 -3.74 -32.81 -40.06
N ARG J 88 -3.63 -34.00 -39.47
CA ARG J 88 -4.19 -35.17 -40.08
C ARG J 88 -5.67 -34.98 -40.28
N PHE J 89 -6.36 -34.56 -39.24
CA PHE J 89 -7.78 -34.26 -39.37
C PHE J 89 -7.96 -33.27 -40.50
N LEU J 90 -7.17 -32.21 -40.50
CA LEU J 90 -7.38 -31.18 -41.48
C LEU J 90 -6.99 -31.65 -42.87
N ASN J 91 -5.99 -32.51 -42.95
CA ASN J 91 -5.64 -33.06 -44.27
C ASN J 91 -6.71 -34.03 -44.81
N VAL J 92 -7.20 -34.88 -43.94
CA VAL J 92 -8.19 -35.89 -44.32
C VAL J 92 -9.47 -35.23 -44.76
N VAL J 93 -9.87 -34.17 -44.09
CA VAL J 93 -11.05 -33.44 -44.53
C VAL J 93 -10.79 -32.82 -45.87
N ARG J 94 -9.56 -32.35 -46.08
CA ARG J 94 -9.23 -31.71 -47.35
C ARG J 94 -9.36 -32.66 -48.51
N GLN J 95 -8.79 -33.85 -48.37
CA GLN J 95 -8.76 -34.79 -49.48
C GLN J 95 -10.17 -35.25 -49.86
N PHE J 96 -10.99 -35.59 -48.87
CA PHE J 96 -12.37 -35.98 -49.11
C PHE J 96 -13.23 -34.82 -49.67
N SER J 97 -12.80 -33.58 -49.51
CA SER J 97 -13.54 -32.45 -50.06
C SER J 97 -13.18 -32.26 -51.51
N ASP J 98 -11.91 -32.48 -51.82
CA ASP J 98 -11.38 -32.26 -53.15
C ASP J 98 -11.86 -33.33 -54.11
N ASN J 99 -12.14 -34.51 -53.57
CA ASN J 99 -12.62 -35.63 -54.39
C ASN J 99 -14.04 -36.05 -54.09
N ALA J 100 -14.73 -35.26 -53.28
CA ALA J 100 -16.15 -35.41 -52.98
C ALA J 100 -16.54 -36.81 -52.49
N GLY J 101 -15.95 -37.27 -51.40
CA GLY J 101 -16.40 -38.48 -50.74
C GLY J 101 -15.61 -39.77 -50.93
N ILE J 102 -14.70 -39.77 -51.89
CA ILE J 102 -13.93 -40.97 -52.21
C ILE J 102 -12.46 -40.59 -52.40
N THR J 103 -11.52 -41.52 -52.22
CA THR J 103 -10.11 -41.24 -52.47
C THR J 103 -9.51 -42.24 -53.42
N PRO J 104 -8.89 -41.78 -54.52
CA PRO J 104 -8.18 -42.63 -55.48
C PRO J 104 -7.16 -43.57 -54.83
N ALA J 105 -6.60 -43.18 -53.68
CA ALA J 105 -5.61 -44.02 -53.01
C ALA J 105 -5.75 -44.01 -51.50
N ILE J 106 -5.05 -44.93 -50.84
CA ILE J 106 -4.93 -44.88 -49.40
C ILE J 106 -3.73 -44.00 -49.12
N SER J 107 -3.99 -42.70 -49.00
CA SER J 107 -2.96 -41.68 -48.79
C SER J 107 -2.23 -41.87 -47.49
N LEU J 108 -1.11 -41.18 -47.32
CA LEU J 108 -0.33 -41.27 -46.09
C LEU J 108 -1.12 -40.72 -44.90
N ASP J 109 -2.02 -39.78 -45.15
CA ASP J 109 -2.81 -39.17 -44.10
C ASP J 109 -4.03 -40.03 -43.71
N LEU J 110 -4.60 -40.73 -44.69
CA LEU J 110 -5.80 -41.54 -44.45
C LEU J 110 -5.44 -42.74 -43.58
N MET J 111 -4.23 -43.26 -43.75
CA MET J 111 -3.76 -44.39 -42.98
C MET J 111 -2.23 -44.36 -42.93
N THR J 112 -1.70 -44.21 -41.72
CA THR J 112 -0.25 -44.04 -41.54
C THR J 112 0.42 -45.36 -41.79
N ASP J 113 1.73 -45.34 -41.96
CA ASP J 113 2.46 -46.55 -42.30
C ASP J 113 2.37 -47.60 -41.20
N ALA J 114 2.39 -47.14 -39.95
CA ALA J 114 2.24 -48.02 -38.80
C ALA J 114 0.94 -48.77 -38.87
N GLU J 115 -0.12 -48.02 -39.16
CA GLU J 115 -1.48 -48.56 -39.26
C GLU J 115 -1.62 -49.51 -40.44
N LEU J 116 -0.98 -49.16 -41.55
CA LEU J 116 -1.03 -49.92 -42.79
C LEU J 116 -0.40 -51.29 -42.60
N ALA J 117 0.79 -51.29 -42.01
CA ALA J 117 1.54 -52.51 -41.77
C ALA J 117 0.85 -53.44 -40.79
N ARG J 118 0.15 -52.88 -39.80
CA ARG J 118 -0.53 -53.71 -38.83
C ARG J 118 -1.73 -54.38 -39.48
N ALA J 119 -2.35 -53.65 -40.41
CA ALA J 119 -3.51 -54.15 -41.13
C ALA J 119 -3.11 -55.30 -42.03
N VAL J 120 -2.03 -55.11 -42.79
CA VAL J 120 -1.56 -56.14 -43.71
C VAL J 120 -1.13 -57.39 -42.95
N SER J 121 -0.54 -57.20 -41.77
CA SER J 121 -0.12 -58.32 -40.94
C SER J 121 -1.30 -59.06 -40.32
N ASN J 122 -2.44 -58.40 -40.25
CA ASN J 122 -3.66 -59.03 -39.74
C ASN J 122 -4.65 -59.44 -40.82
N MET J 123 -4.14 -59.52 -42.04
CA MET J 123 -4.92 -60.01 -43.15
C MET J 123 -5.00 -61.51 -43.08
N PRO J 124 -6.08 -62.09 -43.62
CA PRO J 124 -6.28 -63.53 -43.68
C PRO J 124 -5.51 -64.20 -44.83
N THR J 125 -4.17 -64.24 -44.77
CA THR J 125 -3.39 -64.94 -45.79
C THR J 125 -2.08 -65.55 -45.29
N SER J 126 -1.34 -66.14 -46.22
CA SER J 126 -0.11 -66.87 -45.88
C SER J 126 0.99 -65.88 -45.56
N ALA J 127 2.01 -66.37 -44.85
CA ALA J 127 3.08 -65.51 -44.37
C ALA J 127 3.82 -64.84 -45.50
N GLY J 128 4.03 -65.55 -46.60
CA GLY J 128 4.79 -65.04 -47.71
C GLY J 128 4.07 -63.96 -48.48
N GLN J 129 2.73 -64.02 -48.46
CA GLN J 129 1.89 -63.05 -49.13
C GLN J 129 1.81 -61.78 -48.30
N ILE J 130 1.79 -61.97 -46.98
CA ILE J 130 1.82 -60.85 -46.04
C ILE J 130 3.13 -60.10 -46.25
N LYS J 131 4.20 -60.86 -46.40
CA LYS J 131 5.52 -60.31 -46.65
C LYS J 131 5.56 -59.47 -47.92
N LEU J 132 5.00 -60.01 -49.00
CA LEU J 132 5.06 -59.34 -50.29
C LEU J 132 4.32 -58.00 -50.29
N MET J 133 3.18 -57.95 -49.63
CA MET J 133 2.41 -56.73 -49.61
C MET J 133 3.22 -55.70 -48.86
N LEU J 134 3.84 -56.13 -47.77
CA LEU J 134 4.69 -55.27 -46.97
C LEU J 134 5.85 -54.71 -47.79
N GLU J 135 6.34 -55.51 -48.73
CA GLU J 135 7.48 -55.08 -49.54
C GLU J 135 7.04 -54.11 -50.63
N ASN J 136 5.81 -54.25 -51.11
CA ASN J 136 5.28 -53.38 -52.14
C ASN J 136 4.12 -52.52 -51.66
N ARG J 137 4.21 -52.07 -50.41
CA ARG J 137 3.08 -51.40 -49.76
C ARG J 137 2.59 -50.17 -50.51
N ALA J 138 3.46 -49.62 -51.35
CA ALA J 138 3.09 -48.53 -52.23
C ALA J 138 1.93 -48.95 -53.13
N MET J 139 2.09 -50.13 -53.73
CA MET J 139 1.09 -50.70 -54.62
C MET J 139 -0.21 -50.98 -53.88
N VAL J 140 -0.09 -51.49 -52.65
CA VAL J 140 -1.25 -51.76 -51.83
C VAL J 140 -2.10 -50.51 -51.71
N ARG J 141 -1.44 -49.38 -51.49
CA ARG J 141 -2.13 -48.10 -51.34
C ARG J 141 -2.84 -47.65 -52.60
N ARG J 142 -2.21 -47.81 -53.75
CA ARG J 142 -2.79 -47.29 -54.98
C ARG J 142 -3.94 -48.20 -55.45
N LYS J 143 -3.77 -49.50 -55.26
CA LYS J 143 -4.80 -50.47 -55.60
C LYS J 143 -5.94 -50.44 -54.60
N GLY J 144 -5.72 -49.77 -53.46
CA GLY J 144 -6.77 -49.59 -52.48
C GLY J 144 -7.44 -48.24 -52.65
N PHE J 145 -8.32 -47.88 -51.71
CA PHE J 145 -8.95 -46.56 -51.72
C PHE J 145 -9.68 -46.21 -50.41
N GLY J 146 -10.19 -44.97 -50.32
CA GLY J 146 -10.85 -44.49 -49.11
C GLY J 146 -12.25 -43.95 -49.29
N ILE J 147 -13.11 -44.20 -48.31
CA ILE J 147 -14.50 -43.78 -48.40
C ILE J 147 -14.94 -42.92 -47.21
N LEU J 148 -15.45 -41.72 -47.45
CA LEU J 148 -16.02 -40.93 -46.37
C LEU J 148 -17.37 -41.49 -45.97
N ILE J 149 -17.48 -42.03 -44.76
CA ILE J 149 -18.75 -42.59 -44.30
C ILE J 149 -19.68 -41.53 -43.77
N GLY J 150 -19.17 -40.65 -42.92
CA GLY J 150 -19.98 -39.57 -42.39
C GLY J 150 -19.24 -38.59 -41.52
N VAL J 151 -19.76 -37.37 -41.46
CA VAL J 151 -19.30 -36.36 -40.50
C VAL J 151 -20.34 -36.21 -39.40
N TYR J 152 -19.99 -36.69 -38.21
CA TYR J 152 -20.90 -36.65 -37.07
C TYR J 152 -20.39 -35.69 -36.01
N GLY J 153 -21.11 -34.58 -35.84
CA GLY J 153 -20.67 -33.51 -34.96
C GLY J 153 -19.39 -32.89 -35.46
N SER J 154 -18.29 -33.15 -34.76
CA SER J 154 -16.97 -32.62 -35.12
C SER J 154 -16.00 -33.73 -35.51
N SER J 155 -16.52 -34.93 -35.68
CA SER J 155 -15.69 -36.07 -36.01
C SER J 155 -15.86 -36.45 -37.47
N VAL J 156 -14.79 -36.87 -38.12
CA VAL J 156 -14.91 -37.42 -39.47
C VAL J 156 -14.70 -38.92 -39.40
N ILE J 157 -15.68 -39.69 -39.91
CA ILE J 157 -15.57 -41.16 -39.94
C ILE J 157 -15.44 -41.67 -41.35
N TYR J 158 -14.39 -42.43 -41.61
CA TYR J 158 -14.17 -42.96 -42.93
C TYR J 158 -13.62 -44.38 -42.86
N MET J 159 -13.68 -45.09 -43.97
CA MET J 159 -13.18 -46.44 -44.06
C MET J 159 -12.13 -46.54 -45.18
N VAL J 160 -11.01 -47.20 -44.91
CA VAL J 160 -10.06 -47.53 -45.96
C VAL J 160 -10.24 -48.97 -46.39
N GLN J 161 -10.11 -49.21 -47.70
CA GLN J 161 -10.32 -50.51 -48.32
C GLN J 161 -9.01 -50.98 -48.94
N LEU J 162 -8.46 -52.06 -48.40
CA LEU J 162 -7.16 -52.54 -48.84
C LEU J 162 -7.25 -53.80 -49.68
N PRO J 163 -6.45 -53.88 -50.75
CA PRO J 163 -6.40 -55.10 -51.53
C PRO J 163 -5.76 -56.26 -50.75
N ILE J 164 -6.28 -57.48 -50.91
CA ILE J 164 -5.65 -58.68 -50.37
C ILE J 164 -5.01 -59.48 -51.51
N PHE J 165 -3.70 -59.50 -51.53
CA PHE J 165 -2.98 -60.24 -52.55
C PHE J 165 -2.77 -61.69 -52.08
N GLY J 166 -3.74 -62.54 -52.36
CA GLY J 166 -3.71 -63.94 -51.95
C GLY J 166 -2.93 -64.87 -52.89
N VAL J 167 -2.84 -64.48 -54.15
CA VAL J 167 -2.08 -65.22 -55.15
C VAL J 167 -0.79 -64.51 -55.48
N ILE J 168 0.34 -65.14 -55.21
CA ILE J 168 1.63 -64.51 -55.55
C ILE J 168 2.64 -65.47 -56.16
N ASP J 169 3.57 -64.90 -56.92
CA ASP J 169 4.72 -65.61 -57.46
C ASP J 169 4.39 -66.80 -58.38
N THR J 170 3.33 -66.67 -59.17
CA THR J 170 3.02 -67.68 -60.18
C THR J 170 3.45 -67.10 -61.52
N PRO J 171 3.79 -67.98 -62.49
CA PRO J 171 4.28 -67.54 -63.81
C PRO J 171 3.37 -66.55 -64.53
N CYS J 172 3.99 -65.55 -65.16
CA CYS J 172 3.29 -64.48 -65.86
C CYS J 172 4.07 -64.11 -67.12
N TRP J 173 3.35 -63.69 -68.15
CA TRP J 173 3.99 -63.27 -69.40
C TRP J 173 3.11 -62.30 -70.18
N ILE J 174 3.71 -61.63 -71.16
CA ILE J 174 2.96 -60.68 -71.98
C ILE J 174 3.19 -60.91 -73.49
N VAL J 175 2.10 -60.82 -74.25
CA VAL J 175 2.14 -61.05 -75.69
C VAL J 175 1.89 -59.77 -76.48
N LYS J 176 2.78 -59.48 -77.42
CA LYS J 176 2.61 -58.40 -78.39
C LYS J 176 2.78 -58.93 -79.80
N ALA J 177 2.06 -58.35 -80.75
CA ALA J 177 2.13 -58.80 -82.13
C ALA J 177 1.86 -57.68 -83.11
N ALA J 178 2.38 -57.84 -84.32
CA ALA J 178 2.11 -56.95 -85.43
C ALA J 178 1.57 -57.78 -86.60
N PRO J 179 0.92 -57.13 -87.58
CA PRO J 179 0.42 -57.88 -88.73
C PRO J 179 1.51 -58.60 -89.50
N SER J 180 1.34 -59.91 -89.66
CA SER J 180 2.26 -60.75 -90.40
C SER J 180 1.75 -60.96 -91.81
N CYS J 181 2.21 -60.11 -92.74
CA CYS J 181 1.73 -60.15 -94.11
C CYS J 181 2.64 -60.92 -95.05
N SER J 182 2.01 -61.77 -95.85
CA SER J 182 2.70 -62.53 -96.89
C SER J 182 2.16 -62.08 -98.24
N GLU J 183 3.03 -62.02 -99.24
CA GLU J 183 2.63 -61.54 -100.55
C GLU J 183 3.06 -62.51 -101.64
N LYS J 184 2.14 -62.85 -102.56
CA LYS J 184 2.49 -63.63 -103.74
C LYS J 184 1.83 -62.98 -104.98
N LYS J 185 2.61 -62.39 -105.88
CA LYS J 185 2.08 -61.77 -107.11
C LYS J 185 1.07 -60.64 -106.81
N GLY J 186 1.44 -59.69 -105.96
CA GLY J 186 0.57 -58.55 -105.71
C GLY J 186 -0.67 -58.87 -104.88
N ASN J 187 -0.68 -60.06 -104.26
CA ASN J 187 -1.79 -60.45 -103.40
C ASN J 187 -1.30 -60.56 -101.96
N TYR J 188 -2.09 -60.07 -101.01
CA TYR J 188 -1.67 -60.07 -99.63
C TYR J 188 -2.53 -60.94 -98.72
N ALA J 189 -1.87 -61.77 -97.92
CA ALA J 189 -2.53 -62.52 -96.87
C ALA J 189 -1.94 -62.10 -95.55
N CYS J 190 -2.72 -61.44 -94.72
CA CYS J 190 -2.19 -60.88 -93.50
C CYS J 190 -2.87 -61.48 -92.29
N LEU J 191 -2.14 -62.29 -91.54
CA LEU J 191 -2.65 -62.78 -90.28
C LEU J 191 -2.07 -61.90 -89.18
N LEU J 192 -2.86 -61.68 -88.15
CA LEU J 192 -2.47 -60.88 -87.00
C LEU J 192 -3.04 -61.52 -85.74
N ARG J 193 -2.15 -61.89 -84.81
CA ARG J 193 -2.62 -62.45 -83.55
C ARG J 193 -3.51 -61.51 -82.78
N GLU J 194 -4.54 -62.06 -82.16
CA GLU J 194 -5.44 -61.32 -81.27
C GLU J 194 -5.34 -61.86 -79.84
N ASP J 195 -4.26 -62.58 -79.59
CA ASP J 195 -3.91 -63.15 -78.30
C ASP J 195 -3.39 -62.07 -77.37
N GLN J 196 -3.16 -60.90 -77.92
CA GLN J 196 -2.36 -59.88 -77.28
C GLN J 196 -2.86 -59.48 -75.91
N GLY J 197 -1.91 -59.35 -74.97
CA GLY J 197 -2.19 -58.96 -73.59
C GLY J 197 -1.33 -59.64 -72.53
N TRP J 198 -1.78 -59.59 -71.27
CA TRP J 198 -1.09 -60.20 -70.14
C TRP J 198 -1.69 -61.56 -69.82
N TYR J 199 -0.81 -62.53 -69.55
CA TYR J 199 -1.26 -63.82 -69.08
C TYR J 199 -0.61 -64.16 -67.76
N CYS J 200 -1.45 -64.52 -66.79
CA CYS J 200 -0.99 -64.89 -65.45
C CYS J 200 -1.51 -66.29 -65.15
N GLN J 201 -0.59 -67.17 -64.75
CA GLN J 201 -0.97 -68.55 -64.50
C GLN J 201 -1.55 -68.64 -63.08
N ASN J 202 -2.69 -69.32 -62.96
CA ASN J 202 -3.38 -69.43 -61.68
C ASN J 202 -3.75 -70.88 -61.42
N ALA J 203 -4.25 -71.17 -60.24
CA ALA J 203 -4.67 -72.54 -59.92
C ALA J 203 -5.87 -72.92 -60.78
N GLY J 204 -5.71 -73.96 -61.59
CA GLY J 204 -6.80 -74.50 -62.37
C GLY J 204 -7.13 -73.75 -63.65
N SER J 205 -6.45 -72.64 -63.89
CA SER J 205 -6.69 -71.85 -65.10
C SER J 205 -5.59 -70.82 -65.34
N THR J 206 -5.70 -70.16 -66.48
CA THR J 206 -4.82 -69.06 -66.82
C THR J 206 -5.65 -67.81 -67.02
N VAL J 207 -5.21 -66.69 -66.44
CA VAL J 207 -5.93 -65.43 -66.57
C VAL J 207 -5.35 -64.53 -67.65
N TYR J 208 -6.21 -63.94 -68.47
CA TYR J 208 -5.81 -63.13 -69.60
C TYR J 208 -6.31 -61.70 -69.41
N TYR J 209 -5.39 -60.76 -69.43
CA TYR J 209 -5.77 -59.35 -69.32
C TYR J 209 -5.43 -58.69 -70.65
N PRO J 210 -6.46 -58.37 -71.44
CA PRO J 210 -6.34 -57.99 -72.84
C PRO J 210 -5.61 -56.68 -73.11
N ASN J 211 -5.70 -55.71 -72.21
CA ASN J 211 -5.01 -54.44 -72.42
C ASN J 211 -3.79 -54.44 -71.53
N GLU J 212 -2.72 -53.81 -71.99
CA GLU J 212 -1.47 -53.83 -71.21
C GLU J 212 -1.58 -53.06 -69.88
N LYS J 213 -2.43 -52.04 -69.89
CA LYS J 213 -2.65 -51.19 -68.72
C LYS J 213 -3.34 -51.94 -67.58
N ASP J 214 -3.91 -53.09 -67.87
CA ASP J 214 -4.68 -53.82 -66.89
C ASP J 214 -3.79 -54.43 -65.82
N CYS J 215 -2.48 -54.39 -66.08
CA CYS J 215 -1.53 -54.91 -65.11
C CYS J 215 -0.39 -53.92 -64.87
N GLU J 216 0.01 -53.76 -63.61
CA GLU J 216 1.07 -52.80 -63.29
C GLU J 216 2.35 -53.54 -62.96
N THR J 217 3.44 -53.03 -63.49
CA THR J 217 4.74 -53.65 -63.33
C THR J 217 5.58 -52.95 -62.28
N ARG J 218 6.02 -53.71 -61.27
CA ARG J 218 7.01 -53.21 -60.32
C ARG J 218 8.08 -54.27 -60.15
N GLY J 219 9.17 -54.13 -60.88
CA GLY J 219 10.19 -55.16 -60.89
C GLY J 219 9.63 -56.36 -61.61
N ASP J 220 9.95 -57.56 -61.12
CA ASP J 220 9.51 -58.78 -61.79
C ASP J 220 8.04 -59.08 -61.51
N HIS J 221 7.46 -58.38 -60.53
CA HIS J 221 6.08 -58.63 -60.13
C HIS J 221 5.05 -57.85 -60.96
N VAL J 222 3.93 -58.52 -61.22
CA VAL J 222 2.86 -57.91 -62.01
C VAL J 222 1.56 -57.85 -61.22
N PHE J 223 1.11 -56.63 -60.94
CA PHE J 223 -0.10 -56.38 -60.16
C PHE J 223 -1.29 -56.16 -61.10
N CYS J 224 -2.15 -57.17 -61.22
CA CYS J 224 -3.19 -57.17 -62.24
C CYS J 224 -4.59 -56.90 -61.72
N ASP J 225 -5.33 -56.03 -62.42
CA ASP J 225 -6.68 -55.69 -61.99
C ASP J 225 -7.63 -56.87 -62.23
N THR J 226 -8.26 -57.36 -61.16
CA THR J 226 -9.09 -58.56 -61.19
C THR J 226 -10.31 -58.45 -62.11
N ALA J 227 -10.94 -57.28 -62.15
CA ALA J 227 -12.12 -57.06 -62.96
C ALA J 227 -11.84 -57.24 -64.46
N ALA J 228 -10.67 -56.78 -64.86
CA ALA J 228 -10.22 -56.82 -66.25
C ALA J 228 -9.99 -58.24 -66.74
N GLY J 229 -9.70 -59.13 -65.80
CA GLY J 229 -9.34 -60.51 -66.09
C GLY J 229 -10.35 -61.37 -66.80
N ILE J 230 -9.86 -62.16 -67.75
CA ILE J 230 -10.66 -63.16 -68.46
C ILE J 230 -10.01 -64.51 -68.28
N ASN J 231 -10.76 -65.50 -67.78
CA ASN J 231 -10.19 -66.83 -67.59
C ASN J 231 -10.12 -67.63 -68.89
N VAL J 232 -8.93 -68.12 -69.24
CA VAL J 232 -8.75 -68.90 -70.47
C VAL J 232 -8.16 -70.27 -70.18
N ALA J 233 -8.38 -71.22 -71.07
CA ALA J 233 -7.83 -72.57 -70.87
C ALA J 233 -6.31 -72.53 -70.85
N GLU J 234 -5.72 -73.40 -70.05
CA GLU J 234 -4.26 -73.41 -69.91
C GLU J 234 -3.61 -73.74 -71.24
N GLN J 235 -4.30 -74.53 -72.07
CA GLN J 235 -3.76 -74.91 -73.38
C GLN J 235 -3.53 -73.71 -74.30
N SER J 236 -4.02 -72.52 -73.93
CA SER J 236 -3.90 -71.36 -74.81
C SER J 236 -2.44 -70.93 -74.99
N LYS J 237 -1.59 -71.25 -74.01
CA LYS J 237 -0.18 -70.87 -74.07
C LYS J 237 0.52 -71.58 -75.23
N GLU J 238 -0.15 -72.61 -75.74
CA GLU J 238 0.35 -73.42 -76.85
C GLU J 238 0.42 -72.63 -78.17
N CYS J 239 -0.29 -71.51 -78.21
CA CYS J 239 -0.30 -70.64 -79.39
C CYS J 239 1.06 -69.98 -79.63
N ASN J 240 1.94 -70.03 -78.63
CA ASN J 240 3.26 -69.43 -78.75
C ASN J 240 4.32 -70.43 -79.19
N ILE J 241 3.89 -71.61 -79.59
CA ILE J 241 4.81 -72.57 -80.21
C ILE J 241 4.42 -72.72 -81.68
N ASN J 242 3.19 -73.19 -81.92
CA ASN J 242 2.66 -73.31 -83.27
C ASN J 242 1.31 -72.61 -83.36
N ILE J 243 1.21 -71.57 -84.19
CA ILE J 243 -0.04 -70.83 -84.33
C ILE J 243 -1.11 -71.75 -84.91
N SER J 244 -0.67 -72.65 -85.80
CA SER J 244 -1.57 -73.57 -86.50
C SER J 244 -1.83 -74.84 -85.69
N THR J 245 -1.83 -74.72 -84.36
CA THR J 245 -2.11 -75.87 -83.49
C THR J 245 -3.61 -76.20 -83.49
N THR J 246 -3.92 -77.49 -83.55
CA THR J 246 -5.30 -77.94 -83.55
C THR J 246 -5.81 -78.14 -82.11
N ASN J 247 -4.87 -78.12 -81.17
CA ASN J 247 -5.21 -78.32 -79.77
C ASN J 247 -5.99 -77.16 -79.14
N TYR J 248 -5.73 -75.94 -79.61
CA TYR J 248 -6.46 -74.75 -79.16
C TYR J 248 -6.95 -73.89 -80.32
N PRO J 249 -8.16 -73.30 -80.18
CA PRO J 249 -8.67 -72.37 -81.18
C PRO J 249 -7.90 -71.05 -81.15
N CYS J 250 -6.70 -71.00 -81.72
CA CYS J 250 -5.87 -69.78 -81.66
C CYS J 250 -6.58 -68.58 -82.27
N LYS J 251 -6.73 -67.53 -81.48
CA LYS J 251 -7.44 -66.34 -81.92
C LYS J 251 -6.54 -65.51 -82.84
N VAL J 252 -6.83 -65.57 -84.14
CA VAL J 252 -6.02 -64.88 -85.14
C VAL J 252 -6.92 -64.33 -86.25
N SER J 253 -6.69 -63.07 -86.63
CA SER J 253 -7.50 -62.39 -87.66
C SER J 253 -6.77 -62.31 -89.00
N THR J 254 -7.52 -62.39 -90.09
CA THR J 254 -6.93 -62.35 -91.43
C THR J 254 -7.34 -61.14 -92.24
N GLY J 255 -6.43 -60.66 -93.09
CA GLY J 255 -6.70 -59.50 -93.92
C GLY J 255 -6.17 -59.59 -95.34
N ARG J 256 -6.66 -58.72 -96.20
CA ARG J 256 -6.25 -58.67 -97.60
C ARG J 256 -5.41 -57.42 -97.87
N HIS J 257 -5.24 -56.58 -96.87
CA HIS J 257 -4.51 -55.33 -97.05
C HIS J 257 -3.36 -55.22 -96.07
N PRO J 258 -2.24 -54.64 -96.51
CA PRO J 258 -1.03 -54.47 -95.70
C PRO J 258 -1.14 -53.33 -94.70
N ILE J 259 -0.61 -53.60 -93.51
CA ILE J 259 -0.60 -52.62 -92.43
C ILE J 259 0.82 -52.55 -91.88
N SER J 260 1.49 -51.42 -92.10
CA SER J 260 2.85 -51.22 -91.59
C SER J 260 2.84 -50.42 -90.27
N MET J 261 3.47 -50.97 -89.23
CA MET J 261 3.37 -50.40 -87.89
C MET J 261 4.49 -50.84 -86.93
N VAL J 262 4.54 -50.21 -85.77
CA VAL J 262 5.50 -50.57 -84.73
C VAL J 262 4.80 -50.95 -83.45
N ALA J 263 5.12 -52.13 -82.94
CA ALA J 263 4.54 -52.59 -81.69
C ALA J 263 5.64 -52.74 -80.64
N LEU J 264 5.51 -52.05 -79.51
CA LEU J 264 6.56 -52.07 -78.50
C LEU J 264 6.43 -53.26 -77.54
N SER J 265 7.55 -53.92 -77.29
CA SER J 265 7.67 -54.99 -76.30
C SER J 265 8.40 -54.50 -75.04
N PRO J 266 8.32 -55.26 -73.94
CA PRO J 266 9.13 -54.95 -72.75
C PRO J 266 10.62 -54.78 -73.05
N LEU J 267 11.24 -55.74 -73.72
CA LEU J 267 12.68 -55.67 -74.00
C LEU J 267 13.00 -55.27 -75.44
N GLY J 268 11.99 -54.99 -76.25
CA GLY J 268 12.23 -54.60 -77.62
C GLY J 268 11.03 -54.04 -78.33
N ALA J 269 10.93 -54.33 -79.63
CA ALA J 269 9.84 -53.83 -80.44
C ALA J 269 9.73 -54.64 -81.71
N LEU J 270 8.48 -54.79 -82.16
CA LEU J 270 8.17 -55.42 -83.44
C LEU J 270 7.92 -54.35 -84.49
N VAL J 271 8.56 -54.51 -85.64
CA VAL J 271 8.35 -53.60 -86.75
C VAL J 271 7.74 -54.38 -87.91
N ALA J 272 6.71 -53.82 -88.53
CA ALA J 272 6.12 -54.43 -89.72
C ALA J 272 6.23 -53.43 -90.86
N CYS J 273 7.13 -53.69 -91.80
CA CYS J 273 7.31 -52.79 -92.93
C CYS J 273 6.77 -53.40 -94.22
N TYR J 274 5.76 -52.78 -94.80
CA TYR J 274 5.15 -53.27 -96.03
C TYR J 274 4.88 -52.13 -97.02
N LYS J 275 4.93 -52.46 -98.30
CA LYS J 275 4.57 -51.55 -99.40
C LYS J 275 5.31 -50.21 -99.36
N GLY J 276 4.59 -49.12 -99.61
CA GLY J 276 5.22 -47.81 -99.71
C GLY J 276 5.45 -47.06 -98.41
N VAL J 277 6.34 -47.60 -97.59
CA VAL J 277 6.84 -46.89 -96.40
C VAL J 277 8.33 -47.17 -96.25
N SER J 278 9.03 -46.21 -95.68
CA SER J 278 10.46 -46.34 -95.45
C SER J 278 10.71 -46.57 -93.97
N CYS J 279 10.69 -47.83 -93.55
CA CYS J 279 10.91 -48.14 -92.14
C CYS J 279 12.39 -48.32 -91.87
N SER J 280 12.91 -47.58 -90.89
CA SER J 280 14.31 -47.68 -90.53
C SER J 280 14.44 -47.64 -89.02
N ILE J 281 15.57 -48.14 -88.52
CA ILE J 281 15.84 -48.01 -87.10
C ILE J 281 16.97 -47.00 -86.96
N GLY J 282 16.84 -46.11 -85.99
CA GLY J 282 17.80 -45.06 -85.77
C GLY J 282 18.29 -44.95 -84.34
N SER J 283 19.18 -44.00 -84.11
CA SER J 283 19.69 -43.73 -82.78
C SER J 283 19.42 -42.27 -82.42
N ASN J 284 19.48 -41.96 -81.13
CA ASN J 284 19.34 -40.61 -80.62
C ASN J 284 20.64 -39.80 -80.79
N ARG J 285 21.77 -40.49 -80.68
CA ARG J 285 23.06 -39.83 -80.81
C ARG J 285 23.45 -39.69 -82.28
N VAL J 286 23.60 -40.81 -82.99
CA VAL J 286 23.92 -40.77 -84.42
C VAL J 286 22.54 -40.75 -85.08
N GLY J 287 22.41 -40.78 -86.41
CA GLY J 287 21.08 -40.53 -86.94
C GLY J 287 20.29 -41.73 -87.45
N ILE J 288 20.86 -42.48 -88.37
CA ILE J 288 20.18 -43.67 -88.86
C ILE J 288 21.23 -44.76 -88.84
N ILE J 289 20.83 -45.95 -88.42
CA ILE J 289 21.80 -47.02 -88.27
C ILE J 289 21.52 -48.21 -89.17
N LYS J 290 20.28 -48.37 -89.62
CA LYS J 290 19.95 -49.48 -90.54
C LYS J 290 18.56 -49.30 -91.15
N GLN J 291 18.44 -49.50 -92.46
CA GLN J 291 17.11 -49.55 -93.07
C GLN J 291 16.58 -50.98 -92.99
N LEU J 292 15.31 -51.13 -92.61
CA LEU J 292 14.74 -52.45 -92.40
C LEU J 292 14.17 -53.09 -93.66
N ASN J 293 14.40 -54.41 -93.80
CA ASN J 293 13.81 -55.15 -94.91
C ASN J 293 12.30 -55.26 -94.74
N LYS J 294 11.61 -55.38 -95.85
CA LYS J 294 10.17 -55.55 -95.83
C LYS J 294 9.78 -56.85 -95.13
N GLY J 295 8.79 -56.76 -94.25
CA GLY J 295 8.35 -57.90 -93.46
C GLY J 295 8.37 -57.57 -91.98
N CYS J 296 8.30 -58.59 -91.13
CA CYS J 296 8.29 -58.40 -89.69
C CYS J 296 9.68 -58.51 -89.09
N SER J 297 10.12 -57.42 -88.45
CA SER J 297 11.44 -57.41 -87.84
C SER J 297 11.30 -57.24 -86.34
N TYR J 298 12.17 -57.92 -85.60
CA TYR J 298 12.23 -57.73 -84.17
C TYR J 298 13.57 -57.16 -83.76
N ILE J 299 13.51 -56.02 -83.08
CA ILE J 299 14.73 -55.37 -82.59
C ILE J 299 14.62 -55.10 -81.10
N THR J 300 15.78 -55.06 -80.45
CA THR J 300 15.89 -54.95 -79.00
C THR J 300 16.01 -53.48 -78.57
N ASN J 301 15.64 -53.18 -77.34
CA ASN J 301 15.88 -51.85 -76.78
C ASN J 301 17.37 -51.51 -76.76
N GLN J 302 18.20 -52.55 -76.81
CA GLN J 302 19.65 -52.38 -76.80
C GLN J 302 20.29 -52.55 -78.18
N ASP J 303 19.44 -52.82 -79.17
CA ASP J 303 19.86 -52.89 -80.58
C ASP J 303 19.79 -51.51 -81.24
N ALA J 304 18.82 -50.71 -80.81
CA ALA J 304 18.61 -49.36 -81.34
C ALA J 304 17.85 -48.51 -80.34
N ASP J 305 17.56 -47.26 -80.70
CA ASP J 305 16.81 -46.37 -79.82
C ASP J 305 15.55 -45.86 -80.51
N THR J 306 15.43 -46.19 -81.78
CA THR J 306 14.44 -45.57 -82.63
C THR J 306 13.97 -46.45 -83.78
N VAL J 307 12.66 -46.44 -84.03
CA VAL J 307 12.15 -46.96 -85.29
C VAL J 307 11.46 -45.82 -86.02
N THR J 308 11.81 -45.62 -87.28
CA THR J 308 11.20 -44.54 -88.06
C THR J 308 10.32 -45.14 -89.18
N ILE J 309 9.11 -44.64 -89.30
CA ILE J 309 8.20 -45.02 -90.39
C ILE J 309 7.92 -43.78 -91.24
N ASP J 310 8.49 -43.74 -92.44
CA ASP J 310 8.53 -42.51 -93.25
C ASP J 310 9.22 -41.42 -92.46
N ASN J 311 8.49 -40.38 -92.05
CA ASN J 311 9.08 -39.32 -91.26
C ASN J 311 8.60 -39.38 -89.80
N THR J 312 7.92 -40.47 -89.45
CA THR J 312 7.41 -40.66 -88.09
C THR J 312 8.42 -41.42 -87.23
N VAL J 313 8.89 -40.81 -86.15
CA VAL J 313 9.91 -41.46 -85.34
C VAL J 313 9.36 -42.03 -84.02
N TYR J 314 9.55 -43.33 -83.84
CA TYR J 314 9.08 -44.00 -82.63
C TYR J 314 10.23 -44.28 -81.68
N GLN J 315 10.02 -43.95 -80.41
CA GLN J 315 11.01 -44.19 -79.37
C GLN J 315 10.80 -45.54 -78.70
N LEU J 316 11.89 -46.27 -78.54
CA LEU J 316 11.80 -47.60 -77.93
C LEU J 316 11.90 -47.50 -76.41
N SER J 317 12.60 -46.48 -75.94
CA SER J 317 12.81 -46.29 -74.50
C SER J 317 12.43 -44.88 -74.08
N LYS J 318 12.43 -44.65 -72.77
CA LYS J 318 12.20 -43.30 -72.27
C LYS J 318 13.43 -42.45 -72.55
N VAL J 319 13.23 -41.23 -73.03
CA VAL J 319 14.34 -40.33 -73.31
C VAL J 319 14.64 -39.43 -72.10
N GLU J 320 15.83 -39.61 -71.55
CA GLU J 320 16.24 -38.93 -70.33
C GLU J 320 16.61 -37.47 -70.57
N GLY J 321 15.98 -36.57 -69.81
CA GLY J 321 16.17 -35.14 -69.99
C GLY J 321 17.04 -34.50 -68.92
N GLU J 322 16.77 -33.23 -68.59
CA GLU J 322 17.55 -32.53 -67.57
C GLU J 322 17.47 -33.19 -66.20
N GLN J 323 18.19 -32.61 -65.24
CA GLN J 323 18.24 -33.16 -63.89
C GLN J 323 18.43 -32.00 -62.92
N HIS J 324 17.36 -31.65 -62.22
CA HIS J 324 17.33 -30.44 -61.40
C HIS J 324 17.54 -30.66 -59.91
N VAL J 325 18.04 -29.61 -59.27
CA VAL J 325 18.13 -29.56 -57.82
C VAL J 325 17.76 -28.15 -57.32
N ILE J 326 16.79 -28.09 -56.41
CA ILE J 326 16.20 -26.83 -55.95
C ILE J 326 16.21 -26.79 -54.42
N LYS J 327 16.63 -25.66 -53.88
CA LYS J 327 16.68 -25.50 -52.43
C LYS J 327 15.94 -24.23 -52.05
N GLY J 328 15.17 -24.33 -50.97
CA GLY J 328 14.40 -23.20 -50.49
C GLY J 328 15.25 -22.10 -49.89
N ARG J 329 14.64 -20.93 -49.79
CA ARG J 329 15.23 -19.79 -49.12
C ARG J 329 15.43 -20.11 -47.64
N PRO J 330 16.53 -19.66 -47.05
CA PRO J 330 16.82 -19.91 -45.64
C PRO J 330 15.92 -19.09 -44.71
N VAL J 331 15.51 -19.68 -43.60
CA VAL J 331 14.71 -19.00 -42.59
C VAL J 331 15.62 -18.61 -41.45
N SER J 332 15.57 -17.35 -41.03
CA SER J 332 16.45 -16.85 -39.98
C SER J 332 15.65 -16.33 -38.78
N SER J 333 16.32 -16.20 -37.65
CA SER J 333 15.68 -15.66 -36.44
C SER J 333 15.93 -14.17 -36.32
N SER J 334 14.96 -13.43 -35.80
CA SER J 334 15.09 -11.99 -35.66
C SER J 334 15.11 -11.54 -34.20
N PHE J 335 15.51 -12.43 -33.29
CA PHE J 335 15.40 -12.10 -31.86
C PHE J 335 16.49 -11.15 -31.39
N ASP J 336 16.08 -9.97 -30.96
CA ASP J 336 17.01 -8.99 -30.46
C ASP J 336 16.49 -8.32 -29.17
N PRO J 337 16.78 -8.92 -28.02
CA PRO J 337 16.16 -8.47 -26.77
C PRO J 337 16.62 -7.08 -26.41
N VAL J 338 15.83 -6.38 -25.60
CA VAL J 338 16.18 -5.05 -25.11
C VAL J 338 16.53 -5.15 -23.63
N LYS J 339 17.66 -4.56 -23.27
CA LYS J 339 18.14 -4.61 -21.90
C LYS J 339 18.42 -3.22 -21.37
N PHE J 340 18.17 -3.04 -20.07
CA PHE J 340 18.40 -1.76 -19.42
C PHE J 340 19.73 -1.69 -18.69
N PRO J 341 20.50 -0.61 -18.92
CA PRO J 341 21.81 -0.32 -18.33
C PRO J 341 21.71 0.07 -16.85
N GLU J 342 21.69 -0.94 -15.98
CA GLU J 342 21.36 -0.78 -14.57
C GLU J 342 22.50 -0.23 -13.67
N ASP J 343 23.74 -0.53 -14.04
CA ASP J 343 24.91 -0.17 -13.23
C ASP J 343 25.00 1.33 -12.97
N GLN J 344 24.93 2.06 -14.07
CA GLN J 344 24.99 3.52 -14.12
C GLN J 344 23.91 4.17 -13.29
N PHE J 345 22.72 3.57 -13.36
CA PHE J 345 21.54 4.01 -12.62
C PHE J 345 21.60 3.70 -11.13
N ASN J 346 21.89 2.45 -10.80
CA ASN J 346 21.86 2.04 -9.39
C ASN J 346 22.90 2.73 -8.52
N VAL J 347 24.04 3.12 -9.10
CA VAL J 347 25.06 3.87 -8.35
C VAL J 347 24.52 5.26 -8.01
N ALA J 348 23.72 5.81 -8.93
CA ALA J 348 23.12 7.12 -8.71
C ALA J 348 22.11 7.06 -7.56
N LEU J 349 21.41 5.94 -7.42
CA LEU J 349 20.47 5.78 -6.31
C LEU J 349 21.20 5.56 -4.98
N ASP J 350 22.31 4.82 -5.03
CA ASP J 350 23.15 4.67 -3.85
C ASP J 350 23.52 6.07 -3.36
N GLN J 351 23.86 6.92 -4.34
CA GLN J 351 24.23 8.30 -4.14
C GLN J 351 23.12 9.10 -3.45
N VAL J 352 21.88 8.93 -3.90
CA VAL J 352 20.76 9.66 -3.34
C VAL J 352 20.56 9.32 -1.89
N PHE J 353 20.54 8.04 -1.58
CA PHE J 353 20.29 7.62 -0.22
C PHE J 353 21.37 8.11 0.75
N GLU J 354 22.60 8.34 0.29
CA GLU J 354 23.58 8.88 1.22
C GLU J 354 23.39 10.37 1.41
N SER J 355 23.05 11.10 0.36
CA SER J 355 22.80 12.52 0.54
C SER J 355 21.61 12.73 1.47
N ILE J 356 20.67 11.79 1.53
CA ILE J 356 19.60 11.84 2.54
C ILE J 356 20.10 11.66 3.98
N GLU J 357 20.91 10.62 4.19
CA GLU J 357 21.42 10.27 5.51
C GLU J 357 22.48 11.26 5.99
N ASN J 358 23.25 11.80 5.06
CA ASN J 358 24.20 12.87 5.37
C ASN J 358 23.46 14.18 5.74
N SER J 359 22.46 14.54 4.96
CA SER J 359 21.66 15.73 5.25
C SER J 359 20.91 15.52 6.54
N GLN J 360 20.34 14.34 6.71
CA GLN J 360 19.61 14.06 7.94
C GLN J 360 20.54 14.15 9.15
N ALA J 361 21.78 13.70 9.00
CA ALA J 361 22.72 13.71 10.12
C ALA J 361 23.15 15.11 10.49
N LEU J 362 23.17 16.01 9.52
CA LEU J 362 23.59 17.38 9.81
C LEU J 362 22.51 18.10 10.61
N VAL J 363 21.24 17.80 10.36
CA VAL J 363 20.21 18.46 11.17
C VAL J 363 20.14 17.81 12.54
N ASP J 364 20.72 16.63 12.70
CA ASP J 364 20.77 16.04 14.03
C ASP J 364 21.88 16.74 14.79
N GLN J 365 22.96 17.05 14.08
CA GLN J 365 24.06 17.85 14.61
C GLN J 365 23.61 19.26 14.95
N SER J 366 22.81 19.85 14.07
CA SER J 366 22.32 21.21 14.27
C SER J 366 21.46 21.32 15.52
N ASN J 367 20.58 20.34 15.75
CA ASN J 367 19.75 20.36 16.95
C ASN J 367 20.53 20.04 18.23
N ARG J 368 21.53 19.17 18.12
CA ARG J 368 22.41 18.86 19.25
C ARG J 368 23.04 20.15 19.77
N ILE J 369 23.58 20.94 18.86
CA ILE J 369 24.20 22.24 19.16
C ILE J 369 23.25 23.18 19.89
N LEU J 370 21.96 23.11 19.56
CA LEU J 370 20.98 23.95 20.22
C LEU J 370 20.80 23.61 21.70
N SER J 371 21.10 22.38 22.12
CA SER J 371 21.06 22.06 23.55
C SER J 371 22.40 22.32 24.27
N LEU K 1 -32.98 -57.17 -52.77
CA LEU K 1 -32.71 -57.56 -54.15
C LEU K 1 -32.99 -59.03 -54.39
N LYS K 2 -33.09 -59.43 -55.65
CA LYS K 2 -33.34 -60.84 -55.96
C LYS K 2 -32.41 -61.33 -57.08
N GLU K 3 -31.57 -62.30 -56.70
CA GLU K 3 -30.54 -62.87 -57.57
C GLU K 3 -30.84 -64.33 -57.83
N SER K 4 -31.06 -64.65 -59.10
CA SER K 4 -31.51 -65.97 -59.49
C SER K 4 -30.38 -66.78 -60.13
N TYR K 5 -30.22 -68.04 -59.71
CA TYR K 5 -29.16 -68.87 -60.27
C TYR K 5 -29.73 -69.65 -61.46
N LEU K 6 -29.07 -69.48 -62.59
CA LEU K 6 -29.50 -70.09 -63.85
C LEU K 6 -28.61 -71.31 -64.16
N GLU K 7 -29.06 -72.52 -63.82
CA GLU K 7 -28.18 -73.70 -63.86
C GLU K 7 -27.84 -74.21 -65.27
N GLU K 8 -28.60 -73.77 -66.29
CA GLU K 8 -28.38 -74.28 -67.64
C GLU K 8 -27.17 -73.59 -68.29
N SER K 9 -26.90 -72.34 -67.91
CA SER K 9 -25.82 -71.56 -68.50
C SER K 9 -24.73 -71.17 -67.51
N CYS K 10 -24.78 -71.72 -66.28
CA CYS K 10 -23.82 -71.40 -65.24
C CYS K 10 -23.68 -69.89 -65.06
N SER K 11 -24.82 -69.22 -65.04
CA SER K 11 -24.84 -67.77 -64.94
C SER K 11 -25.86 -67.31 -63.89
N THR K 12 -25.81 -66.03 -63.55
CA THR K 12 -26.71 -65.42 -62.58
C THR K 12 -27.31 -64.12 -63.08
N ILE K 13 -28.60 -63.93 -62.86
CA ILE K 13 -29.16 -62.62 -63.07
C ILE K 13 -29.51 -62.01 -61.70
N THR K 14 -29.09 -60.75 -61.49
CA THR K 14 -29.38 -60.06 -60.25
C THR K 14 -30.15 -58.80 -60.56
N GLU K 15 -31.42 -58.78 -60.15
CA GLU K 15 -32.36 -57.71 -60.51
C GLU K 15 -32.82 -56.89 -59.33
N GLY K 16 -33.51 -55.78 -59.61
CA GLY K 16 -34.06 -54.93 -58.56
C GLY K 16 -33.35 -53.59 -58.41
N TYR K 17 -32.34 -53.39 -59.25
CA TYR K 17 -31.60 -52.16 -59.28
C TYR K 17 -32.45 -51.12 -59.99
N LEU K 18 -32.20 -49.85 -59.72
CA LEU K 18 -32.91 -48.78 -60.40
C LEU K 18 -31.89 -47.87 -61.09
N SER K 19 -32.28 -47.40 -62.26
CA SER K 19 -31.36 -46.72 -63.16
C SER K 19 -31.14 -45.26 -62.83
N VAL K 20 -29.92 -44.79 -63.08
CA VAL K 20 -29.62 -43.36 -63.10
C VAL K 20 -28.74 -43.09 -64.31
N LEU K 21 -29.34 -42.54 -65.37
CA LEU K 21 -28.65 -42.32 -66.65
C LEU K 21 -28.53 -40.83 -67.01
N ARG K 22 -27.34 -40.42 -67.42
CA ARG K 22 -27.09 -39.04 -67.82
C ARG K 22 -27.65 -38.70 -69.21
N THR K 23 -28.41 -37.61 -69.28
CA THR K 23 -29.03 -37.22 -70.55
C THR K 23 -28.46 -35.92 -71.07
N GLY K 24 -27.68 -35.24 -70.22
CA GLY K 24 -27.03 -34.01 -70.63
C GLY K 24 -25.99 -33.46 -69.67
N TRP K 25 -25.48 -32.27 -70.01
CA TRP K 25 -24.56 -31.55 -69.15
C TRP K 25 -25.14 -30.18 -68.86
N TYR K 26 -25.10 -29.77 -67.60
CA TYR K 26 -25.55 -28.46 -67.13
C TYR K 26 -24.35 -27.72 -66.54
N THR K 27 -24.09 -26.49 -66.97
CA THR K 27 -22.86 -25.84 -66.52
C THR K 27 -23.05 -24.49 -65.84
N ASN K 28 -22.37 -24.32 -64.70
CA ASN K 28 -22.29 -23.03 -64.04
C ASN K 28 -20.85 -22.54 -64.16
N VAL K 29 -20.66 -21.24 -64.35
CA VAL K 29 -19.30 -20.69 -64.44
C VAL K 29 -18.98 -19.75 -63.28
N PHE K 30 -17.82 -19.94 -62.66
CA PHE K 30 -17.41 -19.16 -61.50
C PHE K 30 -16.24 -18.24 -61.80
N THR K 31 -16.26 -17.06 -61.18
CA THR K 31 -15.14 -16.14 -61.26
C THR K 31 -14.71 -15.72 -59.84
N LEU K 32 -13.54 -16.17 -59.41
CA LEU K 32 -13.01 -15.90 -58.07
C LEU K 32 -11.94 -14.81 -58.04
N GLU K 33 -12.11 -13.82 -57.18
CA GLU K 33 -11.10 -12.78 -57.03
C GLU K 33 -10.45 -12.82 -55.64
N VAL K 34 -9.20 -12.38 -55.58
CA VAL K 34 -8.51 -12.22 -54.32
C VAL K 34 -9.12 -11.00 -53.66
N GLY K 35 -9.26 -11.07 -52.35
CA GLY K 35 -9.76 -9.95 -51.56
C GLY K 35 -8.81 -8.77 -51.53
N ASP K 36 -9.31 -7.60 -51.19
CA ASP K 36 -8.46 -6.42 -51.09
C ASP K 36 -7.49 -6.60 -49.91
N VAL K 37 -6.25 -6.13 -50.05
CA VAL K 37 -5.30 -6.15 -48.93
C VAL K 37 -4.63 -4.79 -48.70
N GLU K 38 -4.64 -4.30 -47.45
CA GLU K 38 -4.06 -3.00 -47.12
C GLU K 38 -2.53 -3.00 -47.25
N ASN K 39 -1.98 -1.83 -47.56
CA ASN K 39 -0.54 -1.67 -47.65
C ASN K 39 0.05 -1.57 -46.23
N LEU K 40 1.03 -2.40 -45.88
CA LEU K 40 1.64 -2.34 -44.56
C LEU K 40 2.82 -1.36 -44.53
N THR K 41 2.51 -0.11 -44.18
CA THR K 41 3.49 0.96 -44.28
C THR K 41 4.22 1.23 -42.98
N CYS K 42 4.08 0.34 -42.00
CA CYS K 42 4.75 0.52 -40.71
C CYS K 42 6.11 -0.16 -40.77
N ALA K 43 6.28 -0.92 -41.84
CA ALA K 43 7.48 -1.71 -42.04
C ALA K 43 8.32 -1.23 -43.22
N ASP K 44 9.53 -1.75 -43.27
CA ASP K 44 10.48 -1.45 -44.33
C ASP K 44 10.90 -2.72 -45.09
N GLY K 45 10.58 -2.76 -46.37
CA GLY K 45 11.08 -3.79 -47.26
C GLY K 45 10.40 -5.14 -47.18
N PRO K 46 11.19 -6.20 -46.93
CA PRO K 46 10.74 -7.60 -46.90
C PRO K 46 9.77 -7.89 -45.77
N SER K 47 8.48 -7.75 -46.06
CA SER K 47 7.39 -8.06 -45.12
C SER K 47 6.88 -9.47 -45.27
N LEU K 48 6.25 -10.00 -44.22
CA LEU K 48 5.70 -11.35 -44.26
C LEU K 48 4.45 -11.43 -45.14
N ILE K 49 3.68 -10.34 -45.19
CA ILE K 49 2.48 -10.32 -46.04
C ILE K 49 2.87 -9.94 -47.46
N LYS K 50 3.90 -9.11 -47.57
CA LYS K 50 4.41 -8.67 -48.86
C LYS K 50 4.95 -9.87 -49.61
N THR K 51 5.64 -10.76 -48.89
CA THR K 51 6.20 -11.97 -49.48
C THR K 51 5.11 -13.04 -49.70
N GLU K 52 4.01 -12.93 -48.94
CA GLU K 52 2.89 -13.84 -49.13
C GLU K 52 2.07 -13.48 -50.36
N LEU K 53 1.99 -12.19 -50.67
CA LEU K 53 1.23 -11.74 -51.82
C LEU K 53 1.93 -12.05 -53.16
N ASP K 54 3.22 -11.72 -53.27
CA ASP K 54 3.96 -11.98 -54.51
C ASP K 54 4.13 -13.49 -54.74
N LEU K 55 3.80 -14.26 -53.69
CA LEU K 55 3.74 -15.72 -53.77
C LEU K 55 2.44 -16.14 -54.48
N THR K 56 1.32 -15.49 -54.12
CA THR K 56 0.02 -15.71 -54.76
C THR K 56 -0.02 -15.07 -56.14
N LYS K 57 0.76 -14.01 -56.30
CA LYS K 57 0.93 -13.37 -57.59
C LYS K 57 1.65 -14.33 -58.53
N SER K 58 2.62 -15.05 -57.97
CA SER K 58 3.40 -15.98 -58.75
C SER K 58 2.63 -17.25 -59.07
N ALA K 59 1.85 -17.69 -58.09
CA ALA K 59 1.03 -18.89 -58.25
C ALA K 59 0.01 -18.71 -59.35
N LEU K 60 -0.48 -17.48 -59.49
CA LEU K 60 -1.45 -17.17 -60.53
C LEU K 60 -0.77 -17.04 -61.89
N ARG K 61 0.46 -16.54 -61.90
CA ARG K 61 1.18 -16.38 -63.15
C ARG K 61 1.37 -17.78 -63.76
N GLU K 62 1.62 -18.75 -62.89
CA GLU K 62 1.84 -20.15 -63.29
C GLU K 62 0.53 -20.85 -63.63
N LEU K 63 -0.51 -20.56 -62.86
CA LEU K 63 -1.81 -21.14 -63.12
C LEU K 63 -2.26 -20.69 -64.51
N ARG K 64 -1.87 -19.46 -64.85
CA ARG K 64 -2.20 -18.82 -66.11
C ARG K 64 -1.81 -19.68 -67.32
N THR K 65 -0.67 -20.36 -67.20
CA THR K 65 -0.07 -21.10 -68.32
C THR K 65 -0.91 -22.30 -68.76
N VAL K 66 -1.88 -22.65 -67.93
CA VAL K 66 -2.70 -23.83 -68.10
C VAL K 66 -4.17 -23.51 -68.38
N SER K 67 -4.46 -22.28 -68.75
CA SER K 67 -5.82 -21.84 -69.07
C SER K 67 -6.43 -22.58 -70.27
N ALA K 68 -7.76 -22.66 -70.30
CA ALA K 68 -8.46 -23.40 -71.34
C ALA K 68 -8.37 -22.72 -72.68
N ASP K 69 -8.56 -21.40 -72.69
CA ASP K 69 -8.42 -20.65 -73.93
C ASP K 69 -6.99 -20.10 -74.04
N GLN K 70 -6.45 -20.11 -75.26
CA GLN K 70 -5.08 -19.65 -75.48
C GLN K 70 -5.01 -18.16 -75.23
N LEU K 71 -6.11 -17.46 -75.52
CA LEU K 71 -6.13 -16.01 -75.47
C LEU K 71 -6.07 -15.44 -74.05
N ALA K 72 -5.93 -16.31 -73.06
CA ALA K 72 -5.79 -15.86 -71.69
C ALA K 72 -4.35 -15.91 -71.25
N ARG K 73 -3.46 -16.30 -72.17
CA ARG K 73 -2.07 -16.51 -71.79
C ARG K 73 -1.17 -15.39 -72.34
N GLU K 74 0.09 -15.38 -71.92
CA GLU K 74 1.02 -14.34 -72.31
C GLU K 74 1.41 -14.37 -73.79
N THR L 3 23.89 51.85 44.31
CA THR L 3 23.35 52.41 43.08
C THR L 3 22.54 51.37 42.35
N ALA L 4 21.20 51.48 42.40
CA ALA L 4 20.33 50.51 41.70
C ALA L 4 20.73 50.44 40.24
N ALA L 5 21.12 51.58 39.69
CA ALA L 5 21.55 51.68 38.29
C ALA L 5 22.79 50.86 37.98
N ALA L 6 23.84 51.01 38.78
CA ALA L 6 25.08 50.29 38.52
C ALA L 6 24.85 48.78 38.68
N VAL L 7 23.99 48.43 39.63
CA VAL L 7 23.60 47.04 39.82
C VAL L 7 22.92 46.53 38.56
N THR L 8 22.00 47.33 38.03
CA THR L 8 21.24 46.95 36.83
C THR L 8 22.13 46.84 35.60
N ALA L 9 23.05 47.79 35.45
CA ALA L 9 23.94 47.77 34.32
C ALA L 9 24.87 46.56 34.42
N GLY L 10 25.22 46.22 35.65
CA GLY L 10 26.07 45.08 35.90
C GLY L 10 25.37 43.78 35.58
N VAL L 11 24.09 43.71 35.92
CA VAL L 11 23.28 42.55 35.59
C VAL L 11 23.13 42.50 34.07
N ALA L 12 23.00 43.68 33.46
CA ALA L 12 22.83 43.79 32.02
C ALA L 12 24.02 43.25 31.24
N ILE L 13 25.23 43.70 31.59
CA ILE L 13 26.42 43.22 30.90
C ILE L 13 26.62 41.74 31.19
N ALA L 14 26.25 41.33 32.39
CA ALA L 14 26.40 39.93 32.81
C ALA L 14 25.57 39.05 31.90
N LYS L 15 24.33 39.51 31.66
CA LYS L 15 23.39 38.80 30.81
C LYS L 15 23.82 38.78 29.34
N THR L 16 24.44 39.86 28.89
CA THR L 16 24.88 39.96 27.51
C THR L 16 25.97 38.92 27.25
N ILE L 17 26.77 38.64 28.26
CA ILE L 17 27.83 37.62 28.17
C ILE L 17 27.24 36.21 27.96
N ARG L 18 26.13 35.92 28.64
CA ARG L 18 25.44 34.65 28.45
C ARG L 18 24.69 34.62 27.10
N LEU L 19 24.39 35.81 26.57
CA LEU L 19 23.66 35.93 25.31
C LEU L 19 24.57 35.76 24.11
N GLU L 20 25.79 36.29 24.20
CA GLU L 20 26.78 36.16 23.15
C GLU L 20 27.04 34.67 22.96
N SER L 21 26.86 33.90 24.03
CA SER L 21 27.17 32.48 23.99
C SER L 21 26.05 31.65 23.34
N GLU L 22 24.83 32.14 23.43
CA GLU L 22 23.69 31.47 22.80
C GLU L 22 23.75 31.74 21.32
N VAL L 23 24.05 32.98 20.94
CA VAL L 23 24.04 33.35 19.52
C VAL L 23 25.19 32.70 18.75
N THR L 24 26.28 32.37 19.45
CA THR L 24 27.38 31.71 18.76
C THR L 24 27.05 30.23 18.54
N ALA L 25 26.22 29.66 19.39
CA ALA L 25 25.72 28.30 19.17
C ALA L 25 24.69 28.29 18.06
N ILE L 26 23.81 29.29 18.06
CA ILE L 26 22.82 29.43 17.01
C ILE L 26 23.48 29.64 15.65
N LYS L 27 24.51 30.47 15.60
CA LYS L 27 25.26 30.68 14.37
C LYS L 27 25.86 29.37 13.86
N ASN L 28 26.50 28.62 14.76
CA ASN L 28 27.13 27.37 14.35
C ASN L 28 26.10 26.33 13.96
N ALA L 29 24.97 26.34 14.66
CA ALA L 29 23.88 25.41 14.37
C ALA L 29 23.28 25.70 13.00
N LEU L 30 23.02 26.98 12.73
CA LEU L 30 22.46 27.39 11.44
C LEU L 30 23.46 27.05 10.34
N LYS L 31 24.73 27.20 10.65
CA LYS L 31 25.81 26.89 9.72
C LYS L 31 25.75 25.41 9.29
N LYS L 32 25.35 24.55 10.22
CA LYS L 32 25.15 23.13 9.94
C LYS L 32 23.86 22.89 9.14
N THR L 33 22.81 23.65 9.46
CA THR L 33 21.51 23.45 8.83
C THR L 33 21.47 23.73 7.32
N ASN L 34 21.90 24.90 6.88
CA ASN L 34 21.86 25.16 5.43
C ASN L 34 22.89 24.29 4.71
N GLU L 35 23.83 23.72 5.46
CA GLU L 35 24.74 22.75 4.86
C GLU L 35 24.00 21.41 4.61
N ALA L 36 23.08 21.09 5.49
CA ALA L 36 22.23 19.91 5.33
C ALA L 36 21.27 20.12 4.16
N VAL L 37 20.78 21.35 4.06
CA VAL L 37 19.88 21.75 2.98
C VAL L 37 20.62 21.63 1.65
N SER L 38 21.88 22.08 1.65
CA SER L 38 22.74 22.02 0.48
C SER L 38 23.00 20.58 0.06
N THR L 39 23.12 19.72 1.05
CA THR L 39 23.39 18.31 0.84
C THR L 39 22.18 17.57 0.23
N LEU L 40 21.01 17.76 0.84
CA LEU L 40 19.77 17.16 0.34
C LEU L 40 19.51 17.63 -1.09
N GLY L 41 19.91 18.86 -1.40
CA GLY L 41 19.75 19.38 -2.76
C GLY L 41 20.54 18.57 -3.77
N ASN L 42 21.81 18.27 -3.47
CA ASN L 42 22.62 17.44 -4.35
C ASN L 42 22.09 16.04 -4.42
N GLY L 43 21.27 15.69 -3.43
CA GLY L 43 20.59 14.43 -3.46
C GLY L 43 19.46 14.50 -4.45
N VAL L 44 18.65 15.55 -4.36
CA VAL L 44 17.52 15.70 -5.26
C VAL L 44 18.01 15.83 -6.69
N ARG L 45 19.09 16.57 -6.90
CA ARG L 45 19.62 16.72 -8.26
C ARG L 45 20.02 15.38 -8.88
N VAL L 46 20.75 14.56 -8.13
CA VAL L 46 21.12 13.23 -8.61
C VAL L 46 19.89 12.35 -8.84
N LEU L 47 18.86 12.51 -8.03
CA LEU L 47 17.63 11.76 -8.26
C LEU L 47 16.99 12.22 -9.56
N ALA L 48 17.08 13.51 -9.85
CA ALA L 48 16.52 14.05 -11.07
C ALA L 48 17.27 13.51 -12.31
N THR L 49 18.60 13.45 -12.27
CA THR L 49 19.35 12.86 -13.39
C THR L 49 19.02 11.39 -13.55
N ALA L 50 18.79 10.72 -12.43
CA ALA L 50 18.41 9.31 -12.47
C ALA L 50 17.04 9.11 -13.11
N VAL L 51 16.06 9.91 -12.69
CA VAL L 51 14.71 9.83 -13.27
C VAL L 51 14.69 10.22 -14.75
N ARG L 52 15.56 11.14 -15.12
CA ARG L 52 15.67 11.53 -16.51
C ARG L 52 16.15 10.36 -17.39
N GLU L 53 17.12 9.59 -16.91
CA GLU L 53 17.66 8.44 -17.65
C GLU L 53 16.63 7.30 -17.72
N LEU L 54 15.79 7.19 -16.71
CA LEU L 54 14.74 6.16 -16.69
C LEU L 54 13.70 6.49 -17.76
N LYS L 55 13.34 7.77 -17.89
CA LYS L 55 12.44 8.19 -18.95
C LYS L 55 13.04 7.98 -20.33
N ASP L 56 14.33 8.32 -20.48
CA ASP L 56 15.01 8.16 -21.77
C ASP L 56 14.95 6.72 -22.25
N PHE L 57 14.99 5.79 -21.31
CA PHE L 57 14.88 4.38 -21.65
C PHE L 57 13.46 4.00 -21.98
N VAL L 58 12.52 4.47 -21.17
CA VAL L 58 11.12 4.16 -21.40
C VAL L 58 10.62 4.87 -22.66
N SER L 59 10.89 6.18 -22.76
CA SER L 59 10.40 6.98 -23.88
C SER L 59 10.94 6.50 -25.22
N LYS L 60 12.26 6.26 -25.27
CA LYS L 60 12.89 5.86 -26.51
C LYS L 60 13.12 4.35 -26.64
N ASN L 61 14.06 3.77 -25.89
CA ASN L 61 14.48 2.39 -26.12
C ASN L 61 13.39 1.32 -25.89
N LEU L 62 12.44 1.61 -25.02
CA LEU L 62 11.46 0.62 -24.66
C LEU L 62 10.25 0.70 -25.59
N THR L 63 9.68 1.88 -25.75
CA THR L 63 8.56 2.03 -26.67
C THR L 63 8.98 1.71 -28.10
N ARG L 64 10.27 1.88 -28.39
CA ARG L 64 10.78 1.52 -29.70
C ARG L 64 10.64 0.02 -29.89
N ALA L 65 11.05 -0.74 -28.89
CA ALA L 65 10.98 -2.19 -28.97
C ALA L 65 9.51 -2.65 -29.02
N ILE L 66 8.65 -1.92 -28.35
CA ILE L 66 7.24 -2.25 -28.33
C ILE L 66 6.57 -1.98 -29.67
N ASN L 67 6.78 -0.79 -30.21
CA ASN L 67 6.26 -0.45 -31.54
C ASN L 67 6.83 -1.35 -32.64
N LYS L 68 8.03 -1.89 -32.41
CA LYS L 68 8.60 -2.86 -33.32
C LYS L 68 7.76 -4.13 -33.29
N ASN L 69 7.55 -4.66 -32.08
CA ASN L 69 6.74 -5.87 -31.93
C ASN L 69 5.29 -5.65 -32.33
N LYS L 70 4.84 -4.42 -32.17
CA LYS L 70 3.48 -4.05 -32.52
C LYS L 70 3.35 -4.15 -34.04
N CYS L 71 4.44 -3.87 -34.74
CA CYS L 71 4.43 -3.90 -36.20
C CYS L 71 4.45 -5.32 -36.77
N ASP L 72 5.33 -6.16 -36.23
CA ASP L 72 5.39 -7.56 -36.63
C ASP L 72 4.08 -8.28 -36.34
N ILE L 73 3.49 -7.99 -35.19
CA ILE L 73 2.18 -8.54 -34.83
C ILE L 73 1.18 -8.24 -35.95
N ALA L 74 1.14 -6.98 -36.38
CA ALA L 74 0.18 -6.55 -37.40
C ALA L 74 0.48 -7.20 -38.74
N ASP L 75 1.76 -7.43 -38.98
CA ASP L 75 2.24 -8.17 -40.15
C ASP L 75 1.71 -9.60 -40.16
N LEU L 76 1.91 -10.31 -39.06
CA LEU L 76 1.52 -11.71 -39.00
C LEU L 76 0.01 -11.86 -39.12
N LYS L 77 -0.71 -10.95 -38.48
CA LYS L 77 -2.16 -10.97 -38.53
C LYS L 77 -2.64 -10.85 -39.98
N MET L 78 -1.95 -10.02 -40.77
CA MET L 78 -2.30 -9.83 -42.16
C MET L 78 -2.01 -11.09 -42.94
N ALA L 79 -0.84 -11.69 -42.71
CA ALA L 79 -0.49 -12.92 -43.41
C ALA L 79 -1.53 -14.01 -43.11
N VAL L 80 -1.80 -14.26 -41.84
CA VAL L 80 -2.77 -15.27 -41.46
C VAL L 80 -4.23 -14.92 -41.86
N SER L 81 -4.65 -13.67 -41.69
CA SER L 81 -6.00 -13.29 -42.11
C SER L 81 -6.21 -13.51 -43.60
N PHE L 82 -5.16 -13.27 -44.37
CA PHE L 82 -5.23 -13.40 -45.83
C PHE L 82 -5.56 -14.81 -46.25
N SER L 83 -4.87 -15.77 -45.65
CA SER L 83 -5.07 -17.18 -45.92
C SER L 83 -6.46 -17.62 -45.52
N GLN L 84 -7.02 -16.94 -44.52
CA GLN L 84 -8.35 -17.24 -44.03
C GLN L 84 -9.44 -16.64 -44.89
N PHE L 85 -9.34 -15.33 -45.11
CA PHE L 85 -10.37 -14.60 -45.83
C PHE L 85 -10.46 -14.99 -47.28
N ASN L 86 -9.44 -15.71 -47.74
CA ASN L 86 -9.34 -16.16 -49.13
C ASN L 86 -9.11 -17.65 -49.29
N ARG L 87 -9.64 -18.46 -48.36
CA ARG L 87 -9.49 -19.93 -48.42
C ARG L 87 -9.99 -20.51 -49.72
N ARG L 88 -11.22 -20.16 -50.06
CA ARG L 88 -11.85 -20.74 -51.24
C ARG L 88 -10.97 -20.44 -52.45
N PHE L 89 -10.58 -19.17 -52.63
CA PHE L 89 -9.71 -18.80 -53.74
C PHE L 89 -8.41 -19.56 -53.77
N LEU L 90 -7.74 -19.62 -52.64
CA LEU L 90 -6.42 -20.24 -52.63
C LEU L 90 -6.57 -21.74 -52.85
N ASN L 91 -7.66 -22.31 -52.36
CA ASN L 91 -7.90 -23.74 -52.58
C ASN L 91 -8.20 -24.05 -54.04
N VAL L 92 -9.02 -23.23 -54.68
CA VAL L 92 -9.37 -23.42 -56.07
C VAL L 92 -8.12 -23.29 -56.94
N VAL L 93 -7.25 -22.34 -56.60
CA VAL L 93 -6.00 -22.20 -57.33
C VAL L 93 -5.19 -23.46 -57.15
N ARG L 94 -5.21 -24.00 -55.93
CA ARG L 94 -4.44 -25.20 -55.61
C ARG L 94 -4.85 -26.40 -56.42
N GLN L 95 -6.16 -26.66 -56.48
CA GLN L 95 -6.66 -27.86 -57.12
C GLN L 95 -6.38 -27.84 -58.62
N PHE L 96 -6.63 -26.69 -59.26
CA PHE L 96 -6.35 -26.58 -60.68
C PHE L 96 -4.87 -26.66 -60.97
N SER L 97 -4.03 -26.41 -59.99
CA SER L 97 -2.60 -26.52 -60.20
C SER L 97 -2.10 -27.96 -60.06
N ASP L 98 -2.69 -28.68 -59.11
CA ASP L 98 -2.24 -30.03 -58.81
C ASP L 98 -2.62 -30.92 -59.98
N ASN L 99 -3.69 -30.52 -60.66
CA ASN L 99 -4.22 -31.26 -61.80
C ASN L 99 -4.11 -30.55 -63.13
N ALA L 100 -3.41 -29.41 -63.16
CA ALA L 100 -3.14 -28.71 -64.42
C ALA L 100 -4.40 -28.39 -65.27
N GLY L 101 -5.34 -27.64 -64.72
CA GLY L 101 -6.43 -27.08 -65.51
C GLY L 101 -7.74 -27.84 -65.45
N ILE L 102 -7.69 -29.06 -64.92
CA ILE L 102 -8.85 -29.94 -64.93
C ILE L 102 -9.06 -30.54 -63.53
N THR L 103 -10.29 -30.88 -63.17
CA THR L 103 -10.52 -31.49 -61.85
C THR L 103 -11.32 -32.76 -61.99
N PRO L 104 -10.83 -33.86 -61.39
CA PRO L 104 -11.52 -35.15 -61.38
C PRO L 104 -12.98 -35.11 -60.88
N ALA L 105 -13.32 -34.19 -59.97
CA ALA L 105 -14.66 -34.08 -59.41
C ALA L 105 -15.03 -32.64 -59.14
N ILE L 106 -16.30 -32.39 -58.82
CA ILE L 106 -16.70 -31.05 -58.38
C ILE L 106 -16.52 -30.92 -56.87
N SER L 107 -15.33 -30.49 -56.49
CA SER L 107 -14.93 -30.39 -55.10
C SER L 107 -15.82 -29.45 -54.31
N LEU L 108 -15.70 -29.52 -53.00
CA LEU L 108 -16.44 -28.65 -52.11
C LEU L 108 -16.01 -27.17 -52.29
N ASP L 109 -14.76 -26.94 -52.67
CA ASP L 109 -14.23 -25.59 -52.86
C ASP L 109 -14.67 -25.04 -54.22
N LEU L 110 -14.81 -25.94 -55.18
CA LEU L 110 -15.18 -25.52 -56.52
C LEU L 110 -16.62 -25.03 -56.56
N MET L 111 -17.48 -25.70 -55.80
CA MET L 111 -18.89 -25.34 -55.74
C MET L 111 -19.51 -25.84 -54.43
N THR L 112 -19.99 -24.89 -53.64
CA THR L 112 -20.50 -25.15 -52.30
C THR L 112 -21.83 -25.87 -52.38
N ASP L 113 -22.28 -26.42 -51.26
CA ASP L 113 -23.52 -27.20 -51.28
C ASP L 113 -24.69 -26.31 -51.66
N ALA L 114 -24.65 -25.08 -51.16
CA ALA L 114 -25.68 -24.09 -51.46
C ALA L 114 -25.81 -23.83 -52.96
N GLU L 115 -24.65 -23.63 -53.61
CA GLU L 115 -24.57 -23.38 -55.05
C GLU L 115 -24.97 -24.61 -55.89
N LEU L 116 -24.53 -25.78 -55.43
CA LEU L 116 -24.78 -27.03 -56.12
C LEU L 116 -26.26 -27.37 -56.13
N ALA L 117 -26.89 -27.27 -54.97
CA ALA L 117 -28.28 -27.61 -54.84
C ALA L 117 -29.14 -26.65 -55.65
N ARG L 118 -28.73 -25.38 -55.70
CA ARG L 118 -29.49 -24.37 -56.41
C ARG L 118 -29.44 -24.64 -57.89
N ALA L 119 -28.29 -25.15 -58.33
CA ALA L 119 -28.03 -25.47 -59.72
C ALA L 119 -28.88 -26.66 -60.15
N VAL L 120 -28.87 -27.70 -59.32
CA VAL L 120 -29.60 -28.92 -59.62
C VAL L 120 -31.10 -28.60 -59.70
N SER L 121 -31.55 -27.66 -58.88
CA SER L 121 -32.93 -27.23 -58.88
C SER L 121 -33.27 -26.48 -60.16
N ASN L 122 -32.27 -25.94 -60.82
CA ASN L 122 -32.49 -25.24 -62.08
C ASN L 122 -32.13 -26.06 -63.33
N MET L 123 -31.95 -27.36 -63.15
CA MET L 123 -31.69 -28.21 -64.29
C MET L 123 -32.99 -28.39 -65.03
N PRO L 124 -32.89 -28.58 -66.36
CA PRO L 124 -34.06 -28.79 -67.22
C PRO L 124 -34.62 -30.22 -67.15
N THR L 125 -35.18 -30.60 -66.00
CA THR L 125 -35.81 -31.92 -65.87
C THR L 125 -36.96 -31.95 -64.87
N SER L 126 -37.55 -33.12 -64.69
CA SER L 126 -38.75 -33.30 -63.88
C SER L 126 -38.51 -33.29 -62.38
N ALA L 127 -39.59 -33.09 -61.64
CA ALA L 127 -39.54 -32.91 -60.19
C ALA L 127 -38.90 -34.10 -59.50
N GLY L 128 -39.20 -35.30 -59.97
CA GLY L 128 -38.69 -36.52 -59.37
C GLY L 128 -37.22 -36.76 -59.63
N GLN L 129 -36.74 -36.27 -60.77
CA GLN L 129 -35.35 -36.43 -61.13
C GLN L 129 -34.47 -35.42 -60.44
N ILE L 130 -34.98 -34.21 -60.28
CA ILE L 130 -34.29 -33.17 -59.54
C ILE L 130 -34.10 -33.63 -58.11
N LYS L 131 -35.15 -34.23 -57.55
CA LYS L 131 -35.13 -34.75 -56.21
C LYS L 131 -34.05 -35.81 -56.02
N LEU L 132 -33.97 -36.74 -56.95
CA LEU L 132 -33.03 -37.85 -56.87
C LEU L 132 -31.58 -37.37 -56.92
N MET L 133 -31.32 -36.38 -57.74
CA MET L 133 -29.97 -35.83 -57.82
C MET L 133 -29.62 -35.18 -56.49
N LEU L 134 -30.57 -34.45 -55.94
CA LEU L 134 -30.41 -33.79 -54.64
C LEU L 134 -30.09 -34.77 -53.52
N GLU L 135 -30.67 -35.96 -53.59
CA GLU L 135 -30.48 -36.97 -52.57
C GLU L 135 -29.15 -37.68 -52.75
N ASN L 136 -28.68 -37.76 -53.99
CA ASN L 136 -27.40 -38.41 -54.27
C ASN L 136 -26.35 -37.40 -54.76
N ARG L 137 -26.36 -36.19 -54.19
CA ARG L 137 -25.49 -35.13 -54.68
C ARG L 137 -24.00 -35.48 -54.64
N ALA L 138 -23.66 -36.47 -53.81
CA ALA L 138 -22.31 -37.01 -53.77
C ALA L 138 -21.90 -37.53 -55.14
N MET L 139 -22.77 -38.37 -55.72
CA MET L 139 -22.56 -38.93 -57.05
C MET L 139 -22.54 -37.85 -58.11
N VAL L 140 -23.44 -36.87 -57.98
CA VAL L 140 -23.50 -35.75 -58.90
C VAL L 140 -22.16 -35.04 -59.01
N ARG L 141 -21.50 -34.84 -57.88
CA ARG L 141 -20.19 -34.19 -57.87
C ARG L 141 -19.11 -35.00 -58.54
N ARG L 142 -19.11 -36.32 -58.29
CA ARG L 142 -18.04 -37.17 -58.79
C ARG L 142 -18.19 -37.45 -60.29
N LYS L 143 -19.43 -37.57 -60.76
CA LYS L 143 -19.69 -37.81 -62.18
C LYS L 143 -19.52 -36.53 -63.01
N GLY L 144 -19.38 -35.39 -62.32
CA GLY L 144 -19.09 -34.12 -62.98
C GLY L 144 -17.61 -33.76 -62.92
N PHE L 145 -17.25 -32.54 -63.31
CA PHE L 145 -15.86 -32.06 -63.22
C PHE L 145 -15.72 -30.54 -63.43
N GLY L 146 -14.50 -30.02 -63.21
CA GLY L 146 -14.26 -28.60 -63.31
C GLY L 146 -13.13 -28.25 -64.25
N ILE L 147 -13.33 -27.15 -64.98
CA ILE L 147 -12.37 -26.70 -65.98
C ILE L 147 -11.92 -25.28 -65.74
N LEU L 148 -10.61 -25.08 -65.64
CA LEU L 148 -10.03 -23.75 -65.52
C LEU L 148 -10.16 -23.05 -66.85
N ILE L 149 -10.93 -21.98 -66.91
CA ILE L 149 -11.12 -21.23 -68.15
C ILE L 149 -9.94 -20.29 -68.39
N GLY L 150 -9.59 -19.52 -67.36
CA GLY L 150 -8.50 -18.58 -67.49
C GLY L 150 -8.17 -17.83 -66.22
N VAL L 151 -6.94 -17.33 -66.18
CA VAL L 151 -6.53 -16.41 -65.16
C VAL L 151 -6.52 -15.01 -65.79
N TYR L 152 -7.43 -14.16 -65.36
CA TYR L 152 -7.50 -12.80 -65.89
C TYR L 152 -7.11 -11.78 -64.82
N GLY L 153 -5.94 -11.18 -64.98
CA GLY L 153 -5.42 -10.29 -63.97
C GLY L 153 -5.22 -11.04 -62.68
N SER L 154 -6.07 -10.75 -61.69
CA SER L 154 -5.99 -11.40 -60.39
C SER L 154 -7.21 -12.28 -60.15
N SER L 155 -7.99 -12.49 -61.21
CA SER L 155 -9.19 -13.28 -61.10
C SER L 155 -8.98 -14.66 -61.69
N VAL L 156 -9.55 -15.67 -61.04
CA VAL L 156 -9.55 -17.02 -61.57
C VAL L 156 -10.96 -17.34 -62.04
N ILE L 157 -11.10 -17.67 -63.32
CA ILE L 157 -12.40 -18.02 -63.89
C ILE L 157 -12.45 -19.48 -64.31
N TYR L 158 -13.45 -20.22 -63.82
CA TYR L 158 -13.58 -21.62 -64.13
C TYR L 158 -15.02 -22.06 -64.34
N MET L 159 -15.21 -23.23 -64.93
CA MET L 159 -16.53 -23.78 -65.19
C MET L 159 -16.68 -25.15 -64.55
N VAL L 160 -17.79 -25.34 -63.83
CA VAL L 160 -18.10 -26.68 -63.35
C VAL L 160 -19.17 -27.29 -64.27
N GLN L 161 -19.01 -28.57 -64.55
CA GLN L 161 -19.90 -29.26 -65.48
C GLN L 161 -20.62 -30.38 -64.76
N LEU L 162 -21.94 -30.25 -64.66
CA LEU L 162 -22.74 -31.19 -63.90
C LEU L 162 -23.54 -32.12 -64.79
N PRO L 163 -23.62 -33.40 -64.42
CA PRO L 163 -24.44 -34.36 -65.15
C PRO L 163 -25.94 -34.07 -65.03
N ILE L 164 -26.70 -34.23 -66.11
CA ILE L 164 -28.15 -34.14 -66.00
C ILE L 164 -28.77 -35.53 -66.06
N PHE L 165 -29.26 -35.98 -64.91
CA PHE L 165 -29.86 -37.30 -64.77
C PHE L 165 -31.33 -37.28 -65.14
N GLY L 166 -31.63 -37.40 -66.43
CA GLY L 166 -32.99 -37.34 -66.93
C GLY L 166 -33.78 -38.64 -66.90
N VAL L 167 -33.07 -39.77 -66.96
CA VAL L 167 -33.68 -41.09 -66.86
C VAL L 167 -33.43 -41.74 -65.51
N ILE L 168 -34.49 -41.99 -64.75
CA ILE L 168 -34.34 -42.60 -63.43
C ILE L 168 -35.39 -43.68 -63.09
N ASP L 169 -35.01 -44.53 -62.14
CA ASP L 169 -35.88 -45.53 -61.51
C ASP L 169 -36.51 -46.51 -62.49
N THR L 170 -35.73 -46.87 -63.51
CA THR L 170 -36.13 -47.90 -64.45
C THR L 170 -35.34 -49.17 -64.17
N PRO L 171 -35.90 -50.34 -64.50
CA PRO L 171 -35.32 -51.65 -64.21
C PRO L 171 -33.90 -51.85 -64.70
N CYS L 172 -33.10 -52.49 -63.85
CA CYS L 172 -31.67 -52.72 -64.10
C CYS L 172 -31.27 -54.09 -63.58
N TRP L 173 -30.31 -54.73 -64.23
CA TRP L 173 -29.87 -56.03 -63.75
C TRP L 173 -28.44 -56.28 -64.18
N ILE L 174 -27.80 -57.23 -63.51
CA ILE L 174 -26.40 -57.53 -63.79
C ILE L 174 -26.22 -59.04 -63.99
N VAL L 175 -25.44 -59.39 -65.00
CA VAL L 175 -25.21 -60.77 -65.35
C VAL L 175 -23.78 -61.14 -65.04
N LYS L 176 -23.61 -62.28 -64.36
CA LYS L 176 -22.30 -62.91 -64.15
C LYS L 176 -22.36 -64.36 -64.65
N ALA L 177 -21.24 -64.89 -65.13
CA ALA L 177 -21.22 -66.26 -65.60
C ALA L 177 -19.83 -66.89 -65.46
N ALA L 178 -19.83 -68.22 -65.41
CA ALA L 178 -18.62 -69.04 -65.44
C ALA L 178 -18.76 -70.11 -66.54
N PRO L 179 -17.64 -70.77 -66.94
CA PRO L 179 -17.73 -71.86 -67.92
C PRO L 179 -18.56 -73.05 -67.41
N SER L 180 -19.56 -73.45 -68.17
CA SER L 180 -20.37 -74.62 -67.82
C SER L 180 -19.95 -75.83 -68.65
N CYS L 181 -19.07 -76.66 -68.11
CA CYS L 181 -18.52 -77.76 -68.88
C CYS L 181 -19.23 -79.09 -68.65
N SER L 182 -19.49 -79.81 -69.73
CA SER L 182 -20.07 -81.15 -69.65
C SER L 182 -19.09 -82.20 -70.21
N GLU L 183 -19.10 -83.41 -69.65
CA GLU L 183 -18.15 -84.45 -70.02
C GLU L 183 -18.74 -85.80 -70.40
N LYS L 184 -18.26 -86.37 -71.51
CA LYS L 184 -18.52 -87.77 -71.86
C LYS L 184 -17.24 -88.47 -72.35
N LYS L 185 -16.78 -89.45 -71.55
CA LYS L 185 -15.59 -90.26 -71.85
C LYS L 185 -14.31 -89.43 -71.98
N GLY L 186 -14.08 -88.56 -70.99
CA GLY L 186 -12.86 -87.77 -70.91
C GLY L 186 -12.80 -86.63 -71.92
N ASN L 187 -13.95 -86.34 -72.55
CA ASN L 187 -14.06 -85.27 -73.52
C ASN L 187 -15.00 -84.16 -73.05
N TYR L 188 -14.63 -82.91 -73.31
CA TYR L 188 -15.36 -81.79 -72.76
C TYR L 188 -16.05 -80.89 -73.80
N ALA L 189 -17.31 -80.56 -73.55
CA ALA L 189 -18.03 -79.54 -74.29
C ALA L 189 -18.41 -78.40 -73.33
N CYS L 190 -17.76 -77.25 -73.50
CA CYS L 190 -17.88 -76.15 -72.54
C CYS L 190 -18.44 -74.85 -73.12
N LEU L 191 -19.65 -74.48 -72.73
CA LEU L 191 -20.20 -73.21 -73.17
C LEU L 191 -20.03 -72.12 -72.09
N LEU L 192 -19.87 -70.89 -72.54
CA LEU L 192 -19.73 -69.76 -71.65
C LEU L 192 -20.49 -68.57 -72.19
N ARG L 193 -21.46 -68.09 -71.43
CA ARG L 193 -22.19 -66.90 -71.83
C ARG L 193 -21.21 -65.74 -71.94
N GLU L 194 -21.46 -64.89 -72.93
CA GLU L 194 -20.68 -63.68 -73.10
C GLU L 194 -21.55 -62.43 -72.93
N ASP L 195 -22.74 -62.64 -72.35
CA ASP L 195 -23.67 -61.56 -72.07
C ASP L 195 -23.29 -60.74 -70.86
N GLN L 196 -22.37 -61.23 -70.05
CA GLN L 196 -22.23 -60.67 -68.70
C GLN L 196 -21.85 -59.20 -68.67
N GLY L 197 -22.45 -58.50 -67.72
CA GLY L 197 -22.23 -57.08 -67.52
C GLY L 197 -23.50 -56.43 -66.99
N TRP L 198 -23.59 -55.12 -67.10
CA TRP L 198 -24.74 -54.39 -66.60
C TRP L 198 -25.76 -54.15 -67.70
N TYR L 199 -27.03 -54.35 -67.37
CA TYR L 199 -28.14 -54.02 -68.27
C TYR L 199 -29.08 -53.03 -67.61
N CYS L 200 -29.36 -51.94 -68.31
CA CYS L 200 -30.31 -50.92 -67.86
C CYS L 200 -31.39 -50.66 -68.92
N GLN L 201 -32.66 -50.72 -68.52
CA GLN L 201 -33.73 -50.51 -69.48
C GLN L 201 -33.98 -49.04 -69.74
N ASN L 202 -34.13 -48.68 -71.01
CA ASN L 202 -34.34 -47.30 -71.40
C ASN L 202 -35.55 -47.25 -72.35
N ALA L 203 -35.98 -46.06 -72.73
CA ALA L 203 -37.09 -45.93 -73.68
C ALA L 203 -36.67 -46.40 -75.07
N GLY L 204 -37.34 -47.42 -75.58
CA GLY L 204 -37.09 -47.90 -76.93
C GLY L 204 -35.93 -48.87 -77.12
N SER L 205 -35.21 -49.18 -76.05
CA SER L 205 -34.10 -50.12 -76.15
C SER L 205 -33.63 -50.56 -74.77
N THR L 206 -32.67 -51.47 -74.73
CA THR L 206 -32.02 -51.84 -73.48
C THR L 206 -30.52 -51.55 -73.60
N VAL L 207 -29.95 -50.89 -72.59
CA VAL L 207 -28.53 -50.54 -72.63
C VAL L 207 -27.65 -51.55 -71.89
N TYR L 208 -26.55 -51.92 -72.54
CA TYR L 208 -25.67 -52.96 -72.02
C TYR L 208 -24.32 -52.35 -71.70
N TYR L 209 -23.90 -52.52 -70.46
CA TYR L 209 -22.60 -52.06 -69.99
C TYR L 209 -21.74 -53.28 -69.66
N PRO L 210 -20.70 -53.52 -70.48
CA PRO L 210 -19.93 -54.76 -70.54
C PRO L 210 -19.13 -55.09 -69.30
N ASN L 211 -18.61 -54.06 -68.63
CA ASN L 211 -17.85 -54.21 -67.39
C ASN L 211 -18.61 -53.71 -66.17
N GLU L 212 -18.35 -54.34 -65.02
CA GLU L 212 -19.04 -53.94 -63.79
C GLU L 212 -18.59 -52.53 -63.37
N LYS L 213 -17.36 -52.14 -63.72
CA LYS L 213 -16.83 -50.83 -63.36
C LYS L 213 -17.53 -49.69 -64.07
N ASP L 214 -18.29 -50.04 -65.11
CA ASP L 214 -19.00 -49.07 -65.96
C ASP L 214 -20.23 -48.49 -65.29
N CYS L 215 -20.63 -49.11 -64.20
CA CYS L 215 -21.78 -48.63 -63.45
C CYS L 215 -21.44 -48.61 -61.99
N GLU L 216 -21.94 -47.60 -61.28
CA GLU L 216 -21.65 -47.46 -59.87
C GLU L 216 -22.87 -47.76 -59.00
N THR L 217 -22.65 -48.49 -57.92
CA THR L 217 -23.72 -48.92 -57.02
C THR L 217 -23.80 -48.04 -55.82
N ARG L 218 -24.96 -47.44 -55.63
CA ARG L 218 -25.25 -46.68 -54.42
C ARG L 218 -26.64 -47.09 -53.98
N GLY L 219 -26.72 -48.05 -53.07
CA GLY L 219 -28.01 -48.59 -52.70
C GLY L 219 -28.56 -49.31 -53.91
N ASP L 220 -29.85 -49.18 -54.16
CA ASP L 220 -30.49 -49.82 -55.32
C ASP L 220 -30.21 -49.09 -56.61
N HIS L 221 -29.71 -47.86 -56.53
CA HIS L 221 -29.50 -47.09 -57.74
C HIS L 221 -28.14 -47.39 -58.39
N VAL L 222 -28.16 -47.42 -59.71
CA VAL L 222 -26.98 -47.71 -60.49
C VAL L 222 -26.66 -46.56 -61.41
N PHE L 223 -25.51 -45.93 -61.17
CA PHE L 223 -25.06 -44.78 -61.95
C PHE L 223 -24.12 -45.22 -63.06
N CYS L 224 -24.65 -45.22 -64.29
CA CYS L 224 -23.96 -45.84 -65.42
C CYS L 224 -23.30 -44.85 -66.37
N ASP L 225 -22.06 -45.13 -66.74
CA ASP L 225 -21.31 -44.26 -67.63
C ASP L 225 -21.91 -44.39 -69.02
N THR L 226 -22.40 -43.27 -69.54
CA THR L 226 -23.13 -43.29 -70.79
C THR L 226 -22.27 -43.76 -71.95
N ALA L 227 -21.01 -43.33 -71.98
CA ALA L 227 -20.10 -43.68 -73.07
C ALA L 227 -19.87 -45.17 -73.17
N ALA L 228 -19.82 -45.84 -72.03
CA ALA L 228 -19.59 -47.29 -72.00
C ALA L 228 -20.72 -48.08 -72.62
N GLY L 229 -21.91 -47.49 -72.61
CA GLY L 229 -23.14 -48.13 -73.06
C GLY L 229 -23.26 -48.60 -74.50
N ILE L 230 -23.83 -49.80 -74.65
CA ILE L 230 -24.14 -50.40 -75.93
C ILE L 230 -25.64 -50.70 -76.04
N ASN L 231 -26.30 -50.17 -77.05
CA ASN L 231 -27.73 -50.40 -77.18
C ASN L 231 -28.05 -51.76 -77.75
N VAL L 232 -28.82 -52.54 -77.00
CA VAL L 232 -29.17 -53.88 -77.44
C VAL L 232 -30.67 -54.03 -77.49
N ALA L 233 -31.13 -54.98 -78.29
CA ALA L 233 -32.56 -55.23 -78.43
C ALA L 233 -33.20 -55.66 -77.13
N GLU L 234 -34.47 -55.29 -76.95
CA GLU L 234 -35.20 -55.60 -75.73
C GLU L 234 -35.30 -57.10 -75.47
N GLN L 235 -35.39 -57.86 -76.55
CA GLN L 235 -35.49 -59.31 -76.48
C GLN L 235 -34.23 -59.96 -75.91
N SER L 236 -33.15 -59.19 -75.76
CA SER L 236 -31.87 -59.76 -75.31
C SER L 236 -31.94 -60.32 -73.90
N LYS L 237 -32.91 -59.85 -73.11
CA LYS L 237 -33.11 -60.34 -71.73
C LYS L 237 -33.56 -61.79 -71.72
N GLU L 238 -34.00 -62.29 -72.87
CA GLU L 238 -34.52 -63.64 -72.99
C GLU L 238 -33.43 -64.69 -72.79
N CYS L 239 -32.17 -64.28 -72.88
CA CYS L 239 -31.04 -65.19 -72.69
C CYS L 239 -30.91 -65.70 -71.26
N ASN L 240 -31.63 -65.08 -70.33
CA ASN L 240 -31.55 -65.49 -68.93
C ASN L 240 -32.66 -66.47 -68.57
N ILE L 241 -33.37 -66.92 -69.60
CA ILE L 241 -34.35 -67.99 -69.48
C ILE L 241 -33.84 -69.18 -70.26
N ASN L 242 -33.64 -68.97 -71.56
CA ASN L 242 -33.10 -70.01 -72.43
C ASN L 242 -31.92 -69.52 -73.31
N ILE L 243 -30.74 -70.10 -73.14
CA ILE L 243 -29.59 -69.71 -73.97
C ILE L 243 -29.81 -70.07 -75.44
N SER L 244 -30.44 -71.21 -75.67
CA SER L 244 -30.65 -71.70 -77.03
C SER L 244 -31.95 -71.16 -77.63
N THR L 245 -32.34 -69.96 -77.24
CA THR L 245 -33.50 -69.33 -77.85
C THR L 245 -33.14 -68.87 -79.25
N THR L 246 -34.06 -69.10 -80.19
CA THR L 246 -33.87 -68.71 -81.59
C THR L 246 -34.33 -67.28 -81.78
N ASN L 247 -35.00 -66.75 -80.76
CA ASN L 247 -35.49 -65.39 -80.80
C ASN L 247 -34.37 -64.35 -80.71
N TYR L 248 -33.31 -64.66 -79.98
CA TYR L 248 -32.19 -63.73 -79.93
C TYR L 248 -30.88 -64.46 -80.19
N PRO L 249 -29.99 -63.83 -80.98
CA PRO L 249 -28.67 -64.43 -81.21
C PRO L 249 -27.84 -64.37 -79.94
N CYS L 250 -28.17 -65.23 -78.97
CA CYS L 250 -27.53 -65.20 -77.65
C CYS L 250 -26.02 -65.39 -77.75
N LYS L 251 -25.27 -64.43 -77.23
CA LYS L 251 -23.81 -64.44 -77.35
C LYS L 251 -23.16 -65.43 -76.37
N VAL L 252 -22.77 -66.60 -76.84
CA VAL L 252 -22.16 -67.61 -75.97
C VAL L 252 -21.10 -68.40 -76.74
N SER L 253 -19.92 -68.56 -76.14
CA SER L 253 -18.81 -69.24 -76.81
C SER L 253 -18.59 -70.67 -76.31
N THR L 254 -18.11 -71.53 -77.21
CA THR L 254 -17.87 -72.93 -76.88
C THR L 254 -16.37 -73.23 -76.90
N GLY L 255 -15.98 -74.19 -76.06
CA GLY L 255 -14.60 -74.61 -75.94
C GLY L 255 -14.44 -76.10 -75.78
N ARG L 256 -13.21 -76.57 -75.96
CA ARG L 256 -12.92 -78.00 -75.88
C ARG L 256 -12.17 -78.32 -74.59
N HIS L 257 -11.87 -77.29 -73.81
CA HIS L 257 -11.06 -77.44 -72.60
C HIS L 257 -11.76 -76.92 -71.35
N PRO L 258 -11.54 -77.62 -70.22
CA PRO L 258 -12.18 -77.28 -68.94
C PRO L 258 -11.52 -76.08 -68.28
N ILE L 259 -12.34 -75.21 -67.69
CA ILE L 259 -11.83 -74.03 -67.01
C ILE L 259 -12.43 -73.90 -65.63
N SER L 260 -11.60 -74.06 -64.59
CA SER L 260 -12.09 -73.97 -63.23
C SER L 260 -11.90 -72.57 -62.66
N MET L 261 -12.98 -72.00 -62.14
CA MET L 261 -12.91 -70.62 -61.74
C MET L 261 -14.00 -70.21 -60.76
N VAL L 262 -13.85 -69.01 -60.21
CA VAL L 262 -14.86 -68.42 -59.34
C VAL L 262 -15.31 -67.10 -59.94
N ALA L 263 -16.60 -66.93 -60.07
CA ALA L 263 -17.14 -65.67 -60.56
C ALA L 263 -17.99 -65.02 -59.47
N LEU L 264 -17.65 -63.82 -59.06
CA LEU L 264 -18.35 -63.24 -57.93
C LEU L 264 -19.64 -62.56 -58.35
N SER L 265 -20.68 -62.80 -57.55
CA SER L 265 -21.99 -62.19 -57.72
C SER L 265 -22.17 -61.08 -56.71
N PRO L 266 -23.18 -60.22 -56.93
CA PRO L 266 -23.59 -59.32 -55.86
C PRO L 266 -23.94 -60.07 -54.56
N LEU L 267 -24.80 -61.06 -54.63
CA LEU L 267 -25.23 -61.73 -53.40
C LEU L 267 -24.59 -63.09 -53.18
N GLY L 268 -23.71 -63.50 -54.08
CA GLY L 268 -23.08 -64.81 -53.98
C GLY L 268 -21.91 -65.01 -54.92
N ALA L 269 -21.79 -66.23 -55.44
CA ALA L 269 -20.68 -66.56 -56.33
C ALA L 269 -20.95 -67.85 -57.15
N LEU L 270 -20.43 -67.86 -58.38
CA LEU L 270 -20.47 -69.04 -59.23
C LEU L 270 -19.14 -69.77 -59.16
N VAL L 271 -19.18 -71.05 -58.88
CA VAL L 271 -17.95 -71.81 -58.81
C VAL L 271 -17.95 -72.85 -59.92
N ALA L 272 -16.82 -72.99 -60.58
CA ALA L 272 -16.68 -74.00 -61.61
C ALA L 272 -15.55 -74.99 -61.30
N CYS L 273 -15.89 -76.22 -60.94
CA CYS L 273 -14.91 -77.27 -60.63
C CYS L 273 -14.84 -78.34 -61.71
N TYR L 274 -13.68 -78.49 -62.34
CA TYR L 274 -13.51 -79.53 -63.36
C TYR L 274 -12.15 -80.20 -63.25
N LYS L 275 -12.06 -81.47 -63.62
CA LYS L 275 -10.77 -82.17 -63.66
C LYS L 275 -10.00 -82.11 -62.35
N GLY L 276 -8.70 -81.87 -62.45
CA GLY L 276 -7.82 -81.86 -61.30
C GLY L 276 -7.77 -80.55 -60.54
N VAL L 277 -8.88 -80.21 -59.88
CA VAL L 277 -8.94 -79.09 -58.94
C VAL L 277 -9.77 -79.47 -57.72
N SER L 278 -9.39 -78.97 -56.55
CA SER L 278 -10.14 -79.23 -55.35
C SER L 278 -10.86 -77.97 -54.86
N CYS L 279 -12.08 -77.78 -55.35
CA CYS L 279 -12.88 -76.60 -55.04
C CYS L 279 -13.75 -76.83 -53.81
N SER L 280 -13.65 -75.93 -52.84
CA SER L 280 -14.44 -76.05 -51.61
C SER L 280 -14.92 -74.66 -51.15
N ILE L 281 -15.91 -74.64 -50.26
CA ILE L 281 -16.40 -73.38 -49.68
C ILE L 281 -15.95 -73.25 -48.23
N GLY L 282 -15.61 -72.04 -47.84
CA GLY L 282 -15.10 -71.81 -46.49
C GLY L 282 -15.82 -70.79 -45.64
N SER L 283 -15.30 -70.65 -44.43
CA SER L 283 -15.79 -69.71 -43.42
C SER L 283 -14.63 -68.82 -43.00
N ASN L 284 -14.93 -67.81 -42.20
CA ASN L 284 -13.88 -66.93 -41.75
C ASN L 284 -12.96 -67.66 -40.77
N ARG L 285 -13.54 -68.48 -39.89
CA ARG L 285 -12.73 -69.17 -38.90
C ARG L 285 -12.20 -70.53 -39.44
N VAL L 286 -13.09 -71.43 -39.87
CA VAL L 286 -12.71 -72.76 -40.33
C VAL L 286 -12.48 -72.85 -41.84
N GLY L 287 -11.35 -73.44 -42.23
CA GLY L 287 -10.92 -73.43 -43.61
C GLY L 287 -11.90 -74.01 -44.62
N ILE L 288 -12.36 -75.23 -44.37
CA ILE L 288 -13.29 -75.89 -45.27
C ILE L 288 -14.50 -76.43 -44.51
N ILE L 289 -15.70 -76.18 -45.04
CA ILE L 289 -16.94 -76.58 -44.38
C ILE L 289 -17.69 -77.53 -45.31
N LYS L 290 -17.32 -77.49 -46.58
CA LYS L 290 -17.92 -78.35 -47.59
C LYS L 290 -17.03 -78.39 -48.80
N GLN L 291 -16.75 -79.59 -49.31
CA GLN L 291 -16.08 -79.72 -50.59
C GLN L 291 -17.16 -79.64 -51.62
N LEU L 292 -16.93 -78.86 -52.67
CA LEU L 292 -17.92 -78.67 -53.72
C LEU L 292 -17.82 -79.80 -54.75
N ASN L 293 -18.97 -80.25 -55.23
CA ASN L 293 -19.01 -81.26 -56.27
C ASN L 293 -18.51 -80.71 -57.60
N LYS L 294 -18.01 -81.60 -58.44
CA LYS L 294 -17.55 -81.26 -59.78
C LYS L 294 -18.69 -80.72 -60.64
N GLY L 295 -18.44 -79.62 -61.33
CA GLY L 295 -19.46 -78.98 -62.14
C GLY L 295 -19.59 -77.54 -61.73
N CYS L 296 -20.71 -76.93 -62.11
CA CYS L 296 -20.97 -75.54 -61.75
C CYS L 296 -21.86 -75.47 -60.50
N SER L 297 -21.35 -74.82 -59.46
CA SER L 297 -22.08 -74.69 -58.20
C SER L 297 -22.37 -73.20 -57.95
N TYR L 298 -23.51 -72.88 -57.33
CA TYR L 298 -23.79 -71.49 -56.87
C TYR L 298 -23.95 -71.33 -55.35
N ILE L 299 -23.16 -70.46 -54.74
CA ILE L 299 -23.30 -70.30 -53.30
C ILE L 299 -23.52 -68.85 -52.86
N THR L 300 -24.19 -68.68 -51.72
CA THR L 300 -24.59 -67.35 -51.22
C THR L 300 -23.59 -66.76 -50.23
N ASN L 301 -23.56 -65.42 -50.12
CA ASN L 301 -22.79 -64.79 -49.06
C ASN L 301 -23.24 -65.25 -47.68
N GLN L 302 -24.46 -65.79 -47.61
CA GLN L 302 -24.98 -66.28 -46.36
C GLN L 302 -24.81 -67.79 -46.25
N ASP L 303 -24.31 -68.40 -47.32
CA ASP L 303 -24.02 -69.82 -47.30
C ASP L 303 -22.58 -70.10 -46.85
N ALA L 304 -21.67 -69.21 -47.22
CA ALA L 304 -20.26 -69.34 -46.85
C ALA L 304 -19.63 -67.97 -46.95
N ASP L 305 -18.33 -67.91 -46.66
CA ASP L 305 -17.59 -66.65 -46.70
C ASP L 305 -16.38 -66.73 -47.61
N THR L 306 -16.18 -67.91 -48.16
CA THR L 306 -14.96 -68.24 -48.85
C THR L 306 -15.21 -69.31 -49.91
N VAL L 307 -14.57 -69.17 -51.06
CA VAL L 307 -14.43 -70.29 -51.98
C VAL L 307 -12.94 -70.57 -52.16
N THR L 308 -12.54 -71.83 -52.04
CA THR L 308 -11.13 -72.18 -52.22
C THR L 308 -10.93 -73.03 -53.48
N ILE L 309 -10.01 -72.62 -54.35
CA ILE L 309 -9.64 -73.39 -55.55
C ILE L 309 -8.18 -73.79 -55.46
N ASP L 310 -7.91 -75.06 -55.19
CA ASP L 310 -6.56 -75.53 -54.89
C ASP L 310 -5.98 -74.75 -53.72
N ASN L 311 -4.94 -73.96 -53.95
CA ASN L 311 -4.35 -73.18 -52.85
C ASN L 311 -4.69 -71.69 -52.89
N THR L 312 -5.55 -71.30 -53.82
CA THR L 312 -5.98 -69.92 -53.94
C THR L 312 -7.29 -69.68 -53.19
N VAL L 313 -7.28 -68.76 -52.22
CA VAL L 313 -8.48 -68.50 -51.40
C VAL L 313 -9.19 -67.21 -51.80
N TYR L 314 -10.45 -67.36 -52.20
CA TYR L 314 -11.27 -66.25 -52.67
C TYR L 314 -12.24 -65.79 -51.62
N GLN L 315 -12.29 -64.48 -51.39
CA GLN L 315 -13.18 -63.90 -50.39
C GLN L 315 -14.51 -63.53 -51.03
N LEU L 316 -15.61 -63.87 -50.36
CA LEU L 316 -16.94 -63.62 -50.88
C LEU L 316 -17.42 -62.22 -50.55
N SER L 317 -16.93 -61.68 -49.43
CA SER L 317 -17.29 -60.35 -48.95
C SER L 317 -16.05 -59.54 -48.55
N LYS L 318 -16.25 -58.28 -48.17
CA LYS L 318 -15.16 -57.51 -47.60
C LYS L 318 -14.85 -58.03 -46.21
N VAL L 319 -13.56 -58.14 -45.88
CA VAL L 319 -13.13 -58.63 -44.57
C VAL L 319 -12.90 -57.46 -43.60
N GLU L 320 -13.68 -57.42 -42.52
CA GLU L 320 -13.64 -56.31 -41.56
C GLU L 320 -12.41 -56.38 -40.66
N GLY L 321 -11.61 -55.32 -40.65
CA GLY L 321 -10.39 -55.26 -39.86
C GLY L 321 -10.51 -54.38 -38.62
N GLU L 322 -9.41 -53.78 -38.17
CA GLU L 322 -9.44 -52.94 -36.97
C GLU L 322 -10.37 -51.74 -37.06
N GLN L 323 -10.37 -50.98 -35.98
CA GLN L 323 -11.20 -49.78 -35.87
C GLN L 323 -10.47 -48.73 -35.06
N HIS L 324 -10.01 -47.69 -35.72
CA HIS L 324 -9.20 -46.69 -35.03
C HIS L 324 -10.04 -45.45 -34.71
N VAL L 325 -9.65 -44.75 -33.66
CA VAL L 325 -10.26 -43.47 -33.32
C VAL L 325 -9.16 -42.55 -32.78
N ILE L 326 -9.05 -41.34 -33.35
CA ILE L 326 -7.94 -40.42 -33.07
C ILE L 326 -8.38 -38.98 -32.76
N LYS L 327 -7.79 -38.37 -31.73
CA LYS L 327 -8.08 -36.97 -31.37
C LYS L 327 -6.82 -36.15 -31.25
N GLY L 328 -6.89 -34.96 -31.81
CA GLY L 328 -5.71 -34.10 -31.88
C GLY L 328 -5.29 -33.57 -30.53
N ARG L 329 -4.03 -33.12 -30.46
CA ARG L 329 -3.54 -32.54 -29.23
C ARG L 329 -4.38 -31.31 -28.90
N PRO L 330 -4.68 -31.12 -27.61
CA PRO L 330 -5.47 -29.97 -27.21
C PRO L 330 -4.66 -28.71 -27.35
N VAL L 331 -5.31 -27.66 -27.84
CA VAL L 331 -4.67 -26.38 -28.03
C VAL L 331 -5.03 -25.58 -26.84
N SER L 332 -4.02 -25.02 -26.20
CA SER L 332 -4.21 -24.30 -24.95
C SER L 332 -3.78 -22.88 -25.19
N SER L 333 -4.27 -21.98 -24.35
CA SER L 333 -3.95 -20.57 -24.46
C SER L 333 -2.70 -20.23 -23.69
N SER L 334 -1.92 -19.30 -24.22
CA SER L 334 -0.70 -18.94 -23.51
C SER L 334 -0.82 -17.53 -22.91
N PHE L 335 -2.04 -17.06 -22.71
CA PHE L 335 -2.20 -15.67 -22.34
C PHE L 335 -1.89 -15.43 -20.91
N ASP L 336 -0.84 -14.65 -20.67
CA ASP L 336 -0.37 -14.30 -19.32
C ASP L 336 -0.01 -12.80 -19.17
N PRO L 337 -1.04 -11.97 -18.96
CA PRO L 337 -0.85 -10.51 -18.96
C PRO L 337 -0.08 -10.09 -17.74
N VAL L 338 0.57 -8.91 -17.83
CA VAL L 338 1.35 -8.36 -16.75
C VAL L 338 0.62 -7.20 -16.11
N LYS L 339 0.63 -7.12 -14.79
CA LYS L 339 -0.06 -6.02 -14.12
C LYS L 339 0.90 -5.22 -13.24
N PHE L 340 0.68 -3.91 -13.20
CA PHE L 340 1.49 -2.97 -12.42
C PHE L 340 0.83 -2.69 -11.07
N PRO L 341 1.60 -2.77 -9.96
CA PRO L 341 0.96 -2.55 -8.65
C PRO L 341 0.62 -1.10 -8.37
N GLU L 342 -0.45 -0.56 -8.94
CA GLU L 342 -0.59 0.89 -8.88
C GLU L 342 -1.08 1.39 -7.52
N ASP L 343 -1.89 0.59 -6.84
CA ASP L 343 -2.43 1.03 -5.56
C ASP L 343 -1.27 1.26 -4.61
N GLN L 344 -0.39 0.26 -4.51
CA GLN L 344 0.78 0.32 -3.65
C GLN L 344 1.73 1.45 -3.98
N PHE L 345 1.90 1.67 -5.28
CA PHE L 345 2.80 2.69 -5.75
C PHE L 345 2.21 4.05 -5.41
N ASN L 346 0.91 4.20 -5.65
CA ASN L 346 0.23 5.45 -5.39
C ASN L 346 0.23 5.85 -3.93
N VAL L 347 0.29 4.89 -3.03
CA VAL L 347 0.39 5.21 -1.60
C VAL L 347 1.73 5.88 -1.30
N ALA L 348 2.78 5.45 -2.01
CA ALA L 348 4.09 6.07 -1.83
C ALA L 348 4.10 7.51 -2.33
N LEU L 349 3.40 7.80 -3.42
CA LEU L 349 3.37 9.17 -3.93
C LEU L 349 2.57 10.13 -3.06
N ASP L 350 1.42 9.68 -2.55
CA ASP L 350 0.65 10.47 -1.61
C ASP L 350 1.51 10.81 -0.42
N GLN L 351 2.33 9.85 0.01
CA GLN L 351 3.31 10.12 1.07
C GLN L 351 4.31 11.21 0.71
N VAL L 352 4.86 11.17 -0.50
CA VAL L 352 5.83 12.18 -0.90
C VAL L 352 5.17 13.54 -0.97
N PHE L 353 4.00 13.61 -1.59
CA PHE L 353 3.29 14.88 -1.72
C PHE L 353 2.88 15.41 -0.36
N GLU L 354 2.73 14.53 0.62
CA GLU L 354 2.40 14.98 1.96
C GLU L 354 3.59 15.51 2.73
N SER L 355 4.72 14.81 2.67
CA SER L 355 5.92 15.28 3.34
C SER L 355 6.45 16.60 2.77
N ILE L 356 6.18 16.83 1.49
CA ILE L 356 6.52 18.10 0.87
C ILE L 356 5.75 19.19 1.56
N GLU L 357 4.46 18.91 1.72
CA GLU L 357 3.52 19.87 2.29
C GLU L 357 3.74 20.10 3.77
N ASN L 358 4.12 19.05 4.50
CA ASN L 358 4.42 19.16 5.91
C ASN L 358 5.65 20.03 6.12
N SER L 359 6.64 19.81 5.27
CA SER L 359 7.86 20.61 5.30
C SER L 359 7.54 22.04 5.00
N GLN L 360 6.70 22.23 3.99
CA GLN L 360 6.31 23.57 3.59
C GLN L 360 5.59 24.28 4.74
N ALA L 361 4.76 23.52 5.46
CA ALA L 361 3.97 24.06 6.58
C ALA L 361 4.85 24.42 7.76
N LEU L 362 5.98 23.72 7.89
CA LEU L 362 6.94 23.98 8.96
C LEU L 362 7.76 25.26 8.77
N VAL L 363 8.14 25.59 7.55
CA VAL L 363 8.86 26.84 7.34
C VAL L 363 7.88 28.00 7.41
N ASP L 364 6.58 27.73 7.36
CA ASP L 364 5.63 28.82 7.58
C ASP L 364 5.58 29.12 9.05
N GLN L 365 5.64 28.07 9.87
CA GLN L 365 5.70 28.27 11.30
C GLN L 365 6.98 29.01 11.63
N SER L 366 8.07 28.61 10.99
CA SER L 366 9.36 29.24 11.24
C SER L 366 9.35 30.72 10.85
N ASN L 367 8.77 31.05 9.70
CA ASN L 367 8.75 32.44 9.29
C ASN L 367 7.80 33.23 10.17
N ARG L 368 6.69 32.60 10.55
CA ARG L 368 5.76 33.23 11.48
C ARG L 368 6.46 33.54 12.82
N ILE L 369 7.19 32.56 13.35
CA ILE L 369 7.93 32.75 14.59
C ILE L 369 8.92 33.91 14.51
N LEU L 370 9.60 34.06 13.38
CA LEU L 370 10.53 35.16 13.15
C LEU L 370 9.80 36.48 12.96
N SER L 371 8.57 36.41 12.50
CA SER L 371 7.79 37.62 12.28
C SER L 371 7.01 38.07 13.53
N SER L 372 7.41 37.58 14.71
CA SER L 372 6.87 38.05 15.98
C SER L 372 7.78 37.69 17.17
#